data_1RH8
#
_entry.id   1RH8
#
_entity_poly.entity_id   1
_entity_poly.type   'polypeptide(L)'
_entity_poly.pdbx_seq_one_letter_code
;ASHPITGEIQLQINYDLGNLIIHILQARNLVPRDNNGYSDPFVKVYLLPGRGQVMVVQNASAEYKRRTKYVQKSLNPEWN
QTVIYKSISMEQLMKKTLEVTVWDYDRFSSNDFLGEVLIDLSSTSHLDNTPRWYPLKEQTES
;
_entity_poly.pdbx_strand_id   A
#
# COMPACT_ATOMS: atom_id res chain seq x y z
N ALA A 1 2.57 -9.96 -23.66
CA ALA A 1 2.22 -8.58 -23.29
C ALA A 1 2.96 -8.13 -22.03
N SER A 2 2.92 -6.83 -21.76
CA SER A 2 3.59 -6.27 -20.60
C SER A 2 2.73 -5.21 -19.92
N HIS A 3 2.96 -5.00 -18.63
CA HIS A 3 2.20 -4.00 -17.87
C HIS A 3 3.14 -3.04 -17.13
N PRO A 4 3.16 -1.76 -17.52
CA PRO A 4 4.01 -0.76 -16.89
C PRO A 4 3.49 -0.33 -15.52
N ILE A 5 4.41 0.03 -14.63
CA ILE A 5 4.05 0.45 -13.28
C ILE A 5 3.75 1.95 -13.24
N THR A 6 2.51 2.31 -12.95
CA THR A 6 2.10 3.70 -12.88
C THR A 6 1.09 3.94 -11.77
N GLY A 7 0.72 5.20 -11.59
CA GLY A 7 -0.24 5.55 -10.56
C GLY A 7 0.40 5.87 -9.22
N GLU A 8 -0.43 6.22 -8.24
CA GLU A 8 0.05 6.53 -6.91
C GLU A 8 -0.75 5.80 -5.84
N ILE A 9 -0.44 6.05 -4.58
CA ILE A 9 -1.14 5.40 -3.47
C ILE A 9 -1.48 6.39 -2.37
N GLN A 10 -2.66 6.24 -1.79
CA GLN A 10 -3.11 7.12 -0.72
C GLN A 10 -3.16 6.37 0.61
N LEU A 11 -2.48 6.91 1.63
CA LEU A 11 -2.46 6.27 2.93
C LEU A 11 -2.39 7.31 4.04
N GLN A 12 -2.60 6.86 5.27
CA GLN A 12 -2.56 7.72 6.44
C GLN A 12 -1.59 7.17 7.48
N ILE A 13 -0.60 7.96 7.85
CA ILE A 13 0.40 7.55 8.82
C ILE A 13 0.16 8.20 10.18
N ASN A 14 0.46 7.45 11.24
CA ASN A 14 0.28 7.94 12.60
C ASN A 14 1.00 7.05 13.60
N TYR A 15 1.86 7.64 14.43
CA TYR A 15 2.59 6.88 15.41
C TYR A 15 2.19 7.31 16.82
N ASP A 16 1.90 6.33 17.68
CA ASP A 16 1.51 6.62 19.05
C ASP A 16 1.89 5.47 19.99
N LEU A 17 2.10 5.82 21.26
CA LEU A 17 2.45 4.83 22.28
C LEU A 17 3.63 3.97 21.84
N GLY A 18 4.58 4.60 21.15
CA GLY A 18 5.75 3.89 20.67
C GLY A 18 5.41 2.89 19.59
N ASN A 19 4.19 2.99 19.05
CA ASN A 19 3.75 2.10 18.00
C ASN A 19 3.46 2.89 16.73
N LEU A 20 3.99 2.42 15.61
CA LEU A 20 3.79 3.08 14.33
C LEU A 20 2.55 2.56 13.63
N ILE A 21 1.57 3.42 13.42
CA ILE A 21 0.33 3.03 12.76
C ILE A 21 0.26 3.56 11.33
N ILE A 22 -0.22 2.71 10.43
CA ILE A 22 -0.33 3.07 9.02
C ILE A 22 -1.66 2.57 8.46
N HIS A 23 -2.40 3.46 7.78
CA HIS A 23 -3.69 3.08 7.21
C HIS A 23 -3.65 3.13 5.69
N ILE A 24 -4.15 2.08 5.06
CA ILE A 24 -4.19 1.99 3.61
C ILE A 24 -5.54 2.51 3.10
N LEU A 25 -5.52 3.21 1.97
CA LEU A 25 -6.75 3.77 1.42
C LEU A 25 -7.02 3.32 -0.01
N GLN A 26 -6.22 3.79 -0.96
CA GLN A 26 -6.42 3.41 -2.35
C GLN A 26 -5.32 3.94 -3.26
N ALA A 27 -5.32 3.47 -4.49
CA ALA A 27 -4.33 3.90 -5.48
C ALA A 27 -5.03 4.39 -6.75
N ARG A 28 -4.41 5.34 -7.44
CA ARG A 28 -4.99 5.88 -8.66
C ARG A 28 -3.99 5.86 -9.81
N ASN A 29 -4.51 5.81 -11.03
CA ASN A 29 -3.68 5.79 -12.22
C ASN A 29 -2.80 4.54 -12.26
N LEU A 30 -3.33 3.42 -11.79
CA LEU A 30 -2.59 2.17 -11.78
C LEU A 30 -2.43 1.62 -13.19
N VAL A 31 -1.80 0.46 -13.30
CA VAL A 31 -1.58 -0.16 -14.61
C VAL A 31 -2.85 -0.87 -15.10
N PRO A 32 -3.43 -0.41 -16.23
CA PRO A 32 -4.64 -1.00 -16.79
C PRO A 32 -4.39 -2.40 -17.35
N ARG A 33 -5.42 -3.25 -17.29
CA ARG A 33 -5.32 -4.62 -17.78
C ARG A 33 -6.58 -5.02 -18.53
N ASP A 34 -6.47 -6.07 -19.34
CA ASP A 34 -7.61 -6.56 -20.11
C ASP A 34 -8.74 -7.02 -19.19
N ASN A 35 -9.98 -6.86 -19.65
CA ASN A 35 -11.14 -7.25 -18.87
C ASN A 35 -11.18 -6.50 -17.53
N ASN A 36 -11.92 -5.40 -17.51
CA ASN A 36 -12.06 -4.59 -16.30
C ASN A 36 -12.69 -5.40 -15.17
N GLY A 37 -12.10 -5.30 -13.99
CA GLY A 37 -12.62 -6.03 -12.83
C GLY A 37 -12.44 -7.53 -12.97
N TYR A 38 -11.49 -8.08 -12.21
CA TYR A 38 -11.22 -9.51 -12.25
C TYR A 38 -10.55 -9.98 -10.96
N SER A 39 -9.55 -9.22 -10.51
CA SER A 39 -8.84 -9.55 -9.28
C SER A 39 -8.72 -8.33 -8.37
N ASP A 40 -8.81 -8.56 -7.07
CA ASP A 40 -8.72 -7.49 -6.09
C ASP A 40 -7.25 -7.21 -5.72
N PRO A 41 -6.72 -6.04 -6.12
CA PRO A 41 -5.33 -5.67 -5.83
C PRO A 41 -5.10 -5.44 -4.34
N PHE A 42 -3.95 -5.93 -3.85
CA PHE A 42 -3.60 -5.78 -2.44
C PHE A 42 -2.29 -5.03 -2.29
N VAL A 43 -1.97 -4.63 -1.07
CA VAL A 43 -0.73 -3.90 -0.79
C VAL A 43 0.08 -4.57 0.30
N LYS A 44 1.39 -4.32 0.28
CA LYS A 44 2.31 -4.86 1.27
C LYS A 44 3.14 -3.73 1.87
N VAL A 45 3.13 -3.62 3.19
CA VAL A 45 3.86 -2.53 3.85
C VAL A 45 4.77 -3.04 4.97
N TYR A 46 6.06 -2.79 4.82
CA TYR A 46 7.05 -3.19 5.81
C TYR A 46 8.18 -2.16 5.92
N LEU A 47 8.83 -2.10 7.07
CA LEU A 47 9.94 -1.18 7.29
C LEU A 47 11.21 -1.74 6.64
N LEU A 48 12.03 -0.87 6.08
CA LEU A 48 13.26 -1.31 5.42
C LEU A 48 14.22 -1.97 6.40
N PRO A 49 14.55 -1.30 7.53
CA PRO A 49 15.46 -1.84 8.52
C PRO A 49 14.74 -2.56 9.66
N GLY A 50 13.93 -3.55 9.31
CA GLY A 50 13.20 -4.29 10.31
C GLY A 50 13.53 -5.77 10.28
N ARG A 51 12.59 -6.60 10.73
CA ARG A 51 12.78 -8.05 10.75
C ARG A 51 12.26 -8.69 9.46
N GLY A 52 11.97 -7.87 8.47
CA GLY A 52 11.46 -8.37 7.20
C GLY A 52 10.00 -8.77 7.29
N GLN A 53 9.27 -8.13 8.19
CA GLN A 53 7.85 -8.41 8.38
C GLN A 53 7.00 -7.70 7.34
N VAL A 54 6.49 -8.46 6.38
CA VAL A 54 5.64 -7.90 5.34
C VAL A 54 4.16 -8.04 5.69
N MET A 55 3.50 -6.92 5.92
CA MET A 55 2.09 -6.94 6.27
C MET A 55 1.22 -6.61 5.06
N VAL A 56 0.44 -7.59 4.62
CA VAL A 56 -0.45 -7.40 3.48
C VAL A 56 -1.75 -6.74 3.90
N VAL A 57 -2.30 -5.91 3.02
CA VAL A 57 -3.54 -5.20 3.32
C VAL A 57 -4.76 -6.04 2.96
N GLN A 58 -5.80 -5.92 3.78
CA GLN A 58 -7.05 -6.66 3.56
C GLN A 58 -8.06 -5.80 2.81
N ASN A 59 -9.16 -6.43 2.40
CA ASN A 59 -10.21 -5.73 1.68
C ASN A 59 -11.33 -5.28 2.61
N ALA A 60 -11.74 -4.03 2.47
CA ALA A 60 -12.80 -3.47 3.30
C ALA A 60 -14.14 -4.14 3.00
N SER A 61 -15.20 -3.66 3.65
CA SER A 61 -16.54 -4.20 3.45
C SER A 61 -16.85 -4.39 1.97
N ALA A 62 -16.71 -5.62 1.49
CA ALA A 62 -16.98 -5.93 0.09
C ALA A 62 -18.37 -5.47 -0.34
N GLU A 63 -19.27 -5.35 0.62
CA GLU A 63 -20.63 -4.90 0.33
C GLU A 63 -20.64 -3.56 -0.39
N TYR A 64 -19.72 -2.69 -0.01
CA TYR A 64 -19.62 -1.37 -0.62
C TYR A 64 -18.63 -1.38 -1.79
N LYS A 65 -17.68 -2.32 -1.75
CA LYS A 65 -16.69 -2.44 -2.82
C LYS A 65 -17.30 -3.08 -4.04
N ARG A 66 -18.08 -4.13 -3.81
CA ARG A 66 -18.74 -4.85 -4.90
C ARG A 66 -19.44 -3.91 -5.88
N ARG A 67 -19.82 -2.72 -5.38
CA ARG A 67 -20.51 -1.74 -6.20
C ARG A 67 -19.54 -0.72 -6.80
N THR A 68 -18.32 -0.67 -6.29
CA THR A 68 -17.31 0.27 -6.78
C THR A 68 -16.20 -0.44 -7.54
N LYS A 69 -15.99 -1.72 -7.24
CA LYS A 69 -14.95 -2.51 -7.88
C LYS A 69 -15.06 -2.45 -9.41
N TYR A 70 -16.24 -2.11 -9.91
CA TYR A 70 -16.46 -2.03 -11.35
C TYR A 70 -15.29 -1.37 -12.07
N VAL A 71 -15.15 -0.06 -11.90
CA VAL A 71 -14.07 0.68 -12.53
C VAL A 71 -12.89 0.90 -11.59
N GLN A 72 -13.19 1.10 -10.31
CA GLN A 72 -12.14 1.33 -9.31
C GLN A 72 -11.17 0.15 -9.24
N LYS A 73 -11.67 -1.03 -8.88
CA LYS A 73 -10.83 -2.22 -8.76
C LYS A 73 -9.98 -2.43 -10.02
N SER A 74 -10.42 -1.87 -11.14
CA SER A 74 -9.71 -2.01 -12.40
C SER A 74 -8.62 -0.95 -12.57
N LEU A 75 -8.93 0.30 -12.21
CA LEU A 75 -7.97 1.39 -12.36
C LEU A 75 -7.50 1.94 -11.01
N ASN A 76 -8.44 2.18 -10.10
CA ASN A 76 -8.11 2.70 -8.78
C ASN A 76 -8.73 1.87 -7.67
N PRO A 77 -7.96 0.92 -7.12
CA PRO A 77 -8.43 0.05 -6.03
C PRO A 77 -8.24 0.68 -4.66
N GLU A 78 -9.15 0.37 -3.74
CA GLU A 78 -9.09 0.91 -2.39
C GLU A 78 -8.93 -0.20 -1.36
N TRP A 79 -8.68 0.18 -0.11
CA TRP A 79 -8.50 -0.79 0.97
C TRP A 79 -9.07 -0.27 2.28
N ASN A 80 -8.73 0.98 2.62
CA ASN A 80 -9.21 1.59 3.86
C ASN A 80 -8.90 0.69 5.07
N GLN A 81 -7.65 0.29 5.19
CA GLN A 81 -7.23 -0.58 6.30
C GLN A 81 -6.32 0.16 7.27
N THR A 82 -5.97 -0.50 8.37
CA THR A 82 -5.11 0.09 9.38
C THR A 82 -4.18 -0.94 10.00
N VAL A 83 -2.89 -0.60 10.10
CA VAL A 83 -1.90 -1.50 10.66
C VAL A 83 -1.03 -0.76 11.67
N ILE A 84 -0.36 -1.50 12.55
CA ILE A 84 0.50 -0.89 13.56
C ILE A 84 1.77 -1.71 13.78
N TYR A 85 2.83 -1.02 14.16
CA TYR A 85 4.11 -1.66 14.43
C TYR A 85 4.59 -1.29 15.83
N LYS A 86 4.04 -1.97 16.82
CA LYS A 86 4.39 -1.72 18.20
C LYS A 86 5.83 -2.11 18.50
N SER A 87 6.44 -1.41 19.46
CA SER A 87 7.83 -1.66 19.87
C SER A 87 8.80 -0.88 18.98
N ILE A 88 8.33 0.24 18.44
CA ILE A 88 9.17 1.08 17.58
C ILE A 88 9.16 2.52 18.09
N SER A 89 10.32 3.00 18.52
CA SER A 89 10.44 4.36 19.04
C SER A 89 10.95 5.31 17.95
N MET A 90 10.73 6.61 18.14
CA MET A 90 11.17 7.60 17.18
C MET A 90 12.66 7.47 16.88
N GLU A 91 13.40 6.87 17.81
CA GLU A 91 14.84 6.68 17.64
C GLU A 91 15.11 5.76 16.45
N GLN A 92 14.57 4.55 16.51
CA GLN A 92 14.73 3.58 15.44
C GLN A 92 13.73 3.84 14.31
N LEU A 93 12.60 4.44 14.67
CA LEU A 93 11.56 4.76 13.72
C LEU A 93 12.10 5.67 12.62
N MET A 94 12.69 6.79 13.02
CA MET A 94 13.25 7.74 12.09
C MET A 94 14.24 7.07 11.15
N LYS A 95 14.86 6.00 11.63
CA LYS A 95 15.83 5.25 10.83
C LYS A 95 15.13 4.28 9.88
N LYS A 96 13.86 3.98 10.16
CA LYS A 96 13.10 3.07 9.33
C LYS A 96 12.22 3.84 8.34
N THR A 97 11.96 3.22 7.20
CA THR A 97 11.13 3.84 6.17
C THR A 97 9.96 2.94 5.80
N LEU A 98 8.77 3.53 5.76
CA LEU A 98 7.56 2.78 5.41
C LEU A 98 7.46 2.61 3.90
N GLU A 99 7.58 1.36 3.44
CA GLU A 99 7.52 1.07 2.01
C GLU A 99 6.20 0.42 1.63
N VAL A 100 5.38 1.16 0.89
CA VAL A 100 4.08 0.65 0.44
C VAL A 100 4.22 0.03 -0.95
N THR A 101 3.84 -1.23 -1.08
CA THR A 101 3.95 -1.92 -2.37
C THR A 101 2.62 -2.56 -2.76
N VAL A 102 2.17 -2.25 -3.98
CA VAL A 102 0.93 -2.80 -4.50
C VAL A 102 1.19 -4.06 -5.31
N TRP A 103 0.34 -5.07 -5.12
CA TRP A 103 0.48 -6.33 -5.83
C TRP A 103 -0.88 -6.87 -6.25
N ASP A 104 -0.93 -7.46 -7.44
CA ASP A 104 -2.17 -8.03 -7.97
C ASP A 104 -2.10 -9.55 -8.01
N TYR A 105 -3.20 -10.20 -7.64
CA TYR A 105 -3.26 -11.66 -7.64
C TYR A 105 -3.27 -12.21 -9.06
N ASP A 106 -2.65 -13.36 -9.25
CA ASP A 106 -2.59 -13.99 -10.56
C ASP A 106 -3.87 -14.77 -10.85
N ARG A 107 -3.82 -15.65 -11.84
CA ARG A 107 -4.99 -16.44 -12.22
C ARG A 107 -5.05 -17.74 -11.42
N PHE A 108 -3.91 -18.16 -10.86
CA PHE A 108 -3.85 -19.39 -10.09
C PHE A 108 -3.62 -19.11 -8.60
N SER A 109 -2.73 -18.16 -8.31
CA SER A 109 -2.43 -17.80 -6.93
C SER A 109 -1.29 -16.78 -6.84
N SER A 110 -0.36 -16.86 -7.78
CA SER A 110 0.79 -15.95 -7.81
C SER A 110 0.35 -14.50 -7.61
N ASN A 111 1.32 -13.61 -7.45
CA ASN A 111 1.04 -12.20 -7.25
C ASN A 111 1.99 -11.33 -8.07
N ASP A 112 1.43 -10.48 -8.91
CA ASP A 112 2.23 -9.60 -9.76
C ASP A 112 2.39 -8.23 -9.10
N PHE A 113 3.49 -7.55 -9.43
CA PHE A 113 3.78 -6.23 -8.87
C PHE A 113 2.89 -5.17 -9.52
N LEU A 114 2.69 -4.06 -8.82
CA LEU A 114 1.87 -2.98 -9.34
C LEU A 114 2.45 -1.60 -9.00
N GLY A 115 3.10 -1.49 -7.85
CA GLY A 115 3.69 -0.22 -7.46
C GLY A 115 4.44 -0.31 -6.13
N GLU A 116 5.44 0.54 -5.97
CA GLU A 116 6.24 0.55 -4.75
C GLU A 116 6.58 1.98 -4.33
N VAL A 117 6.30 2.31 -3.07
CA VAL A 117 6.58 3.63 -2.54
C VAL A 117 7.51 3.55 -1.33
N LEU A 118 8.24 4.63 -1.08
CA LEU A 118 9.17 4.68 0.05
C LEU A 118 8.96 5.95 0.87
N ILE A 119 8.38 5.79 2.06
CA ILE A 119 8.12 6.93 2.93
C ILE A 119 9.08 6.94 4.13
N ASP A 120 10.09 7.79 4.06
CA ASP A 120 11.06 7.90 5.13
C ASP A 120 10.40 8.41 6.41
N LEU A 121 10.41 7.58 7.45
CA LEU A 121 9.81 7.95 8.73
C LEU A 121 10.65 8.99 9.46
N SER A 122 11.86 9.24 8.96
CA SER A 122 12.75 10.23 9.58
C SER A 122 12.15 11.62 9.50
N SER A 123 11.24 11.83 8.56
CA SER A 123 10.60 13.13 8.38
C SER A 123 9.13 13.00 8.03
N THR A 124 8.56 11.81 8.25
CA THR A 124 7.15 11.56 7.95
C THR A 124 6.26 12.63 8.55
N SER A 125 6.01 13.69 7.77
CA SER A 125 5.16 14.79 8.22
C SER A 125 3.68 14.39 8.25
N HIS A 126 3.38 13.21 7.72
CA HIS A 126 2.00 12.73 7.69
C HIS A 126 1.66 11.93 8.95
N LEU A 127 2.51 12.05 9.97
CA LEU A 127 2.30 11.33 11.22
C LEU A 127 0.99 11.73 11.88
N ASP A 128 0.68 13.02 11.83
CA ASP A 128 -0.55 13.53 12.44
C ASP A 128 -1.79 13.07 11.67
N ASN A 129 -1.88 11.77 11.38
CA ASN A 129 -3.01 11.22 10.66
C ASN A 129 -3.49 12.15 9.53
N THR A 130 -2.79 12.10 8.40
CA THR A 130 -3.14 12.94 7.26
C THR A 130 -3.10 12.13 5.97
N PRO A 131 -4.27 11.92 5.32
CA PRO A 131 -4.34 11.16 4.07
C PRO A 131 -3.63 11.87 2.92
N ARG A 132 -2.47 11.36 2.55
CA ARG A 132 -1.68 11.94 1.47
C ARG A 132 -1.36 10.90 0.41
N TRP A 133 -1.16 11.35 -0.82
CA TRP A 133 -0.84 10.46 -1.94
C TRP A 133 0.66 10.27 -2.07
N TYR A 134 1.07 9.08 -2.48
CA TYR A 134 2.48 8.76 -2.66
C TYR A 134 2.71 8.11 -4.02
N PRO A 135 3.78 8.53 -4.73
CA PRO A 135 4.11 7.98 -6.05
C PRO A 135 4.63 6.55 -5.99
N LEU A 136 4.04 5.68 -6.79
CA LEU A 136 4.46 4.28 -6.84
C LEU A 136 5.50 4.06 -7.92
N LYS A 137 6.71 3.66 -7.52
CA LYS A 137 7.79 3.41 -8.45
C LYS A 137 7.90 1.92 -8.78
N GLU A 138 8.87 1.58 -9.62
CA GLU A 138 9.07 0.19 -10.01
C GLU A 138 10.06 -0.50 -9.08
N GLN A 139 10.01 -1.83 -9.05
CA GLN A 139 10.91 -2.61 -8.20
C GLN A 139 12.15 -3.03 -8.97
N THR A 140 13.16 -2.16 -8.96
CA THR A 140 14.41 -2.44 -9.65
C THR A 140 15.17 -3.58 -8.97
N GLU A 141 15.65 -4.52 -9.78
CA GLU A 141 16.39 -5.67 -9.25
C GLU A 141 17.78 -5.74 -9.86
N SER A 142 18.68 -4.91 -9.36
CA SER A 142 20.05 -4.87 -9.85
C SER A 142 20.90 -5.97 -9.21
N ALA A 1 -2.07 -17.78 -18.29
CA ALA A 1 -2.38 -16.34 -18.49
C ALA A 1 -1.94 -15.51 -17.29
N SER A 2 -0.74 -15.81 -16.79
CA SER A 2 -0.20 -15.09 -15.64
C SER A 2 -0.08 -13.60 -15.93
N HIS A 3 -0.36 -12.77 -14.93
CA HIS A 3 -0.29 -11.33 -15.08
C HIS A 3 0.94 -10.77 -14.34
N PRO A 4 1.71 -9.90 -14.98
CA PRO A 4 2.91 -9.30 -14.39
C PRO A 4 2.58 -8.11 -13.48
N ILE A 5 3.40 -7.92 -12.46
CA ILE A 5 3.19 -6.81 -11.52
C ILE A 5 3.85 -5.53 -12.03
N THR A 6 3.06 -4.46 -12.06
CA THR A 6 3.57 -3.16 -12.52
C THR A 6 2.91 -2.01 -11.78
N GLY A 7 3.37 -0.80 -12.06
CA GLY A 7 2.80 0.38 -11.41
C GLY A 7 3.52 0.73 -10.12
N GLU A 8 3.13 1.86 -9.53
CA GLU A 8 3.73 2.32 -8.28
C GLU A 8 2.65 2.58 -7.23
N ILE A 9 3.07 2.74 -5.98
CA ILE A 9 2.14 3.01 -4.88
C ILE A 9 2.42 4.37 -4.26
N GLN A 10 1.37 5.16 -4.06
CA GLN A 10 1.51 6.50 -3.48
C GLN A 10 1.05 6.53 -2.03
N LEU A 11 1.94 6.90 -1.13
CA LEU A 11 1.62 6.97 0.29
C LEU A 11 2.40 8.11 0.97
N GLN A 12 1.84 8.60 2.08
CA GLN A 12 2.48 9.68 2.83
C GLN A 12 3.02 9.14 4.16
N ILE A 13 4.33 9.22 4.33
CA ILE A 13 4.96 8.73 5.55
C ILE A 13 5.26 9.87 6.52
N ASN A 14 5.08 9.60 7.81
CA ASN A 14 5.33 10.60 8.85
C ASN A 14 5.36 9.94 10.22
N TYR A 15 6.44 10.18 10.97
CA TYR A 15 6.58 9.63 12.30
C TYR A 15 6.53 10.74 13.34
N ASP A 16 5.69 10.57 14.36
CA ASP A 16 5.56 11.57 15.42
C ASP A 16 5.12 10.96 16.73
N LEU A 17 5.53 11.58 17.83
CA LEU A 17 5.18 11.12 19.17
C LEU A 17 5.54 9.65 19.36
N GLY A 18 6.69 9.26 18.78
CA GLY A 18 7.13 7.87 18.90
C GLY A 18 6.18 6.93 18.19
N ASN A 19 5.34 7.48 17.32
CA ASN A 19 4.39 6.68 16.56
C ASN A 19 4.60 6.87 15.07
N LEU A 20 4.70 5.76 14.35
CA LEU A 20 4.93 5.80 12.91
C LEU A 20 3.60 5.89 12.16
N ILE A 21 3.43 6.98 11.39
CA ILE A 21 2.21 7.18 10.62
C ILE A 21 2.45 7.00 9.13
N ILE A 22 1.62 6.18 8.50
CA ILE A 22 1.72 5.92 7.06
C ILE A 22 0.37 6.07 6.40
N HIS A 23 0.28 6.95 5.41
CA HIS A 23 -0.97 7.18 4.71
C HIS A 23 -0.94 6.60 3.29
N ILE A 24 -1.76 5.59 3.04
CA ILE A 24 -1.82 4.97 1.73
C ILE A 24 -2.81 5.71 0.84
N LEU A 25 -2.30 6.29 -0.24
CA LEU A 25 -3.14 7.06 -1.15
C LEU A 25 -3.67 6.22 -2.32
N GLN A 26 -2.88 6.06 -3.36
CA GLN A 26 -3.30 5.29 -4.52
C GLN A 26 -2.13 4.74 -5.31
N ALA A 27 -2.43 3.85 -6.24
CA ALA A 27 -1.41 3.23 -7.08
C ALA A 27 -1.78 3.40 -8.56
N ARG A 28 -0.78 3.56 -9.41
CA ARG A 28 -1.03 3.74 -10.84
C ARG A 28 -0.17 2.80 -11.67
N ASN A 29 -0.53 2.64 -12.94
CA ASN A 29 0.20 1.77 -13.85
C ASN A 29 0.17 0.32 -13.37
N LEU A 30 -0.98 -0.09 -12.84
CA LEU A 30 -1.14 -1.46 -12.36
C LEU A 30 -1.24 -2.44 -13.52
N VAL A 31 -1.42 -3.71 -13.20
CA VAL A 31 -1.53 -4.75 -14.22
C VAL A 31 -2.95 -4.83 -14.78
N PRO A 32 -3.16 -4.43 -16.04
CA PRO A 32 -4.48 -4.45 -16.67
C PRO A 32 -4.91 -5.86 -17.05
N ARG A 33 -6.22 -6.07 -17.12
CA ARG A 33 -6.77 -7.38 -17.47
C ARG A 33 -8.11 -7.23 -18.17
N ASP A 34 -8.46 -8.21 -19.00
CA ASP A 34 -9.72 -8.18 -19.74
C ASP A 34 -10.91 -8.15 -18.77
N ASN A 35 -11.83 -7.22 -19.02
CA ASN A 35 -13.01 -7.07 -18.19
C ASN A 35 -12.61 -6.75 -16.75
N ASN A 36 -12.67 -5.46 -16.40
CA ASN A 36 -12.32 -5.02 -15.06
C ASN A 36 -13.16 -3.81 -14.66
N GLY A 37 -13.54 -3.77 -13.38
CA GLY A 37 -14.35 -2.66 -12.88
C GLY A 37 -15.39 -3.11 -11.88
N TYR A 38 -14.97 -3.86 -10.87
CA TYR A 38 -15.88 -4.36 -9.85
C TYR A 38 -15.14 -4.67 -8.56
N SER A 39 -13.91 -5.16 -8.67
CA SER A 39 -13.10 -5.50 -7.50
C SER A 39 -12.39 -4.27 -6.96
N ASP A 40 -12.14 -4.27 -5.65
CA ASP A 40 -11.47 -3.16 -4.99
C ASP A 40 -10.19 -3.63 -4.29
N PRO A 41 -9.00 -3.30 -4.84
CA PRO A 41 -7.72 -3.71 -4.25
C PRO A 41 -7.44 -3.02 -2.92
N PHE A 42 -6.69 -3.69 -2.06
CA PHE A 42 -6.34 -3.16 -0.76
C PHE A 42 -4.83 -3.21 -0.55
N VAL A 43 -4.36 -2.56 0.51
CA VAL A 43 -2.94 -2.52 0.81
C VAL A 43 -2.63 -3.12 2.19
N LYS A 44 -1.40 -3.60 2.34
CA LYS A 44 -0.94 -4.19 3.59
C LYS A 44 0.43 -3.62 3.95
N VAL A 45 0.52 -2.95 5.09
CA VAL A 45 1.77 -2.34 5.51
C VAL A 45 2.19 -2.77 6.91
N TYR A 46 3.35 -3.42 7.00
CA TYR A 46 3.87 -3.88 8.28
C TYR A 46 5.40 -3.79 8.31
N LEU A 47 5.96 -3.63 9.51
CA LEU A 47 7.40 -3.56 9.67
C LEU A 47 7.99 -4.96 9.59
N LEU A 48 9.16 -5.10 8.97
CA LEU A 48 9.78 -6.42 8.83
C LEU A 48 10.46 -6.87 10.13
N PRO A 49 11.44 -6.11 10.63
CA PRO A 49 12.16 -6.45 11.86
C PRO A 49 11.45 -5.96 13.11
N GLY A 50 10.14 -6.17 13.17
CA GLY A 50 9.37 -5.73 14.32
C GLY A 50 8.55 -6.86 14.94
N ARG A 51 7.25 -6.65 15.07
CA ARG A 51 6.37 -7.66 15.64
C ARG A 51 5.87 -8.62 14.57
N GLY A 52 5.52 -8.08 13.41
CA GLY A 52 5.04 -8.92 12.33
C GLY A 52 3.53 -8.83 12.16
N GLN A 53 2.99 -7.64 12.37
CA GLN A 53 1.55 -7.44 12.25
C GLN A 53 1.23 -6.71 10.94
N VAL A 54 0.40 -7.33 10.11
CA VAL A 54 0.01 -6.74 8.83
C VAL A 54 -1.12 -5.73 9.01
N MET A 55 -0.83 -4.48 8.67
CA MET A 55 -1.83 -3.42 8.78
C MET A 55 -2.50 -3.16 7.45
N VAL A 56 -3.75 -3.56 7.32
CA VAL A 56 -4.51 -3.37 6.09
C VAL A 56 -5.10 -1.97 6.03
N VAL A 57 -5.37 -1.50 4.81
CA VAL A 57 -5.94 -0.18 4.60
C VAL A 57 -7.47 -0.23 4.63
N GLN A 58 -8.06 0.83 5.16
CA GLN A 58 -9.52 0.92 5.26
C GLN A 58 -10.11 1.47 3.97
N ASN A 59 -11.44 1.44 3.87
CA ASN A 59 -12.12 1.94 2.68
C ASN A 59 -12.74 3.32 2.93
N ALA A 60 -12.96 4.05 1.85
CA ALA A 60 -13.54 5.39 1.94
C ALA A 60 -14.96 5.40 1.41
N SER A 61 -15.58 6.59 1.38
CA SER A 61 -16.94 6.74 0.89
C SER A 61 -17.20 5.89 -0.36
N ALA A 62 -17.93 4.80 -0.18
CA ALA A 62 -18.24 3.89 -1.28
C ALA A 62 -18.93 4.63 -2.43
N GLU A 63 -19.72 5.63 -2.10
CA GLU A 63 -20.44 6.41 -3.11
C GLU A 63 -19.49 6.88 -4.20
N TYR A 64 -18.26 7.22 -3.82
CA TYR A 64 -17.27 7.68 -4.77
C TYR A 64 -16.44 6.53 -5.31
N LYS A 65 -16.14 5.56 -4.44
CA LYS A 65 -15.37 4.39 -4.82
C LYS A 65 -16.16 3.53 -5.80
N ARG A 66 -17.32 3.10 -5.33
CA ARG A 66 -18.21 2.27 -6.15
C ARG A 66 -18.42 2.87 -7.53
N ARG A 67 -18.30 4.19 -7.62
CA ARG A 67 -18.49 4.89 -8.89
C ARG A 67 -17.16 5.10 -9.59
N THR A 68 -16.08 5.21 -8.81
CA THR A 68 -14.75 5.41 -9.37
C THR A 68 -14.01 4.08 -9.47
N LYS A 69 -14.76 2.99 -9.62
CA LYS A 69 -14.18 1.67 -9.71
C LYS A 69 -13.86 1.30 -11.16
N TYR A 70 -14.66 1.82 -12.09
CA TYR A 70 -14.47 1.55 -13.50
C TYR A 70 -13.51 2.55 -14.15
N VAL A 71 -13.33 3.70 -13.49
CA VAL A 71 -12.46 4.74 -14.04
C VAL A 71 -11.06 4.69 -13.41
N GLN A 72 -10.99 4.68 -12.09
CA GLN A 72 -9.71 4.66 -11.38
C GLN A 72 -9.30 3.24 -10.97
N LYS A 73 -10.10 2.63 -10.12
CA LYS A 73 -9.81 1.27 -9.62
C LYS A 73 -9.43 0.32 -10.76
N SER A 74 -9.88 0.62 -11.96
CA SER A 74 -9.59 -0.23 -13.12
C SER A 74 -8.09 -0.27 -13.41
N LEU A 75 -7.46 0.90 -13.47
CA LEU A 75 -6.03 0.98 -13.75
C LEU A 75 -5.25 1.52 -12.56
N ASN A 76 -5.82 2.50 -11.88
CA ASN A 76 -5.17 3.12 -10.72
C ASN A 76 -6.14 3.24 -9.54
N PRO A 77 -6.11 2.26 -8.62
CA PRO A 77 -6.98 2.27 -7.44
C PRO A 77 -6.47 3.20 -6.35
N GLU A 78 -7.39 3.81 -5.60
CA GLU A 78 -7.02 4.73 -4.53
C GLU A 78 -7.55 4.25 -3.18
N TRP A 79 -7.16 4.95 -2.12
CA TRP A 79 -7.58 4.61 -0.77
C TRP A 79 -7.65 5.85 0.12
N ASN A 80 -6.61 6.69 0.04
CA ASN A 80 -6.55 7.91 0.84
C ASN A 80 -6.80 7.61 2.33
N GLN A 81 -6.09 6.61 2.85
CA GLN A 81 -6.24 6.23 4.25
C GLN A 81 -5.01 6.62 5.05
N THR A 82 -5.13 6.53 6.37
CA THR A 82 -4.03 6.88 7.26
C THR A 82 -3.98 5.97 8.48
N VAL A 83 -2.82 5.37 8.73
CA VAL A 83 -2.64 4.48 9.86
C VAL A 83 -1.41 4.86 10.68
N ILE A 84 -1.36 4.42 11.93
CA ILE A 84 -0.23 4.72 12.79
C ILE A 84 0.26 3.49 13.55
N TYR A 85 1.53 3.52 13.93
CA TYR A 85 2.13 2.42 14.68
C TYR A 85 2.80 2.97 15.94
N LYS A 86 1.98 3.26 16.94
CA LYS A 86 2.49 3.80 18.20
C LYS A 86 3.35 2.78 18.94
N SER A 87 4.29 3.29 19.73
CA SER A 87 5.21 2.46 20.52
C SER A 87 6.48 2.13 19.72
N ILE A 88 6.82 3.01 18.78
CA ILE A 88 8.01 2.82 17.96
C ILE A 88 8.81 4.12 17.89
N SER A 89 10.02 4.10 18.45
CA SER A 89 10.88 5.27 18.46
C SER A 89 11.85 5.26 17.28
N MET A 90 12.31 6.44 16.87
CA MET A 90 13.24 6.55 15.76
C MET A 90 14.42 5.58 15.92
N GLU A 91 14.72 5.23 17.16
CA GLU A 91 15.84 4.32 17.43
C GLU A 91 15.56 2.94 16.84
N GLN A 92 14.46 2.33 17.28
CA GLN A 92 14.07 1.01 16.79
C GLN A 92 13.39 1.12 15.44
N LEU A 93 12.79 2.29 15.19
CA LEU A 93 12.09 2.55 13.93
C LEU A 93 13.03 2.36 12.75
N MET A 94 14.17 3.05 12.80
CA MET A 94 15.16 2.96 11.73
C MET A 94 15.53 1.50 11.46
N LYS A 95 15.75 0.75 12.53
CA LYS A 95 16.11 -0.65 12.42
C LYS A 95 15.02 -1.45 11.69
N LYS A 96 13.80 -0.91 11.69
CA LYS A 96 12.68 -1.58 11.04
C LYS A 96 12.54 -1.09 9.59
N THR A 97 11.79 -1.84 8.78
CA THR A 97 11.58 -1.47 7.38
C THR A 97 10.12 -1.54 7.01
N LEU A 98 9.58 -0.43 6.51
CA LEU A 98 8.17 -0.37 6.12
C LEU A 98 7.98 -1.00 4.75
N GLU A 99 7.18 -2.07 4.69
CA GLU A 99 6.93 -2.75 3.42
C GLU A 99 5.45 -2.66 3.04
N VAL A 100 5.16 -1.89 2.00
CA VAL A 100 3.80 -1.74 1.51
C VAL A 100 3.48 -2.80 0.46
N THR A 101 2.38 -3.51 0.64
CA THR A 101 1.98 -4.55 -0.31
C THR A 101 0.54 -4.37 -0.76
N VAL A 102 0.33 -4.39 -2.06
CA VAL A 102 -1.00 -4.24 -2.64
C VAL A 102 -1.62 -5.60 -2.95
N TRP A 103 -2.89 -5.77 -2.64
CA TRP A 103 -3.58 -7.04 -2.89
C TRP A 103 -5.00 -6.80 -3.42
N ASP A 104 -5.38 -7.57 -4.44
CA ASP A 104 -6.71 -7.46 -5.03
C ASP A 104 -7.51 -8.74 -4.83
N TYR A 105 -8.76 -8.58 -4.38
CA TYR A 105 -9.63 -9.72 -4.15
C TYR A 105 -10.05 -10.36 -5.48
N ASP A 106 -9.92 -11.67 -5.57
CA ASP A 106 -10.28 -12.39 -6.79
C ASP A 106 -11.67 -13.01 -6.66
N ARG A 107 -12.14 -13.63 -7.73
CA ARG A 107 -13.45 -14.27 -7.75
C ARG A 107 -13.55 -15.35 -6.68
N PHE A 108 -12.39 -15.87 -6.26
CA PHE A 108 -12.35 -16.92 -5.24
C PHE A 108 -12.28 -16.33 -3.84
N SER A 109 -12.49 -15.01 -3.73
CA SER A 109 -12.46 -14.34 -2.44
C SER A 109 -11.07 -14.46 -1.81
N SER A 110 -10.05 -14.53 -2.65
CA SER A 110 -8.67 -14.64 -2.17
C SER A 110 -7.93 -13.32 -2.35
N ASN A 111 -6.90 -13.11 -1.52
CA ASN A 111 -6.11 -11.89 -1.60
C ASN A 111 -4.95 -12.05 -2.58
N ASP A 112 -5.19 -11.73 -3.85
CA ASP A 112 -4.17 -11.84 -4.87
C ASP A 112 -3.17 -10.69 -4.78
N PHE A 113 -1.89 -11.00 -4.92
CA PHE A 113 -0.85 -9.99 -4.85
C PHE A 113 -0.96 -9.01 -6.02
N LEU A 114 -0.50 -7.78 -5.81
CA LEU A 114 -0.55 -6.75 -6.85
C LEU A 114 0.71 -5.88 -6.86
N GLY A 115 1.39 -5.77 -5.72
CA GLY A 115 2.59 -4.96 -5.66
C GLY A 115 3.22 -4.95 -4.28
N GLU A 116 4.53 -4.78 -4.23
CA GLU A 116 5.26 -4.77 -2.98
C GLU A 116 6.38 -3.73 -3.01
N VAL A 117 6.34 -2.79 -2.07
CA VAL A 117 7.36 -1.74 -2.01
C VAL A 117 8.06 -1.75 -0.66
N LEU A 118 9.36 -2.03 -0.68
CA LEU A 118 10.17 -2.07 0.54
C LEU A 118 10.71 -0.69 0.86
N ILE A 119 10.44 -0.22 2.07
CA ILE A 119 10.90 1.11 2.50
C ILE A 119 11.63 1.04 3.83
N ASP A 120 12.95 1.08 3.79
CA ASP A 120 13.76 1.04 5.01
C ASP A 120 13.56 2.32 5.80
N LEU A 121 13.10 2.19 7.03
CA LEU A 121 12.86 3.36 7.88
C LEU A 121 14.15 4.06 8.25
N SER A 122 15.25 3.30 8.27
CA SER A 122 16.55 3.85 8.61
C SER A 122 16.97 4.93 7.62
N SER A 123 16.32 4.96 6.46
CA SER A 123 16.64 5.94 5.44
C SER A 123 15.38 6.51 4.80
N THR A 124 14.25 6.34 5.47
CA THR A 124 12.98 6.83 4.97
C THR A 124 12.94 8.36 4.94
N SER A 125 13.76 8.95 4.07
CA SER A 125 13.81 10.40 3.94
C SER A 125 12.48 10.92 3.38
N HIS A 126 11.66 9.99 2.88
CA HIS A 126 10.36 10.33 2.30
C HIS A 126 9.34 10.69 3.38
N LEU A 127 9.77 10.71 4.64
CA LEU A 127 8.88 11.05 5.73
C LEU A 127 8.40 12.48 5.56
N ASP A 128 8.92 13.40 6.36
CA ASP A 128 8.55 14.81 6.28
C ASP A 128 7.05 15.01 6.06
N ASN A 129 6.26 13.97 6.32
CA ASN A 129 4.82 14.05 6.14
C ASN A 129 4.47 14.52 4.72
N THR A 130 5.04 13.86 3.73
CA THR A 130 4.80 14.21 2.34
C THR A 130 4.40 12.98 1.52
N PRO A 131 3.31 13.07 0.73
CA PRO A 131 2.82 11.97 -0.10
C PRO A 131 3.58 11.85 -1.41
N ARG A 132 4.29 10.74 -1.58
CA ARG A 132 5.05 10.50 -2.81
C ARG A 132 4.76 9.12 -3.38
N TRP A 133 5.28 8.86 -4.58
CA TRP A 133 5.07 7.57 -5.23
C TRP A 133 6.23 6.62 -4.95
N TYR A 134 5.93 5.33 -4.85
CA TYR A 134 6.94 4.32 -4.59
C TYR A 134 6.82 3.16 -5.58
N PRO A 135 7.86 2.91 -6.38
CA PRO A 135 7.85 1.82 -7.37
C PRO A 135 7.56 0.47 -6.74
N LEU A 136 6.54 -0.21 -7.25
CA LEU A 136 6.14 -1.52 -6.74
C LEU A 136 6.99 -2.62 -7.35
N LYS A 137 7.12 -3.73 -6.61
CA LYS A 137 7.90 -4.87 -7.08
C LYS A 137 7.02 -6.11 -7.23
N GLU A 138 7.64 -7.23 -7.59
CA GLU A 138 6.91 -8.48 -7.75
C GLU A 138 7.25 -9.46 -6.63
N GLN A 139 6.45 -10.50 -6.50
CA GLN A 139 6.67 -11.52 -5.47
C GLN A 139 7.83 -12.43 -5.84
N THR A 140 8.59 -12.84 -4.83
CA THR A 140 9.74 -13.72 -5.05
C THR A 140 9.32 -15.18 -5.07
N GLU A 141 9.36 -15.79 -6.24
CA GLU A 141 8.98 -17.19 -6.39
C GLU A 141 10.01 -18.10 -5.72
N SER A 142 9.73 -18.48 -4.48
CA SER A 142 10.62 -19.36 -3.73
C SER A 142 12.02 -18.75 -3.62
N ALA A 1 -1.07 -8.12 -24.60
CA ALA A 1 -0.61 -7.20 -23.53
C ALA A 1 -0.53 -7.91 -22.18
N SER A 2 0.69 -8.20 -21.74
CA SER A 2 0.90 -8.87 -20.47
C SER A 2 0.41 -8.02 -19.31
N HIS A 3 0.76 -8.42 -18.09
CA HIS A 3 0.36 -7.71 -16.89
C HIS A 3 1.54 -6.95 -16.27
N PRO A 4 1.89 -5.78 -16.83
CA PRO A 4 2.99 -4.96 -16.32
C PRO A 4 2.59 -4.23 -15.05
N ILE A 5 3.56 -4.02 -14.16
CA ILE A 5 3.31 -3.33 -12.91
C ILE A 5 3.58 -1.84 -13.04
N THR A 6 2.53 -1.04 -12.92
CA THR A 6 2.66 0.42 -13.04
C THR A 6 1.84 1.13 -11.97
N GLY A 7 1.93 2.45 -11.96
CA GLY A 7 1.18 3.24 -11.00
C GLY A 7 1.96 3.50 -9.72
N GLU A 8 1.43 4.42 -8.91
CA GLU A 8 2.06 4.77 -7.65
C GLU A 8 1.07 4.61 -6.50
N ILE A 9 1.56 4.76 -5.27
CA ILE A 9 0.70 4.64 -4.09
C ILE A 9 0.80 5.87 -3.21
N GLN A 10 -0.33 6.32 -2.69
CA GLN A 10 -0.36 7.50 -1.82
C GLN A 10 -0.55 7.09 -0.36
N LEU A 11 0.33 7.57 0.51
CA LEU A 11 0.25 7.25 1.93
C LEU A 11 0.66 8.44 2.79
N GLN A 12 0.29 8.38 4.07
CA GLN A 12 0.63 9.42 5.02
C GLN A 12 1.36 8.82 6.21
N ILE A 13 2.67 9.06 6.28
CA ILE A 13 3.49 8.52 7.36
C ILE A 13 3.47 9.43 8.58
N ASN A 14 3.52 8.81 9.77
CA ASN A 14 3.53 9.55 11.03
C ASN A 14 3.91 8.64 12.18
N TYR A 15 4.88 9.07 12.97
CA TYR A 15 5.34 8.27 14.11
C TYR A 15 5.09 9.01 15.41
N ASP A 16 4.51 8.34 16.39
CA ASP A 16 4.22 8.95 17.68
C ASP A 16 4.22 7.92 18.82
N LEU A 17 4.49 8.40 20.03
CA LEU A 17 4.53 7.54 21.21
C LEU A 17 5.40 6.32 20.99
N GLY A 18 6.50 6.50 20.27
CA GLY A 18 7.39 5.40 19.98
C GLY A 18 6.75 4.37 19.07
N ASN A 19 5.64 4.74 18.45
CA ASN A 19 4.93 3.85 17.56
C ASN A 19 4.87 4.44 16.16
N LEU A 20 5.25 3.65 15.17
CA LEU A 20 5.26 4.10 13.78
C LEU A 20 3.89 3.92 13.16
N ILE A 21 3.31 5.00 12.64
CA ILE A 21 2.00 4.96 12.01
C ILE A 21 2.08 5.22 10.51
N ILE A 22 1.34 4.43 9.74
CA ILE A 22 1.31 4.59 8.29
C ILE A 22 -0.13 4.54 7.79
N HIS A 23 -0.49 5.50 6.95
CA HIS A 23 -1.84 5.56 6.40
C HIS A 23 -1.85 5.32 4.91
N ILE A 24 -2.47 4.23 4.48
CA ILE A 24 -2.58 3.90 3.06
C ILE A 24 -3.78 4.61 2.46
N LEU A 25 -3.52 5.59 1.61
CA LEU A 25 -4.58 6.38 0.99
C LEU A 25 -5.07 5.78 -0.32
N GLN A 26 -4.38 6.09 -1.42
CA GLN A 26 -4.81 5.58 -2.73
C GLN A 26 -3.66 5.52 -3.72
N ALA A 27 -3.77 4.58 -4.67
CA ALA A 27 -2.77 4.40 -5.70
C ALA A 27 -3.37 4.75 -7.06
N ARG A 28 -2.54 5.22 -7.98
CA ARG A 28 -3.02 5.59 -9.31
C ARG A 28 -2.09 5.08 -10.41
N ASN A 29 -2.58 5.09 -11.64
CA ASN A 29 -1.81 4.64 -12.79
C ASN A 29 -1.45 3.16 -12.68
N LEU A 30 -2.33 2.40 -12.03
CA LEU A 30 -2.11 0.97 -11.86
C LEU A 30 -2.31 0.23 -13.19
N VAL A 31 -2.05 -1.07 -13.19
CA VAL A 31 -2.20 -1.87 -14.39
C VAL A 31 -3.68 -2.20 -14.64
N PRO A 32 -4.28 -1.65 -15.72
CA PRO A 32 -5.68 -1.89 -16.05
C PRO A 32 -5.90 -3.24 -16.72
N ARG A 33 -7.08 -3.81 -16.52
CA ARG A 33 -7.42 -5.10 -17.11
C ARG A 33 -8.89 -5.12 -17.56
N ASP A 34 -9.13 -5.61 -18.76
CA ASP A 34 -10.48 -5.69 -19.30
C ASP A 34 -11.37 -6.58 -18.44
N ASN A 35 -12.67 -6.32 -18.48
CA ASN A 35 -13.63 -7.10 -17.69
C ASN A 35 -13.30 -7.02 -16.20
N ASN A 36 -13.27 -5.80 -15.68
CA ASN A 36 -12.97 -5.58 -14.26
C ASN A 36 -14.14 -4.88 -13.57
N GLY A 37 -14.42 -5.30 -12.34
CA GLY A 37 -15.51 -4.71 -11.58
C GLY A 37 -16.12 -5.67 -10.59
N TYR A 38 -15.30 -6.18 -9.68
CA TYR A 38 -15.77 -7.13 -8.67
C TYR A 38 -14.73 -7.31 -7.57
N SER A 39 -13.49 -7.55 -7.97
CA SER A 39 -12.40 -7.74 -7.01
C SER A 39 -11.76 -6.41 -6.64
N ASP A 40 -11.51 -6.21 -5.35
CA ASP A 40 -10.91 -4.98 -4.87
C ASP A 40 -9.47 -5.22 -4.40
N PRO A 41 -8.52 -4.39 -4.85
CA PRO A 41 -7.11 -4.52 -4.47
C PRO A 41 -6.85 -4.08 -3.04
N PHE A 42 -5.89 -4.75 -2.39
CA PHE A 42 -5.53 -4.41 -1.02
C PHE A 42 -4.04 -4.12 -0.91
N VAL A 43 -3.63 -3.59 0.24
CA VAL A 43 -2.23 -3.25 0.46
C VAL A 43 -1.62 -4.06 1.61
N LYS A 44 -0.31 -4.24 1.54
CA LYS A 44 0.42 -4.97 2.57
C LYS A 44 1.68 -4.20 2.96
N VAL A 45 1.75 -3.78 4.22
CA VAL A 45 2.90 -2.99 4.68
C VAL A 45 3.60 -3.63 5.88
N TYR A 46 4.90 -3.86 5.73
CA TYR A 46 5.72 -4.44 6.79
C TYR A 46 7.13 -3.85 6.77
N LEU A 47 7.82 -3.92 7.90
CA LEU A 47 9.19 -3.39 7.98
C LEU A 47 10.18 -4.44 7.49
N LEU A 48 11.19 -4.01 6.73
CA LEU A 48 12.19 -4.92 6.20
C LEU A 48 12.88 -5.72 7.31
N PRO A 49 13.37 -5.05 8.37
CA PRO A 49 14.04 -5.69 9.48
C PRO A 49 13.09 -6.06 10.61
N GLY A 50 11.97 -6.66 10.25
CA GLY A 50 10.98 -7.05 11.25
C GLY A 50 10.82 -8.56 11.34
N ARG A 51 10.10 -9.01 12.36
CA ARG A 51 9.87 -10.44 12.56
C ARG A 51 9.25 -11.07 11.32
N GLY A 52 8.54 -10.26 10.54
CA GLY A 52 7.90 -10.75 9.34
C GLY A 52 6.39 -10.72 9.42
N GLN A 53 5.86 -9.66 10.02
CA GLN A 53 4.42 -9.51 10.18
C GLN A 53 3.86 -8.51 9.17
N VAL A 54 3.19 -9.01 8.14
CA VAL A 54 2.61 -8.15 7.12
C VAL A 54 1.20 -7.73 7.51
N MET A 55 1.00 -6.41 7.62
CA MET A 55 -0.30 -5.88 7.98
C MET A 55 -1.05 -5.40 6.74
N VAL A 56 -2.26 -5.92 6.55
CA VAL A 56 -3.08 -5.55 5.41
C VAL A 56 -3.97 -4.37 5.74
N VAL A 57 -4.43 -3.67 4.71
CA VAL A 57 -5.28 -2.50 4.89
C VAL A 57 -6.76 -2.88 4.97
N GLN A 58 -7.53 -2.09 5.70
CA GLN A 58 -8.95 -2.34 5.86
C GLN A 58 -9.77 -1.59 4.81
N ASN A 59 -11.06 -1.89 4.75
CA ASN A 59 -11.95 -1.24 3.79
C ASN A 59 -12.55 0.04 4.35
N ALA A 60 -13.09 0.87 3.46
CA ALA A 60 -13.70 2.14 3.84
C ALA A 60 -15.17 2.18 3.45
N SER A 61 -15.81 3.32 3.70
CA SER A 61 -17.22 3.51 3.37
C SER A 61 -17.57 2.91 2.01
N ALA A 62 -18.08 1.69 2.02
CA ALA A 62 -18.44 0.99 0.79
C ALA A 62 -19.28 1.88 -0.13
N GLU A 63 -20.03 2.81 0.45
CA GLU A 63 -20.87 3.71 -0.33
C GLU A 63 -20.06 4.43 -1.41
N TYR A 64 -18.85 4.81 -1.06
CA TYR A 64 -17.96 5.50 -2.01
C TYR A 64 -17.07 4.50 -2.75
N LYS A 65 -16.79 3.36 -2.09
CA LYS A 65 -15.97 2.33 -2.71
C LYS A 65 -16.73 1.70 -3.86
N ARG A 66 -18.00 1.41 -3.61
CA ARG A 66 -18.86 0.81 -4.61
C ARG A 66 -18.84 1.64 -5.89
N ARG A 67 -18.56 2.93 -5.74
CA ARG A 67 -18.50 3.84 -6.88
C ARG A 67 -17.11 3.81 -7.53
N THR A 68 -16.22 3.01 -6.96
CA THR A 68 -14.87 2.87 -7.50
C THR A 68 -14.75 1.53 -8.22
N LYS A 69 -15.85 1.10 -8.83
CA LYS A 69 -15.89 -0.17 -9.53
C LYS A 69 -15.77 -0.01 -11.04
N TYR A 70 -16.06 1.19 -11.55
CA TYR A 70 -15.97 1.41 -12.99
C TYR A 70 -14.54 1.74 -13.42
N VAL A 71 -14.07 2.93 -13.09
CA VAL A 71 -12.72 3.35 -13.47
C VAL A 71 -11.72 3.17 -12.32
N GLN A 72 -12.07 3.69 -11.15
CA GLN A 72 -11.19 3.60 -9.98
C GLN A 72 -10.89 2.15 -9.58
N LYS A 73 -11.68 1.21 -10.08
CA LYS A 73 -11.49 -0.20 -9.75
C LYS A 73 -10.09 -0.67 -10.10
N SER A 74 -9.79 -0.76 -11.39
CA SER A 74 -8.49 -1.24 -11.85
C SER A 74 -7.57 -0.09 -12.27
N LEU A 75 -7.99 1.15 -12.01
CA LEU A 75 -7.17 2.30 -12.40
C LEU A 75 -6.57 2.98 -11.17
N ASN A 76 -7.41 3.32 -10.20
CA ASN A 76 -6.93 3.97 -8.98
C ASN A 76 -7.72 3.52 -7.76
N PRO A 77 -7.21 2.52 -7.02
CA PRO A 77 -7.87 2.01 -5.82
C PRO A 77 -7.44 2.75 -4.57
N GLU A 78 -8.41 3.14 -3.74
CA GLU A 78 -8.11 3.87 -2.51
C GLU A 78 -8.44 3.04 -1.28
N TRP A 79 -8.10 3.56 -0.10
CA TRP A 79 -8.36 2.87 1.16
C TRP A 79 -8.52 3.87 2.30
N ASN A 80 -7.63 4.86 2.37
CA ASN A 80 -7.68 5.86 3.43
C ASN A 80 -7.69 5.22 4.80
N GLN A 81 -6.78 4.27 5.02
CA GLN A 81 -6.69 3.59 6.30
C GLN A 81 -5.43 4.00 7.06
N THR A 82 -5.29 3.48 8.28
CA THR A 82 -4.13 3.82 9.11
C THR A 82 -3.67 2.61 9.92
N VAL A 83 -2.35 2.42 9.99
CA VAL A 83 -1.76 1.33 10.74
C VAL A 83 -0.70 1.84 11.70
N ILE A 84 -0.35 1.04 12.71
CA ILE A 84 0.67 1.44 13.68
C ILE A 84 1.57 0.28 14.07
N TYR A 85 2.83 0.61 14.37
CA TYR A 85 3.81 -0.38 14.77
C TYR A 85 4.47 0.06 16.08
N LYS A 86 3.78 -0.18 17.18
CA LYS A 86 4.28 0.20 18.49
C LYS A 86 5.52 -0.61 18.87
N SER A 87 6.37 0.00 19.72
CA SER A 87 7.60 -0.64 20.18
C SER A 87 8.74 -0.43 19.19
N ILE A 88 8.67 0.69 18.45
CA ILE A 88 9.69 1.00 17.47
C ILE A 88 10.06 2.49 17.57
N SER A 89 11.30 2.77 17.94
CA SER A 89 11.78 4.14 18.08
C SER A 89 12.72 4.50 16.93
N MET A 90 12.90 5.79 16.69
CA MET A 90 13.78 6.26 15.63
C MET A 90 15.14 5.57 15.67
N GLU A 91 15.54 5.08 16.84
CA GLU A 91 16.81 4.39 17.00
C GLU A 91 16.90 3.22 16.03
N GLN A 92 15.89 2.35 16.09
CA GLN A 92 15.83 1.18 15.21
C GLN A 92 14.98 1.48 13.99
N LEU A 93 13.98 2.36 14.18
CA LEU A 93 13.08 2.75 13.11
C LEU A 93 13.86 3.26 11.90
N MET A 94 14.79 4.17 12.17
CA MET A 94 15.62 4.73 11.12
C MET A 94 16.35 3.64 10.34
N LYS A 95 16.59 2.52 11.00
CA LYS A 95 17.27 1.39 10.38
C LYS A 95 16.29 0.50 9.61
N LYS A 96 14.99 0.69 9.87
CA LYS A 96 13.97 -0.10 9.19
C LYS A 96 13.38 0.67 8.01
N THR A 97 12.87 -0.07 7.03
CA THR A 97 12.28 0.55 5.85
C THR A 97 10.85 0.07 5.63
N LEU A 98 9.94 1.03 5.44
CA LEU A 98 8.54 0.71 5.21
C LEU A 98 8.32 0.29 3.75
N GLU A 99 7.97 -0.99 3.56
CA GLU A 99 7.74 -1.51 2.22
C GLU A 99 6.25 -1.69 1.94
N VAL A 100 5.71 -0.84 1.09
CA VAL A 100 4.30 -0.91 0.72
C VAL A 100 4.11 -1.84 -0.48
N THR A 101 3.20 -2.79 -0.35
CA THR A 101 2.94 -3.74 -1.43
C THR A 101 1.45 -3.84 -1.74
N VAL A 102 1.11 -3.59 -3.00
CA VAL A 102 -0.28 -3.66 -3.43
C VAL A 102 -0.59 -5.02 -4.05
N TRP A 103 -1.62 -5.68 -3.53
CA TRP A 103 -2.00 -7.00 -4.02
C TRP A 103 -3.47 -7.03 -4.44
N ASP A 104 -3.73 -7.65 -5.58
CA ASP A 104 -5.10 -7.76 -6.09
C ASP A 104 -5.61 -9.20 -5.99
N TYR A 105 -6.84 -9.35 -5.53
CA TYR A 105 -7.44 -10.68 -5.37
C TYR A 105 -7.76 -11.28 -6.74
N ASP A 106 -7.19 -12.45 -7.01
CA ASP A 106 -7.41 -13.14 -8.27
C ASP A 106 -8.86 -13.60 -8.39
N ARG A 107 -9.17 -14.28 -9.50
CA ARG A 107 -10.52 -14.78 -9.73
C ARG A 107 -10.72 -16.13 -9.05
N PHE A 108 -9.65 -16.92 -8.97
CA PHE A 108 -9.71 -18.23 -8.35
C PHE A 108 -9.92 -18.11 -6.84
N SER A 109 -8.98 -17.45 -6.16
CA SER A 109 -9.06 -17.26 -4.72
C SER A 109 -7.83 -16.51 -4.21
N SER A 110 -6.65 -16.97 -4.62
CA SER A 110 -5.40 -16.35 -4.20
C SER A 110 -5.36 -14.89 -4.61
N ASN A 111 -4.18 -14.28 -4.48
CA ASN A 111 -4.00 -12.88 -4.84
C ASN A 111 -2.76 -12.68 -5.69
N ASP A 112 -2.82 -11.72 -6.61
CA ASP A 112 -1.69 -11.43 -7.49
C ASP A 112 -1.06 -10.09 -7.15
N PHE A 113 0.26 -10.02 -7.27
CA PHE A 113 1.00 -8.80 -6.97
C PHE A 113 0.53 -7.65 -7.86
N LEU A 114 0.69 -6.42 -7.37
CA LEU A 114 0.27 -5.24 -8.13
C LEU A 114 1.31 -4.13 -8.09
N GLY A 115 2.03 -4.01 -6.98
CA GLY A 115 3.04 -2.97 -6.84
C GLY A 115 3.77 -3.02 -5.52
N GLU A 116 5.03 -2.62 -5.52
CA GLU A 116 5.84 -2.61 -4.32
C GLU A 116 6.67 -1.34 -4.21
N VAL A 117 6.60 -0.68 -3.06
CA VAL A 117 7.35 0.55 -2.84
C VAL A 117 8.17 0.47 -1.55
N LEU A 118 9.33 1.09 -1.55
CA LEU A 118 10.21 1.09 -0.38
C LEU A 118 10.39 2.50 0.16
N ILE A 119 10.04 2.69 1.43
CA ILE A 119 10.17 4.00 2.07
C ILE A 119 11.12 3.93 3.26
N ASP A 120 12.35 4.38 3.06
CA ASP A 120 13.35 4.37 4.12
C ASP A 120 12.94 5.30 5.26
N LEU A 121 12.75 4.72 6.45
CA LEU A 121 12.35 5.50 7.61
C LEU A 121 13.52 6.30 8.19
N SER A 122 14.71 6.08 7.63
CA SER A 122 15.90 6.78 8.09
C SER A 122 15.85 8.26 7.72
N SER A 123 15.01 8.60 6.74
CA SER A 123 14.87 9.98 6.29
C SER A 123 13.42 10.30 5.92
N THR A 124 12.50 9.45 6.36
CA THR A 124 11.07 9.65 6.07
C THR A 124 10.62 11.07 6.41
N SER A 125 10.74 11.96 5.43
CA SER A 125 10.33 13.36 5.62
C SER A 125 8.82 13.50 5.63
N HIS A 126 8.12 12.42 5.31
CA HIS A 126 6.65 12.44 5.28
C HIS A 126 6.08 12.02 6.64
N LEU A 127 6.92 12.05 7.68
CA LEU A 127 6.49 11.68 9.02
C LEU A 127 5.43 12.63 9.54
N ASP A 128 5.61 13.91 9.25
CA ASP A 128 4.66 14.93 9.70
C ASP A 128 3.32 14.82 8.96
N ASN A 129 2.76 13.61 8.91
CA ASN A 129 1.48 13.38 8.24
C ASN A 129 1.44 14.06 6.87
N THR A 130 2.42 13.74 6.03
CA THR A 130 2.50 14.31 4.70
C THR A 130 2.10 13.28 3.64
N PRO A 131 0.89 13.43 3.05
CA PRO A 131 0.40 12.50 2.03
C PRO A 131 1.11 12.71 0.69
N ARG A 132 1.93 11.74 0.30
CA ARG A 132 2.66 11.82 -0.96
C ARG A 132 2.49 10.53 -1.77
N TRP A 133 2.82 10.61 -3.06
CA TRP A 133 2.71 9.46 -3.95
C TRP A 133 4.05 8.77 -4.12
N TYR A 134 4.09 7.48 -3.80
CA TYR A 134 5.31 6.69 -3.92
C TYR A 134 5.25 5.78 -5.14
N PRO A 135 6.31 5.76 -5.98
CA PRO A 135 6.36 4.92 -7.17
C PRO A 135 6.49 3.44 -6.85
N LEU A 136 5.60 2.63 -7.42
CA LEU A 136 5.61 1.19 -7.20
C LEU A 136 6.56 0.50 -8.17
N LYS A 137 7.07 -0.66 -7.77
CA LYS A 137 7.99 -1.43 -8.60
C LYS A 137 7.43 -2.82 -8.90
N GLU A 138 8.19 -3.61 -9.66
CA GLU A 138 7.77 -4.96 -10.02
C GLU A 138 8.39 -5.99 -9.10
N GLN A 139 7.82 -7.18 -9.05
CA GLN A 139 8.32 -8.25 -8.20
C GLN A 139 9.21 -9.20 -8.99
N THR A 140 10.43 -9.41 -8.51
CA THR A 140 11.38 -10.29 -9.17
C THR A 140 10.94 -11.75 -9.05
N GLU A 141 11.24 -12.54 -10.09
CA GLU A 141 10.87 -13.95 -10.10
C GLU A 141 12.09 -14.82 -9.82
N SER A 142 12.18 -15.33 -8.60
CA SER A 142 13.30 -16.18 -8.21
C SER A 142 12.98 -16.92 -6.91
N ALA A 1 -17.49 -16.77 -0.03
CA ALA A 1 -16.52 -17.37 -0.99
C ALA A 1 -15.15 -16.72 -0.88
N SER A 2 -14.17 -17.50 -0.46
CA SER A 2 -12.80 -17.00 -0.31
C SER A 2 -12.22 -16.55 -1.64
N HIS A 3 -11.32 -15.58 -1.59
CA HIS A 3 -10.70 -15.06 -2.81
C HIS A 3 -9.17 -15.11 -2.68
N PRO A 4 -8.47 -15.33 -3.81
CA PRO A 4 -7.01 -15.40 -3.82
C PRO A 4 -6.36 -14.02 -3.79
N ILE A 5 -5.11 -13.97 -3.32
CA ILE A 5 -4.38 -12.71 -3.25
C ILE A 5 -3.43 -12.56 -4.43
N THR A 6 -3.70 -11.59 -5.29
CA THR A 6 -2.87 -11.34 -6.46
C THR A 6 -2.68 -9.85 -6.70
N GLY A 7 -1.96 -9.52 -7.77
CA GLY A 7 -1.73 -8.13 -8.11
C GLY A 7 -0.53 -7.55 -7.38
N GLU A 8 -0.05 -6.41 -7.87
CA GLU A 8 1.09 -5.73 -7.27
C GLU A 8 0.69 -4.34 -6.76
N ILE A 9 1.60 -3.68 -6.06
CA ILE A 9 1.34 -2.35 -5.52
C ILE A 9 2.42 -1.36 -5.95
N GLN A 10 2.00 -0.17 -6.34
CA GLN A 10 2.93 0.87 -6.78
C GLN A 10 3.05 1.96 -5.72
N LEU A 11 4.28 2.25 -5.30
CA LEU A 11 4.51 3.28 -4.30
C LEU A 11 5.83 4.00 -4.54
N GLN A 12 6.02 5.10 -3.83
CA GLN A 12 7.24 5.90 -3.94
C GLN A 12 7.86 6.09 -2.56
N ILE A 13 9.07 5.57 -2.38
CA ILE A 13 9.76 5.68 -1.10
C ILE A 13 10.76 6.83 -1.10
N ASN A 14 10.85 7.54 0.02
CA ASN A 14 11.76 8.67 0.15
C ASN A 14 11.95 9.04 1.62
N TYR A 15 13.20 9.02 2.08
CA TYR A 15 13.50 9.36 3.47
C TYR A 15 14.30 10.65 3.53
N ASP A 16 13.89 11.57 4.40
CA ASP A 16 14.56 12.85 4.56
C ASP A 16 14.40 13.40 5.96
N LEU A 17 15.38 14.21 6.38
CA LEU A 17 15.36 14.82 7.71
C LEU A 17 15.14 13.79 8.79
N GLY A 18 15.73 12.61 8.61
CA GLY A 18 15.57 11.54 9.58
C GLY A 18 14.16 11.00 9.63
N ASN A 19 13.35 11.36 8.63
CA ASN A 19 11.97 10.92 8.55
C ASN A 19 11.76 10.09 7.28
N LEU A 20 11.15 8.92 7.45
CA LEU A 20 10.89 8.05 6.31
C LEU A 20 9.54 8.36 5.68
N ILE A 21 9.56 8.72 4.39
CA ILE A 21 8.33 9.06 3.68
C ILE A 21 7.97 8.00 2.64
N ILE A 22 6.72 7.56 2.66
CA ILE A 22 6.24 6.56 1.71
C ILE A 22 4.97 7.04 1.02
N HIS A 23 4.90 6.86 -0.29
CA HIS A 23 3.72 7.28 -1.06
C HIS A 23 3.06 6.09 -1.75
N ILE A 24 1.85 5.75 -1.30
CA ILE A 24 1.10 4.66 -1.91
C ILE A 24 0.37 5.16 -3.15
N LEU A 25 0.76 4.64 -4.30
CA LEU A 25 0.16 5.07 -5.56
C LEU A 25 -1.02 4.21 -5.99
N GLN A 26 -0.74 3.09 -6.64
CA GLN A 26 -1.82 2.22 -7.11
C GLN A 26 -1.35 0.77 -7.27
N ALA A 27 -2.31 -0.15 -7.17
CA ALA A 27 -2.02 -1.57 -7.33
C ALA A 27 -2.65 -2.11 -8.61
N ARG A 28 -2.04 -3.13 -9.20
CA ARG A 28 -2.54 -3.70 -10.44
C ARG A 28 -2.72 -5.21 -10.33
N ASN A 29 -3.67 -5.75 -11.09
CA ASN A 29 -3.95 -7.18 -11.09
C ASN A 29 -4.46 -7.66 -9.73
N LEU A 30 -5.29 -6.85 -9.09
CA LEU A 30 -5.85 -7.20 -7.79
C LEU A 30 -6.91 -8.28 -7.95
N VAL A 31 -7.24 -8.95 -6.84
CA VAL A 31 -8.24 -10.01 -6.86
C VAL A 31 -9.63 -9.43 -7.14
N PRO A 32 -10.22 -9.76 -8.32
CA PRO A 32 -11.54 -9.28 -8.69
C PRO A 32 -12.66 -10.02 -7.97
N ARG A 33 -13.83 -9.40 -7.89
CA ARG A 33 -14.97 -10.02 -7.21
C ARG A 33 -16.28 -9.54 -7.84
N ASP A 34 -17.34 -10.32 -7.63
CA ASP A 34 -18.65 -9.98 -8.17
C ASP A 34 -19.15 -8.66 -7.59
N ASN A 35 -19.67 -7.80 -8.46
CA ASN A 35 -20.18 -6.50 -8.04
C ASN A 35 -19.07 -5.67 -7.39
N ASN A 36 -17.84 -5.90 -7.81
CA ASN A 36 -16.69 -5.18 -7.27
C ASN A 36 -16.50 -3.84 -7.98
N GLY A 37 -17.20 -2.82 -7.50
CA GLY A 37 -17.10 -1.50 -8.09
C GLY A 37 -17.83 -0.45 -7.29
N TYR A 38 -17.82 -0.59 -5.97
CA TYR A 38 -18.49 0.37 -5.09
C TYR A 38 -17.59 0.75 -3.92
N SER A 39 -17.00 -0.26 -3.28
CA SER A 39 -16.13 -0.04 -2.14
C SER A 39 -14.74 0.41 -2.59
N ASP A 40 -14.13 1.32 -1.83
CA ASP A 40 -12.80 1.81 -2.16
C ASP A 40 -11.74 1.10 -1.32
N PRO A 41 -10.80 0.37 -1.98
CA PRO A 41 -9.74 -0.35 -1.27
C PRO A 41 -8.75 0.59 -0.61
N PHE A 42 -8.23 0.19 0.56
CA PHE A 42 -7.28 1.00 1.30
C PHE A 42 -6.01 0.20 1.58
N VAL A 43 -4.97 0.89 2.06
CA VAL A 43 -3.70 0.24 2.36
C VAL A 43 -3.24 0.54 3.79
N LYS A 44 -2.44 -0.36 4.32
CA LYS A 44 -1.88 -0.21 5.67
C LYS A 44 -0.38 -0.42 5.62
N VAL A 45 0.38 0.57 6.07
CA VAL A 45 1.84 0.48 6.03
C VAL A 45 2.47 0.76 7.40
N TYR A 46 3.25 -0.20 7.87
CA TYR A 46 3.95 -0.07 9.14
C TYR A 46 5.32 -0.76 9.08
N LEU A 47 6.23 -0.31 9.92
CA LEU A 47 7.57 -0.89 9.97
C LEU A 47 7.57 -2.16 10.81
N LEU A 48 8.39 -3.13 10.44
CA LEU A 48 8.46 -4.39 11.16
C LEU A 48 8.81 -4.17 12.64
N PRO A 49 10.08 -3.83 12.97
CA PRO A 49 10.47 -3.60 14.36
C PRO A 49 10.04 -2.24 14.87
N GLY A 50 10.58 -1.84 16.02
CA GLY A 50 10.24 -0.55 16.59
C GLY A 50 8.91 -0.57 17.32
N ARG A 51 8.15 0.51 17.17
CA ARG A 51 6.85 0.62 17.82
C ARG A 51 5.92 -0.51 17.37
N GLY A 52 5.43 -0.41 16.14
CA GLY A 52 4.54 -1.43 15.62
C GLY A 52 3.15 -0.90 15.32
N GLN A 53 3.06 0.38 15.00
CA GLN A 53 1.79 1.00 14.70
C GLN A 53 1.45 0.86 13.22
N VAL A 54 0.17 0.69 12.91
CA VAL A 54 -0.27 0.53 11.53
C VAL A 54 -0.73 1.86 10.94
N MET A 55 -0.09 2.26 9.84
CA MET A 55 -0.44 3.52 9.18
C MET A 55 -1.32 3.27 7.96
N VAL A 56 -2.58 3.65 8.06
CA VAL A 56 -3.51 3.48 6.96
C VAL A 56 -3.39 4.61 5.94
N VAL A 57 -3.84 4.36 4.72
CA VAL A 57 -3.78 5.35 3.65
C VAL A 57 -5.09 6.12 3.54
N GLN A 58 -4.99 7.41 3.27
CA GLN A 58 -6.17 8.27 3.12
C GLN A 58 -6.70 8.22 1.70
N ASN A 59 -7.88 8.82 1.50
CA ASN A 59 -8.50 8.83 0.18
C ASN A 59 -8.20 10.14 -0.55
N ALA A 60 -8.41 10.12 -1.87
CA ALA A 60 -8.17 11.30 -2.69
C ALA A 60 -9.47 11.83 -3.29
N SER A 61 -9.35 12.86 -4.12
CA SER A 61 -10.52 13.49 -4.77
C SER A 61 -11.54 12.45 -5.23
N ALA A 62 -12.76 12.91 -5.47
CA ALA A 62 -13.83 12.02 -5.91
C ALA A 62 -14.04 12.08 -7.41
N GLU A 63 -14.25 13.28 -7.93
CA GLU A 63 -14.48 13.44 -9.36
C GLU A 63 -13.44 12.69 -10.19
N TYR A 64 -12.26 12.45 -9.60
CA TYR A 64 -11.22 11.73 -10.31
C TYR A 64 -11.32 10.23 -10.03
N LYS A 65 -11.66 9.89 -8.78
CA LYS A 65 -11.85 8.49 -8.39
C LYS A 65 -13.24 8.06 -8.82
N ARG A 66 -14.22 8.74 -8.26
CA ARG A 66 -15.62 8.51 -8.55
C ARG A 66 -15.84 8.23 -10.03
N ARG A 67 -15.01 8.86 -10.87
CA ARG A 67 -15.09 8.67 -12.32
C ARG A 67 -14.45 7.36 -12.71
N THR A 68 -13.25 7.11 -12.21
CA THR A 68 -12.51 5.89 -12.50
C THR A 68 -12.88 4.79 -11.51
N LYS A 69 -14.17 4.69 -11.19
CA LYS A 69 -14.64 3.69 -10.25
C LYS A 69 -15.31 2.52 -10.96
N TYR A 70 -15.19 2.48 -12.30
CA TYR A 70 -15.80 1.41 -13.07
C TYR A 70 -14.86 0.20 -13.18
N VAL A 71 -13.74 0.38 -13.86
CA VAL A 71 -12.77 -0.70 -14.04
C VAL A 71 -11.63 -0.60 -13.02
N GLN A 72 -11.01 0.57 -12.97
CA GLN A 72 -9.89 0.82 -12.07
C GLN A 72 -10.19 0.33 -10.64
N LYS A 73 -11.21 0.92 -10.02
CA LYS A 73 -11.59 0.53 -8.67
C LYS A 73 -11.89 -0.96 -8.55
N SER A 74 -12.11 -1.62 -9.69
CA SER A 74 -12.42 -3.04 -9.70
C SER A 74 -11.16 -3.90 -9.77
N LEU A 75 -10.21 -3.50 -10.61
CA LEU A 75 -8.98 -4.27 -10.78
C LEU A 75 -7.74 -3.51 -10.28
N ASN A 76 -7.66 -2.23 -10.60
CA ASN A 76 -6.51 -1.42 -10.18
C ASN A 76 -6.94 -0.16 -9.44
N PRO A 77 -6.96 -0.22 -8.09
CA PRO A 77 -7.34 0.91 -7.24
C PRO A 77 -6.16 1.81 -6.91
N GLU A 78 -6.25 3.08 -7.24
CA GLU A 78 -5.18 4.03 -6.97
C GLU A 78 -5.42 4.78 -5.66
N TRP A 79 -4.41 5.52 -5.21
CA TRP A 79 -4.52 6.29 -3.97
C TRP A 79 -3.77 7.62 -4.09
N ASN A 80 -2.52 7.56 -4.54
CA ASN A 80 -1.71 8.78 -4.69
C ASN A 80 -1.58 9.50 -3.36
N GLN A 81 -1.28 8.75 -2.30
CA GLN A 81 -1.12 9.32 -0.96
C GLN A 81 0.34 9.32 -0.53
N THR A 82 0.61 10.04 0.56
CA THR A 82 1.97 10.12 1.09
C THR A 82 1.97 10.19 2.60
N VAL A 83 2.83 9.38 3.22
CA VAL A 83 2.94 9.34 4.68
C VAL A 83 4.40 9.40 5.11
N ILE A 84 4.64 9.85 6.34
CA ILE A 84 6.00 9.95 6.85
C ILE A 84 6.14 9.33 8.24
N TYR A 85 7.36 8.88 8.53
CA TYR A 85 7.67 8.27 9.82
C TYR A 85 8.85 9.01 10.46
N LYS A 86 8.57 10.17 11.03
CA LYS A 86 9.61 10.98 11.65
C LYS A 86 10.19 10.30 12.89
N SER A 87 11.46 10.58 13.16
CA SER A 87 12.17 10.01 14.30
C SER A 87 12.78 8.65 13.96
N ILE A 88 13.19 8.50 12.71
CA ILE A 88 13.80 7.24 12.26
C ILE A 88 15.11 7.53 11.53
N SER A 89 16.21 7.03 12.08
CA SER A 89 17.52 7.24 11.48
C SER A 89 17.86 6.07 10.54
N MET A 90 18.64 6.35 9.51
CA MET A 90 19.04 5.32 8.55
C MET A 90 19.64 4.12 9.26
N GLU A 91 20.19 4.34 10.46
CA GLU A 91 20.79 3.27 11.22
C GLU A 91 19.75 2.23 11.60
N GLN A 92 18.70 2.66 12.29
CA GLN A 92 17.63 1.77 12.70
C GLN A 92 16.68 1.51 11.53
N LEU A 93 16.58 2.49 10.64
CA LEU A 93 15.72 2.39 9.46
C LEU A 93 16.03 1.11 8.68
N MET A 94 17.31 0.86 8.46
CA MET A 94 17.75 -0.32 7.72
C MET A 94 17.28 -1.58 8.44
N LYS A 95 17.22 -1.51 9.77
CA LYS A 95 16.78 -2.65 10.57
C LYS A 95 15.27 -2.84 10.47
N LYS A 96 14.57 -1.83 9.96
CA LYS A 96 13.12 -1.90 9.81
C LYS A 96 12.74 -2.21 8.38
N THR A 97 11.61 -2.88 8.19
CA THR A 97 11.14 -3.23 6.85
C THR A 97 9.74 -2.67 6.60
N LEU A 98 9.57 -2.03 5.45
CA LEU A 98 8.28 -1.45 5.09
C LEU A 98 7.34 -2.53 4.56
N GLU A 99 6.22 -2.72 5.25
CA GLU A 99 5.25 -3.74 4.85
C GLU A 99 3.96 -3.10 4.33
N VAL A 100 3.81 -3.05 3.02
CA VAL A 100 2.62 -2.49 2.39
C VAL A 100 1.51 -3.55 2.31
N THR A 101 0.38 -3.27 2.93
CA THR A 101 -0.74 -4.22 2.91
C THR A 101 -2.02 -3.58 2.40
N VAL A 102 -2.64 -4.20 1.41
CA VAL A 102 -3.87 -3.70 0.82
C VAL A 102 -5.08 -4.39 1.44
N TRP A 103 -6.14 -3.62 1.68
CA TRP A 103 -7.35 -4.17 2.27
C TRP A 103 -8.59 -3.57 1.62
N ASP A 104 -9.69 -4.31 1.63
CA ASP A 104 -10.94 -3.85 1.05
C ASP A 104 -12.07 -3.88 2.08
N TYR A 105 -13.04 -2.99 1.91
CA TYR A 105 -14.17 -2.91 2.82
C TYR A 105 -15.31 -3.82 2.36
N ASP A 106 -15.66 -4.79 3.20
CA ASP A 106 -16.72 -5.73 2.87
C ASP A 106 -18.09 -5.15 3.25
N ARG A 107 -19.14 -5.68 2.63
CA ARG A 107 -20.50 -5.22 2.90
C ARG A 107 -20.86 -5.40 4.37
N PHE A 108 -20.18 -6.32 5.03
CA PHE A 108 -20.43 -6.60 6.44
C PHE A 108 -19.57 -5.72 7.35
N SER A 109 -18.92 -4.70 6.76
CA SER A 109 -18.08 -3.80 7.51
C SER A 109 -16.87 -4.54 8.10
N SER A 110 -16.27 -5.41 7.29
CA SER A 110 -15.11 -6.18 7.72
C SER A 110 -13.94 -5.98 6.76
N ASN A 111 -12.89 -5.31 7.24
CA ASN A 111 -11.71 -5.06 6.43
C ASN A 111 -11.10 -6.36 5.93
N ASP A 112 -11.27 -6.64 4.65
CA ASP A 112 -10.73 -7.85 4.04
C ASP A 112 -9.35 -7.60 3.46
N PHE A 113 -8.48 -8.60 3.56
CA PHE A 113 -7.12 -8.49 3.03
C PHE A 113 -7.13 -8.54 1.50
N LEU A 114 -6.06 -8.02 0.89
CA LEU A 114 -5.96 -8.02 -0.56
C LEU A 114 -4.52 -8.25 -1.05
N GLY A 115 -3.55 -7.78 -0.27
CA GLY A 115 -2.15 -7.96 -0.66
C GLY A 115 -1.19 -7.45 0.40
N GLU A 116 0.00 -8.05 0.46
CA GLU A 116 1.00 -7.66 1.43
C GLU A 116 2.40 -7.73 0.82
N VAL A 117 3.10 -6.61 0.82
CA VAL A 117 4.45 -6.54 0.27
C VAL A 117 5.48 -6.24 1.36
N LEU A 118 6.71 -6.67 1.14
CA LEU A 118 7.79 -6.44 2.10
C LEU A 118 8.97 -5.74 1.43
N ILE A 119 9.21 -4.50 1.82
CA ILE A 119 10.32 -3.72 1.26
C ILE A 119 11.36 -3.41 2.33
N ASP A 120 12.45 -4.18 2.32
CA ASP A 120 13.53 -3.97 3.28
C ASP A 120 14.14 -2.58 3.12
N LEU A 121 14.05 -1.78 4.17
CA LEU A 121 14.59 -0.43 4.14
C LEU A 121 16.11 -0.43 4.28
N SER A 122 16.69 -1.61 4.48
CA SER A 122 18.14 -1.73 4.62
C SER A 122 18.84 -1.52 3.28
N SER A 123 18.09 -1.68 2.19
CA SER A 123 18.65 -1.52 0.85
C SER A 123 17.66 -0.85 -0.10
N THR A 124 16.62 -0.25 0.47
CA THR A 124 15.58 0.41 -0.32
C THR A 124 16.20 1.37 -1.35
N SER A 125 16.46 0.86 -2.55
CA SER A 125 17.05 1.65 -3.62
C SER A 125 16.04 2.65 -4.20
N HIS A 126 14.78 2.51 -3.81
CA HIS A 126 13.72 3.39 -4.29
C HIS A 126 13.58 4.62 -3.39
N LEU A 127 14.57 4.86 -2.55
CA LEU A 127 14.55 5.99 -1.63
C LEU A 127 14.49 7.31 -2.39
N ASP A 128 15.24 7.39 -3.48
CA ASP A 128 15.27 8.61 -4.29
C ASP A 128 13.94 8.83 -5.03
N ASN A 129 12.83 8.75 -4.29
CA ASN A 129 11.50 8.96 -4.87
C ASN A 129 11.38 8.31 -6.24
N THR A 130 11.31 6.98 -6.26
CA THR A 130 11.19 6.24 -7.51
C THR A 130 9.95 5.34 -7.48
N PRO A 131 8.90 5.69 -8.25
CA PRO A 131 7.66 4.89 -8.30
C PRO A 131 7.90 3.52 -8.90
N ARG A 132 7.87 2.49 -8.06
CA ARG A 132 8.08 1.12 -8.52
C ARG A 132 6.96 0.20 -8.07
N TRP A 133 6.70 -0.83 -8.86
CA TRP A 133 5.65 -1.80 -8.55
C TRP A 133 6.20 -2.95 -7.72
N TYR A 134 5.58 -3.20 -6.58
CA TYR A 134 6.01 -4.28 -5.69
C TYR A 134 4.98 -5.42 -5.68
N PRO A 135 5.45 -6.68 -5.69
CA PRO A 135 4.57 -7.84 -5.68
C PRO A 135 3.88 -8.04 -4.33
N LEU A 136 2.58 -8.32 -4.36
CA LEU A 136 1.81 -8.53 -3.14
C LEU A 136 1.78 -10.00 -2.77
N LYS A 137 1.84 -10.28 -1.47
CA LYS A 137 1.82 -11.65 -0.98
C LYS A 137 0.53 -11.93 -0.22
N GLU A 138 0.36 -13.18 0.20
CA GLU A 138 -0.83 -13.58 0.95
C GLU A 138 -0.62 -13.44 2.45
N GLN A 139 -1.71 -13.34 3.20
CA GLN A 139 -1.64 -13.20 4.65
C GLN A 139 -1.55 -14.56 5.32
N THR A 140 -0.67 -14.66 6.31
CA THR A 140 -0.47 -15.90 7.04
C THR A 140 -1.48 -16.02 8.19
N GLU A 141 -2.43 -16.95 8.04
CA GLU A 141 -3.46 -17.15 9.06
C GLU A 141 -2.89 -17.94 10.24
N SER A 142 -2.62 -17.23 11.34
CA SER A 142 -2.08 -17.85 12.54
C SER A 142 -2.78 -17.32 13.79
N ALA A 1 -1.13 2.61 -25.68
CA ALA A 1 -0.75 3.68 -24.71
C ALA A 1 -0.81 3.15 -23.28
N SER A 2 0.34 2.80 -22.74
CA SER A 2 0.41 2.28 -21.38
C SER A 2 0.33 3.42 -20.36
N HIS A 3 -0.33 3.14 -19.23
CA HIS A 3 -0.50 4.14 -18.18
C HIS A 3 0.77 4.23 -17.32
N PRO A 4 1.23 5.46 -17.00
CA PRO A 4 2.43 5.66 -16.18
C PRO A 4 2.14 5.54 -14.69
N ILE A 5 3.15 5.11 -13.94
CA ILE A 5 3.01 4.94 -12.50
C ILE A 5 3.30 6.26 -11.78
N THR A 6 2.34 6.71 -10.99
CA THR A 6 2.50 7.95 -10.24
C THR A 6 1.69 7.93 -8.95
N GLY A 7 1.78 9.01 -8.18
CA GLY A 7 1.04 9.10 -6.94
C GLY A 7 1.82 8.56 -5.75
N GLU A 8 1.36 8.89 -4.55
CA GLU A 8 2.00 8.43 -3.32
C GLU A 8 1.02 7.63 -2.49
N ILE A 9 1.53 6.97 -1.45
CA ILE A 9 0.68 6.17 -0.57
C ILE A 9 0.77 6.64 0.88
N GLN A 10 -0.37 6.71 1.54
CA GLN A 10 -0.43 7.14 2.94
C GLN A 10 -0.68 5.96 3.86
N LEU A 11 0.20 5.76 4.83
CA LEU A 11 0.06 4.65 5.77
C LEU A 11 0.67 5.00 7.12
N GLN A 12 0.28 4.25 8.14
CA GLN A 12 0.78 4.46 9.50
C GLN A 12 1.58 3.25 9.96
N ILE A 13 2.80 3.48 10.42
CA ILE A 13 3.67 2.40 10.89
C ILE A 13 3.80 2.42 12.41
N ASN A 14 3.63 1.25 13.02
CA ASN A 14 3.74 1.13 14.47
C ASN A 14 4.07 -0.31 14.86
N TYR A 15 5.14 -0.46 15.64
CA TYR A 15 5.57 -1.78 16.09
C TYR A 15 5.37 -1.93 17.60
N ASP A 16 4.75 -3.03 18.00
CA ASP A 16 4.50 -3.29 19.41
C ASP A 16 4.44 -4.79 19.70
N LEU A 17 4.80 -5.16 20.93
CA LEU A 17 4.78 -6.56 21.36
C LEU A 17 5.58 -7.45 20.40
N GLY A 18 6.67 -6.91 19.90
CA GLY A 18 7.51 -7.67 18.98
C GLY A 18 6.83 -7.92 17.65
N ASN A 19 5.75 -7.18 17.39
CA ASN A 19 5.00 -7.32 16.16
C ASN A 19 4.93 -5.98 15.43
N LEU A 20 5.25 -5.99 14.16
CA LEU A 20 5.22 -4.77 13.35
C LEU A 20 3.83 -4.54 12.77
N ILE A 21 3.22 -3.41 13.11
CA ILE A 21 1.89 -3.09 12.63
C ILE A 21 1.94 -1.96 11.60
N ILE A 22 1.33 -2.21 10.44
CA ILE A 22 1.29 -1.23 9.37
C ILE A 22 -0.16 -0.96 8.96
N HIS A 23 -0.52 0.31 8.82
CA HIS A 23 -1.88 0.67 8.45
C HIS A 23 -1.90 1.42 7.12
N ILE A 24 -2.39 0.75 6.08
CA ILE A 24 -2.49 1.35 4.76
C ILE A 24 -3.74 2.23 4.68
N LEU A 25 -3.53 3.53 4.49
CA LEU A 25 -4.63 4.48 4.44
C LEU A 25 -5.11 4.74 3.02
N GLN A 26 -4.45 5.66 2.32
CA GLN A 26 -4.87 6.00 0.96
C GLN A 26 -3.72 6.61 0.15
N ALA A 27 -3.77 6.40 -1.16
CA ALA A 27 -2.76 6.95 -2.07
C ALA A 27 -3.33 8.12 -2.85
N ARG A 28 -2.49 9.08 -3.21
CA ARG A 28 -2.94 10.25 -3.96
C ARG A 28 -2.08 10.48 -5.20
N ASN A 29 -2.60 11.28 -6.11
CA ASN A 29 -1.89 11.61 -7.36
C ASN A 29 -1.53 10.34 -8.12
N LEU A 30 -2.36 9.31 -7.99
CA LEU A 30 -2.12 8.05 -8.68
C LEU A 30 -2.42 8.18 -10.16
N VAL A 31 -2.18 7.11 -10.92
CA VAL A 31 -2.43 7.12 -12.35
C VAL A 31 -3.94 7.03 -12.64
N PRO A 32 -4.52 8.07 -13.27
CA PRO A 32 -5.95 8.10 -13.58
C PRO A 32 -6.35 6.98 -14.55
N ARG A 33 -7.51 6.39 -14.29
CA ARG A 33 -8.01 5.30 -15.13
C ARG A 33 -8.59 5.85 -16.44
N ASP A 34 -8.91 4.93 -17.36
CA ASP A 34 -9.48 5.32 -18.65
C ASP A 34 -10.96 4.98 -18.73
N ASN A 35 -11.75 5.92 -19.22
CA ASN A 35 -13.19 5.73 -19.35
C ASN A 35 -13.83 5.51 -17.98
N ASN A 36 -13.86 6.56 -17.17
CA ASN A 36 -14.44 6.48 -15.84
C ASN A 36 -13.72 5.45 -14.99
N GLY A 37 -14.06 5.40 -13.70
CA GLY A 37 -13.43 4.46 -12.80
C GLY A 37 -14.39 3.40 -12.32
N TYR A 38 -13.85 2.32 -11.75
CA TYR A 38 -14.66 1.22 -11.25
C TYR A 38 -13.81 0.22 -10.46
N SER A 39 -12.64 -0.07 -10.98
CA SER A 39 -11.73 -1.02 -10.33
C SER A 39 -11.16 -0.42 -9.04
N ASP A 40 -11.20 -1.20 -7.97
CA ASP A 40 -10.69 -0.76 -6.68
C ASP A 40 -9.27 -1.27 -6.46
N PRO A 41 -8.27 -0.37 -6.49
CA PRO A 41 -6.86 -0.75 -6.31
C PRO A 41 -6.57 -1.20 -4.88
N PHE A 42 -5.79 -2.26 -4.76
CA PHE A 42 -5.41 -2.81 -3.46
C PHE A 42 -3.91 -2.67 -3.23
N VAL A 43 -3.48 -2.92 -2.01
CA VAL A 43 -2.06 -2.80 -1.66
C VAL A 43 -1.48 -4.14 -1.21
N LYS A 44 -0.16 -4.27 -1.41
CA LYS A 44 0.56 -5.48 -1.01
C LYS A 44 1.84 -5.10 -0.29
N VAL A 45 1.88 -5.38 1.01
CA VAL A 45 3.05 -5.03 1.82
C VAL A 45 3.76 -6.25 2.40
N TYR A 46 5.07 -6.34 2.17
CA TYR A 46 5.88 -7.45 2.67
C TYR A 46 7.27 -6.96 3.05
N LEU A 47 8.01 -7.78 3.80
CA LEU A 47 9.36 -7.43 4.21
C LEU A 47 10.38 -8.09 3.28
N LEU A 48 11.45 -7.36 2.96
CA LEU A 48 12.46 -7.88 2.05
C LEU A 48 13.09 -9.17 2.60
N PRO A 49 13.62 -9.15 3.84
CA PRO A 49 14.24 -10.31 4.45
C PRO A 49 13.30 -11.04 5.41
N GLY A 50 12.53 -11.99 4.87
CA GLY A 50 11.60 -12.74 5.71
C GLY A 50 11.04 -13.96 5.01
N ARG A 51 9.95 -14.49 5.54
CA ARG A 51 9.31 -15.67 4.97
C ARG A 51 8.90 -15.42 3.52
N GLY A 52 8.56 -14.17 3.22
CA GLY A 52 8.15 -13.82 1.88
C GLY A 52 6.64 -13.83 1.71
N GLN A 53 5.92 -13.62 2.80
CA GLN A 53 4.46 -13.62 2.77
C GLN A 53 3.95 -12.19 2.53
N VAL A 54 3.40 -11.96 1.34
CA VAL A 54 2.88 -10.65 0.98
C VAL A 54 1.47 -10.45 1.53
N MET A 55 1.33 -9.46 2.42
CA MET A 55 0.04 -9.16 3.01
C MET A 55 -0.79 -8.29 2.07
N VAL A 56 -2.09 -8.47 2.09
CA VAL A 56 -2.99 -7.69 1.24
C VAL A 56 -3.96 -6.88 2.08
N VAL A 57 -4.27 -5.67 1.60
CA VAL A 57 -5.18 -4.78 2.30
C VAL A 57 -6.64 -5.06 1.94
N GLN A 58 -7.50 -4.99 2.94
CA GLN A 58 -8.93 -5.25 2.75
C GLN A 58 -9.68 -3.94 2.48
N ASN A 59 -10.95 -4.06 2.11
CA ASN A 59 -11.77 -2.90 1.82
C ASN A 59 -12.47 -2.39 3.07
N ALA A 60 -12.95 -1.15 3.01
CA ALA A 60 -13.65 -0.54 4.14
C ALA A 60 -15.12 -0.25 3.80
N SER A 61 -15.82 0.38 4.74
CA SER A 61 -17.24 0.72 4.56
C SER A 61 -17.52 1.24 3.15
N ALA A 62 -18.28 0.47 2.38
CA ALA A 62 -18.63 0.85 1.03
C ALA A 62 -19.49 2.11 1.02
N GLU A 63 -20.26 2.31 2.09
CA GLU A 63 -21.13 3.48 2.21
C GLU A 63 -20.36 4.76 1.92
N TYR A 64 -19.08 4.79 2.29
CA TYR A 64 -18.24 5.96 2.08
C TYR A 64 -17.51 5.87 0.74
N LYS A 65 -17.24 4.64 0.30
CA LYS A 65 -16.56 4.43 -0.97
C LYS A 65 -17.48 4.75 -2.13
N ARG A 66 -18.68 4.21 -2.08
CA ARG A 66 -19.68 4.43 -3.12
C ARG A 66 -19.76 5.92 -3.48
N ARG A 67 -19.49 6.77 -2.49
CA ARG A 67 -19.53 8.21 -2.70
C ARG A 67 -18.19 8.71 -3.26
N THR A 68 -17.11 8.08 -2.85
CA THR A 68 -15.78 8.45 -3.31
C THR A 68 -15.33 7.53 -4.44
N LYS A 69 -16.29 6.97 -5.17
CA LYS A 69 -15.98 6.08 -6.28
C LYS A 69 -16.16 6.78 -7.63
N TYR A 70 -16.35 8.10 -7.60
CA TYR A 70 -16.53 8.87 -8.81
C TYR A 70 -15.19 9.41 -9.31
N VAL A 71 -14.65 10.39 -8.62
CA VAL A 71 -13.37 10.99 -8.99
C VAL A 71 -12.23 10.38 -8.18
N GLN A 72 -12.54 9.97 -6.96
CA GLN A 72 -11.53 9.38 -6.08
C GLN A 72 -11.34 7.89 -6.37
N LYS A 73 -12.11 7.36 -7.32
CA LYS A 73 -12.03 5.95 -7.68
C LYS A 73 -10.59 5.52 -7.96
N SER A 74 -10.03 6.02 -9.06
CA SER A 74 -8.67 5.67 -9.45
C SER A 74 -7.68 6.76 -9.05
N LEU A 75 -8.16 7.99 -8.96
CA LEU A 75 -7.32 9.12 -8.59
C LEU A 75 -6.67 8.90 -7.23
N ASN A 76 -7.47 8.54 -6.24
CA ASN A 76 -6.95 8.30 -4.90
C ASN A 76 -7.74 7.18 -4.20
N PRO A 77 -7.23 5.94 -4.25
CA PRO A 77 -7.88 4.80 -3.62
C PRO A 77 -7.50 4.65 -2.15
N GLU A 78 -8.49 4.76 -1.28
CA GLU A 78 -8.25 4.63 0.16
C GLU A 78 -8.56 3.22 0.64
N TRP A 79 -8.17 2.93 1.89
CA TRP A 79 -8.40 1.61 2.46
C TRP A 79 -8.58 1.69 3.97
N ASN A 80 -7.71 2.47 4.63
CA ASN A 80 -7.79 2.63 6.08
C ASN A 80 -7.76 1.27 6.79
N GLN A 81 -6.84 0.40 6.36
CA GLN A 81 -6.71 -0.93 6.95
C GLN A 81 -5.45 -1.03 7.79
N THR A 82 -5.30 -2.16 8.48
CA THR A 82 -4.14 -2.39 9.33
C THR A 82 -3.70 -3.85 9.30
N VAL A 83 -2.39 -4.06 9.30
CA VAL A 83 -1.80 -5.39 9.30
C VAL A 83 -0.70 -5.49 10.34
N ILE A 84 -0.33 -6.71 10.71
CA ILE A 84 0.72 -6.92 11.70
C ILE A 84 1.70 -8.02 11.29
N TYR A 85 2.93 -7.90 11.78
CA TYR A 85 3.97 -8.87 11.50
C TYR A 85 4.50 -9.46 12.81
N LYS A 86 3.72 -10.37 13.38
CA LYS A 86 4.08 -11.00 14.65
C LYS A 86 5.32 -11.88 14.50
N SER A 87 6.22 -11.78 15.49
CA SER A 87 7.46 -12.57 15.51
C SER A 87 8.61 -11.80 14.88
N ILE A 88 8.62 -10.48 15.07
CA ILE A 88 9.66 -9.63 14.53
C ILE A 88 10.09 -8.59 15.56
N SER A 89 11.34 -8.67 16.00
CA SER A 89 11.86 -7.74 16.99
C SER A 89 12.78 -6.70 16.35
N MET A 90 13.08 -5.65 17.09
CA MET A 90 13.95 -4.59 16.59
C MET A 90 15.28 -5.14 16.08
N GLU A 91 15.66 -6.32 16.59
CA GLU A 91 16.90 -6.95 16.17
C GLU A 91 16.90 -7.23 14.68
N GLN A 92 15.86 -7.92 14.21
CA GLN A 92 15.74 -8.25 12.80
C GLN A 92 14.95 -7.18 12.07
N LEU A 93 14.02 -6.55 12.77
CA LEU A 93 13.20 -5.49 12.20
C LEU A 93 14.08 -4.41 11.56
N MET A 94 15.19 -4.09 12.21
CA MET A 94 16.11 -3.08 11.70
C MET A 94 16.79 -3.55 10.41
N LYS A 95 16.67 -4.84 10.12
CA LYS A 95 17.27 -5.41 8.92
C LYS A 95 16.22 -5.66 7.84
N LYS A 96 14.95 -5.48 8.19
CA LYS A 96 13.87 -5.69 7.25
C LYS A 96 13.22 -4.38 6.84
N THR A 97 12.86 -4.28 5.56
CA THR A 97 12.27 -3.06 5.02
C THR A 97 10.85 -3.30 4.52
N LEU A 98 9.93 -2.44 4.94
CA LEU A 98 8.53 -2.55 4.54
C LEU A 98 8.33 -1.99 3.14
N GLU A 99 7.92 -2.86 2.22
CA GLU A 99 7.71 -2.45 0.84
C GLU A 99 6.22 -2.43 0.49
N VAL A 100 5.70 -1.23 0.27
CA VAL A 100 4.29 -1.07 -0.08
C VAL A 100 4.11 -1.08 -1.59
N THR A 101 3.20 -1.91 -2.07
CA THR A 101 2.95 -2.01 -3.51
C THR A 101 1.46 -1.93 -3.82
N VAL A 102 1.09 -0.97 -4.66
CA VAL A 102 -0.29 -0.78 -5.05
C VAL A 102 -0.61 -1.53 -6.35
N TRP A 103 -1.67 -2.33 -6.32
CA TRP A 103 -2.07 -3.09 -7.49
C TRP A 103 -3.57 -2.92 -7.77
N ASP A 104 -3.92 -2.84 -9.05
CA ASP A 104 -5.32 -2.68 -9.44
C ASP A 104 -5.73 -3.78 -10.42
N TYR A 105 -6.97 -4.24 -10.29
CA TYR A 105 -7.50 -5.27 -11.17
C TYR A 105 -7.72 -4.74 -12.58
N ASP A 106 -7.44 -5.58 -13.58
CA ASP A 106 -7.61 -5.19 -14.97
C ASP A 106 -8.73 -6.01 -15.63
N ARG A 107 -9.10 -5.61 -16.84
CA ARG A 107 -10.16 -6.30 -17.58
C ARG A 107 -9.78 -7.76 -17.82
N PHE A 108 -8.49 -8.05 -17.79
CA PHE A 108 -8.01 -9.41 -18.02
C PHE A 108 -7.94 -10.21 -16.71
N SER A 109 -8.52 -9.66 -15.65
CA SER A 109 -8.52 -10.33 -14.35
C SER A 109 -7.09 -10.53 -13.84
N SER A 110 -6.23 -9.56 -14.12
CA SER A 110 -4.84 -9.63 -13.69
C SER A 110 -4.48 -8.45 -12.80
N ASN A 111 -3.86 -8.74 -11.65
CA ASN A 111 -3.47 -7.69 -10.72
C ASN A 111 -2.43 -6.77 -11.33
N ASP A 112 -2.89 -5.65 -11.90
CA ASP A 112 -1.99 -4.69 -12.52
C ASP A 112 -1.29 -3.85 -11.47
N PHE A 113 -0.06 -3.42 -11.77
CA PHE A 113 0.72 -2.61 -10.85
C PHE A 113 0.26 -1.16 -10.88
N LEU A 114 0.53 -0.43 -9.80
CA LEU A 114 0.15 0.97 -9.70
C LEU A 114 1.20 1.81 -8.99
N GLY A 115 1.93 1.20 -8.05
CA GLY A 115 2.95 1.93 -7.32
C GLY A 115 3.70 1.05 -6.32
N GLU A 116 4.96 1.38 -6.08
CA GLU A 116 5.77 0.61 -5.15
C GLU A 116 6.64 1.53 -4.29
N VAL A 117 6.63 1.30 -2.99
CA VAL A 117 7.41 2.12 -2.06
C VAL A 117 8.23 1.25 -1.12
N LEU A 118 9.42 1.73 -0.76
CA LEU A 118 10.30 1.00 0.15
C LEU A 118 10.56 1.79 1.42
N ILE A 119 10.21 1.21 2.56
CA ILE A 119 10.41 1.87 3.84
C ILE A 119 11.37 1.08 4.74
N ASP A 120 12.62 1.52 4.81
CA ASP A 120 13.62 0.86 5.63
C ASP A 120 13.28 1.02 7.11
N LEU A 121 12.90 -0.07 7.75
CA LEU A 121 12.55 -0.03 9.17
C LEU A 121 13.79 0.13 10.05
N SER A 122 14.96 0.20 9.42
CA SER A 122 16.20 0.37 10.16
C SER A 122 16.16 1.67 10.98
N SER A 123 15.33 2.61 10.54
CA SER A 123 15.20 3.89 11.23
C SER A 123 13.78 4.44 11.13
N THR A 124 12.83 3.59 10.77
CA THR A 124 11.44 3.99 10.63
C THR A 124 10.99 4.86 11.81
N SER A 125 11.04 6.16 11.62
CA SER A 125 10.64 7.11 12.66
C SER A 125 9.11 7.21 12.75
N HIS A 126 8.43 6.72 11.71
CA HIS A 126 6.96 6.75 11.67
C HIS A 126 6.37 5.71 12.62
N LEU A 127 7.22 4.88 13.22
CA LEU A 127 6.77 3.84 14.14
C LEU A 127 5.77 4.38 15.15
N ASP A 128 5.99 5.61 15.61
CA ASP A 128 5.10 6.23 16.58
C ASP A 128 3.74 6.57 15.97
N ASN A 129 3.15 5.62 15.22
CA ASN A 129 1.85 5.82 14.60
C ASN A 129 1.71 7.22 14.00
N THR A 130 2.27 7.41 12.81
CA THR A 130 2.21 8.71 12.15
C THR A 130 1.88 8.53 10.66
N PRO A 131 0.70 9.02 10.22
CA PRO A 131 0.29 8.91 8.82
C PRO A 131 1.15 9.76 7.90
N ARG A 132 2.06 9.12 7.17
CA ARG A 132 2.95 9.83 6.26
C ARG A 132 2.77 9.35 4.83
N TRP A 133 2.90 10.27 3.88
CA TRP A 133 2.76 9.94 2.47
C TRP A 133 4.09 9.46 1.89
N TYR A 134 4.10 8.24 1.37
CA TYR A 134 5.31 7.67 0.78
C TYR A 134 5.22 7.70 -0.74
N PRO A 135 6.31 8.10 -1.42
CA PRO A 135 6.34 8.18 -2.89
C PRO A 135 6.47 6.81 -3.55
N LEU A 136 5.51 6.49 -4.42
CA LEU A 136 5.51 5.21 -5.12
C LEU A 136 6.41 5.29 -6.37
N LYS A 137 7.01 4.17 -6.72
CA LYS A 137 7.89 4.10 -7.88
C LYS A 137 7.30 3.20 -8.96
N GLU A 138 8.01 3.07 -10.07
CA GLU A 138 7.55 2.23 -11.18
C GLU A 138 8.09 0.81 -11.06
N GLN A 139 7.46 -0.12 -11.77
CA GLN A 139 7.89 -1.51 -11.74
C GLN A 139 8.55 -1.91 -13.06
N THR A 140 9.18 -3.08 -13.07
CA THR A 140 9.85 -3.57 -14.26
C THR A 140 8.85 -4.21 -15.22
N GLU A 141 8.94 -3.85 -16.50
CA GLU A 141 8.04 -4.39 -17.52
C GLU A 141 8.72 -5.53 -18.29
N SER A 142 8.15 -6.72 -18.19
CA SER A 142 8.69 -7.89 -18.88
C SER A 142 8.32 -7.86 -20.36
N ALA A 1 -3.24 -17.40 -11.94
CA ALA A 1 -3.26 -16.12 -12.69
C ALA A 1 -2.04 -16.02 -13.61
N SER A 2 -2.10 -15.09 -14.56
CA SER A 2 -1.01 -14.89 -15.50
C SER A 2 -0.80 -13.41 -15.79
N HIS A 3 -1.17 -12.59 -14.83
CA HIS A 3 -1.04 -11.14 -14.96
C HIS A 3 0.27 -10.66 -14.33
N PRO A 4 0.94 -9.70 -14.98
CA PRO A 4 2.21 -9.16 -14.48
C PRO A 4 2.01 -8.11 -13.39
N ILE A 5 3.03 -7.93 -12.56
CA ILE A 5 2.97 -6.95 -11.48
C ILE A 5 3.61 -5.64 -11.90
N THR A 6 2.80 -4.59 -12.00
CA THR A 6 3.28 -3.27 -12.39
C THR A 6 2.56 -2.17 -11.62
N GLY A 7 2.95 -0.93 -11.90
CA GLY A 7 2.33 0.21 -11.24
C GLY A 7 3.07 0.63 -9.99
N GLU A 8 2.75 1.82 -9.50
CA GLU A 8 3.37 2.36 -8.29
C GLU A 8 2.32 2.71 -7.26
N ILE A 9 2.76 2.95 -6.03
CA ILE A 9 1.84 3.29 -4.94
C ILE A 9 2.17 4.66 -4.34
N GLN A 10 1.13 5.39 -3.97
CA GLN A 10 1.30 6.71 -3.38
C GLN A 10 0.94 6.70 -1.89
N LEU A 11 1.86 7.12 -1.05
CA LEU A 11 1.62 7.14 0.39
C LEU A 11 2.23 8.38 1.04
N GLN A 12 1.78 8.67 2.26
CA GLN A 12 2.29 9.80 3.02
C GLN A 12 2.80 9.34 4.38
N ILE A 13 4.11 9.34 4.55
CA ILE A 13 4.72 8.89 5.81
C ILE A 13 4.82 10.03 6.83
N ASN A 14 4.65 9.69 8.10
CA ASN A 14 4.73 10.66 9.18
C ASN A 14 4.83 9.94 10.52
N TYR A 15 5.85 10.27 11.30
CA TYR A 15 6.04 9.64 12.59
C TYR A 15 5.92 10.68 13.72
N ASP A 16 5.14 10.34 14.75
CA ASP A 16 4.94 11.24 15.87
C ASP A 16 4.64 10.48 17.16
N LEU A 17 4.97 11.09 18.30
CA LEU A 17 4.71 10.48 19.60
C LEU A 17 5.28 9.07 19.68
N GLY A 18 6.43 8.87 19.05
CA GLY A 18 7.06 7.56 19.06
C GLY A 18 6.27 6.54 18.25
N ASN A 19 5.31 7.03 17.46
CA ASN A 19 4.49 6.18 16.64
C ASN A 19 4.68 6.51 15.16
N LEU A 20 4.91 5.48 14.35
CA LEU A 20 5.11 5.68 12.92
C LEU A 20 3.79 5.59 12.18
N ILE A 21 3.42 6.70 11.52
CA ILE A 21 2.16 6.75 10.77
C ILE A 21 2.40 6.67 9.28
N ILE A 22 1.65 5.80 8.61
CA ILE A 22 1.75 5.63 7.17
C ILE A 22 0.38 5.70 6.53
N HIS A 23 0.23 6.59 5.55
CA HIS A 23 -1.05 6.77 4.88
C HIS A 23 -1.00 6.26 3.44
N ILE A 24 -1.86 5.29 3.13
CA ILE A 24 -1.93 4.74 1.78
C ILE A 24 -2.93 5.53 0.95
N LEU A 25 -2.42 6.23 -0.06
CA LEU A 25 -3.27 7.06 -0.91
C LEU A 25 -3.79 6.31 -2.13
N GLN A 26 -3.01 6.24 -3.19
CA GLN A 26 -3.46 5.56 -4.40
C GLN A 26 -2.30 5.07 -5.25
N ALA A 27 -2.54 3.99 -5.99
CA ALA A 27 -1.54 3.42 -6.88
C ALA A 27 -1.99 3.58 -8.33
N ARG A 28 -1.03 3.76 -9.23
CA ARG A 28 -1.34 3.94 -10.65
C ARG A 28 -0.47 3.07 -11.54
N ASN A 29 -0.87 2.96 -12.80
CA ASN A 29 -0.12 2.16 -13.77
C ASN A 29 -0.02 0.70 -13.31
N LEU A 30 -1.04 0.24 -12.61
CA LEU A 30 -1.07 -1.14 -12.12
C LEU A 30 -1.31 -2.12 -13.27
N VAL A 31 -1.42 -3.40 -12.94
CA VAL A 31 -1.65 -4.43 -13.94
C VAL A 31 -3.05 -4.29 -14.55
N PRO A 32 -3.14 -3.93 -15.84
CA PRO A 32 -4.42 -3.76 -16.53
C PRO A 32 -5.17 -5.07 -16.71
N ARG A 33 -6.49 -5.01 -16.62
CA ARG A 33 -7.33 -6.19 -16.79
C ARG A 33 -8.69 -5.82 -17.36
N ASP A 34 -9.14 -6.59 -18.34
CA ASP A 34 -10.44 -6.34 -18.97
C ASP A 34 -11.52 -7.23 -18.37
N ASN A 35 -12.66 -6.62 -18.04
CA ASN A 35 -13.78 -7.35 -17.46
C ASN A 35 -14.98 -6.43 -17.27
N ASN A 36 -14.98 -5.67 -16.17
CA ASN A 36 -16.07 -4.75 -15.87
C ASN A 36 -15.82 -4.02 -14.56
N GLY A 37 -15.29 -4.74 -13.58
CA GLY A 37 -15.01 -4.14 -12.28
C GLY A 37 -16.02 -4.55 -11.23
N TYR A 38 -15.54 -4.84 -10.02
CA TYR A 38 -16.40 -5.25 -8.94
C TYR A 38 -15.65 -5.27 -7.60
N SER A 39 -14.49 -5.93 -7.59
CA SER A 39 -13.69 -6.03 -6.39
C SER A 39 -12.61 -4.95 -6.35
N ASP A 40 -12.41 -4.35 -5.18
CA ASP A 40 -11.42 -3.30 -5.01
C ASP A 40 -10.16 -3.87 -4.35
N PRO A 41 -8.96 -3.44 -4.81
CA PRO A 41 -7.69 -3.91 -4.25
C PRO A 41 -7.36 -3.24 -2.92
N PHE A 42 -6.65 -3.98 -2.06
CA PHE A 42 -6.25 -3.46 -0.76
C PHE A 42 -4.74 -3.52 -0.61
N VAL A 43 -4.24 -2.89 0.44
CA VAL A 43 -2.80 -2.86 0.70
C VAL A 43 -2.45 -3.50 2.04
N LYS A 44 -1.26 -4.08 2.10
CA LYS A 44 -0.77 -4.71 3.32
C LYS A 44 0.60 -4.13 3.68
N VAL A 45 0.64 -3.35 4.76
CA VAL A 45 1.88 -2.71 5.19
C VAL A 45 2.32 -3.19 6.57
N TYR A 46 3.53 -3.73 6.64
CA TYR A 46 4.09 -4.21 7.89
C TYR A 46 5.61 -3.98 7.94
N LEU A 47 6.15 -3.90 9.15
CA LEU A 47 7.59 -3.69 9.31
C LEU A 47 8.32 -5.03 9.20
N LEU A 48 9.43 -5.06 8.47
CA LEU A 48 10.20 -6.30 8.29
C LEU A 48 10.52 -6.95 9.63
N PRO A 49 11.06 -6.19 10.60
CA PRO A 49 11.41 -6.72 11.92
C PRO A 49 10.21 -6.78 12.86
N GLY A 50 10.49 -6.84 14.16
CA GLY A 50 9.42 -6.88 15.15
C GLY A 50 8.64 -8.18 15.08
N ARG A 51 7.40 -8.13 15.56
CA ARG A 51 6.53 -9.31 15.55
C ARG A 51 6.31 -9.82 14.13
N GLY A 52 5.92 -8.91 13.24
CA GLY A 52 5.68 -9.29 11.86
C GLY A 52 4.21 -9.33 11.51
N GLN A 53 3.44 -8.42 12.09
CA GLN A 53 2.01 -8.35 11.82
C GLN A 53 1.72 -7.55 10.56
N VAL A 54 0.70 -7.96 9.82
CA VAL A 54 0.32 -7.26 8.59
C VAL A 54 -0.85 -6.32 8.81
N MET A 55 -0.63 -5.04 8.52
CA MET A 55 -1.68 -4.04 8.68
C MET A 55 -2.34 -3.73 7.33
N VAL A 56 -3.58 -4.18 7.17
CA VAL A 56 -4.31 -3.96 5.94
C VAL A 56 -4.94 -2.57 5.90
N VAL A 57 -5.23 -2.09 4.69
CA VAL A 57 -5.83 -0.78 4.51
C VAL A 57 -7.32 -0.88 4.26
N GLN A 58 -8.06 0.14 4.68
CA GLN A 58 -9.51 0.18 4.51
C GLN A 58 -9.87 0.90 3.22
N ASN A 59 -11.15 0.84 2.86
CA ASN A 59 -11.63 1.49 1.63
C ASN A 59 -12.21 2.86 1.93
N ALA A 60 -11.95 3.81 1.04
CA ALA A 60 -12.46 5.17 1.20
C ALA A 60 -13.89 5.28 0.68
N SER A 61 -14.43 6.51 0.72
CA SER A 61 -15.79 6.76 0.26
C SER A 61 -16.10 6.03 -1.05
N ALA A 62 -17.39 5.89 -1.36
CA ALA A 62 -17.81 5.22 -2.57
C ALA A 62 -18.14 6.20 -3.67
N GLU A 63 -19.05 7.13 -3.39
CA GLU A 63 -19.45 8.12 -4.37
C GLU A 63 -18.25 8.68 -5.13
N TYR A 64 -17.10 8.69 -4.49
CA TYR A 64 -15.89 9.20 -5.13
C TYR A 64 -15.17 8.06 -5.87
N LYS A 65 -15.15 6.87 -5.27
CA LYS A 65 -14.54 5.70 -5.91
C LYS A 65 -15.51 5.15 -6.94
N ARG A 66 -16.68 4.76 -6.45
CA ARG A 66 -17.75 4.22 -7.27
C ARG A 66 -17.85 4.96 -8.60
N ARG A 67 -17.55 6.27 -8.57
CA ARG A 67 -17.59 7.08 -9.78
C ARG A 67 -16.42 6.74 -10.70
N THR A 68 -15.22 6.69 -10.12
CA THR A 68 -14.02 6.37 -10.87
C THR A 68 -13.77 4.87 -10.86
N LYS A 69 -14.82 4.09 -11.10
CA LYS A 69 -14.71 2.64 -11.12
C LYS A 69 -14.71 2.09 -12.54
N TYR A 70 -14.58 2.97 -13.53
CA TYR A 70 -14.56 2.54 -14.92
C TYR A 70 -13.15 2.17 -15.37
N VAL A 71 -12.26 3.16 -15.41
CA VAL A 71 -10.89 2.91 -15.82
C VAL A 71 -9.96 2.74 -14.61
N GLN A 72 -10.22 3.51 -13.56
CA GLN A 72 -9.41 3.46 -12.35
C GLN A 72 -9.70 2.21 -11.52
N LYS A 73 -10.67 1.40 -11.96
CA LYS A 73 -11.02 0.19 -11.24
C LYS A 73 -9.81 -0.73 -11.07
N SER A 74 -9.36 -1.32 -12.18
CA SER A 74 -8.21 -2.22 -12.14
C SER A 74 -6.93 -1.54 -12.64
N LEU A 75 -6.98 -0.23 -12.81
CA LEU A 75 -5.82 0.52 -13.28
C LEU A 75 -5.18 1.33 -12.16
N ASN A 76 -5.98 2.17 -11.51
CA ASN A 76 -5.47 3.00 -10.42
C ASN A 76 -6.46 3.06 -9.25
N PRO A 77 -6.26 2.19 -8.23
CA PRO A 77 -7.12 2.15 -7.06
C PRO A 77 -6.65 3.08 -5.95
N GLU A 78 -7.60 3.76 -5.31
CA GLU A 78 -7.28 4.68 -4.22
C GLU A 78 -7.55 4.04 -2.86
N TRP A 79 -7.12 4.74 -1.81
CA TRP A 79 -7.32 4.24 -0.45
C TRP A 79 -7.51 5.40 0.52
N ASN A 80 -6.67 6.43 0.40
CA ASN A 80 -6.75 7.60 1.28
C ASN A 80 -6.94 7.18 2.74
N GLN A 81 -6.17 6.18 3.16
CA GLN A 81 -6.25 5.69 4.53
C GLN A 81 -5.02 6.09 5.34
N THR A 82 -5.06 5.78 6.63
CA THR A 82 -3.95 6.09 7.52
C THR A 82 -3.72 4.98 8.55
N VAL A 83 -2.45 4.65 8.77
CA VAL A 83 -2.09 3.61 9.73
C VAL A 83 -1.00 4.11 10.66
N ILE A 84 -0.82 3.46 11.81
CA ILE A 84 0.20 3.87 12.76
C ILE A 84 0.88 2.67 13.42
N TYR A 85 2.11 2.88 13.85
CA TYR A 85 2.90 1.85 14.52
C TYR A 85 3.37 2.36 15.88
N LYS A 86 2.45 2.38 16.84
CA LYS A 86 2.77 2.86 18.18
C LYS A 86 3.75 1.93 18.88
N SER A 87 4.69 2.54 19.60
CA SER A 87 5.72 1.80 20.36
C SER A 87 6.97 1.60 19.54
N ILE A 88 7.27 2.55 18.66
CA ILE A 88 8.46 2.46 17.82
C ILE A 88 9.23 3.78 17.86
N SER A 89 10.45 3.74 18.39
CA SER A 89 11.28 4.93 18.47
C SER A 89 12.25 5.00 17.29
N MET A 90 12.71 6.21 16.97
CA MET A 90 13.64 6.40 15.86
C MET A 90 14.83 5.46 15.98
N GLU A 91 15.14 5.03 17.21
CA GLU A 91 16.26 4.13 17.44
C GLU A 91 16.06 2.80 16.71
N GLN A 92 14.91 2.17 16.95
CA GLN A 92 14.60 0.89 16.31
C GLN A 92 13.85 1.12 14.99
N LEU A 93 13.24 2.30 14.87
CA LEU A 93 12.49 2.66 13.67
C LEU A 93 13.35 2.50 12.42
N MET A 94 14.56 3.06 12.48
CA MET A 94 15.49 2.98 11.35
C MET A 94 15.80 1.52 11.02
N LYS A 95 15.89 0.69 12.04
CA LYS A 95 16.19 -0.72 11.86
C LYS A 95 15.05 -1.44 11.15
N LYS A 96 13.87 -0.84 11.16
CA LYS A 96 12.70 -1.43 10.52
C LYS A 96 12.44 -0.78 9.16
N THR A 97 11.86 -1.54 8.25
CA THR A 97 11.56 -1.05 6.91
C THR A 97 10.08 -1.22 6.58
N LEU A 98 9.46 -0.16 6.09
CA LEU A 98 8.05 -0.20 5.74
C LEU A 98 7.86 -0.85 4.37
N GLU A 99 7.21 -2.00 4.35
CA GLU A 99 6.96 -2.72 3.10
C GLU A 99 5.50 -2.66 2.69
N VAL A 100 5.22 -1.91 1.63
CA VAL A 100 3.86 -1.78 1.12
C VAL A 100 3.56 -2.86 0.09
N THR A 101 2.46 -3.58 0.28
CA THR A 101 2.10 -4.64 -0.65
C THR A 101 0.63 -4.53 -1.06
N VAL A 102 0.39 -4.39 -2.37
CA VAL A 102 -0.95 -4.26 -2.89
C VAL A 102 -1.53 -5.64 -3.24
N TRP A 103 -2.81 -5.83 -2.94
CA TRP A 103 -3.47 -7.09 -3.22
C TRP A 103 -4.89 -6.87 -3.75
N ASP A 104 -5.36 -7.78 -4.58
CA ASP A 104 -6.71 -7.68 -5.15
C ASP A 104 -7.53 -8.92 -4.80
N TYR A 105 -8.80 -8.70 -4.45
CA TYR A 105 -9.69 -9.80 -4.10
C TYR A 105 -10.05 -10.62 -5.34
N ASP A 106 -10.18 -11.93 -5.16
CA ASP A 106 -10.53 -12.83 -6.26
C ASP A 106 -11.96 -13.33 -6.12
N ARG A 107 -12.39 -14.12 -7.09
CA ARG A 107 -13.74 -14.68 -7.08
C ARG A 107 -13.97 -15.55 -5.86
N PHE A 108 -12.88 -16.13 -5.34
CA PHE A 108 -12.97 -16.99 -4.16
C PHE A 108 -12.77 -16.19 -2.88
N SER A 109 -12.84 -14.86 -2.99
CA SER A 109 -12.66 -14.00 -1.84
C SER A 109 -11.25 -14.11 -1.27
N SER A 110 -10.29 -14.44 -2.14
CA SER A 110 -8.90 -14.58 -1.73
C SER A 110 -8.18 -13.24 -1.83
N ASN A 111 -6.85 -13.27 -1.63
CA ASN A 111 -6.04 -12.06 -1.70
C ASN A 111 -4.90 -12.24 -2.71
N ASP A 112 -5.15 -11.84 -3.94
CA ASP A 112 -4.14 -11.95 -5.00
C ASP A 112 -3.16 -10.78 -4.93
N PHE A 113 -1.89 -11.05 -5.17
CA PHE A 113 -0.86 -10.02 -5.13
C PHE A 113 -1.03 -9.03 -6.28
N LEU A 114 -0.47 -7.84 -6.13
CA LEU A 114 -0.56 -6.81 -7.15
C LEU A 114 0.70 -5.95 -7.22
N GLY A 115 1.36 -5.75 -6.07
CA GLY A 115 2.57 -4.95 -6.04
C GLY A 115 3.21 -4.92 -4.67
N GLU A 116 4.52 -4.76 -4.63
CA GLU A 116 5.25 -4.71 -3.37
C GLU A 116 6.36 -3.67 -3.40
N VAL A 117 6.41 -2.84 -2.37
CA VAL A 117 7.43 -1.80 -2.27
C VAL A 117 8.11 -1.81 -0.91
N LEU A 118 9.38 -1.44 -0.88
CA LEU A 118 10.14 -1.42 0.37
C LEU A 118 10.65 -0.01 0.67
N ILE A 119 10.25 0.52 1.83
CA ILE A 119 10.67 1.86 2.24
C ILE A 119 11.44 1.81 3.55
N ASP A 120 12.76 1.89 3.45
CA ASP A 120 13.62 1.86 4.64
C ASP A 120 13.34 3.07 5.53
N LEU A 121 12.95 2.81 6.77
CA LEU A 121 12.66 3.88 7.72
C LEU A 121 13.93 4.54 8.23
N SER A 122 15.08 3.94 7.92
CA SER A 122 16.37 4.48 8.35
C SER A 122 16.72 5.76 7.58
N SER A 123 16.04 5.98 6.47
CA SER A 123 16.28 7.16 5.64
C SER A 123 15.00 7.73 5.07
N THR A 124 13.86 7.31 5.63
CA THR A 124 12.55 7.77 5.16
C THR A 124 12.46 9.29 5.19
N SER A 125 12.91 9.92 4.11
CA SER A 125 12.87 11.38 4.00
C SER A 125 11.45 11.89 3.81
N HIS A 126 10.50 10.97 3.60
CA HIS A 126 9.10 11.34 3.41
C HIS A 126 8.35 11.38 4.74
N LEU A 127 9.10 11.43 5.84
CA LEU A 127 8.49 11.47 7.17
C LEU A 127 7.69 12.74 7.38
N ASP A 128 8.21 13.85 6.88
CA ASP A 128 7.54 15.14 7.02
C ASP A 128 6.25 15.21 6.20
N ASN A 129 5.40 14.19 6.32
CA ASN A 129 4.13 14.16 5.59
C ASN A 129 4.29 14.62 4.14
N THR A 130 4.79 13.73 3.29
CA THR A 130 5.00 14.04 1.88
C THR A 130 4.54 12.89 0.99
N PRO A 131 3.53 13.15 0.12
CA PRO A 131 3.01 12.12 -0.78
C PRO A 131 3.97 11.80 -1.92
N ARG A 132 4.54 10.61 -1.89
CA ARG A 132 5.47 10.18 -2.92
C ARG A 132 5.06 8.85 -3.53
N TRP A 133 5.40 8.65 -4.80
CA TRP A 133 5.05 7.42 -5.50
C TRP A 133 6.18 6.39 -5.36
N TYR A 134 5.86 5.24 -4.77
CA TYR A 134 6.84 4.19 -4.57
C TYR A 134 6.61 3.04 -5.56
N PRO A 135 7.57 2.80 -6.47
CA PRO A 135 7.46 1.73 -7.47
C PRO A 135 7.29 0.35 -6.85
N LEU A 136 6.24 -0.36 -7.27
CA LEU A 136 5.96 -1.69 -6.76
C LEU A 136 6.71 -2.75 -7.56
N LYS A 137 7.03 -3.86 -6.91
CA LYS A 137 7.75 -4.95 -7.57
C LYS A 137 6.98 -6.27 -7.42
N GLU A 138 7.58 -7.35 -7.90
CA GLU A 138 6.97 -8.67 -7.83
C GLU A 138 7.43 -9.42 -6.58
N GLN A 139 6.64 -10.40 -6.15
CA GLN A 139 6.97 -11.19 -4.98
C GLN A 139 8.27 -11.97 -5.19
N THR A 140 9.24 -11.71 -4.32
CA THR A 140 10.54 -12.37 -4.41
C THR A 140 10.66 -13.47 -3.35
N GLU A 141 10.51 -14.72 -3.78
CA GLU A 141 10.60 -15.85 -2.87
C GLU A 141 11.71 -16.81 -3.30
N SER A 142 12.69 -16.99 -2.41
CA SER A 142 13.81 -17.88 -2.70
C SER A 142 14.24 -18.63 -1.44
N ALA A 1 -17.27 15.44 -9.08
CA ALA A 1 -16.72 14.55 -10.14
C ALA A 1 -15.58 13.70 -9.61
N SER A 2 -15.75 13.19 -8.39
CA SER A 2 -14.73 12.35 -7.76
C SER A 2 -15.35 11.07 -7.20
N HIS A 3 -14.67 9.96 -7.40
CA HIS A 3 -15.15 8.66 -6.92
C HIS A 3 -14.87 8.50 -5.43
N PRO A 4 -15.65 7.65 -4.75
CA PRO A 4 -15.50 7.40 -3.31
C PRO A 4 -14.31 6.50 -3.00
N ILE A 5 -13.79 6.61 -1.78
CA ILE A 5 -12.66 5.80 -1.36
C ILE A 5 -13.13 4.57 -0.57
N THR A 6 -12.91 3.40 -1.14
CA THR A 6 -13.32 2.15 -0.49
C THR A 6 -12.28 1.06 -0.69
N GLY A 7 -12.56 -0.13 -0.16
CA GLY A 7 -11.65 -1.24 -0.29
C GLY A 7 -10.63 -1.31 0.82
N GLU A 8 -9.91 -2.42 0.90
CA GLU A 8 -8.89 -2.61 1.92
C GLU A 8 -7.57 -3.01 1.28
N ILE A 9 -6.51 -3.02 2.07
CA ILE A 9 -5.19 -3.39 1.57
C ILE A 9 -4.58 -4.52 2.38
N GLN A 10 -3.85 -5.40 1.70
CA GLN A 10 -3.20 -6.53 2.35
C GLN A 10 -1.69 -6.40 2.28
N LEU A 11 -1.04 -6.52 3.43
CA LEU A 11 0.41 -6.42 3.48
C LEU A 11 0.98 -7.28 4.61
N GLN A 12 2.28 -7.52 4.54
CA GLN A 12 2.97 -8.31 5.55
C GLN A 12 4.08 -7.49 6.20
N ILE A 13 4.05 -7.42 7.52
CA ILE A 13 5.04 -6.65 8.27
C ILE A 13 6.04 -7.57 8.96
N ASN A 14 7.29 -7.11 9.02
CA ASN A 14 8.35 -7.87 9.66
C ASN A 14 9.56 -6.98 9.95
N TYR A 15 9.88 -6.82 11.23
CA TYR A 15 11.00 -5.98 11.63
C TYR A 15 12.15 -6.85 12.15
N ASP A 16 13.35 -6.62 11.62
CA ASP A 16 14.51 -7.37 12.05
C ASP A 16 15.79 -6.57 11.87
N LEU A 17 16.76 -6.83 12.75
CA LEU A 17 18.05 -6.14 12.71
C LEU A 17 17.87 -4.63 12.78
N GLY A 18 16.91 -4.20 13.58
CA GLY A 18 16.65 -2.78 13.73
C GLY A 18 16.07 -2.16 12.47
N ASN A 19 15.66 -3.00 11.54
CA ASN A 19 15.09 -2.53 10.29
C ASN A 19 13.66 -3.05 10.13
N LEU A 20 12.76 -2.15 9.74
CA LEU A 20 11.35 -2.50 9.56
C LEU A 20 11.07 -2.92 8.12
N ILE A 21 10.71 -4.19 7.92
CA ILE A 21 10.41 -4.70 6.60
C ILE A 21 8.91 -4.83 6.37
N ILE A 22 8.42 -4.23 5.29
CA ILE A 22 7.01 -4.28 4.95
C ILE A 22 6.81 -4.75 3.52
N HIS A 23 5.94 -5.73 3.33
CA HIS A 23 5.67 -6.24 1.98
C HIS A 23 4.27 -5.87 1.52
N ILE A 24 4.19 -5.32 0.31
CA ILE A 24 2.92 -4.91 -0.27
C ILE A 24 2.32 -6.04 -1.10
N LEU A 25 1.08 -6.39 -0.81
CA LEU A 25 0.43 -7.48 -1.53
C LEU A 25 -0.65 -6.97 -2.48
N GLN A 26 -1.85 -6.72 -1.97
CA GLN A 26 -2.94 -6.25 -2.82
C GLN A 26 -4.07 -5.64 -2.01
N ALA A 27 -5.01 -5.03 -2.72
CA ALA A 27 -6.18 -4.41 -2.10
C ALA A 27 -7.45 -4.93 -2.74
N ARG A 28 -8.54 -4.95 -1.98
CA ARG A 28 -9.80 -5.46 -2.50
C ARG A 28 -10.97 -4.53 -2.17
N ASN A 29 -12.09 -4.72 -2.85
CA ASN A 29 -13.28 -3.91 -2.63
C ASN A 29 -12.99 -2.43 -2.86
N LEU A 30 -12.08 -2.15 -3.80
CA LEU A 30 -11.71 -0.77 -4.11
C LEU A 30 -12.88 -0.05 -4.78
N VAL A 31 -12.66 1.20 -5.18
CA VAL A 31 -13.69 1.99 -5.84
C VAL A 31 -13.80 1.60 -7.32
N PRO A 32 -14.91 0.96 -7.73
CA PRO A 32 -15.12 0.54 -9.11
C PRO A 32 -15.52 1.70 -10.02
N ARG A 33 -15.01 1.69 -11.25
CA ARG A 33 -15.32 2.73 -12.22
C ARG A 33 -15.26 2.19 -13.64
N ASP A 34 -16.43 2.10 -14.29
CA ASP A 34 -16.50 1.60 -15.66
C ASP A 34 -15.83 2.55 -16.63
N ASN A 35 -14.97 2.00 -17.49
CA ASN A 35 -14.26 2.81 -18.48
C ASN A 35 -13.30 1.94 -19.29
N ASN A 36 -12.21 1.54 -18.67
CA ASN A 36 -11.21 0.71 -19.33
C ASN A 36 -10.13 0.27 -18.35
N GLY A 37 -9.37 -0.76 -18.73
CA GLY A 37 -8.31 -1.25 -17.87
C GLY A 37 -6.93 -0.94 -18.42
N TYR A 38 -6.12 -0.27 -17.61
CA TYR A 38 -4.78 0.11 -18.01
C TYR A 38 -4.03 0.83 -16.88
N SER A 39 -4.76 1.68 -16.16
CA SER A 39 -4.17 2.42 -15.04
C SER A 39 -3.82 1.48 -13.89
N ASP A 40 -2.52 1.31 -13.65
CA ASP A 40 -2.06 0.45 -12.58
C ASP A 40 -1.87 1.24 -11.28
N PRO A 41 -2.72 0.98 -10.27
CA PRO A 41 -2.64 1.68 -8.98
C PRO A 41 -1.39 1.32 -8.19
N PHE A 42 -0.81 2.32 -7.53
CA PHE A 42 0.40 2.12 -6.73
C PHE A 42 0.14 2.48 -5.28
N VAL A 43 1.08 2.13 -4.41
CA VAL A 43 0.93 2.41 -2.98
C VAL A 43 2.11 3.22 -2.44
N LYS A 44 1.86 3.91 -1.33
CA LYS A 44 2.87 4.73 -0.66
C LYS A 44 2.82 4.48 0.84
N VAL A 45 3.95 4.07 1.42
CA VAL A 45 3.97 3.78 2.85
C VAL A 45 5.14 4.47 3.57
N TYR A 46 4.80 5.17 4.65
CA TYR A 46 5.78 5.88 5.47
C TYR A 46 5.37 5.82 6.94
N LEU A 47 6.25 6.29 7.82
CA LEU A 47 5.94 6.29 9.26
C LEU A 47 5.39 7.65 9.68
N LEU A 48 4.55 7.65 10.72
CA LEU A 48 3.94 8.89 11.20
C LEU A 48 4.99 9.86 11.77
N PRO A 49 5.82 9.41 12.73
CA PRO A 49 6.85 10.26 13.34
C PRO A 49 8.04 10.46 12.42
N GLY A 50 8.42 9.42 11.70
CA GLY A 50 9.54 9.50 10.78
C GLY A 50 9.12 9.88 9.38
N ARG A 51 8.02 10.63 9.28
CA ARG A 51 7.51 11.07 7.99
C ARG A 51 8.58 11.81 7.20
N GLY A 52 8.19 12.34 6.04
CA GLY A 52 9.13 13.05 5.21
C GLY A 52 9.72 12.18 4.12
N GLN A 53 9.64 10.86 4.31
CA GLN A 53 10.17 9.91 3.34
C GLN A 53 9.07 8.91 2.95
N VAL A 54 8.39 9.19 1.85
CA VAL A 54 7.32 8.33 1.38
C VAL A 54 7.88 7.19 0.55
N MET A 55 7.66 5.95 1.01
CA MET A 55 8.15 4.78 0.29
C MET A 55 7.09 4.26 -0.68
N VAL A 56 7.35 4.45 -1.97
CA VAL A 56 6.42 4.01 -3.00
C VAL A 56 6.63 2.53 -3.31
N VAL A 57 5.61 1.90 -3.86
CA VAL A 57 5.68 0.48 -4.20
C VAL A 57 5.96 0.27 -5.68
N GLN A 58 6.74 -0.76 -5.99
CA GLN A 58 7.09 -1.07 -7.37
C GLN A 58 6.01 -1.93 -8.02
N ASN A 59 6.13 -2.13 -9.33
CA ASN A 59 5.17 -2.93 -10.07
C ASN A 59 5.79 -4.23 -10.56
N ALA A 60 5.06 -5.33 -10.40
CA ALA A 60 5.54 -6.64 -10.81
C ALA A 60 5.42 -6.82 -12.33
N SER A 61 5.77 -8.01 -12.81
CA SER A 61 5.72 -8.32 -14.24
C SER A 61 4.47 -7.73 -14.90
N ALA A 62 4.52 -7.59 -16.22
CA ALA A 62 3.39 -7.05 -16.97
C ALA A 62 2.52 -8.14 -17.55
N GLU A 63 3.13 -9.04 -18.31
CA GLU A 63 2.41 -10.14 -18.93
C GLU A 63 1.39 -10.76 -17.98
N TYR A 64 1.67 -10.69 -16.68
CA TYR A 64 0.75 -11.24 -15.69
C TYR A 64 -0.28 -10.19 -15.25
N LYS A 65 0.17 -8.95 -15.09
CA LYS A 65 -0.74 -7.85 -14.73
C LYS A 65 -1.51 -7.44 -15.96
N ARG A 66 -0.76 -7.07 -16.99
CA ARG A 66 -1.31 -6.65 -18.27
C ARG A 66 -2.45 -7.59 -18.71
N ARG A 67 -2.38 -8.84 -18.26
CA ARG A 67 -3.42 -9.82 -18.58
C ARG A 67 -4.55 -9.75 -17.56
N THR A 68 -4.19 -9.66 -16.29
CA THR A 68 -5.17 -9.58 -15.22
C THR A 68 -5.53 -8.14 -14.90
N LYS A 69 -5.70 -7.33 -15.94
CA LYS A 69 -6.05 -5.92 -15.78
C LYS A 69 -7.52 -5.66 -16.06
N TYR A 70 -8.30 -6.73 -16.19
CA TYR A 70 -9.73 -6.58 -16.48
C TYR A 70 -10.55 -6.42 -15.20
N VAL A 71 -10.58 -7.44 -14.36
CA VAL A 71 -11.34 -7.39 -13.11
C VAL A 71 -10.45 -7.04 -11.92
N GLN A 72 -9.32 -7.72 -11.81
CA GLN A 72 -8.40 -7.50 -10.69
C GLN A 72 -7.92 -6.05 -10.61
N LYS A 73 -7.24 -5.59 -11.65
CA LYS A 73 -6.73 -4.22 -11.68
C LYS A 73 -7.85 -3.19 -11.53
N SER A 74 -9.09 -3.61 -11.79
CA SER A 74 -10.23 -2.73 -11.68
C SER A 74 -10.89 -2.81 -10.32
N LEU A 75 -10.82 -3.98 -9.68
CA LEU A 75 -11.42 -4.17 -8.37
C LEU A 75 -10.38 -4.41 -7.28
N ASN A 76 -9.52 -5.41 -7.50
CA ASN A 76 -8.49 -5.74 -6.52
C ASN A 76 -7.10 -5.84 -7.16
N PRO A 77 -6.32 -4.75 -7.11
CA PRO A 77 -4.97 -4.70 -7.67
C PRO A 77 -3.93 -5.25 -6.69
N GLU A 78 -2.92 -5.94 -7.21
CA GLU A 78 -1.88 -6.50 -6.37
C GLU A 78 -0.51 -5.93 -6.71
N TRP A 79 0.48 -6.23 -5.87
CA TRP A 79 1.84 -5.74 -6.07
C TRP A 79 2.87 -6.80 -5.67
N ASN A 80 2.68 -7.43 -4.51
CA ASN A 80 3.61 -8.45 -4.03
C ASN A 80 5.03 -7.90 -3.98
N GLN A 81 5.18 -6.74 -3.34
CA GLN A 81 6.49 -6.11 -3.21
C GLN A 81 7.00 -6.19 -1.78
N THR A 82 8.25 -5.78 -1.59
CA THR A 82 8.87 -5.78 -0.27
C THR A 82 9.80 -4.59 -0.09
N VAL A 83 9.71 -3.95 1.07
CA VAL A 83 10.54 -2.79 1.38
C VAL A 83 10.98 -2.82 2.84
N ILE A 84 12.05 -2.10 3.16
CA ILE A 84 12.55 -2.05 4.52
C ILE A 84 12.90 -0.63 4.96
N TYR A 85 12.80 -0.39 6.25
CA TYR A 85 13.12 0.91 6.83
C TYR A 85 14.18 0.75 7.93
N LYS A 86 15.43 0.60 7.50
CA LYS A 86 16.53 0.43 8.45
C LYS A 86 16.74 1.69 9.29
N SER A 87 17.35 1.49 10.46
CA SER A 87 17.63 2.59 11.38
C SER A 87 16.44 2.89 12.27
N ILE A 88 15.59 1.88 12.48
CA ILE A 88 14.42 2.03 13.33
C ILE A 88 14.29 0.84 14.27
N SER A 89 14.37 1.12 15.58
CA SER A 89 14.27 0.07 16.59
C SER A 89 12.88 0.02 17.20
N MET A 90 12.57 -1.08 17.88
CA MET A 90 11.27 -1.27 18.52
C MET A 90 10.97 -0.13 19.50
N GLU A 91 12.04 0.52 19.97
CA GLU A 91 11.89 1.63 20.91
C GLU A 91 11.09 2.77 20.30
N GLN A 92 11.54 3.23 19.13
CA GLN A 92 10.87 4.31 18.42
C GLN A 92 9.81 3.76 17.47
N LEU A 93 10.06 2.56 16.96
CA LEU A 93 9.14 1.91 16.03
C LEU A 93 7.73 1.84 16.62
N MET A 94 7.65 1.51 17.90
CA MET A 94 6.37 1.41 18.58
C MET A 94 5.57 2.71 18.47
N LYS A 95 6.25 3.83 18.67
CA LYS A 95 5.60 5.14 18.59
C LYS A 95 5.31 5.54 17.15
N LYS A 96 5.87 4.80 16.19
CA LYS A 96 5.65 5.10 14.78
C LYS A 96 4.55 4.21 14.19
N THR A 97 3.73 4.79 13.33
CA THR A 97 2.64 4.05 12.71
C THR A 97 2.83 3.96 11.20
N LEU A 98 2.63 2.76 10.65
CA LEU A 98 2.77 2.54 9.22
C LEU A 98 1.52 3.01 8.48
N GLU A 99 1.67 4.03 7.66
CA GLU A 99 0.55 4.58 6.91
C GLU A 99 0.58 4.13 5.45
N VAL A 100 -0.27 3.18 5.11
CA VAL A 100 -0.35 2.66 3.75
C VAL A 100 -1.35 3.49 2.95
N THR A 101 -0.92 4.03 1.83
CA THR A 101 -1.78 4.85 0.99
C THR A 101 -1.77 4.38 -0.47
N VAL A 102 -2.94 4.11 -1.00
CA VAL A 102 -3.07 3.67 -2.38
C VAL A 102 -3.35 4.85 -3.31
N TRP A 103 -2.70 4.87 -4.46
CA TRP A 103 -2.89 5.94 -5.43
C TRP A 103 -2.96 5.39 -6.85
N ASP A 104 -3.77 6.05 -7.69
CA ASP A 104 -3.93 5.64 -9.08
C ASP A 104 -3.88 6.84 -10.01
N TYR A 105 -3.27 6.66 -11.18
CA TYR A 105 -3.15 7.73 -12.16
C TYR A 105 -4.51 8.04 -12.78
N ASP A 106 -4.78 9.33 -13.00
CA ASP A 106 -6.04 9.76 -13.59
C ASP A 106 -5.82 10.28 -15.01
N ARG A 107 -6.87 10.89 -15.58
CA ARG A 107 -6.79 11.43 -16.93
C ARG A 107 -5.69 12.47 -17.05
N PHE A 108 -5.40 13.16 -15.95
CA PHE A 108 -4.35 14.18 -15.93
C PHE A 108 -2.99 13.59 -15.57
N SER A 109 -2.92 12.26 -15.53
CA SER A 109 -1.67 11.58 -15.19
C SER A 109 -1.15 12.03 -13.83
N SER A 110 -2.08 12.39 -12.94
CA SER A 110 -1.71 12.84 -11.60
C SER A 110 -2.00 11.75 -10.58
N ASN A 111 -1.25 11.76 -9.47
CA ASN A 111 -1.42 10.78 -8.42
C ASN A 111 -2.77 10.96 -7.71
N ASP A 112 -3.75 10.15 -8.10
CA ASP A 112 -5.08 10.22 -7.51
C ASP A 112 -5.20 9.26 -6.33
N PHE A 113 -5.61 9.80 -5.18
CA PHE A 113 -5.76 8.98 -3.98
C PHE A 113 -6.78 7.85 -4.20
N LEU A 114 -6.63 6.78 -3.43
CA LEU A 114 -7.53 5.63 -3.55
C LEU A 114 -7.86 5.01 -2.19
N GLY A 115 -6.94 5.13 -1.23
CA GLY A 115 -7.16 4.57 0.09
C GLY A 115 -6.00 4.81 1.02
N GLU A 116 -6.29 5.02 2.29
CA GLU A 116 -5.25 5.25 3.30
C GLU A 116 -5.51 4.44 4.55
N VAL A 117 -4.48 3.73 5.01
CA VAL A 117 -4.60 2.91 6.21
C VAL A 117 -3.49 3.22 7.20
N LEU A 118 -3.80 3.12 8.49
CA LEU A 118 -2.82 3.39 9.54
C LEU A 118 -2.64 2.16 10.44
N ILE A 119 -1.44 1.59 10.41
CA ILE A 119 -1.12 0.42 11.21
C ILE A 119 -0.19 0.77 12.35
N ASP A 120 -0.74 0.93 13.55
CA ASP A 120 0.05 1.26 14.73
C ASP A 120 1.09 0.16 15.01
N LEU A 121 2.36 0.51 14.85
CA LEU A 121 3.45 -0.44 15.08
C LEU A 121 3.66 -0.70 16.56
N SER A 122 2.97 0.06 17.41
CA SER A 122 3.08 -0.10 18.85
C SER A 122 2.61 -1.48 19.29
N SER A 123 1.76 -2.11 18.48
CA SER A 123 1.22 -3.43 18.79
C SER A 123 1.09 -4.28 17.54
N THR A 124 1.75 -3.87 16.46
CA THR A 124 1.71 -4.60 15.21
C THR A 124 2.01 -6.09 15.42
N SER A 125 0.96 -6.88 15.60
CA SER A 125 1.11 -8.32 15.82
C SER A 125 1.43 -9.04 14.50
N HIS A 126 1.39 -8.31 13.39
CA HIS A 126 1.68 -8.88 12.08
C HIS A 126 3.17 -8.83 11.77
N LEU A 127 3.97 -8.46 12.77
CA LEU A 127 5.42 -8.37 12.60
C LEU A 127 6.02 -9.71 12.21
N ASP A 128 5.49 -10.77 12.81
CA ASP A 128 5.98 -12.12 12.53
C ASP A 128 5.64 -12.57 11.11
N ASN A 129 5.92 -11.73 10.13
CA ASN A 129 5.65 -12.06 8.72
C ASN A 129 4.23 -12.61 8.56
N THR A 130 3.25 -11.89 9.10
CA THR A 130 1.86 -12.30 9.01
C THR A 130 1.07 -11.35 8.10
N PRO A 131 0.72 -11.80 6.88
CA PRO A 131 -0.03 -10.98 5.93
C PRO A 131 -1.49 -10.83 6.33
N ARG A 132 -1.89 -9.60 6.66
CA ARG A 132 -3.25 -9.32 7.06
C ARG A 132 -3.85 -8.18 6.24
N TRP A 133 -5.16 -8.02 6.32
CA TRP A 133 -5.85 -6.97 5.59
C TRP A 133 -6.04 -5.73 6.46
N TYR A 134 -6.01 -4.56 5.83
CA TYR A 134 -6.17 -3.29 6.55
C TYR A 134 -7.14 -2.38 5.79
N PRO A 135 -8.31 -2.10 6.36
CA PRO A 135 -9.32 -1.23 5.73
C PRO A 135 -8.79 0.16 5.39
N LEU A 136 -8.99 0.57 4.15
CA LEU A 136 -8.55 1.88 3.68
C LEU A 136 -9.55 2.96 4.09
N LYS A 137 -9.04 4.18 4.31
CA LYS A 137 -9.88 5.29 4.69
C LYS A 137 -9.84 6.39 3.63
N GLU A 138 -10.72 7.37 3.76
CA GLU A 138 -10.78 8.49 2.81
C GLU A 138 -9.85 9.62 3.24
N GLN A 139 -9.31 10.32 2.25
CA GLN A 139 -8.40 11.44 2.51
C GLN A 139 -9.15 12.62 3.10
N THR A 140 -8.42 13.55 3.70
CA THR A 140 -9.02 14.74 4.30
C THR A 140 -8.59 16.01 3.56
N GLU A 141 -9.47 17.00 3.54
CA GLU A 141 -9.19 18.26 2.88
C GLU A 141 -8.62 19.28 3.85
N SER A 142 -7.31 19.23 4.08
CA SER A 142 -6.65 20.16 4.99
C SER A 142 -5.25 20.52 4.49
N ALA A 1 -3.81 0.42 -23.47
CA ALA A 1 -3.27 -0.24 -22.25
C ALA A 1 -1.90 0.34 -21.87
N SER A 2 -1.32 -0.19 -20.80
CA SER A 2 -0.01 0.27 -20.34
C SER A 2 -0.06 1.75 -19.95
N HIS A 3 -0.06 2.02 -18.65
CA HIS A 3 -0.10 3.38 -18.14
C HIS A 3 1.09 3.66 -17.23
N PRO A 4 1.43 4.94 -17.03
CA PRO A 4 2.57 5.32 -16.18
C PRO A 4 2.24 5.20 -14.70
N ILE A 5 3.27 5.04 -13.88
CA ILE A 5 3.11 4.91 -12.44
C ILE A 5 3.40 6.24 -11.74
N THR A 6 2.37 6.82 -11.14
CA THR A 6 2.52 8.09 -10.45
C THR A 6 1.75 8.10 -9.13
N GLY A 7 1.84 9.23 -8.42
CA GLY A 7 1.15 9.37 -7.15
C GLY A 7 1.90 8.76 -5.99
N GLU A 8 1.39 8.97 -4.79
CA GLU A 8 2.02 8.45 -3.57
C GLU A 8 1.00 7.66 -2.75
N ILE A 9 1.45 7.10 -1.64
CA ILE A 9 0.58 6.32 -0.76
C ILE A 9 0.71 6.78 0.69
N GLN A 10 -0.43 6.90 1.37
CA GLN A 10 -0.45 7.34 2.76
C GLN A 10 -0.61 6.14 3.71
N LEU A 11 0.34 6.01 4.64
CA LEU A 11 0.28 4.92 5.61
C LEU A 11 0.84 5.35 6.96
N GLN A 12 0.53 4.57 7.99
CA GLN A 12 0.99 4.83 9.34
C GLN A 12 1.67 3.60 9.92
N ILE A 13 2.99 3.66 10.10
CA ILE A 13 3.74 2.53 10.63
C ILE A 13 3.83 2.56 12.15
N ASN A 14 3.86 1.38 12.75
CA ASN A 14 3.94 1.25 14.20
C ASN A 14 4.28 -0.18 14.60
N TYR A 15 5.31 -0.32 15.42
CA TYR A 15 5.75 -1.64 15.88
C TYR A 15 5.56 -1.77 17.39
N ASP A 16 4.92 -2.85 17.82
CA ASP A 16 4.67 -3.07 19.24
C ASP A 16 4.57 -4.55 19.58
N LEU A 17 4.94 -4.88 20.81
CA LEU A 17 4.89 -6.26 21.29
C LEU A 17 5.66 -7.20 20.37
N GLY A 18 6.76 -6.71 19.84
CA GLY A 18 7.58 -7.52 18.95
C GLY A 18 6.88 -7.80 17.63
N ASN A 19 5.83 -7.04 17.35
CA ASN A 19 5.07 -7.20 16.13
C ASN A 19 5.02 -5.90 15.35
N LEU A 20 5.36 -5.96 14.07
CA LEU A 20 5.37 -4.78 13.22
C LEU A 20 3.99 -4.54 12.63
N ILE A 21 3.44 -3.35 12.90
CA ILE A 21 2.12 -2.99 12.39
C ILE A 21 2.19 -1.92 11.31
N ILE A 22 1.39 -2.08 10.28
CA ILE A 22 1.35 -1.14 9.16
C ILE A 22 -0.09 -0.87 8.75
N HIS A 23 -0.43 0.40 8.61
CA HIS A 23 -1.79 0.78 8.22
C HIS A 23 -1.81 1.50 6.89
N ILE A 24 -2.50 0.91 5.91
CA ILE A 24 -2.62 1.51 4.58
C ILE A 24 -3.82 2.44 4.56
N LEU A 25 -3.55 3.74 4.48
CA LEU A 25 -4.62 4.74 4.48
C LEU A 25 -5.14 5.02 3.08
N GLN A 26 -4.48 5.92 2.35
CA GLN A 26 -4.93 6.26 1.01
C GLN A 26 -3.79 6.80 0.15
N ALA A 27 -3.90 6.58 -1.16
CA ALA A 27 -2.90 7.06 -2.11
C ALA A 27 -3.51 8.13 -3.01
N ARG A 28 -2.69 9.08 -3.45
CA ARG A 28 -3.17 10.15 -4.31
C ARG A 28 -2.27 10.34 -5.53
N ASN A 29 -2.75 11.14 -6.48
CA ASN A 29 -1.99 11.42 -7.70
C ASN A 29 -1.70 10.13 -8.46
N LEU A 30 -2.61 9.16 -8.35
CA LEU A 30 -2.44 7.88 -9.03
C LEU A 30 -2.73 8.04 -10.53
N VAL A 31 -2.25 7.08 -11.32
CA VAL A 31 -2.47 7.12 -12.75
C VAL A 31 -3.95 6.92 -13.09
N PRO A 32 -4.61 7.96 -13.64
CA PRO A 32 -6.03 7.88 -13.99
C PRO A 32 -6.30 6.86 -15.10
N ARG A 33 -7.41 6.15 -14.96
CA ARG A 33 -7.80 5.13 -15.94
C ARG A 33 -8.94 5.61 -16.80
N ASP A 34 -9.01 5.12 -18.04
CA ASP A 34 -10.06 5.50 -18.97
C ASP A 34 -11.40 4.88 -18.55
N ASN A 35 -12.49 5.47 -19.02
CA ASN A 35 -13.83 4.98 -18.71
C ASN A 35 -14.22 5.31 -17.26
N ASN A 36 -13.86 6.51 -16.82
CA ASN A 36 -14.17 6.95 -15.46
C ASN A 36 -13.48 6.07 -14.43
N GLY A 37 -14.07 4.90 -14.15
CA GLY A 37 -13.49 3.99 -13.18
C GLY A 37 -14.52 3.09 -12.53
N TYR A 38 -14.11 1.90 -12.15
CA TYR A 38 -15.02 0.94 -11.51
C TYR A 38 -14.26 -0.02 -10.60
N SER A 39 -13.09 -0.45 -11.06
CA SER A 39 -12.27 -1.39 -10.28
C SER A 39 -11.73 -0.73 -9.01
N ASP A 40 -11.57 -1.51 -7.96
CA ASP A 40 -11.08 -1.01 -6.69
C ASP A 40 -9.59 -1.35 -6.51
N PRO A 41 -8.72 -0.33 -6.45
CA PRO A 41 -7.27 -0.55 -6.28
C PRO A 41 -6.94 -1.11 -4.91
N PHE A 42 -6.09 -2.13 -4.88
CA PHE A 42 -5.67 -2.75 -3.62
C PHE A 42 -4.17 -2.60 -3.40
N VAL A 43 -3.72 -2.87 -2.19
CA VAL A 43 -2.31 -2.74 -1.85
C VAL A 43 -1.72 -4.08 -1.39
N LYS A 44 -0.47 -4.31 -1.76
CA LYS A 44 0.24 -5.53 -1.37
C LYS A 44 1.50 -5.16 -0.61
N VAL A 45 1.50 -5.42 0.70
CA VAL A 45 2.63 -5.08 1.55
C VAL A 45 3.30 -6.32 2.14
N TYR A 46 4.60 -6.47 1.85
CA TYR A 46 5.37 -7.58 2.37
C TYR A 46 6.80 -7.16 2.67
N LEU A 47 7.41 -7.81 3.65
CA LEU A 47 8.78 -7.52 4.05
C LEU A 47 9.75 -8.18 3.06
N LEU A 48 10.95 -7.60 2.90
CA LEU A 48 11.94 -8.15 1.97
C LEU A 48 13.18 -8.73 2.67
N PRO A 49 13.01 -9.53 3.74
CA PRO A 49 14.12 -10.14 4.45
C PRO A 49 14.60 -11.42 3.78
N GLY A 50 13.65 -12.21 3.29
CA GLY A 50 13.98 -13.47 2.63
C GLY A 50 12.90 -14.53 2.82
N ARG A 51 11.65 -14.12 2.69
CA ARG A 51 10.52 -15.03 2.85
C ARG A 51 9.69 -15.12 1.57
N GLY A 52 8.84 -14.13 1.36
CA GLY A 52 8.01 -14.12 0.16
C GLY A 52 6.53 -14.22 0.47
N GLN A 53 6.09 -13.53 1.52
CA GLN A 53 4.69 -13.55 1.92
C GLN A 53 4.05 -12.17 1.70
N VAL A 54 3.16 -12.09 0.71
CA VAL A 54 2.49 -10.83 0.40
C VAL A 54 1.13 -10.73 1.09
N MET A 55 0.91 -9.62 1.78
CA MET A 55 -0.36 -9.38 2.46
C MET A 55 -1.14 -8.27 1.79
N VAL A 56 -2.32 -8.59 1.29
CA VAL A 56 -3.16 -7.62 0.61
C VAL A 56 -4.03 -6.85 1.59
N VAL A 57 -4.50 -5.68 1.18
CA VAL A 57 -5.34 -4.83 2.02
C VAL A 57 -6.82 -5.01 1.67
N GLN A 58 -7.68 -4.77 2.66
CA GLN A 58 -9.12 -4.90 2.46
C GLN A 58 -9.78 -3.53 2.31
N ASN A 59 -11.05 -3.53 1.96
CA ASN A 59 -11.80 -2.28 1.78
C ASN A 59 -12.53 -1.90 3.07
N ALA A 60 -12.94 -0.64 3.14
CA ALA A 60 -13.65 -0.13 4.30
C ALA A 60 -15.15 -0.01 4.03
N SER A 61 -15.90 0.52 5.00
CA SER A 61 -17.34 0.69 4.86
C SER A 61 -17.72 1.21 3.48
N ALA A 62 -18.19 0.31 2.63
CA ALA A 62 -18.58 0.66 1.26
C ALA A 62 -19.61 1.80 1.26
N GLU A 63 -20.33 1.95 2.36
CA GLU A 63 -21.34 2.99 2.46
C GLU A 63 -20.73 4.37 2.24
N TYR A 64 -19.51 4.56 2.74
CA TYR A 64 -18.81 5.83 2.59
C TYR A 64 -17.93 5.82 1.34
N LYS A 65 -17.46 4.64 0.95
CA LYS A 65 -16.62 4.51 -0.23
C LYS A 65 -17.45 4.65 -1.50
N ARG A 66 -18.61 3.99 -1.50
CA ARG A 66 -19.52 4.04 -2.64
C ARG A 66 -19.70 5.46 -3.15
N ARG A 67 -19.58 6.43 -2.24
CA ARG A 67 -19.73 7.84 -2.59
C ARG A 67 -18.41 8.41 -3.10
N THR A 68 -17.30 7.90 -2.56
CA THR A 68 -15.98 8.37 -2.97
C THR A 68 -15.38 7.45 -4.03
N LYS A 69 -16.22 6.59 -4.61
CA LYS A 69 -15.76 5.66 -5.64
C LYS A 69 -15.93 6.25 -7.03
N TYR A 70 -16.25 7.55 -7.10
CA TYR A 70 -16.45 8.21 -8.37
C TYR A 70 -15.12 8.72 -8.94
N VAL A 71 -14.58 9.77 -8.33
CA VAL A 71 -13.32 10.35 -8.77
C VAL A 71 -12.15 9.82 -7.94
N GLN A 72 -12.40 9.52 -6.68
CA GLN A 72 -11.36 9.02 -5.78
C GLN A 72 -10.90 7.62 -6.19
N LYS A 73 -11.85 6.76 -6.49
CA LYS A 73 -11.54 5.38 -6.88
C LYS A 73 -10.60 5.35 -8.09
N SER A 74 -10.62 6.41 -8.89
CA SER A 74 -9.78 6.48 -10.08
C SER A 74 -8.56 7.37 -9.87
N LEU A 75 -8.63 8.27 -8.90
CA LEU A 75 -7.51 9.18 -8.63
C LEU A 75 -6.85 8.89 -7.29
N ASN A 76 -7.64 8.86 -6.22
CA ASN A 76 -7.10 8.60 -4.89
C ASN A 76 -7.92 7.54 -4.15
N PRO A 77 -7.49 6.27 -4.21
CA PRO A 77 -8.18 5.17 -3.54
C PRO A 77 -7.73 5.00 -2.09
N GLU A 78 -8.67 5.08 -1.17
CA GLU A 78 -8.36 4.93 0.25
C GLU A 78 -8.59 3.50 0.73
N TRP A 79 -8.20 3.22 1.97
CA TRP A 79 -8.37 1.89 2.54
C TRP A 79 -8.59 1.95 4.05
N ASN A 80 -7.74 2.71 4.75
CA ASN A 80 -7.86 2.83 6.19
C ASN A 80 -7.82 1.46 6.86
N GLN A 81 -6.88 0.63 6.43
CA GLN A 81 -6.73 -0.72 6.97
C GLN A 81 -5.48 -0.82 7.84
N THR A 82 -5.32 -1.96 8.50
CA THR A 82 -4.17 -2.19 9.36
C THR A 82 -3.70 -3.63 9.28
N VAL A 83 -2.37 -3.81 9.28
CA VAL A 83 -1.78 -5.14 9.21
C VAL A 83 -0.65 -5.25 10.23
N ILE A 84 -0.34 -6.49 10.62
CA ILE A 84 0.73 -6.72 11.58
C ILE A 84 1.58 -7.93 11.21
N TYR A 85 2.83 -7.91 11.67
CA TYR A 85 3.76 -9.00 11.41
C TYR A 85 4.40 -9.44 12.72
N LYS A 86 3.67 -10.22 13.48
CA LYS A 86 4.14 -10.70 14.78
C LYS A 86 5.33 -11.64 14.63
N SER A 87 6.18 -11.66 15.65
CA SER A 87 7.36 -12.52 15.68
C SER A 87 8.56 -11.81 15.03
N ILE A 88 8.65 -10.51 15.25
CA ILE A 88 9.73 -9.72 14.69
C ILE A 88 10.26 -8.71 15.71
N SER A 89 11.56 -8.79 15.98
CA SER A 89 12.19 -7.88 16.94
C SER A 89 13.05 -6.86 16.21
N MET A 90 13.31 -5.72 16.86
CA MET A 90 14.12 -4.66 16.26
C MET A 90 15.39 -5.23 15.65
N GLU A 91 15.87 -6.34 16.20
CA GLU A 91 17.08 -6.98 15.69
C GLU A 91 16.90 -7.38 14.23
N GLN A 92 15.80 -8.08 13.94
CA GLN A 92 15.51 -8.52 12.59
C GLN A 92 14.71 -7.46 11.83
N LEU A 93 13.79 -6.81 12.55
CA LEU A 93 12.95 -5.77 11.95
C LEU A 93 13.82 -4.71 11.25
N MET A 94 14.88 -4.29 11.93
CA MET A 94 15.78 -3.30 11.38
C MET A 94 16.42 -3.79 10.08
N LYS A 95 16.36 -5.11 9.86
CA LYS A 95 16.94 -5.70 8.65
C LYS A 95 15.88 -5.95 7.58
N LYS A 96 14.61 -5.81 7.95
CA LYS A 96 13.52 -6.01 7.00
C LYS A 96 12.93 -4.68 6.55
N THR A 97 12.51 -4.61 5.29
CA THR A 97 11.97 -3.39 4.73
C THR A 97 10.53 -3.56 4.26
N LEU A 98 9.67 -2.62 4.63
CA LEU A 98 8.27 -2.66 4.23
C LEU A 98 8.10 -2.15 2.81
N GLU A 99 7.54 -3.00 1.94
CA GLU A 99 7.34 -2.62 0.55
C GLU A 99 5.86 -2.51 0.21
N VAL A 100 5.37 -1.28 0.14
CA VAL A 100 3.97 -1.04 -0.19
C VAL A 100 3.78 -0.98 -1.70
N THR A 101 2.88 -1.80 -2.23
CA THR A 101 2.64 -1.83 -3.66
C THR A 101 1.16 -1.77 -3.98
N VAL A 102 0.77 -0.79 -4.80
CA VAL A 102 -0.61 -0.62 -5.20
C VAL A 102 -0.89 -1.38 -6.49
N TRP A 103 -2.06 -2.01 -6.58
CA TRP A 103 -2.43 -2.77 -7.77
C TRP A 103 -3.89 -2.56 -8.13
N ASP A 104 -4.17 -2.48 -9.42
CA ASP A 104 -5.53 -2.30 -9.92
C ASP A 104 -5.88 -3.38 -10.94
N TYR A 105 -6.91 -4.16 -10.65
CA TYR A 105 -7.34 -5.23 -11.54
C TYR A 105 -8.54 -4.80 -12.38
N ASP A 106 -8.37 -4.82 -13.69
CA ASP A 106 -9.44 -4.44 -14.62
C ASP A 106 -10.56 -5.48 -14.62
N ARG A 107 -11.56 -5.23 -15.46
CA ARG A 107 -12.70 -6.15 -15.59
C ARG A 107 -12.25 -7.53 -16.06
N PHE A 108 -11.12 -7.57 -16.76
CA PHE A 108 -10.59 -8.83 -17.27
C PHE A 108 -9.93 -9.65 -16.16
N SER A 109 -9.90 -9.10 -14.94
CA SER A 109 -9.31 -9.80 -13.81
C SER A 109 -7.79 -9.79 -13.90
N SER A 110 -7.23 -8.71 -14.43
CA SER A 110 -5.79 -8.58 -14.59
C SER A 110 -5.24 -7.54 -13.61
N ASN A 111 -4.66 -8.01 -12.52
CA ASN A 111 -4.08 -7.14 -11.51
C ASN A 111 -2.94 -6.31 -12.08
N ASP A 112 -3.25 -5.11 -12.53
CA ASP A 112 -2.24 -4.21 -13.10
C ASP A 112 -1.55 -3.40 -12.01
N PHE A 113 -0.24 -3.21 -12.15
CA PHE A 113 0.53 -2.45 -11.17
C PHE A 113 0.09 -0.99 -11.15
N LEU A 114 0.32 -0.32 -10.02
CA LEU A 114 -0.06 1.09 -9.88
C LEU A 114 1.01 1.90 -9.15
N GLY A 115 1.71 1.28 -8.21
CA GLY A 115 2.73 1.99 -7.46
C GLY A 115 3.44 1.10 -6.46
N GLU A 116 4.69 1.44 -6.15
CA GLU A 116 5.49 0.65 -5.20
C GLU A 116 6.41 1.55 -4.39
N VAL A 117 6.35 1.42 -3.07
CA VAL A 117 7.20 2.22 -2.20
C VAL A 117 8.03 1.33 -1.27
N LEU A 118 9.30 1.68 -1.12
CA LEU A 118 10.20 0.92 -0.27
C LEU A 118 10.51 1.68 1.01
N ILE A 119 10.20 1.08 2.15
CA ILE A 119 10.44 1.70 3.45
C ILE A 119 11.34 0.84 4.33
N ASP A 120 12.63 1.20 4.39
CA ASP A 120 13.58 0.47 5.20
C ASP A 120 13.27 0.69 6.68
N LEU A 121 12.85 -0.38 7.36
CA LEU A 121 12.51 -0.29 8.78
C LEU A 121 13.75 -0.20 9.66
N SER A 122 14.93 -0.20 9.03
CA SER A 122 16.18 -0.10 9.79
C SER A 122 16.26 1.26 10.49
N SER A 123 15.45 2.21 10.03
CA SER A 123 15.43 3.55 10.60
C SER A 123 14.05 4.17 10.52
N THR A 124 13.04 3.34 10.28
CA THR A 124 11.66 3.81 10.17
C THR A 124 11.28 4.72 11.32
N SER A 125 11.38 6.03 11.10
CA SER A 125 11.04 7.01 12.12
C SER A 125 9.52 7.17 12.22
N HIS A 126 8.80 6.61 11.26
CA HIS A 126 7.34 6.69 11.24
C HIS A 126 6.71 5.67 12.19
N LEU A 127 7.56 4.89 12.87
CA LEU A 127 7.10 3.88 13.81
C LEU A 127 6.12 4.46 14.81
N ASP A 128 6.38 5.66 15.27
CA ASP A 128 5.52 6.34 16.23
C ASP A 128 4.17 6.71 15.63
N ASN A 129 3.54 5.76 14.92
CA ASN A 129 2.23 6.00 14.30
C ASN A 129 2.21 7.34 13.57
N THR A 130 2.93 7.43 12.46
CA THR A 130 2.99 8.64 11.68
C THR A 130 2.34 8.43 10.31
N PRO A 131 1.08 8.89 10.12
CA PRO A 131 0.37 8.74 8.87
C PRO A 131 0.81 9.76 7.83
N ARG A 132 1.79 9.37 7.02
CA ARG A 132 2.32 10.26 5.98
C ARG A 132 2.26 9.60 4.61
N TRP A 133 2.54 10.37 3.57
CA TRP A 133 2.53 9.86 2.20
C TRP A 133 3.93 9.43 1.77
N TYR A 134 3.98 8.37 0.96
CA TYR A 134 5.24 7.85 0.46
C TYR A 134 5.21 7.77 -1.07
N PRO A 135 6.13 8.50 -1.75
CA PRO A 135 6.20 8.52 -3.21
C PRO A 135 6.35 7.12 -3.81
N LEU A 136 5.33 6.70 -4.55
CA LEU A 136 5.33 5.39 -5.20
C LEU A 136 6.28 5.38 -6.40
N LYS A 137 6.83 4.22 -6.71
CA LYS A 137 7.74 4.07 -7.84
C LYS A 137 7.26 2.99 -8.79
N GLU A 138 8.08 2.67 -9.78
CA GLU A 138 7.74 1.65 -10.77
C GLU A 138 8.48 0.34 -10.47
N GLN A 139 7.89 -0.77 -10.91
CA GLN A 139 8.49 -2.08 -10.69
C GLN A 139 9.89 -2.15 -11.28
N THR A 140 10.88 -1.79 -10.47
CA THR A 140 12.27 -1.80 -10.90
C THR A 140 12.91 -3.16 -10.62
N GLU A 141 13.49 -3.76 -11.65
CA GLU A 141 14.14 -5.06 -11.51
C GLU A 141 15.59 -5.00 -11.96
N SER A 142 16.48 -4.60 -11.05
CA SER A 142 17.90 -4.49 -11.35
C SER A 142 18.73 -5.23 -10.30
N ALA A 1 -2.01 -18.33 -18.73
CA ALA A 1 -2.96 -17.37 -18.11
C ALA A 1 -2.41 -16.81 -16.81
N SER A 2 -1.87 -15.60 -16.86
CA SER A 2 -1.31 -14.95 -15.67
C SER A 2 -1.24 -13.44 -15.86
N HIS A 3 -1.03 -12.73 -14.75
CA HIS A 3 -0.94 -11.27 -14.80
C HIS A 3 0.33 -10.78 -14.10
N PRO A 4 1.13 -9.93 -14.78
CA PRO A 4 2.37 -9.41 -14.22
C PRO A 4 2.14 -8.23 -13.29
N ILE A 5 3.07 -8.02 -12.36
CA ILE A 5 2.97 -6.92 -11.40
C ILE A 5 3.65 -5.67 -11.93
N THR A 6 2.90 -4.57 -11.97
CA THR A 6 3.43 -3.30 -12.47
C THR A 6 2.79 -2.12 -11.77
N GLY A 7 3.29 -0.93 -12.05
CA GLY A 7 2.75 0.28 -11.45
C GLY A 7 3.44 0.66 -10.16
N GLU A 8 3.07 1.82 -9.62
CA GLU A 8 3.65 2.31 -8.37
C GLU A 8 2.56 2.51 -7.32
N ILE A 9 2.94 3.07 -6.17
CA ILE A 9 1.99 3.30 -5.09
C ILE A 9 2.22 4.67 -4.46
N GLN A 10 1.12 5.39 -4.22
CA GLN A 10 1.19 6.71 -3.61
C GLN A 10 0.80 6.64 -2.14
N LEU A 11 1.67 7.12 -1.26
CA LEU A 11 1.39 7.11 0.17
C LEU A 11 2.10 8.26 0.88
N GLN A 12 1.66 8.56 2.08
CA GLN A 12 2.25 9.63 2.88
C GLN A 12 2.82 9.08 4.18
N ILE A 13 4.14 9.20 4.34
CA ILE A 13 4.82 8.69 5.52
C ILE A 13 5.08 9.82 6.52
N ASN A 14 4.94 9.50 7.81
CA ASN A 14 5.16 10.48 8.86
C ASN A 14 5.28 9.79 10.23
N TYR A 15 6.30 10.15 10.98
CA TYR A 15 6.51 9.57 12.30
C TYR A 15 6.38 10.66 13.37
N ASP A 16 5.57 10.38 14.39
CA ASP A 16 5.36 11.34 15.47
C ASP A 16 5.00 10.66 16.79
N LEU A 17 5.33 11.34 17.88
CA LEU A 17 5.05 10.83 19.23
C LEU A 17 5.53 9.40 19.39
N GLY A 18 6.69 9.10 18.81
CA GLY A 18 7.23 7.76 18.91
C GLY A 18 6.33 6.74 18.23
N ASN A 19 5.51 7.21 17.31
CA ASN A 19 4.59 6.36 16.57
C ASN A 19 4.78 6.56 15.07
N LEU A 20 4.96 5.47 14.35
CA LEU A 20 5.16 5.54 12.91
C LEU A 20 3.82 5.54 12.18
N ILE A 21 3.59 6.57 11.36
CA ILE A 21 2.35 6.69 10.61
C ILE A 21 2.58 6.57 9.10
N ILE A 22 1.71 5.81 8.45
CA ILE A 22 1.80 5.60 7.01
C ILE A 22 0.40 5.69 6.39
N HIS A 23 0.23 6.59 5.43
CA HIS A 23 -1.06 6.77 4.79
C HIS A 23 -1.05 6.29 3.34
N ILE A 24 -1.78 5.21 3.08
CA ILE A 24 -1.87 4.65 1.73
C ILE A 24 -2.86 5.46 0.92
N LEU A 25 -2.41 5.99 -0.22
CA LEU A 25 -3.27 6.81 -1.06
C LEU A 25 -3.78 6.06 -2.29
N GLN A 26 -2.98 6.00 -3.34
CA GLN A 26 -3.41 5.34 -4.57
C GLN A 26 -2.24 4.87 -5.41
N ALA A 27 -2.43 3.77 -6.13
CA ALA A 27 -1.40 3.22 -7.00
C ALA A 27 -1.76 3.49 -8.46
N ARG A 28 -0.74 3.52 -9.32
CA ARG A 28 -0.97 3.78 -10.74
C ARG A 28 -0.24 2.77 -11.62
N ASN A 29 -0.68 2.67 -12.88
CA ASN A 29 -0.07 1.76 -13.85
C ASN A 29 -0.08 0.32 -13.32
N LEU A 30 -1.13 -0.03 -12.58
CA LEU A 30 -1.25 -1.37 -12.04
C LEU A 30 -1.44 -2.39 -13.15
N VAL A 31 -1.61 -3.65 -12.77
CA VAL A 31 -1.80 -4.71 -13.75
C VAL A 31 -3.25 -4.75 -14.24
N PRO A 32 -3.48 -4.40 -15.52
CA PRO A 32 -4.82 -4.40 -16.11
C PRO A 32 -5.36 -5.81 -16.35
N ARG A 33 -6.67 -5.99 -16.15
CA ARG A 33 -7.29 -7.29 -16.35
C ARG A 33 -8.58 -7.15 -17.15
N ASP A 34 -8.66 -7.86 -18.27
CA ASP A 34 -9.83 -7.82 -19.13
C ASP A 34 -11.03 -8.48 -18.44
N ASN A 35 -12.22 -8.05 -18.81
CA ASN A 35 -13.45 -8.59 -18.23
C ASN A 35 -13.48 -8.38 -16.72
N ASN A 36 -12.98 -7.24 -16.28
CA ASN A 36 -12.95 -6.91 -14.86
C ASN A 36 -13.35 -5.46 -14.62
N GLY A 37 -13.65 -5.13 -13.37
CA GLY A 37 -14.05 -3.78 -13.03
C GLY A 37 -15.17 -3.74 -12.02
N TYR A 38 -14.84 -4.01 -10.75
CA TYR A 38 -15.83 -4.00 -9.69
C TYR A 38 -15.17 -4.26 -8.33
N SER A 39 -14.21 -5.17 -8.32
CA SER A 39 -13.50 -5.51 -7.08
C SER A 39 -12.62 -4.36 -6.63
N ASP A 40 -12.54 -4.16 -5.31
CA ASP A 40 -11.73 -3.09 -4.75
C ASP A 40 -10.48 -3.66 -4.07
N PRO A 41 -9.28 -3.37 -4.63
CA PRO A 41 -8.02 -3.86 -4.08
C PRO A 41 -7.66 -3.17 -2.76
N PHE A 42 -6.83 -3.85 -1.96
CA PHE A 42 -6.41 -3.30 -0.67
C PHE A 42 -4.90 -3.41 -0.52
N VAL A 43 -4.36 -2.75 0.50
CA VAL A 43 -2.92 -2.77 0.74
C VAL A 43 -2.59 -3.37 2.11
N LYS A 44 -1.37 -3.87 2.24
CA LYS A 44 -0.91 -4.48 3.48
C LYS A 44 0.47 -3.90 3.84
N VAL A 45 0.53 -3.14 4.94
CA VAL A 45 1.79 -2.52 5.34
C VAL A 45 2.21 -2.92 6.76
N TYR A 46 3.41 -3.49 6.87
CA TYR A 46 3.95 -3.90 8.15
C TYR A 46 5.47 -3.69 8.20
N LEU A 47 6.03 -3.68 9.40
CA LEU A 47 7.47 -3.52 9.58
C LEU A 47 8.13 -4.90 9.56
N LEU A 48 9.22 -5.04 8.80
CA LEU A 48 9.92 -6.31 8.70
C LEU A 48 10.23 -6.90 10.08
N PRO A 49 10.81 -6.11 10.99
CA PRO A 49 11.15 -6.56 12.32
C PRO A 49 10.06 -6.23 13.34
N GLY A 50 10.41 -6.30 14.62
CA GLY A 50 9.45 -6.00 15.67
C GLY A 50 8.36 -7.05 15.79
N ARG A 51 7.14 -6.60 16.03
CA ARG A 51 6.00 -7.51 16.17
C ARG A 51 5.86 -8.41 14.94
N GLY A 52 5.43 -7.82 13.83
CA GLY A 52 5.26 -8.59 12.61
C GLY A 52 3.81 -8.64 12.15
N GLN A 53 2.99 -7.73 12.66
CA GLN A 53 1.58 -7.69 12.29
C GLN A 53 1.39 -6.97 10.96
N VAL A 54 0.44 -7.44 10.16
CA VAL A 54 0.16 -6.84 8.86
C VAL A 54 -1.08 -5.95 8.89
N MET A 55 -0.87 -4.67 8.64
CA MET A 55 -1.98 -3.72 8.60
C MET A 55 -2.70 -3.80 7.26
N VAL A 56 -3.97 -3.44 7.24
CA VAL A 56 -4.75 -3.46 6.02
C VAL A 56 -5.47 -2.15 5.79
N VAL A 57 -5.53 -1.73 4.53
CA VAL A 57 -6.18 -0.48 4.15
C VAL A 57 -7.68 -0.68 3.93
N GLN A 58 -8.48 0.10 4.65
CA GLN A 58 -9.93 0.02 4.53
C GLN A 58 -10.42 0.89 3.38
N ASN A 59 -11.70 0.77 3.06
CA ASN A 59 -12.28 1.54 1.97
C ASN A 59 -12.83 2.88 2.47
N ALA A 60 -12.94 3.84 1.57
CA ALA A 60 -13.45 5.17 1.90
C ALA A 60 -14.81 5.41 1.27
N SER A 61 -15.33 6.62 1.45
CA SER A 61 -16.65 7.01 0.90
C SER A 61 -16.90 6.37 -0.46
N ALA A 62 -17.82 5.41 -0.50
CA ALA A 62 -18.16 4.71 -1.73
C ALA A 62 -18.70 5.66 -2.79
N GLU A 63 -19.26 6.78 -2.35
CA GLU A 63 -19.81 7.77 -3.27
C GLU A 63 -18.74 8.28 -4.23
N TYR A 64 -17.52 8.42 -3.73
CA TYR A 64 -16.41 8.90 -4.56
C TYR A 64 -15.72 7.72 -5.26
N LYS A 65 -15.67 6.59 -4.58
CA LYS A 65 -15.07 5.39 -5.16
C LYS A 65 -15.94 4.87 -6.29
N ARG A 66 -17.20 4.61 -5.96
CA ARG A 66 -18.17 4.13 -6.94
C ARG A 66 -18.14 5.01 -8.18
N ARG A 67 -17.87 6.29 -7.96
CA ARG A 67 -17.81 7.26 -9.04
C ARG A 67 -16.46 7.18 -9.74
N THR A 68 -15.38 7.19 -8.97
CA THR A 68 -14.03 7.11 -9.51
C THR A 68 -13.66 5.66 -9.84
N LYS A 69 -14.64 4.90 -10.33
CA LYS A 69 -14.41 3.51 -10.67
C LYS A 69 -14.28 3.30 -12.18
N TYR A 70 -14.49 4.36 -12.96
CA TYR A 70 -14.38 4.24 -14.41
C TYR A 70 -12.97 3.80 -14.81
N VAL A 71 -12.01 4.71 -14.70
CA VAL A 71 -10.62 4.42 -15.05
C VAL A 71 -9.79 4.08 -13.82
N GLN A 72 -9.98 4.86 -12.75
CA GLN A 72 -9.22 4.68 -11.52
C GLN A 72 -9.24 3.22 -11.03
N LYS A 73 -10.42 2.72 -10.70
CA LYS A 73 -10.56 1.35 -10.22
C LYS A 73 -10.02 0.34 -11.23
N SER A 74 -9.85 0.78 -12.47
CA SER A 74 -9.35 -0.10 -13.52
C SER A 74 -7.82 -0.15 -13.54
N LEU A 75 -7.19 1.02 -13.52
CA LEU A 75 -5.72 1.09 -13.56
C LEU A 75 -5.11 1.65 -12.27
N ASN A 76 -5.75 2.67 -11.70
CA ASN A 76 -5.23 3.28 -10.48
C ASN A 76 -6.26 3.27 -9.35
N PRO A 77 -6.18 2.26 -8.47
CA PRO A 77 -7.09 2.12 -7.34
C PRO A 77 -6.61 2.92 -6.12
N GLU A 78 -7.45 3.84 -5.65
CA GLU A 78 -7.10 4.67 -4.50
C GLU A 78 -7.72 4.14 -3.21
N TRP A 79 -7.29 4.70 -2.08
CA TRP A 79 -7.79 4.29 -0.77
C TRP A 79 -7.88 5.48 0.18
N ASN A 80 -6.78 6.22 0.30
CA ASN A 80 -6.72 7.38 1.18
C ASN A 80 -6.93 6.97 2.65
N GLN A 81 -6.16 5.98 3.10
CA GLN A 81 -6.27 5.51 4.48
C GLN A 81 -5.02 5.87 5.27
N THR A 82 -5.06 5.66 6.58
CA THR A 82 -3.93 5.98 7.44
C THR A 82 -3.79 4.97 8.59
N VAL A 83 -2.55 4.58 8.87
CA VAL A 83 -2.26 3.64 9.95
C VAL A 83 -1.09 4.15 10.79
N ILE A 84 -0.98 3.65 12.02
CA ILE A 84 0.10 4.07 12.90
C ILE A 84 0.67 2.89 13.68
N TYR A 85 1.91 3.04 14.10
CA TYR A 85 2.61 2.02 14.87
C TYR A 85 3.13 2.62 16.17
N LYS A 86 2.24 2.72 17.16
CA LYS A 86 2.59 3.30 18.44
C LYS A 86 3.58 2.41 19.19
N SER A 87 4.55 3.05 19.84
CA SER A 87 5.60 2.36 20.60
C SER A 87 6.81 2.06 19.73
N ILE A 88 7.04 2.93 18.75
CA ILE A 88 8.16 2.77 17.85
C ILE A 88 8.94 4.09 17.74
N SER A 89 10.17 4.09 18.23
CA SER A 89 11.00 5.29 18.19
C SER A 89 12.00 5.23 17.04
N MET A 90 12.55 6.39 16.68
CA MET A 90 13.52 6.46 15.58
C MET A 90 14.67 5.48 15.80
N GLU A 91 14.91 5.10 17.05
CA GLU A 91 15.97 4.17 17.39
C GLU A 91 15.72 2.81 16.73
N GLN A 92 14.57 2.23 17.02
CA GLN A 92 14.20 0.94 16.45
C GLN A 92 13.53 1.13 15.09
N LEU A 93 12.84 2.26 14.93
CA LEU A 93 12.17 2.58 13.69
C LEU A 93 13.15 2.58 12.53
N MET A 94 14.23 3.31 12.67
CA MET A 94 15.26 3.38 11.64
C MET A 94 15.83 2.01 11.34
N LYS A 95 15.67 1.09 12.30
CA LYS A 95 16.15 -0.28 12.12
C LYS A 95 15.14 -1.14 11.38
N LYS A 96 13.87 -0.71 11.40
CA LYS A 96 12.81 -1.44 10.73
C LYS A 96 12.62 -0.94 9.30
N THR A 97 11.91 -1.71 8.49
CA THR A 97 11.66 -1.33 7.11
C THR A 97 10.17 -1.45 6.76
N LEU A 98 9.61 -0.35 6.25
CA LEU A 98 8.20 -0.34 5.87
C LEU A 98 8.00 -0.99 4.52
N GLU A 99 7.11 -1.99 4.47
CA GLU A 99 6.85 -2.70 3.22
C GLU A 99 5.38 -2.60 2.82
N VAL A 100 5.12 -1.86 1.74
CA VAL A 100 3.76 -1.69 1.24
C VAL A 100 3.45 -2.76 0.21
N THR A 101 2.36 -3.50 0.45
CA THR A 101 1.97 -4.57 -0.47
C THR A 101 0.52 -4.43 -0.90
N VAL A 102 0.29 -4.44 -2.21
CA VAL A 102 -1.05 -4.31 -2.76
C VAL A 102 -1.64 -5.68 -3.07
N TRP A 103 -2.88 -5.90 -2.67
CA TRP A 103 -3.56 -7.17 -2.91
C TRP A 103 -4.98 -6.95 -3.43
N ASP A 104 -5.44 -7.86 -4.28
CA ASP A 104 -6.77 -7.77 -4.85
C ASP A 104 -7.57 -9.04 -4.58
N TYR A 105 -8.86 -8.89 -4.31
CA TYR A 105 -9.73 -10.03 -4.04
C TYR A 105 -9.96 -10.86 -5.29
N ASP A 106 -9.79 -12.17 -5.16
CA ASP A 106 -9.99 -13.07 -6.28
C ASP A 106 -11.45 -13.54 -6.36
N ARG A 107 -11.74 -14.40 -7.32
CA ARG A 107 -13.10 -14.92 -7.50
C ARG A 107 -13.36 -16.08 -6.54
N PHE A 108 -12.32 -16.81 -6.20
CA PHE A 108 -12.44 -17.95 -5.30
C PHE A 108 -12.73 -17.48 -3.87
N SER A 109 -11.82 -16.70 -3.31
CA SER A 109 -11.97 -16.19 -1.95
C SER A 109 -10.71 -15.45 -1.52
N SER A 110 -9.56 -16.12 -1.63
CA SER A 110 -8.29 -15.53 -1.25
C SER A 110 -8.01 -14.26 -2.05
N ASN A 111 -6.86 -13.64 -1.79
CA ASN A 111 -6.48 -12.43 -2.49
C ASN A 111 -5.23 -12.64 -3.33
N ASP A 112 -5.15 -11.96 -4.46
CA ASP A 112 -4.00 -12.07 -5.35
C ASP A 112 -3.06 -10.88 -5.22
N PHE A 113 -1.76 -11.13 -5.27
CA PHE A 113 -0.77 -10.08 -5.16
C PHE A 113 -0.93 -9.04 -6.27
N LEU A 114 -0.50 -7.81 -6.01
CA LEU A 114 -0.61 -6.74 -6.99
C LEU A 114 0.62 -5.83 -7.01
N GLY A 115 1.34 -5.75 -5.89
CA GLY A 115 2.52 -4.91 -5.83
C GLY A 115 3.16 -4.91 -4.46
N GLU A 116 4.48 -4.72 -4.42
CA GLU A 116 5.21 -4.69 -3.16
C GLU A 116 6.32 -3.65 -3.19
N VAL A 117 6.27 -2.70 -2.25
CA VAL A 117 7.29 -1.65 -2.18
C VAL A 117 8.05 -1.71 -0.87
N LEU A 118 9.37 -1.74 -0.96
CA LEU A 118 10.23 -1.81 0.22
C LEU A 118 10.76 -0.41 0.58
N ILE A 119 10.52 0.02 1.81
CA ILE A 119 10.98 1.32 2.27
C ILE A 119 11.76 1.21 3.58
N ASP A 120 13.05 1.50 3.51
CA ASP A 120 13.90 1.45 4.70
C ASP A 120 13.68 2.67 5.57
N LEU A 121 13.24 2.45 6.80
CA LEU A 121 12.98 3.54 7.73
C LEU A 121 14.27 4.12 8.31
N SER A 122 15.40 3.54 7.95
CA SER A 122 16.69 4.01 8.44
C SER A 122 17.11 5.29 7.73
N SER A 123 16.49 5.55 6.58
CA SER A 123 16.81 6.75 5.81
C SER A 123 15.58 7.23 5.04
N THR A 124 14.41 6.84 5.52
CA THR A 124 13.15 7.21 4.88
C THR A 124 12.98 8.73 4.86
N SER A 125 13.66 9.38 3.92
CA SER A 125 13.58 10.83 3.78
C SER A 125 12.20 11.23 3.25
N HIS A 126 11.41 10.23 2.84
CA HIS A 126 10.08 10.47 2.31
C HIS A 126 9.07 10.75 3.42
N LEU A 127 9.55 10.86 4.66
CA LEU A 127 8.68 11.16 5.78
C LEU A 127 8.16 12.58 5.64
N ASP A 128 8.63 13.48 6.50
CA ASP A 128 8.22 14.88 6.47
C ASP A 128 6.71 15.04 6.23
N ASN A 129 5.95 13.96 6.45
CA ASN A 129 4.51 13.99 6.25
C ASN A 129 4.16 14.47 4.84
N THR A 130 4.76 13.84 3.84
CA THR A 130 4.52 14.20 2.44
C THR A 130 4.12 12.99 1.62
N PRO A 131 3.04 13.11 0.81
CA PRO A 131 2.56 12.00 -0.03
C PRO A 131 3.29 11.91 -1.37
N ARG A 132 4.01 10.81 -1.57
CA ARG A 132 4.75 10.61 -2.81
C ARG A 132 4.52 9.21 -3.35
N TRP A 133 4.99 8.97 -4.57
CA TRP A 133 4.83 7.66 -5.22
C TRP A 133 6.00 6.73 -4.88
N TYR A 134 5.75 5.43 -5.01
CA TYR A 134 6.77 4.42 -4.72
C TYR A 134 6.66 3.25 -5.70
N PRO A 135 7.79 2.79 -6.27
CA PRO A 135 7.80 1.68 -7.22
C PRO A 135 7.40 0.36 -6.57
N LEU A 136 6.59 -0.42 -7.28
CA LEU A 136 6.14 -1.71 -6.78
C LEU A 136 6.95 -2.85 -7.37
N LYS A 137 7.15 -3.91 -6.59
CA LYS A 137 7.91 -5.07 -7.04
C LYS A 137 6.98 -6.27 -7.25
N GLU A 138 7.57 -7.39 -7.65
CA GLU A 138 6.80 -8.61 -7.88
C GLU A 138 7.07 -9.65 -6.80
N GLN A 139 6.17 -10.61 -6.67
CA GLN A 139 6.31 -11.66 -5.67
C GLN A 139 7.53 -12.53 -5.96
N THR A 140 8.65 -12.17 -5.35
CA THR A 140 9.90 -12.90 -5.54
C THR A 140 9.81 -14.29 -4.90
N GLU A 141 10.56 -15.23 -5.45
CA GLU A 141 10.57 -16.60 -4.94
C GLU A 141 11.67 -16.78 -3.89
N SER A 142 11.25 -17.08 -2.66
CA SER A 142 12.20 -17.28 -1.56
C SER A 142 13.02 -16.01 -1.32
N ALA A 1 6.82 -2.21 -24.56
CA ALA A 1 6.22 -1.13 -23.74
C ALA A 1 6.55 -1.31 -22.26
N SER A 2 6.79 -0.20 -21.58
CA SER A 2 7.12 -0.24 -20.15
C SER A 2 6.30 0.78 -19.38
N HIS A 3 5.56 0.30 -18.38
CA HIS A 3 4.72 1.17 -17.56
C HIS A 3 5.53 1.80 -16.43
N PRO A 4 5.57 3.15 -16.37
CA PRO A 4 6.32 3.86 -15.33
C PRO A 4 5.61 3.84 -13.98
N ILE A 5 6.36 4.01 -12.91
CA ILE A 5 5.81 4.02 -11.56
C ILE A 5 5.39 5.43 -11.14
N THR A 6 4.09 5.63 -10.95
CA THR A 6 3.57 6.93 -10.56
C THR A 6 2.35 6.79 -9.67
N GLY A 7 1.85 7.92 -9.18
CA GLY A 7 0.68 7.91 -8.32
C GLY A 7 1.03 7.94 -6.84
N GLU A 8 0.03 8.22 -6.01
CA GLU A 8 0.21 8.28 -4.57
C GLU A 8 -0.66 7.24 -3.88
N ILE A 9 -0.42 7.01 -2.59
CA ILE A 9 -1.20 6.03 -1.83
C ILE A 9 -1.82 6.67 -0.59
N GLN A 10 -3.01 6.21 -0.23
CA GLN A 10 -3.71 6.73 0.95
C GLN A 10 -3.90 5.64 1.98
N LEU A 11 -3.37 5.85 3.18
CA LEU A 11 -3.50 4.87 4.25
C LEU A 11 -3.51 5.54 5.62
N GLN A 12 -4.14 4.87 6.58
CA GLN A 12 -4.22 5.38 7.95
C GLN A 12 -3.22 4.63 8.83
N ILE A 13 -2.64 5.33 9.79
CA ILE A 13 -1.65 4.73 10.67
C ILE A 13 -1.93 5.06 12.13
N ASN A 14 -1.96 4.02 12.96
CA ASN A 14 -2.22 4.17 14.38
C ASN A 14 -1.57 3.03 15.16
N TYR A 15 -0.70 3.38 16.09
CA TYR A 15 -0.02 2.37 16.90
C TYR A 15 -0.57 2.35 18.31
N ASP A 16 -0.93 1.16 18.78
CA ASP A 16 -1.49 1.01 20.12
C ASP A 16 -1.22 -0.36 20.71
N LEU A 17 -1.15 -0.43 22.04
CA LEU A 17 -0.91 -1.68 22.75
C LEU A 17 0.32 -2.41 22.22
N GLY A 18 1.34 -1.64 21.88
CA GLY A 18 2.56 -2.22 21.37
C GLY A 18 2.37 -2.88 20.02
N ASN A 19 1.32 -2.49 19.32
CA ASN A 19 1.02 -3.03 18.01
C ASN A 19 0.83 -1.89 17.01
N LEU A 20 1.51 -1.99 15.88
CA LEU A 20 1.40 -0.95 14.84
C LEU A 20 0.29 -1.30 13.86
N ILE A 21 -0.74 -0.47 13.81
CA ILE A 21 -1.87 -0.69 12.92
C ILE A 21 -1.80 0.23 11.70
N ILE A 22 -1.95 -0.36 10.52
CA ILE A 22 -1.92 0.39 9.28
C ILE A 22 -3.11 0.02 8.40
N HIS A 23 -3.82 1.03 7.90
CA HIS A 23 -4.98 0.79 7.05
C HIS A 23 -4.75 1.32 5.63
N ILE A 24 -4.66 0.40 4.68
CA ILE A 24 -4.46 0.78 3.28
C ILE A 24 -5.79 1.13 2.64
N LEU A 25 -5.90 2.35 2.15
CA LEU A 25 -7.13 2.82 1.53
C LEU A 25 -7.10 2.71 0.01
N GLN A 26 -6.51 3.71 -0.65
CA GLN A 26 -6.44 3.70 -2.11
C GLN A 26 -5.31 4.57 -2.62
N ALA A 27 -4.96 4.38 -3.89
CA ALA A 27 -3.91 5.14 -4.53
C ALA A 27 -4.45 5.88 -5.75
N ARG A 28 -3.83 7.01 -6.09
CA ARG A 28 -4.29 7.80 -7.23
C ARG A 28 -3.11 8.24 -8.09
N ASN A 29 -3.41 8.65 -9.32
CA ASN A 29 -2.38 9.11 -10.26
C ASN A 29 -1.42 7.97 -10.59
N LEU A 30 -1.92 6.74 -10.56
CA LEU A 30 -1.12 5.56 -10.86
C LEU A 30 -0.75 5.52 -12.33
N VAL A 31 -0.04 4.47 -12.73
CA VAL A 31 0.37 4.31 -14.13
C VAL A 31 -0.80 3.85 -14.99
N PRO A 32 -1.29 4.72 -15.90
CA PRO A 32 -2.41 4.39 -16.78
C PRO A 32 -2.04 3.36 -17.84
N ARG A 33 -3.01 2.53 -18.22
CA ARG A 33 -2.79 1.49 -19.22
C ARG A 33 -4.07 1.19 -19.98
N ASP A 34 -3.94 0.77 -21.23
CA ASP A 34 -5.09 0.45 -22.05
C ASP A 34 -5.23 -1.05 -22.24
N ASN A 35 -6.46 -1.56 -22.16
CA ASN A 35 -6.74 -2.98 -22.31
C ASN A 35 -8.23 -3.27 -22.24
N ASN A 36 -8.80 -3.10 -21.05
CA ASN A 36 -10.22 -3.34 -20.85
C ASN A 36 -10.64 -2.96 -19.43
N GLY A 37 -10.06 -3.64 -18.45
CA GLY A 37 -10.39 -3.37 -17.06
C GLY A 37 -10.90 -4.60 -16.33
N TYR A 38 -10.13 -5.09 -15.38
CA TYR A 38 -10.52 -6.26 -14.61
C TYR A 38 -9.48 -6.58 -13.53
N SER A 39 -8.20 -6.41 -13.87
CA SER A 39 -7.12 -6.67 -12.92
C SER A 39 -7.12 -5.66 -11.78
N ASP A 40 -6.99 -6.16 -10.56
CA ASP A 40 -6.98 -5.30 -9.39
C ASP A 40 -5.62 -5.36 -8.69
N PRO A 41 -5.00 -4.20 -8.42
CA PRO A 41 -3.69 -4.13 -7.76
C PRO A 41 -3.79 -4.33 -6.24
N PHE A 42 -2.73 -4.88 -5.67
CA PHE A 42 -2.68 -5.13 -4.23
C PHE A 42 -1.50 -4.41 -3.60
N VAL A 43 -1.47 -4.36 -2.27
CA VAL A 43 -0.39 -3.69 -1.56
C VAL A 43 0.37 -4.66 -0.65
N LYS A 44 1.62 -4.30 -0.35
CA LYS A 44 2.47 -5.10 0.52
C LYS A 44 3.17 -4.20 1.53
N VAL A 45 2.78 -4.31 2.79
CA VAL A 45 3.35 -3.49 3.84
C VAL A 45 4.16 -4.31 4.85
N TYR A 46 5.46 -4.00 4.95
CA TYR A 46 6.34 -4.69 5.87
C TYR A 46 7.38 -3.74 6.45
N LEU A 47 7.94 -4.10 7.60
CA LEU A 47 8.95 -3.28 8.25
C LEU A 47 10.33 -3.61 7.68
N LEU A 48 11.16 -2.59 7.46
CA LEU A 48 12.49 -2.80 6.90
C LEU A 48 13.31 -3.76 7.75
N PRO A 49 13.38 -3.53 9.08
CA PRO A 49 14.13 -4.36 10.00
C PRO A 49 13.29 -5.52 10.55
N GLY A 50 13.74 -6.10 11.65
CA GLY A 50 13.02 -7.20 12.26
C GLY A 50 12.99 -8.44 11.38
N ARG A 51 11.92 -9.21 11.48
CA ARG A 51 11.77 -10.42 10.69
C ARG A 51 11.87 -10.11 9.20
N GLY A 52 10.89 -9.38 8.68
CA GLY A 52 10.89 -9.03 7.27
C GLY A 52 9.75 -9.69 6.50
N GLN A 53 8.64 -9.92 7.19
CA GLN A 53 7.47 -10.53 6.56
C GLN A 53 6.65 -9.49 5.81
N VAL A 54 6.08 -9.90 4.68
CA VAL A 54 5.27 -9.00 3.87
C VAL A 54 3.78 -9.20 4.11
N MET A 55 3.11 -8.17 4.61
CA MET A 55 1.69 -8.24 4.87
C MET A 55 0.90 -7.68 3.69
N VAL A 56 0.28 -8.57 2.93
CA VAL A 56 -0.49 -8.17 1.76
C VAL A 56 -1.90 -7.71 2.15
N VAL A 57 -2.47 -6.85 1.33
CA VAL A 57 -3.81 -6.33 1.57
C VAL A 57 -4.87 -7.20 0.89
N GLN A 58 -5.95 -7.48 1.62
CA GLN A 58 -7.03 -8.30 1.10
C GLN A 58 -8.02 -7.46 0.29
N ASN A 59 -8.95 -8.13 -0.37
CA ASN A 59 -9.96 -7.44 -1.18
C ASN A 59 -11.23 -7.17 -0.37
N ALA A 60 -12.05 -6.26 -0.87
CA ALA A 60 -13.30 -5.91 -0.19
C ALA A 60 -14.51 -6.32 -1.03
N SER A 61 -15.70 -6.00 -0.55
CA SER A 61 -16.94 -6.33 -1.24
C SER A 61 -16.86 -6.00 -2.72
N ALA A 62 -16.75 -7.03 -3.56
CA ALA A 62 -16.67 -6.83 -5.00
C ALA A 62 -17.93 -6.16 -5.53
N GLU A 63 -19.05 -6.38 -4.85
CA GLU A 63 -20.32 -5.78 -5.24
C GLU A 63 -20.19 -4.28 -5.43
N TYR A 64 -19.37 -3.65 -4.61
CA TYR A 64 -19.17 -2.21 -4.69
C TYR A 64 -17.97 -1.88 -5.60
N LYS A 65 -17.01 -2.79 -5.67
CA LYS A 65 -15.84 -2.61 -6.53
C LYS A 65 -16.25 -2.68 -7.99
N ARG A 66 -16.98 -3.74 -8.31
CA ARG A 66 -17.46 -3.97 -9.67
C ARG A 66 -18.02 -2.70 -10.27
N ARG A 67 -18.57 -1.83 -9.42
CA ARG A 67 -19.14 -0.56 -9.87
C ARG A 67 -18.06 0.50 -9.98
N THR A 68 -17.07 0.42 -9.11
CA THR A 68 -15.96 1.38 -9.11
C THR A 68 -14.74 0.80 -9.83
N LYS A 69 -14.95 -0.30 -10.56
CA LYS A 69 -13.85 -0.93 -11.29
C LYS A 69 -13.76 -0.40 -12.71
N TYR A 70 -14.50 0.67 -12.99
CA TYR A 70 -14.49 1.27 -14.32
C TYR A 70 -13.36 2.30 -14.45
N VAL A 71 -13.53 3.44 -13.81
CA VAL A 71 -12.54 4.51 -13.85
C VAL A 71 -11.61 4.49 -12.65
N GLN A 72 -12.12 4.02 -11.50
CA GLN A 72 -11.34 3.97 -10.28
C GLN A 72 -10.17 3.00 -10.41
N LYS A 73 -10.46 1.72 -10.62
CA LYS A 73 -9.43 0.71 -10.75
C LYS A 73 -8.48 1.03 -11.90
N SER A 74 -8.92 1.88 -12.83
CA SER A 74 -8.12 2.25 -13.98
C SER A 74 -6.98 3.20 -13.58
N LEU A 75 -7.31 4.24 -12.82
CA LEU A 75 -6.29 5.21 -12.41
C LEU A 75 -6.06 5.20 -10.90
N ASN A 76 -7.13 5.09 -10.12
CA ASN A 76 -7.01 5.10 -8.67
C ASN A 76 -7.71 3.90 -8.03
N PRO A 77 -6.96 2.82 -7.76
CA PRO A 77 -7.51 1.61 -7.13
C PRO A 77 -7.59 1.75 -5.61
N GLU A 78 -8.59 1.11 -5.00
CA GLU A 78 -8.77 1.18 -3.56
C GLU A 78 -8.72 -0.20 -2.91
N TRP A 79 -8.74 -0.23 -1.58
CA TRP A 79 -8.69 -1.48 -0.83
C TRP A 79 -9.52 -1.37 0.45
N ASN A 80 -9.32 -0.29 1.21
CA ASN A 80 -10.04 -0.08 2.45
C ASN A 80 -9.83 -1.24 3.42
N GLN A 81 -8.56 -1.62 3.62
CA GLN A 81 -8.22 -2.72 4.51
C GLN A 81 -7.42 -2.23 5.71
N THR A 82 -7.14 -3.14 6.63
CA THR A 82 -6.38 -2.79 7.83
C THR A 82 -5.44 -3.93 8.24
N VAL A 83 -4.30 -3.56 8.81
CA VAL A 83 -3.30 -4.53 9.26
C VAL A 83 -2.65 -4.07 10.56
N ILE A 84 -2.06 -5.00 11.30
CA ILE A 84 -1.41 -4.66 12.55
C ILE A 84 -0.11 -5.44 12.75
N TYR A 85 0.81 -4.84 13.49
CA TYR A 85 2.09 -5.46 13.79
C TYR A 85 2.21 -5.74 15.28
N LYS A 86 1.54 -6.79 15.74
CA LYS A 86 1.54 -7.15 17.15
C LYS A 86 2.93 -7.58 17.61
N SER A 87 3.36 -7.01 18.74
CA SER A 87 4.67 -7.32 19.34
C SER A 87 5.73 -6.32 18.91
N ILE A 88 5.30 -5.09 18.64
CA ILE A 88 6.21 -4.04 18.23
C ILE A 88 5.88 -2.75 18.97
N SER A 89 6.79 -2.31 19.83
CA SER A 89 6.59 -1.08 20.61
C SER A 89 7.34 0.09 20.00
N MET A 90 6.94 1.31 20.36
CA MET A 90 7.58 2.51 19.85
C MET A 90 9.10 2.46 20.00
N GLU A 91 9.57 1.66 20.95
CA GLU A 91 11.00 1.52 21.19
C GLU A 91 11.70 0.96 19.95
N GLN A 92 11.23 -0.19 19.50
CA GLN A 92 11.80 -0.84 18.32
C GLN A 92 11.07 -0.36 17.07
N LEU A 93 9.81 0.02 17.24
CA LEU A 93 8.99 0.50 16.13
C LEU A 93 9.61 1.73 15.50
N MET A 94 9.82 2.76 16.33
CA MET A 94 10.41 4.00 15.85
C MET A 94 11.74 3.74 15.14
N LYS A 95 12.37 2.62 15.48
CA LYS A 95 13.64 2.26 14.87
C LYS A 95 13.42 1.61 13.50
N LYS A 96 12.23 1.06 13.30
CA LYS A 96 11.89 0.41 12.03
C LYS A 96 11.25 1.41 11.07
N THR A 97 11.13 1.02 9.80
CA THR A 97 10.54 1.89 8.80
C THR A 97 9.47 1.16 8.01
N LEU A 98 8.28 1.75 7.94
CA LEU A 98 7.17 1.16 7.20
C LEU A 98 7.32 1.44 5.71
N GLU A 99 7.24 0.39 4.90
CA GLU A 99 7.39 0.52 3.46
C GLU A 99 6.16 -0.02 2.71
N VAL A 100 5.32 0.90 2.26
CA VAL A 100 4.12 0.52 1.52
C VAL A 100 4.47 0.28 0.05
N THR A 101 4.12 -0.89 -0.46
CA THR A 101 4.43 -1.23 -1.85
C THR A 101 3.20 -1.73 -2.59
N VAL A 102 2.90 -1.08 -3.72
CA VAL A 102 1.76 -1.45 -4.53
C VAL A 102 2.19 -2.39 -5.66
N TRP A 103 1.39 -3.42 -5.91
CA TRP A 103 1.70 -4.38 -6.97
C TRP A 103 0.44 -4.75 -7.75
N ASP A 104 0.63 -5.06 -9.03
CA ASP A 104 -0.47 -5.46 -9.90
C ASP A 104 -0.08 -6.62 -10.80
N TYR A 105 -1.02 -7.52 -11.04
CA TYR A 105 -0.76 -8.69 -11.88
C TYR A 105 -0.61 -8.28 -13.34
N ASP A 106 0.53 -8.60 -13.92
CA ASP A 106 0.80 -8.27 -15.32
C ASP A 106 0.33 -9.39 -16.25
N ARG A 107 0.73 -9.30 -17.52
CA ARG A 107 0.34 -10.31 -18.50
C ARG A 107 0.96 -11.67 -18.17
N PHE A 108 2.07 -11.65 -17.45
CA PHE A 108 2.76 -12.88 -17.08
C PHE A 108 2.23 -13.44 -15.76
N SER A 109 1.13 -12.86 -15.27
CA SER A 109 0.52 -13.32 -14.02
C SER A 109 1.52 -13.22 -12.87
N SER A 110 2.43 -12.26 -12.96
CA SER A 110 3.44 -12.06 -11.92
C SER A 110 3.21 -10.75 -11.18
N ASN A 111 3.58 -10.74 -9.90
CA ASN A 111 3.41 -9.54 -9.07
C ASN A 111 4.23 -8.39 -9.62
N ASP A 112 3.62 -7.58 -10.48
CA ASP A 112 4.30 -6.44 -11.08
C ASP A 112 4.24 -5.22 -10.15
N PHE A 113 5.39 -4.65 -9.87
CA PHE A 113 5.48 -3.48 -9.00
C PHE A 113 4.65 -2.33 -9.54
N LEU A 114 4.26 -1.41 -8.65
CA LEU A 114 3.45 -0.26 -9.06
C LEU A 114 3.83 1.01 -8.28
N GLY A 115 4.28 0.84 -7.04
CA GLY A 115 4.66 1.99 -6.23
C GLY A 115 5.21 1.59 -4.88
N GLU A 116 6.12 2.40 -4.35
CA GLU A 116 6.73 2.11 -3.06
C GLU A 116 6.84 3.39 -2.22
N VAL A 117 6.37 3.31 -0.98
CA VAL A 117 6.41 4.44 -0.07
C VAL A 117 7.09 4.06 1.25
N LEU A 118 8.14 4.79 1.60
CA LEU A 118 8.87 4.53 2.84
C LEU A 118 8.49 5.55 3.91
N ILE A 119 8.17 5.07 5.10
CA ILE A 119 7.79 5.95 6.20
C ILE A 119 8.59 5.64 7.46
N ASP A 120 9.61 6.45 7.73
CA ASP A 120 10.44 6.28 8.92
C ASP A 120 9.58 6.37 10.17
N LEU A 121 9.52 5.28 10.92
CA LEU A 121 8.72 5.24 12.15
C LEU A 121 9.35 6.05 13.27
N SER A 122 10.56 6.56 13.06
CA SER A 122 11.25 7.35 14.08
C SER A 122 10.55 8.69 14.32
N SER A 123 9.64 9.05 13.42
CA SER A 123 8.92 10.32 13.53
C SER A 123 7.52 10.20 12.94
N THR A 124 6.96 9.01 13.03
CA THR A 124 5.63 8.70 12.51
C THR A 124 4.63 9.84 12.76
N SER A 125 4.72 10.88 11.94
CA SER A 125 3.80 12.00 12.06
C SER A 125 2.45 11.63 11.46
N HIS A 126 2.44 10.57 10.65
CA HIS A 126 1.24 10.09 10.00
C HIS A 126 0.41 9.19 10.90
N LEU A 127 0.79 9.10 12.18
CA LEU A 127 0.05 8.28 13.11
C LEU A 127 -1.28 8.96 13.44
N ASP A 128 -1.42 9.45 14.66
CA ASP A 128 -2.64 10.13 15.09
C ASP A 128 -3.91 9.47 14.57
N ASN A 129 -3.81 8.21 14.13
CA ASN A 129 -4.97 7.50 13.60
C ASN A 129 -5.67 8.32 12.52
N THR A 130 -4.90 8.79 11.55
CA THR A 130 -5.46 9.59 10.46
C THR A 130 -4.89 9.16 9.11
N PRO A 131 -5.76 9.02 8.09
CA PRO A 131 -5.35 8.60 6.75
C PRO A 131 -4.88 9.78 5.89
N ARG A 132 -3.64 9.70 5.41
CA ARG A 132 -3.08 10.74 4.56
C ARG A 132 -2.54 10.14 3.26
N TRP A 133 -2.16 11.01 2.32
CA TRP A 133 -1.64 10.55 1.04
C TRP A 133 -0.12 10.51 1.04
N TYR A 134 0.44 9.44 0.47
CA TYR A 134 1.88 9.28 0.38
C TYR A 134 2.32 9.18 -1.08
N PRO A 135 3.48 9.77 -1.42
CA PRO A 135 4.00 9.72 -2.78
C PRO A 135 4.73 8.43 -3.10
N LEU A 136 4.20 7.66 -4.04
CA LEU A 136 4.80 6.39 -4.43
C LEU A 136 6.03 6.62 -5.31
N LYS A 137 7.07 5.83 -5.07
CA LYS A 137 8.31 5.95 -5.83
C LYS A 137 8.65 4.62 -6.51
N GLU A 138 9.76 4.60 -7.23
CA GLU A 138 10.20 3.40 -7.93
C GLU A 138 11.23 2.62 -7.10
N GLN A 139 11.34 1.34 -7.37
CA GLN A 139 12.28 0.48 -6.64
C GLN A 139 13.70 0.66 -7.17
N THR A 140 14.49 1.45 -6.45
CA THR A 140 15.86 1.72 -6.84
C THR A 140 16.79 0.60 -6.36
N GLU A 141 17.75 0.23 -7.20
CA GLU A 141 18.69 -0.82 -6.87
C GLU A 141 20.13 -0.37 -7.13
N SER A 142 20.84 -0.03 -6.05
CA SER A 142 22.22 0.43 -6.15
C SER A 142 23.18 -0.68 -5.74
N ALA A 1 9.28 -2.30 -22.99
CA ALA A 1 7.86 -2.72 -22.83
C ALA A 1 7.43 -2.66 -21.36
N SER A 2 7.87 -1.62 -20.66
CA SER A 2 7.54 -1.45 -19.26
C SER A 2 6.76 -0.15 -19.04
N HIS A 3 6.38 0.09 -17.79
CA HIS A 3 5.62 1.30 -17.45
C HIS A 3 6.29 2.05 -16.29
N PRO A 4 6.12 3.38 -16.24
CA PRO A 4 6.70 4.21 -15.18
C PRO A 4 5.90 4.16 -13.90
N ILE A 5 6.57 4.46 -12.78
CA ILE A 5 5.92 4.45 -11.47
C ILE A 5 5.44 5.85 -11.09
N THR A 6 4.13 5.99 -10.90
CA THR A 6 3.55 7.28 -10.54
C THR A 6 2.39 7.11 -9.57
N GLY A 7 1.84 8.23 -9.12
CA GLY A 7 0.73 8.20 -8.19
C GLY A 7 1.16 8.06 -6.75
N GLU A 8 0.21 8.20 -5.84
CA GLU A 8 0.48 8.08 -4.41
C GLU A 8 -0.39 6.99 -3.78
N ILE A 9 -0.22 6.77 -2.48
CA ILE A 9 -1.00 5.76 -1.76
C ILE A 9 -1.62 6.33 -0.51
N GLN A 10 -2.92 6.10 -0.33
CA GLN A 10 -3.65 6.58 0.83
C GLN A 10 -3.79 5.48 1.87
N LEU A 11 -3.35 5.75 3.09
CA LEU A 11 -3.44 4.77 4.17
C LEU A 11 -3.64 5.45 5.52
N GLN A 12 -4.01 4.66 6.50
CA GLN A 12 -4.24 5.16 7.86
C GLN A 12 -3.34 4.42 8.85
N ILE A 13 -2.55 5.17 9.60
CA ILE A 13 -1.64 4.58 10.58
C ILE A 13 -2.12 4.79 12.01
N ASN A 14 -1.92 3.77 12.84
CA ASN A 14 -2.32 3.82 14.24
C ASN A 14 -1.69 2.68 15.02
N TYR A 15 -1.12 3.00 16.18
CA TYR A 15 -0.48 1.99 17.01
C TYR A 15 -1.19 1.89 18.37
N ASP A 16 -1.48 0.67 18.79
CA ASP A 16 -2.17 0.44 20.06
C ASP A 16 -1.81 -0.91 20.66
N LEU A 17 -1.91 -0.99 22.00
CA LEU A 17 -1.59 -2.22 22.71
C LEU A 17 -0.23 -2.78 22.33
N GLY A 18 0.72 -1.87 22.10
CA GLY A 18 2.05 -2.29 21.71
C GLY A 18 2.08 -2.92 20.34
N ASN A 19 0.98 -2.77 19.60
CA ASN A 19 0.87 -3.33 18.26
C ASN A 19 0.67 -2.22 17.24
N LEU A 20 1.47 -2.25 16.19
CA LEU A 20 1.39 -1.24 15.14
C LEU A 20 0.32 -1.62 14.12
N ILE A 21 -0.65 -0.72 13.91
CA ILE A 21 -1.72 -0.97 12.96
C ILE A 21 -1.64 -0.03 11.76
N ILE A 22 -1.89 -0.60 10.58
CA ILE A 22 -1.85 0.17 9.34
C ILE A 22 -3.03 -0.23 8.44
N HIS A 23 -3.82 0.75 8.00
CA HIS A 23 -4.95 0.48 7.14
C HIS A 23 -4.68 0.92 5.71
N ILE A 24 -4.98 0.04 4.77
CA ILE A 24 -4.78 0.33 3.36
C ILE A 24 -6.07 0.88 2.75
N LEU A 25 -6.00 2.07 2.18
CA LEU A 25 -7.17 2.70 1.59
C LEU A 25 -7.17 2.65 0.07
N GLN A 26 -6.46 3.57 -0.58
CA GLN A 26 -6.43 3.59 -2.03
C GLN A 26 -5.28 4.44 -2.55
N ALA A 27 -4.90 4.19 -3.80
CA ALA A 27 -3.84 4.93 -4.45
C ALA A 27 -4.38 5.72 -5.64
N ARG A 28 -3.78 6.86 -5.93
CA ARG A 28 -4.24 7.69 -7.04
C ARG A 28 -3.08 8.15 -7.91
N ASN A 29 -3.39 8.57 -9.13
CA ASN A 29 -2.39 9.05 -10.07
C ASN A 29 -1.39 7.95 -10.41
N LEU A 30 -1.83 6.70 -10.34
CA LEU A 30 -0.96 5.57 -10.65
C LEU A 30 -0.59 5.58 -12.13
N VAL A 31 0.24 4.63 -12.53
CA VAL A 31 0.66 4.53 -13.93
C VAL A 31 -0.52 4.18 -14.82
N PRO A 32 -0.93 5.10 -15.72
CA PRO A 32 -2.06 4.88 -16.63
C PRO A 32 -1.95 3.55 -17.37
N ARG A 33 -3.10 2.88 -17.53
CA ARG A 33 -3.14 1.59 -18.20
C ARG A 33 -4.41 1.46 -19.04
N ASP A 34 -4.62 0.27 -19.60
CA ASP A 34 -5.80 0.01 -20.42
C ASP A 34 -7.08 0.18 -19.61
N ASN A 35 -8.15 0.60 -20.27
CA ASN A 35 -9.43 0.80 -19.60
C ASN A 35 -10.34 -0.41 -19.81
N ASN A 36 -9.89 -1.57 -19.35
CA ASN A 36 -10.67 -2.80 -19.49
C ASN A 36 -11.51 -3.05 -18.24
N GLY A 37 -10.84 -3.22 -17.11
CA GLY A 37 -11.55 -3.46 -15.86
C GLY A 37 -11.60 -4.94 -15.50
N TYR A 38 -10.59 -5.40 -14.78
CA TYR A 38 -10.52 -6.80 -14.38
C TYR A 38 -9.35 -7.04 -13.41
N SER A 39 -8.22 -6.41 -13.71
CA SER A 39 -7.04 -6.55 -12.87
C SER A 39 -7.18 -5.75 -11.59
N ASP A 40 -6.82 -6.37 -10.47
CA ASP A 40 -6.91 -5.72 -9.17
C ASP A 40 -5.54 -5.66 -8.50
N PRO A 41 -4.92 -4.47 -8.44
CA PRO A 41 -3.59 -4.31 -7.82
C PRO A 41 -3.64 -4.51 -6.30
N PHE A 42 -2.53 -5.02 -5.76
CA PHE A 42 -2.44 -5.27 -4.33
C PHE A 42 -1.23 -4.54 -3.75
N VAL A 43 -1.16 -4.48 -2.41
CA VAL A 43 -0.06 -3.81 -1.74
C VAL A 43 0.67 -4.74 -0.78
N LYS A 44 1.95 -4.45 -0.56
CA LYS A 44 2.77 -5.22 0.35
C LYS A 44 3.41 -4.29 1.37
N VAL A 45 3.10 -4.51 2.65
CA VAL A 45 3.63 -3.64 3.69
C VAL A 45 4.39 -4.43 4.78
N TYR A 46 5.63 -4.01 5.02
CA TYR A 46 6.47 -4.63 6.03
C TYR A 46 7.35 -3.58 6.70
N LEU A 47 7.98 -3.95 7.82
CA LEU A 47 8.86 -3.01 8.53
C LEU A 47 10.31 -3.19 8.08
N LEU A 48 11.04 -2.09 7.97
CA LEU A 48 12.43 -2.14 7.53
C LEU A 48 13.28 -3.09 8.39
N PRO A 49 13.62 -2.72 9.64
CA PRO A 49 14.42 -3.58 10.52
C PRO A 49 13.97 -5.04 10.51
N GLY A 50 12.73 -5.27 10.96
CA GLY A 50 12.21 -6.62 10.98
C GLY A 50 11.67 -7.06 9.64
N ARG A 51 12.52 -6.99 8.62
CA ARG A 51 12.11 -7.40 7.28
C ARG A 51 11.88 -8.90 7.22
N GLY A 52 11.56 -9.39 6.03
CA GLY A 52 11.31 -10.81 5.85
C GLY A 52 9.85 -11.17 6.01
N GLN A 53 9.09 -10.29 6.66
CA GLN A 53 7.67 -10.52 6.87
C GLN A 53 6.85 -9.51 6.07
N VAL A 54 6.45 -9.91 4.86
CA VAL A 54 5.68 -9.04 3.98
C VAL A 54 4.19 -9.38 4.06
N MET A 55 3.40 -8.43 4.55
CA MET A 55 1.96 -8.62 4.66
C MET A 55 1.23 -8.01 3.47
N VAL A 56 0.60 -8.87 2.68
CA VAL A 56 -0.13 -8.41 1.51
C VAL A 56 -1.52 -7.93 1.88
N VAL A 57 -2.04 -6.98 1.11
CA VAL A 57 -3.36 -6.42 1.36
C VAL A 57 -4.45 -7.18 0.61
N GLN A 58 -5.63 -7.22 1.20
CA GLN A 58 -6.77 -7.91 0.60
C GLN A 58 -7.67 -6.94 -0.14
N ASN A 59 -8.64 -7.47 -0.88
CA ASN A 59 -9.57 -6.64 -1.63
C ASN A 59 -10.79 -6.26 -0.79
N ALA A 60 -11.47 -5.19 -1.19
CA ALA A 60 -12.65 -4.72 -0.48
C ALA A 60 -13.93 -5.12 -1.21
N SER A 61 -15.07 -4.68 -0.68
CA SER A 61 -16.37 -4.99 -1.29
C SER A 61 -16.33 -4.84 -2.81
N ALA A 62 -16.25 -5.97 -3.51
CA ALA A 62 -16.19 -5.98 -4.96
C ALA A 62 -17.38 -5.25 -5.57
N GLU A 63 -18.51 -5.22 -4.86
CA GLU A 63 -19.71 -4.56 -5.35
C GLU A 63 -19.43 -3.10 -5.68
N TYR A 64 -18.60 -2.45 -4.88
CA TYR A 64 -18.28 -1.05 -5.10
C TYR A 64 -17.02 -0.90 -5.98
N LYS A 65 -16.10 -1.85 -5.85
CA LYS A 65 -14.88 -1.82 -6.66
C LYS A 65 -15.20 -2.18 -8.09
N ARG A 66 -15.93 -3.27 -8.25
CA ARG A 66 -16.32 -3.74 -9.57
C ARG A 66 -16.93 -2.60 -10.38
N ARG A 67 -17.53 -1.63 -9.67
CA ARG A 67 -18.14 -0.48 -10.31
C ARG A 67 -17.09 0.57 -10.63
N THR A 68 -16.01 0.58 -9.87
CA THR A 68 -14.91 1.52 -10.08
C THR A 68 -14.04 1.11 -11.28
N LYS A 69 -14.51 0.12 -12.04
CA LYS A 69 -13.77 -0.38 -13.19
C LYS A 69 -13.58 0.68 -14.28
N TYR A 70 -14.13 1.88 -14.10
CA TYR A 70 -13.99 2.91 -15.11
C TYR A 70 -12.75 3.79 -14.88
N VAL A 71 -12.78 4.66 -13.87
CA VAL A 71 -11.66 5.56 -13.59
C VAL A 71 -10.74 5.06 -12.48
N GLN A 72 -11.32 4.75 -11.32
CA GLN A 72 -10.54 4.32 -10.16
C GLN A 72 -9.80 3.00 -10.40
N LYS A 73 -10.53 1.93 -10.63
CA LYS A 73 -9.91 0.62 -10.86
C LYS A 73 -8.83 0.67 -11.93
N SER A 74 -8.87 1.70 -12.77
CA SER A 74 -7.89 1.84 -13.85
C SER A 74 -6.74 2.78 -13.46
N LEU A 75 -7.06 3.86 -12.76
CA LEU A 75 -6.03 4.83 -12.35
C LEU A 75 -5.84 4.88 -10.83
N ASN A 76 -6.94 4.82 -10.09
CA ASN A 76 -6.86 4.88 -8.64
C ASN A 76 -7.60 3.71 -7.98
N PRO A 77 -6.88 2.63 -7.64
CA PRO A 77 -7.45 1.45 -7.00
C PRO A 77 -7.56 1.61 -5.48
N GLU A 78 -8.50 0.89 -4.87
CA GLU A 78 -8.70 0.98 -3.42
C GLU A 78 -8.40 -0.36 -2.75
N TRP A 79 -8.49 -0.37 -1.42
CA TRP A 79 -8.24 -1.57 -0.64
C TRP A 79 -9.06 -1.56 0.65
N ASN A 80 -9.10 -0.41 1.32
CA ASN A 80 -9.86 -0.28 2.57
C ASN A 80 -9.63 -1.48 3.50
N GLN A 81 -8.36 -1.80 3.73
CA GLN A 81 -8.01 -2.93 4.59
C GLN A 81 -7.31 -2.45 5.86
N THR A 82 -7.00 -3.40 6.74
CA THR A 82 -6.33 -3.10 8.01
C THR A 82 -5.34 -4.20 8.37
N VAL A 83 -4.16 -3.79 8.84
CA VAL A 83 -3.13 -4.74 9.24
C VAL A 83 -2.50 -4.31 10.56
N ILE A 84 -1.92 -5.28 11.29
CA ILE A 84 -1.30 -4.98 12.56
C ILE A 84 -0.02 -5.79 12.77
N TYR A 85 0.91 -5.20 13.51
CA TYR A 85 2.18 -5.85 13.83
C TYR A 85 2.41 -5.86 15.33
N LYS A 86 1.78 -6.82 16.00
CA LYS A 86 1.90 -6.92 17.45
C LYS A 86 3.33 -7.28 17.88
N SER A 87 3.67 -6.91 19.10
CA SER A 87 5.00 -7.18 19.66
C SER A 87 6.00 -6.12 19.21
N ILE A 88 5.52 -4.90 19.05
CA ILE A 88 6.37 -3.78 18.62
C ILE A 88 6.12 -2.57 19.50
N SER A 89 7.15 -2.15 20.25
CA SER A 89 7.03 -0.99 21.13
C SER A 89 7.52 0.27 20.44
N MET A 90 7.12 1.43 20.96
CA MET A 90 7.51 2.70 20.39
C MET A 90 9.04 2.81 20.31
N GLU A 91 9.73 2.04 21.14
CA GLU A 91 11.19 2.05 21.15
C GLU A 91 11.74 1.50 19.84
N GLN A 92 11.39 0.26 19.54
CA GLN A 92 11.83 -0.39 18.31
C GLN A 92 11.01 0.10 17.12
N LEU A 93 9.78 0.49 17.40
CA LEU A 93 8.87 0.99 16.37
C LEU A 93 9.48 2.18 15.64
N MET A 94 10.04 3.11 16.40
CA MET A 94 10.64 4.31 15.82
C MET A 94 11.74 3.95 14.82
N LYS A 95 12.62 3.03 15.21
CA LYS A 95 13.71 2.61 14.34
C LYS A 95 13.21 1.86 13.12
N LYS A 96 11.95 1.41 13.16
CA LYS A 96 11.37 0.69 12.02
C LYS A 96 10.59 1.63 11.11
N THR A 97 10.65 1.36 9.81
CA THR A 97 9.95 2.18 8.84
C THR A 97 8.95 1.36 8.03
N LEU A 98 7.72 1.86 7.92
CA LEU A 98 6.68 1.18 7.17
C LEU A 98 6.85 1.42 5.67
N GLU A 99 7.19 0.37 4.94
CA GLU A 99 7.39 0.47 3.49
C GLU A 99 6.19 -0.06 2.72
N VAL A 100 5.34 0.86 2.26
CA VAL A 100 4.16 0.48 1.49
C VAL A 100 4.52 0.30 0.02
N THR A 101 4.28 -0.88 -0.53
CA THR A 101 4.60 -1.15 -1.93
C THR A 101 3.39 -1.70 -2.68
N VAL A 102 3.10 -1.08 -3.83
CA VAL A 102 1.98 -1.49 -4.65
C VAL A 102 2.44 -2.46 -5.75
N TRP A 103 1.65 -3.51 -5.97
CA TRP A 103 1.99 -4.50 -6.99
C TRP A 103 0.75 -4.93 -7.77
N ASP A 104 0.92 -5.13 -9.06
CA ASP A 104 -0.19 -5.56 -9.92
C ASP A 104 0.05 -6.97 -10.45
N TYR A 105 -1.01 -7.77 -10.45
CA TYR A 105 -0.92 -9.15 -10.94
C TYR A 105 -0.73 -9.19 -12.46
N ASP A 106 0.14 -10.07 -12.92
CA ASP A 106 0.40 -10.21 -14.35
C ASP A 106 -0.57 -11.18 -14.99
N ARG A 107 -0.45 -11.37 -16.30
CA ARG A 107 -1.31 -12.27 -17.03
C ARG A 107 -0.81 -13.72 -16.94
N PHE A 108 0.51 -13.88 -16.92
CA PHE A 108 1.11 -15.19 -16.84
C PHE A 108 0.84 -15.83 -15.49
N SER A 109 1.29 -15.17 -14.42
CA SER A 109 1.10 -15.67 -13.06
C SER A 109 1.74 -14.72 -12.05
N SER A 110 3.02 -14.42 -12.26
CA SER A 110 3.74 -13.53 -11.36
C SER A 110 3.08 -12.15 -11.31
N ASN A 111 3.70 -11.23 -10.57
CA ASN A 111 3.17 -9.88 -10.43
C ASN A 111 4.21 -8.85 -10.88
N ASP A 112 3.84 -7.58 -10.81
CA ASP A 112 4.73 -6.50 -11.19
C ASP A 112 4.67 -5.34 -10.20
N PHE A 113 5.76 -4.60 -10.08
CA PHE A 113 5.83 -3.47 -9.17
C PHE A 113 4.98 -2.31 -9.68
N LEU A 114 4.54 -1.45 -8.76
CA LEU A 114 3.72 -0.30 -9.12
C LEU A 114 4.11 0.96 -8.34
N GLY A 115 4.59 0.78 -7.12
CA GLY A 115 4.97 1.92 -6.30
C GLY A 115 5.48 1.51 -4.94
N GLU A 116 6.32 2.35 -4.34
CA GLU A 116 6.88 2.07 -3.02
C GLU A 116 7.03 3.34 -2.21
N VAL A 117 6.44 3.35 -1.02
CA VAL A 117 6.50 4.52 -0.14
C VAL A 117 7.18 4.17 1.17
N LEU A 118 7.96 5.12 1.70
CA LEU A 118 8.67 4.91 2.96
C LEU A 118 8.13 5.83 4.04
N ILE A 119 7.62 5.24 5.12
CA ILE A 119 7.06 6.00 6.22
C ILE A 119 7.83 5.72 7.53
N ASP A 120 8.70 6.64 7.89
CA ASP A 120 9.50 6.49 9.11
C ASP A 120 8.60 6.58 10.34
N LEU A 121 8.52 5.47 11.08
CA LEU A 121 7.69 5.41 12.28
C LEU A 121 8.32 6.22 13.42
N SER A 122 9.59 6.58 13.27
CA SER A 122 10.29 7.34 14.29
C SER A 122 9.59 8.67 14.58
N SER A 123 8.79 9.14 13.63
CA SER A 123 8.07 10.39 13.77
C SER A 123 6.69 10.34 13.13
N THR A 124 6.21 9.12 12.87
CA THR A 124 4.90 8.94 12.24
C THR A 124 3.81 9.69 13.00
N SER A 125 3.60 10.94 12.63
CA SER A 125 2.58 11.77 13.27
C SER A 125 1.18 11.36 12.81
N HIS A 126 1.11 10.46 11.83
CA HIS A 126 -0.16 9.99 11.31
C HIS A 126 -0.69 8.80 12.12
N LEU A 127 -0.07 8.55 13.27
CA LEU A 127 -0.48 7.45 14.13
C LEU A 127 -1.90 7.63 14.64
N ASP A 128 -2.26 8.87 14.91
CA ASP A 128 -3.58 9.21 15.41
C ASP A 128 -4.67 8.97 14.36
N ASN A 129 -4.65 7.79 13.73
CA ASN A 129 -5.64 7.43 12.72
C ASN A 129 -5.87 8.58 11.73
N THR A 130 -4.95 8.73 10.78
CA THR A 130 -5.06 9.80 9.78
C THR A 130 -4.91 9.23 8.38
N PRO A 131 -6.03 9.03 7.67
CA PRO A 131 -6.02 8.50 6.30
C PRO A 131 -5.56 9.54 5.29
N ARG A 132 -4.26 9.55 5.00
CA ARG A 132 -3.70 10.50 4.04
C ARG A 132 -2.92 9.80 2.94
N TRP A 133 -2.60 10.54 1.89
CA TRP A 133 -1.87 9.98 0.76
C TRP A 133 -0.36 10.06 1.00
N TYR A 134 0.38 9.17 0.34
CA TYR A 134 1.82 9.12 0.46
C TYR A 134 2.49 8.89 -0.90
N PRO A 135 3.31 9.84 -1.37
CA PRO A 135 3.99 9.73 -2.66
C PRO A 135 4.76 8.42 -2.81
N LEU A 136 4.55 7.74 -3.93
CA LEU A 136 5.22 6.47 -4.20
C LEU A 136 6.55 6.70 -4.91
N LYS A 137 7.46 5.74 -4.78
CA LYS A 137 8.76 5.83 -5.41
C LYS A 137 8.98 4.67 -6.38
N GLU A 138 10.16 4.61 -6.99
CA GLU A 138 10.49 3.55 -7.93
C GLU A 138 11.60 2.66 -7.38
N GLN A 139 11.63 1.42 -7.86
CA GLN A 139 12.65 0.46 -7.41
C GLN A 139 14.04 0.91 -7.82
N THR A 140 15.00 0.75 -6.92
CA THR A 140 16.38 1.13 -7.19
C THR A 140 16.99 0.26 -8.27
N GLU A 141 17.18 0.82 -9.47
CA GLU A 141 17.76 0.10 -10.58
C GLU A 141 18.96 0.84 -11.16
N SER A 142 20.15 0.43 -10.74
CA SER A 142 21.38 1.07 -11.20
C SER A 142 21.53 0.92 -12.73
N ALA A 1 8.22 -14.22 -19.84
CA ALA A 1 7.01 -13.38 -19.66
C ALA A 1 6.88 -12.90 -18.22
N SER A 2 7.63 -11.86 -17.88
CA SER A 2 7.59 -11.30 -16.54
C SER A 2 7.24 -9.82 -16.57
N HIS A 3 6.42 -9.39 -15.61
CA HIS A 3 6.00 -7.99 -15.54
C HIS A 3 6.90 -7.20 -14.58
N PRO A 4 7.32 -5.99 -14.97
CA PRO A 4 8.19 -5.15 -14.14
C PRO A 4 7.41 -4.41 -13.05
N ILE A 5 8.11 -4.03 -11.99
CA ILE A 5 7.49 -3.32 -10.89
C ILE A 5 7.70 -1.81 -11.02
N THR A 6 6.60 -1.09 -11.21
CA THR A 6 6.66 0.36 -11.36
C THR A 6 5.48 1.04 -10.68
N GLY A 7 5.43 2.36 -10.78
CA GLY A 7 4.34 3.11 -10.17
C GLY A 7 4.64 3.54 -8.74
N GLU A 8 3.83 4.44 -8.22
CA GLU A 8 3.99 4.94 -6.86
C GLU A 8 2.71 4.78 -6.06
N ILE A 9 2.83 4.76 -4.74
CA ILE A 9 1.66 4.60 -3.88
C ILE A 9 1.39 5.87 -3.06
N GLN A 10 0.11 6.14 -2.80
CA GLN A 10 -0.28 7.32 -2.04
C GLN A 10 -0.96 6.92 -0.74
N LEU A 11 -0.50 7.49 0.38
CA LEU A 11 -1.07 7.18 1.69
C LEU A 11 -1.06 8.42 2.59
N GLN A 12 -1.87 8.36 3.65
CA GLN A 12 -1.96 9.45 4.61
C GLN A 12 -1.63 8.93 6.01
N ILE A 13 -0.46 9.29 6.53
CA ILE A 13 -0.04 8.85 7.85
C ILE A 13 -0.58 9.75 8.96
N ASN A 14 -0.91 9.14 10.09
CA ASN A 14 -1.43 9.87 11.24
C ASN A 14 -1.41 9.00 12.49
N TYR A 15 -0.54 9.34 13.44
CA TYR A 15 -0.43 8.57 14.67
C TYR A 15 -1.19 9.28 15.80
N ASP A 16 -1.99 8.53 16.54
CA ASP A 16 -2.76 9.10 17.63
C ASP A 16 -3.04 8.06 18.72
N LEU A 17 -3.24 8.55 19.95
CA LEU A 17 -3.53 7.68 21.08
C LEU A 17 -2.50 6.56 21.20
N GLY A 18 -1.25 6.88 20.89
CA GLY A 18 -0.20 5.89 20.96
C GLY A 18 -0.37 4.80 19.91
N ASN A 19 -1.25 5.06 18.94
CA ASN A 19 -1.51 4.12 17.88
C ASN A 19 -1.14 4.72 16.52
N LEU A 20 -0.38 3.97 15.74
CA LEU A 20 0.03 4.44 14.42
C LEU A 20 -1.00 4.08 13.35
N ILE A 21 -1.52 5.09 12.67
CA ILE A 21 -2.53 4.88 11.64
C ILE A 21 -1.98 5.23 10.25
N ILE A 22 -2.23 4.35 9.29
CA ILE A 22 -1.79 4.58 7.91
C ILE A 22 -2.94 4.35 6.94
N HIS A 23 -3.25 5.37 6.15
CA HIS A 23 -4.34 5.26 5.19
C HIS A 23 -3.83 5.03 3.77
N ILE A 24 -4.11 3.86 3.23
CA ILE A 24 -3.69 3.53 1.87
C ILE A 24 -4.70 4.07 0.86
N LEU A 25 -4.29 5.12 0.14
CA LEU A 25 -5.17 5.75 -0.83
C LEU A 25 -5.14 5.04 -2.18
N GLN A 26 -4.17 5.38 -3.03
CA GLN A 26 -4.08 4.75 -4.34
C GLN A 26 -2.66 4.83 -4.90
N ALA A 27 -2.43 4.10 -5.99
CA ALA A 27 -1.13 4.08 -6.64
C ALA A 27 -1.27 4.35 -8.14
N ARG A 28 -0.28 5.00 -8.73
CA ARG A 28 -0.32 5.32 -10.15
C ARG A 28 0.96 4.85 -10.85
N ASN A 29 0.91 4.85 -12.19
CA ASN A 29 2.05 4.43 -12.98
C ASN A 29 2.47 3.00 -12.64
N LEU A 30 1.50 2.18 -12.22
CA LEU A 30 1.77 0.80 -11.85
C LEU A 30 2.04 -0.04 -13.10
N VAL A 31 2.34 -1.32 -12.89
CA VAL A 31 2.62 -2.23 -13.99
C VAL A 31 1.32 -2.65 -14.69
N PRO A 32 1.11 -2.19 -15.95
CA PRO A 32 -0.09 -2.52 -16.71
C PRO A 32 -0.12 -4.00 -17.12
N ARG A 33 -1.33 -4.57 -17.15
CA ARG A 33 -1.50 -5.97 -17.52
C ARG A 33 -1.90 -6.11 -18.99
N ASP A 34 -1.55 -7.23 -19.60
CA ASP A 34 -1.87 -7.48 -20.99
C ASP A 34 -3.14 -8.33 -21.11
N ASN A 35 -3.79 -8.26 -22.28
CA ASN A 35 -5.01 -9.02 -22.52
C ASN A 35 -6.14 -8.57 -21.59
N ASN A 36 -6.09 -7.30 -21.19
CA ASN A 36 -7.11 -6.74 -20.31
C ASN A 36 -7.11 -7.45 -18.96
N GLY A 37 -7.41 -6.70 -17.91
CA GLY A 37 -7.44 -7.26 -16.57
C GLY A 37 -8.85 -7.35 -16.02
N TYR A 38 -8.96 -7.46 -14.69
CA TYR A 38 -10.25 -7.55 -14.04
C TYR A 38 -10.11 -7.58 -12.53
N SER A 39 -9.12 -8.34 -12.04
CA SER A 39 -8.87 -8.46 -10.61
C SER A 39 -8.37 -7.14 -10.03
N ASP A 40 -8.72 -6.89 -8.77
CA ASP A 40 -8.29 -5.66 -8.10
C ASP A 40 -7.12 -5.93 -7.16
N PRO A 41 -6.10 -5.06 -7.18
CA PRO A 41 -4.91 -5.22 -6.33
C PRO A 41 -5.15 -4.77 -4.89
N PHE A 42 -4.30 -5.22 -3.99
CA PHE A 42 -4.40 -4.87 -2.58
C PHE A 42 -3.04 -4.46 -2.03
N VAL A 43 -3.03 -3.90 -0.82
CA VAL A 43 -1.80 -3.45 -0.20
C VAL A 43 -1.54 -4.18 1.12
N LYS A 44 -0.26 -4.37 1.43
CA LYS A 44 0.16 -5.03 2.67
C LYS A 44 1.18 -4.15 3.38
N VAL A 45 0.82 -3.66 4.56
CA VAL A 45 1.71 -2.77 5.32
C VAL A 45 1.99 -3.28 6.73
N TYR A 46 3.28 -3.34 7.07
CA TYR A 46 3.71 -3.78 8.39
C TYR A 46 4.96 -3.00 8.83
N LEU A 47 5.16 -2.87 10.13
CA LEU A 47 6.32 -2.16 10.65
C LEU A 47 7.55 -3.06 10.56
N LEU A 48 8.70 -2.48 10.20
CA LEU A 48 9.94 -3.25 10.07
C LEU A 48 10.22 -4.07 11.35
N PRO A 49 10.76 -3.45 12.42
CA PRO A 49 11.06 -4.16 13.66
C PRO A 49 9.80 -4.38 14.51
N GLY A 50 9.97 -5.10 15.62
CA GLY A 50 8.84 -5.36 16.50
C GLY A 50 8.09 -6.62 16.14
N ARG A 51 6.77 -6.58 16.25
CA ARG A 51 5.93 -7.72 15.94
C ARG A 51 6.14 -8.18 14.50
N GLY A 52 5.51 -7.48 13.56
CA GLY A 52 5.64 -7.83 12.16
C GLY A 52 4.33 -8.29 11.54
N GLN A 53 3.23 -7.71 11.99
CA GLN A 53 1.92 -8.06 11.48
C GLN A 53 1.61 -7.27 10.21
N VAL A 54 1.31 -7.98 9.13
CA VAL A 54 1.01 -7.35 7.85
C VAL A 54 -0.50 -7.17 7.64
N MET A 55 -0.94 -5.93 7.62
CA MET A 55 -2.35 -5.63 7.41
C MET A 55 -2.66 -5.51 5.93
N VAL A 56 -3.78 -6.06 5.51
CA VAL A 56 -4.19 -6.00 4.11
C VAL A 56 -5.33 -5.02 3.92
N VAL A 57 -5.26 -4.25 2.83
CA VAL A 57 -6.27 -3.25 2.53
C VAL A 57 -7.44 -3.87 1.76
N GLN A 58 -8.65 -3.63 2.26
CA GLN A 58 -9.86 -4.15 1.63
C GLN A 58 -10.33 -3.21 0.52
N ASN A 59 -11.32 -3.66 -0.24
CA ASN A 59 -11.87 -2.86 -1.33
C ASN A 59 -12.90 -1.88 -0.83
N ALA A 60 -12.94 -0.70 -1.44
CA ALA A 60 -13.88 0.35 -1.06
C ALA A 60 -15.18 0.21 -1.83
N SER A 61 -16.10 1.16 -1.61
CA SER A 61 -17.40 1.15 -2.27
C SER A 61 -17.26 0.82 -3.76
N ALA A 62 -17.61 -0.41 -4.12
CA ALA A 62 -17.53 -0.86 -5.50
C ALA A 62 -18.33 0.06 -6.43
N GLU A 63 -19.32 0.75 -5.85
CA GLU A 63 -20.16 1.65 -6.63
C GLU A 63 -19.31 2.73 -7.32
N TYR A 64 -18.26 3.18 -6.65
CA TYR A 64 -17.38 4.19 -7.21
C TYR A 64 -16.20 3.56 -7.96
N LYS A 65 -15.83 2.34 -7.54
CA LYS A 65 -14.74 1.63 -8.19
C LYS A 65 -15.18 1.09 -9.54
N ARG A 66 -16.38 0.53 -9.57
CA ARG A 66 -16.96 -0.02 -10.79
C ARG A 66 -16.81 0.95 -11.96
N ARG A 67 -16.79 2.24 -11.64
CA ARG A 67 -16.65 3.27 -12.65
C ARG A 67 -15.18 3.53 -12.95
N THR A 68 -14.34 3.36 -11.93
CA THR A 68 -12.91 3.57 -12.07
C THR A 68 -12.18 2.24 -12.25
N LYS A 69 -12.91 1.22 -12.68
CA LYS A 69 -12.34 -0.10 -12.88
C LYS A 69 -12.09 -0.40 -14.36
N TYR A 70 -12.22 0.63 -15.20
CA TYR A 70 -12.01 0.46 -16.64
C TYR A 70 -10.54 0.64 -16.99
N VAL A 71 -10.07 1.88 -16.93
CA VAL A 71 -8.67 2.17 -17.24
C VAL A 71 -7.83 2.27 -15.98
N GLN A 72 -8.46 2.68 -14.88
CA GLN A 72 -7.77 2.84 -13.61
C GLN A 72 -7.70 1.54 -12.82
N LYS A 73 -8.28 0.48 -13.36
CA LYS A 73 -8.29 -0.82 -12.67
C LYS A 73 -6.87 -1.28 -12.33
N SER A 74 -6.08 -1.58 -13.35
CA SER A 74 -4.71 -2.05 -13.14
C SER A 74 -3.71 -0.90 -13.22
N LEU A 75 -3.96 0.06 -14.11
CA LEU A 75 -3.07 1.20 -14.28
C LEU A 75 -2.84 1.92 -12.96
N ASN A 76 -3.91 2.32 -12.30
CA ASN A 76 -3.83 3.01 -11.02
C ASN A 76 -4.98 2.63 -10.10
N PRO A 77 -4.76 1.65 -9.21
CA PRO A 77 -5.78 1.17 -8.28
C PRO A 77 -5.88 2.04 -7.03
N GLU A 78 -7.09 2.16 -6.49
CA GLU A 78 -7.31 2.96 -5.29
C GLU A 78 -7.89 2.11 -4.17
N TRP A 79 -7.91 2.65 -2.96
CA TRP A 79 -8.42 1.93 -1.80
C TRP A 79 -9.04 2.88 -0.79
N ASN A 80 -8.37 3.99 -0.53
CA ASN A 80 -8.87 4.98 0.43
C ASN A 80 -9.27 4.31 1.75
N GLN A 81 -8.43 3.40 2.23
CA GLN A 81 -8.70 2.69 3.48
C GLN A 81 -7.76 3.15 4.57
N THR A 82 -7.95 2.62 5.78
CA THR A 82 -7.12 3.00 6.92
C THR A 82 -6.85 1.82 7.85
N VAL A 83 -5.66 1.81 8.43
CA VAL A 83 -5.26 0.78 9.38
C VAL A 83 -4.59 1.41 10.59
N ILE A 84 -4.50 0.66 11.69
CA ILE A 84 -3.89 1.18 12.90
C ILE A 84 -3.01 0.14 13.59
N TYR A 85 -2.03 0.64 14.34
CA TYR A 85 -1.11 -0.22 15.09
C TYR A 85 -1.07 0.25 16.53
N LYS A 86 -2.09 -0.09 17.29
CA LYS A 86 -2.18 0.30 18.70
C LYS A 86 -1.09 -0.36 19.53
N SER A 87 -0.62 0.38 20.54
CA SER A 87 0.43 -0.09 21.45
C SER A 87 1.81 0.24 20.90
N ILE A 88 1.89 1.34 20.15
CA ILE A 88 3.15 1.78 19.56
C ILE A 88 3.34 3.29 19.75
N SER A 89 4.33 3.67 20.54
CA SER A 89 4.62 5.08 20.79
C SER A 89 5.89 5.50 20.06
N MET A 90 6.04 6.82 19.85
CA MET A 90 7.20 7.35 19.16
C MET A 90 8.50 6.71 19.64
N GLU A 91 8.52 6.24 20.88
CA GLU A 91 9.70 5.59 21.44
C GLU A 91 10.14 4.44 20.54
N GLN A 92 9.19 3.55 20.26
CA GLN A 92 9.45 2.41 19.40
C GLN A 92 9.02 2.70 17.96
N LEU A 93 8.03 3.57 17.81
CA LEU A 93 7.52 3.96 16.51
C LEU A 93 8.61 4.62 15.67
N MET A 94 9.47 5.38 16.33
CA MET A 94 10.56 6.07 15.64
C MET A 94 11.54 5.09 15.00
N LYS A 95 11.88 4.03 15.73
CA LYS A 95 12.81 3.04 15.22
C LYS A 95 12.15 2.07 14.25
N LYS A 96 10.81 2.12 14.17
CA LYS A 96 10.08 1.25 13.26
C LYS A 96 9.86 1.94 11.92
N THR A 97 9.87 1.16 10.83
CA THR A 97 9.68 1.72 9.51
C THR A 97 8.46 1.10 8.82
N LEU A 98 7.58 1.96 8.33
CA LEU A 98 6.37 1.49 7.65
C LEU A 98 6.69 1.08 6.22
N GLU A 99 6.46 -0.19 5.90
CA GLU A 99 6.74 -0.71 4.58
C GLU A 99 5.46 -1.05 3.83
N VAL A 100 5.13 -0.23 2.83
CA VAL A 100 3.94 -0.44 2.02
C VAL A 100 4.26 -1.35 0.84
N THR A 101 3.45 -2.40 0.66
CA THR A 101 3.68 -3.34 -0.43
C THR A 101 2.38 -3.63 -1.17
N VAL A 102 2.38 -3.34 -2.47
CA VAL A 102 1.21 -3.57 -3.31
C VAL A 102 1.24 -4.96 -3.90
N TRP A 103 0.13 -5.69 -3.76
CA TRP A 103 0.03 -7.05 -4.29
C TRP A 103 -1.26 -7.24 -5.08
N ASP A 104 -1.15 -7.93 -6.21
CA ASP A 104 -2.32 -8.18 -7.06
C ASP A 104 -2.73 -9.64 -6.99
N TYR A 105 -4.03 -9.89 -7.09
CA TYR A 105 -4.56 -11.25 -7.04
C TYR A 105 -4.38 -11.95 -8.39
N ASP A 106 -3.72 -13.11 -8.36
CA ASP A 106 -3.48 -13.89 -9.56
C ASP A 106 -4.80 -14.26 -10.24
N ARG A 107 -4.74 -15.21 -11.17
CA ARG A 107 -5.92 -15.66 -11.88
C ARG A 107 -6.75 -16.61 -11.03
N PHE A 108 -6.11 -17.67 -10.54
CA PHE A 108 -6.79 -18.65 -9.71
C PHE A 108 -7.19 -18.04 -8.38
N SER A 109 -6.20 -17.50 -7.67
CA SER A 109 -6.44 -16.87 -6.37
C SER A 109 -5.12 -16.73 -5.60
N SER A 110 -4.06 -16.35 -6.31
CA SER A 110 -2.75 -16.17 -5.69
C SER A 110 -2.42 -14.69 -5.50
N ASN A 111 -1.24 -14.41 -4.96
CA ASN A 111 -0.82 -13.04 -4.73
C ASN A 111 0.45 -12.72 -5.50
N ASP A 112 0.40 -11.65 -6.29
CA ASP A 112 1.55 -11.23 -7.09
C ASP A 112 2.00 -9.83 -6.68
N PHE A 113 3.31 -9.70 -6.41
CA PHE A 113 3.87 -8.41 -6.01
C PHE A 113 3.60 -7.34 -7.06
N LEU A 114 3.59 -6.08 -6.63
CA LEU A 114 3.33 -4.97 -7.54
C LEU A 114 4.21 -3.76 -7.21
N GLY A 115 4.55 -3.59 -5.93
CA GLY A 115 5.37 -2.46 -5.52
C GLY A 115 5.64 -2.46 -4.03
N GLU A 116 6.80 -1.94 -3.65
CA GLU A 116 7.18 -1.88 -2.23
C GLU A 116 7.80 -0.53 -1.89
N VAL A 117 7.32 0.08 -0.81
CA VAL A 117 7.83 1.37 -0.38
C VAL A 117 8.16 1.36 1.12
N LEU A 118 9.24 2.03 1.48
CA LEU A 118 9.67 2.10 2.88
C LEU A 118 9.56 3.51 3.41
N ILE A 119 8.90 3.67 4.55
CA ILE A 119 8.72 4.98 5.16
C ILE A 119 9.19 4.97 6.61
N ASP A 120 10.39 5.49 6.84
CA ASP A 120 10.94 5.57 8.19
C ASP A 120 10.09 6.46 9.08
N LEU A 121 9.49 5.87 10.11
CA LEU A 121 8.66 6.63 11.04
C LEU A 121 9.49 7.49 11.97
N SER A 122 10.82 7.33 11.92
CA SER A 122 11.71 8.11 12.77
C SER A 122 11.63 9.59 12.42
N SER A 123 11.19 9.90 11.22
CA SER A 123 11.07 11.29 10.76
C SER A 123 9.84 11.49 9.89
N THR A 124 8.91 10.55 9.93
CA THR A 124 7.68 10.62 9.14
C THR A 124 7.01 11.98 9.27
N SER A 125 7.37 12.91 8.38
CA SER A 125 6.81 14.25 8.39
C SER A 125 5.37 14.25 7.89
N HIS A 126 4.90 13.12 7.38
CA HIS A 126 3.54 13.01 6.87
C HIS A 126 2.58 12.55 7.96
N LEU A 127 3.02 12.64 9.22
CA LEU A 127 2.20 12.23 10.35
C LEU A 127 0.96 13.10 10.48
N ASP A 128 1.12 14.40 10.24
CA ASP A 128 0.01 15.34 10.34
C ASP A 128 -1.01 15.14 9.21
N ASN A 129 -1.44 13.89 8.99
CA ASN A 129 -2.42 13.58 7.96
C ASN A 129 -2.16 14.37 6.67
N THR A 130 -1.19 13.91 5.87
CA THR A 130 -0.85 14.58 4.63
C THR A 130 -0.66 13.57 3.50
N PRO A 131 -1.58 13.54 2.51
CA PRO A 131 -1.49 12.62 1.37
C PRO A 131 -0.24 12.85 0.54
N ARG A 132 0.70 11.91 0.61
CA ARG A 132 1.94 12.02 -0.14
C ARG A 132 2.16 10.78 -1.02
N TRP A 133 2.82 10.97 -2.16
CA TRP A 133 3.09 9.88 -3.07
C TRP A 133 4.47 9.28 -2.81
N TYR A 134 4.50 7.97 -2.60
CA TYR A 134 5.76 7.28 -2.33
C TYR A 134 6.12 6.35 -3.49
N PRO A 135 7.40 6.35 -3.92
CA PRO A 135 7.86 5.51 -5.03
C PRO A 135 8.04 4.05 -4.62
N LEU A 136 7.38 3.15 -5.35
CA LEU A 136 7.48 1.72 -5.08
C LEU A 136 8.71 1.12 -5.74
N LYS A 137 9.27 0.09 -5.11
CA LYS A 137 10.45 -0.58 -5.63
C LYS A 137 10.16 -2.06 -5.93
N GLU A 138 11.17 -2.76 -6.42
CA GLU A 138 11.02 -4.18 -6.74
C GLU A 138 11.42 -5.06 -5.55
N GLN A 139 11.13 -6.34 -5.65
CA GLN A 139 11.45 -7.29 -4.59
C GLN A 139 12.92 -7.66 -4.61
N THR A 140 13.63 -7.32 -3.54
CA THR A 140 15.06 -7.61 -3.45
C THR A 140 15.28 -9.07 -3.07
N GLU A 141 16.35 -9.66 -3.60
CA GLU A 141 16.67 -11.06 -3.32
C GLU A 141 18.13 -11.20 -2.91
N SER A 142 18.35 -11.53 -1.64
CA SER A 142 19.71 -11.70 -1.12
C SER A 142 19.85 -13.05 -0.41
N ALA A 1 9.86 2.43 -23.61
CA ALA A 1 8.77 1.44 -23.78
C ALA A 1 8.49 0.70 -22.48
N SER A 2 8.02 1.42 -21.47
CA SER A 2 7.71 0.83 -20.18
C SER A 2 6.83 1.75 -19.35
N HIS A 3 5.80 1.18 -18.73
CA HIS A 3 4.88 1.95 -17.91
C HIS A 3 5.62 2.57 -16.71
N PRO A 4 5.49 3.90 -16.53
CA PRO A 4 6.15 4.61 -15.42
C PRO A 4 5.37 4.48 -14.12
N ILE A 5 6.11 4.49 -13.01
CA ILE A 5 5.49 4.38 -11.68
C ILE A 5 5.09 5.76 -11.17
N THR A 6 3.79 5.95 -10.96
CA THR A 6 3.28 7.23 -10.47
C THR A 6 2.09 7.01 -9.54
N GLY A 7 1.58 8.11 -8.98
CA GLY A 7 0.44 8.03 -8.09
C GLY A 7 0.84 7.98 -6.63
N GLU A 8 -0.14 8.16 -5.75
CA GLU A 8 0.10 8.13 -4.31
C GLU A 8 -0.84 7.14 -3.62
N ILE A 9 -0.48 6.74 -2.41
CA ILE A 9 -1.29 5.79 -1.66
C ILE A 9 -1.86 6.43 -0.40
N GLN A 10 -3.13 6.14 -0.12
CA GLN A 10 -3.79 6.69 1.06
C GLN A 10 -3.91 5.62 2.15
N LEU A 11 -3.39 5.92 3.33
CA LEU A 11 -3.45 4.98 4.44
C LEU A 11 -3.55 5.69 5.78
N GLN A 12 -3.87 4.94 6.81
CA GLN A 12 -3.99 5.48 8.17
C GLN A 12 -3.12 4.69 9.13
N ILE A 13 -2.19 5.36 9.79
CA ILE A 13 -1.29 4.70 10.73
C ILE A 13 -1.71 4.97 12.18
N ASN A 14 -1.56 3.95 13.02
CA ASN A 14 -1.90 4.05 14.43
C ASN A 14 -1.33 2.88 15.20
N TYR A 15 -0.77 3.17 16.38
CA TYR A 15 -0.19 2.12 17.21
C TYR A 15 -0.95 1.99 18.52
N ASP A 16 -1.29 0.76 18.90
CA ASP A 16 -2.02 0.52 20.14
C ASP A 16 -1.70 -0.86 20.72
N LEU A 17 -1.84 -0.99 22.04
CA LEU A 17 -1.58 -2.25 22.72
C LEU A 17 -0.21 -2.81 22.36
N GLY A 18 0.74 -1.92 22.17
CA GLY A 18 2.09 -2.34 21.81
C GLY A 18 2.15 -2.97 20.43
N ASN A 19 1.08 -2.76 19.66
CA ASN A 19 1.00 -3.31 18.32
C ASN A 19 0.81 -2.18 17.30
N LEU A 20 1.61 -2.20 16.25
CA LEU A 20 1.52 -1.17 15.22
C LEU A 20 0.39 -1.50 14.24
N ILE A 21 -0.54 -0.56 14.09
CA ILE A 21 -1.67 -0.76 13.19
C ILE A 21 -1.59 0.15 11.98
N ILE A 22 -1.82 -0.42 10.81
CA ILE A 22 -1.79 0.32 9.56
C ILE A 22 -2.97 -0.05 8.66
N HIS A 23 -3.68 0.96 8.15
CA HIS A 23 -4.83 0.70 7.29
C HIS A 23 -4.59 1.21 5.87
N ILE A 24 -4.57 0.29 4.91
CA ILE A 24 -4.38 0.66 3.50
C ILE A 24 -5.72 1.00 2.88
N LEU A 25 -5.92 2.29 2.59
CA LEU A 25 -7.18 2.75 2.01
C LEU A 25 -7.20 2.67 0.50
N GLN A 26 -6.70 3.70 -0.17
CA GLN A 26 -6.71 3.73 -1.62
C GLN A 26 -5.61 4.60 -2.20
N ALA A 27 -5.16 4.25 -3.39
CA ALA A 27 -4.13 5.00 -4.08
C ALA A 27 -4.72 5.76 -5.27
N ARG A 28 -4.02 6.81 -5.71
CA ARG A 28 -4.50 7.60 -6.85
C ARG A 28 -3.36 8.03 -7.75
N ASN A 29 -3.71 8.49 -8.95
CA ASN A 29 -2.73 8.94 -9.93
C ASN A 29 -1.75 7.82 -10.29
N LEU A 30 -2.23 6.58 -10.22
CA LEU A 30 -1.40 5.42 -10.55
C LEU A 30 -1.10 5.38 -12.05
N VAL A 31 -0.24 4.47 -12.46
CA VAL A 31 0.11 4.33 -13.87
C VAL A 31 -1.09 3.83 -14.67
N PRO A 32 -1.65 4.69 -15.55
CA PRO A 32 -2.80 4.32 -16.37
C PRO A 32 -2.44 3.38 -17.52
N ARG A 33 -3.43 2.64 -18.02
CA ARG A 33 -3.22 1.71 -19.12
C ARG A 33 -4.45 1.64 -20.02
N ASP A 34 -4.22 1.70 -21.32
CA ASP A 34 -5.31 1.63 -22.29
C ASP A 34 -5.48 0.21 -22.83
N ASN A 35 -6.73 -0.21 -22.99
CA ASN A 35 -7.03 -1.55 -23.51
C ASN A 35 -6.44 -2.62 -22.59
N ASN A 36 -6.79 -2.56 -21.31
CA ASN A 36 -6.31 -3.53 -20.33
C ASN A 36 -6.96 -3.31 -18.97
N GLY A 37 -7.29 -4.40 -18.29
CA GLY A 37 -7.91 -4.30 -16.98
C GLY A 37 -8.11 -5.66 -16.34
N TYR A 38 -9.22 -5.81 -15.60
CA TYR A 38 -9.54 -7.06 -14.91
C TYR A 38 -8.55 -7.31 -13.78
N SER A 39 -7.40 -6.67 -13.88
CA SER A 39 -6.36 -6.82 -12.87
C SER A 39 -6.71 -6.06 -11.60
N ASP A 40 -6.42 -6.67 -10.46
CA ASP A 40 -6.70 -6.06 -9.16
C ASP A 40 -5.40 -5.78 -8.40
N PRO A 41 -5.01 -4.50 -8.26
CA PRO A 41 -3.78 -4.12 -7.56
C PRO A 41 -3.86 -4.38 -6.06
N PHE A 42 -2.73 -4.74 -5.48
CA PHE A 42 -2.65 -5.01 -4.05
C PHE A 42 -1.45 -4.31 -3.43
N VAL A 43 -1.39 -4.29 -2.11
CA VAL A 43 -0.29 -3.63 -1.41
C VAL A 43 0.48 -4.60 -0.53
N LYS A 44 1.76 -4.32 -0.35
CA LYS A 44 2.64 -5.13 0.48
C LYS A 44 3.36 -4.24 1.49
N VAL A 45 3.01 -4.38 2.76
CA VAL A 45 3.62 -3.55 3.80
C VAL A 45 4.40 -4.37 4.82
N TYR A 46 5.68 -4.03 4.97
CA TYR A 46 6.55 -4.70 5.92
C TYR A 46 7.53 -3.71 6.54
N LEU A 47 7.98 -3.99 7.76
CA LEU A 47 8.94 -3.12 8.43
C LEU A 47 10.35 -3.41 7.92
N LEU A 48 11.17 -2.37 7.82
CA LEU A 48 12.54 -2.52 7.32
C LEU A 48 13.31 -3.54 8.15
N PRO A 49 13.33 -3.38 9.49
CA PRO A 49 14.05 -4.28 10.39
C PRO A 49 13.17 -5.43 10.88
N GLY A 50 13.59 -6.06 11.97
CA GLY A 50 12.82 -7.16 12.53
C GLY A 50 12.89 -8.41 11.67
N ARG A 51 11.79 -9.17 11.65
CA ARG A 51 11.72 -10.39 10.87
C ARG A 51 11.96 -10.11 9.39
N GLY A 52 11.10 -9.28 8.80
CA GLY A 52 11.24 -8.94 7.40
C GLY A 52 10.19 -9.60 6.53
N GLN A 53 9.02 -9.89 7.12
CA GLN A 53 7.94 -10.53 6.38
C GLN A 53 7.07 -9.49 5.68
N VAL A 54 6.52 -9.86 4.53
CA VAL A 54 5.69 -8.95 3.76
C VAL A 54 4.21 -9.24 4.00
N MET A 55 3.48 -8.23 4.49
CA MET A 55 2.05 -8.38 4.75
C MET A 55 1.23 -7.76 3.62
N VAL A 56 0.54 -8.61 2.87
CA VAL A 56 -0.27 -8.15 1.76
C VAL A 56 -1.64 -7.67 2.23
N VAL A 57 -2.30 -6.86 1.41
CA VAL A 57 -3.61 -6.32 1.74
C VAL A 57 -4.72 -7.08 1.01
N GLN A 58 -5.88 -7.16 1.65
CA GLN A 58 -7.03 -7.85 1.08
C GLN A 58 -7.92 -6.87 0.32
N ASN A 59 -8.83 -7.41 -0.49
CA ASN A 59 -9.73 -6.57 -1.28
C ASN A 59 -11.05 -6.34 -0.53
N ALA A 60 -11.74 -5.26 -0.89
CA ALA A 60 -13.01 -4.91 -0.27
C ALA A 60 -14.18 -5.40 -1.11
N SER A 61 -15.39 -5.08 -0.67
CA SER A 61 -16.61 -5.48 -1.38
C SER A 61 -16.46 -5.27 -2.88
N ALA A 62 -16.21 -6.36 -3.61
CA ALA A 62 -16.04 -6.31 -5.05
C ALA A 62 -17.28 -5.77 -5.74
N GLU A 63 -18.44 -5.90 -5.09
CA GLU A 63 -19.69 -5.43 -5.66
C GLU A 63 -19.62 -3.93 -5.97
N TYR A 64 -18.93 -3.18 -5.11
CA TYR A 64 -18.80 -1.75 -5.31
C TYR A 64 -17.54 -1.42 -6.11
N LYS A 65 -16.49 -2.22 -5.93
CA LYS A 65 -15.25 -2.02 -6.67
C LYS A 65 -15.46 -2.38 -8.12
N ARG A 66 -15.96 -3.60 -8.33
CA ARG A 66 -16.24 -4.08 -9.68
C ARG A 66 -17.02 -3.03 -10.47
N ARG A 67 -17.84 -2.27 -9.76
CA ARG A 67 -18.64 -1.22 -10.37
C ARG A 67 -17.76 -0.01 -10.68
N THR A 68 -16.83 0.28 -9.78
CA THR A 68 -15.91 1.40 -9.96
C THR A 68 -14.61 0.92 -10.61
N LYS A 69 -14.73 -0.07 -11.49
CA LYS A 69 -13.57 -0.64 -12.17
C LYS A 69 -13.46 -0.13 -13.60
N TYR A 70 -14.25 0.88 -13.95
CA TYR A 70 -14.20 1.43 -15.31
C TYR A 70 -13.01 2.36 -15.47
N VAL A 71 -13.05 3.51 -14.80
CA VAL A 71 -11.95 4.47 -14.87
C VAL A 71 -11.03 4.36 -13.66
N GLN A 72 -11.61 3.98 -12.52
CA GLN A 72 -10.84 3.85 -11.27
C GLN A 72 -10.12 2.51 -11.16
N LYS A 73 -10.30 1.64 -12.16
CA LYS A 73 -9.65 0.33 -12.14
C LYS A 73 -8.17 0.43 -11.79
N SER A 74 -7.39 1.00 -12.70
CA SER A 74 -5.95 1.16 -12.48
C SER A 74 -5.61 2.58 -12.04
N LEU A 75 -6.55 3.50 -12.23
CA LEU A 75 -6.34 4.90 -11.86
C LEU A 75 -6.22 5.05 -10.34
N ASN A 76 -7.21 4.51 -9.61
CA ASN A 76 -7.21 4.60 -8.16
C ASN A 76 -7.78 3.35 -7.53
N PRO A 77 -6.92 2.39 -7.13
CA PRO A 77 -7.35 1.14 -6.51
C PRO A 77 -7.56 1.29 -5.01
N GLU A 78 -8.70 0.82 -4.52
CA GLU A 78 -9.02 0.92 -3.09
C GLU A 78 -8.68 -0.37 -2.36
N TRP A 79 -8.71 -0.32 -1.03
CA TRP A 79 -8.42 -1.49 -0.21
C TRP A 79 -9.17 -1.41 1.12
N ASN A 80 -9.17 -0.24 1.75
CA ASN A 80 -9.86 -0.04 3.02
C ASN A 80 -9.61 -1.22 3.98
N GLN A 81 -8.35 -1.62 4.09
CA GLN A 81 -7.98 -2.74 4.95
C GLN A 81 -7.22 -2.25 6.18
N THR A 82 -6.93 -3.18 7.08
CA THR A 82 -6.21 -2.86 8.31
C THR A 82 -5.26 -3.99 8.70
N VAL A 83 -4.04 -3.61 9.09
CA VAL A 83 -3.04 -4.58 9.51
C VAL A 83 -2.50 -4.25 10.90
N ILE A 84 -1.93 -5.25 11.57
CA ILE A 84 -1.38 -5.03 12.90
C ILE A 84 -0.06 -5.78 13.09
N TYR A 85 0.93 -5.07 13.61
CA TYR A 85 2.24 -5.66 13.88
C TYR A 85 2.48 -5.72 15.38
N LYS A 86 1.85 -6.68 16.03
CA LYS A 86 1.97 -6.84 17.47
C LYS A 86 3.38 -7.23 17.87
N SER A 87 3.74 -6.89 19.10
CA SER A 87 5.06 -7.19 19.66
C SER A 87 6.08 -6.12 19.27
N ILE A 88 5.59 -4.90 19.05
CA ILE A 88 6.46 -3.80 18.68
C ILE A 88 6.12 -2.56 19.50
N SER A 89 7.12 -2.02 20.19
CA SER A 89 6.92 -0.84 21.01
C SER A 89 7.57 0.38 20.35
N MET A 90 6.99 1.56 20.58
CA MET A 90 7.51 2.79 20.00
C MET A 90 9.03 2.89 20.15
N GLU A 91 9.58 2.20 21.15
CA GLU A 91 11.02 2.21 21.37
C GLU A 91 11.75 1.74 20.12
N GLN A 92 11.40 0.54 19.68
CA GLN A 92 12.00 -0.05 18.49
C GLN A 92 11.26 0.43 17.23
N LEU A 93 9.98 0.77 17.40
CA LEU A 93 9.15 1.25 16.31
C LEU A 93 9.87 2.34 15.53
N MET A 94 10.49 3.26 16.26
CA MET A 94 11.21 4.36 15.64
C MET A 94 12.38 3.85 14.80
N LYS A 95 12.90 2.68 15.17
CA LYS A 95 14.02 2.08 14.45
C LYS A 95 13.52 1.36 13.19
N LYS A 96 12.21 1.13 13.11
CA LYS A 96 11.62 0.46 11.96
C LYS A 96 10.87 1.44 11.07
N THR A 97 10.82 1.15 9.78
CA THR A 97 10.14 2.02 8.83
C THR A 97 9.09 1.25 8.03
N LEU A 98 7.89 1.82 7.94
CA LEU A 98 6.80 1.19 7.20
C LEU A 98 6.97 1.42 5.70
N GLU A 99 7.12 0.34 4.95
CA GLU A 99 7.29 0.44 3.50
C GLU A 99 6.08 -0.08 2.76
N VAL A 100 5.26 0.84 2.26
CA VAL A 100 4.06 0.47 1.51
C VAL A 100 4.39 0.29 0.03
N THR A 101 4.12 -0.90 -0.49
CA THR A 101 4.41 -1.20 -1.88
C THR A 101 3.17 -1.70 -2.63
N VAL A 102 2.85 -1.04 -3.73
CA VAL A 102 1.68 -1.41 -4.53
C VAL A 102 2.11 -2.32 -5.68
N TRP A 103 1.38 -3.43 -5.85
CA TRP A 103 1.69 -4.38 -6.92
C TRP A 103 0.42 -4.79 -7.67
N ASP A 104 0.54 -4.92 -8.98
CA ASP A 104 -0.59 -5.32 -9.81
C ASP A 104 -0.31 -6.64 -10.51
N TYR A 105 -1.35 -7.47 -10.62
CA TYR A 105 -1.21 -8.77 -11.26
C TYR A 105 -1.08 -8.63 -12.77
N ASP A 106 -0.38 -9.58 -13.39
CA ASP A 106 -0.17 -9.56 -14.83
C ASP A 106 -1.33 -10.24 -15.56
N ARG A 107 -1.11 -10.60 -16.82
CA ARG A 107 -2.14 -11.24 -17.62
C ARG A 107 -2.20 -12.74 -17.34
N PHE A 108 -1.09 -13.32 -16.92
CA PHE A 108 -1.04 -14.74 -16.63
C PHE A 108 -1.03 -15.01 -15.13
N SER A 109 -0.26 -14.23 -14.38
CA SER A 109 -0.17 -14.40 -12.92
C SER A 109 0.92 -13.54 -12.30
N SER A 110 1.98 -13.28 -13.07
CA SER A 110 3.09 -12.46 -12.58
C SER A 110 2.60 -11.22 -11.83
N ASN A 111 3.39 -10.76 -10.87
CA ASN A 111 3.05 -9.58 -10.09
C ASN A 111 4.01 -8.42 -10.38
N ASP A 112 3.52 -7.41 -11.09
CA ASP A 112 4.34 -6.26 -11.44
C ASP A 112 4.26 -5.18 -10.37
N PHE A 113 5.29 -4.33 -10.32
CA PHE A 113 5.34 -3.25 -9.34
C PHE A 113 4.43 -2.09 -9.75
N LEU A 114 4.03 -1.27 -8.77
CA LEU A 114 3.16 -0.14 -9.05
C LEU A 114 3.57 1.10 -8.26
N GLY A 115 4.06 0.90 -7.04
CA GLY A 115 4.47 2.04 -6.22
C GLY A 115 5.09 1.61 -4.91
N GLU A 116 5.97 2.45 -4.37
CA GLU A 116 6.64 2.16 -3.11
C GLU A 116 6.76 3.41 -2.25
N VAL A 117 6.31 3.32 -1.01
CA VAL A 117 6.38 4.45 -0.09
C VAL A 117 7.04 4.04 1.22
N LEU A 118 8.00 4.86 1.67
CA LEU A 118 8.71 4.59 2.91
C LEU A 118 8.32 5.59 3.99
N ILE A 119 7.66 5.10 5.04
CA ILE A 119 7.21 5.96 6.13
C ILE A 119 7.97 5.65 7.42
N ASP A 120 8.96 6.47 7.73
CA ASP A 120 9.75 6.28 8.94
C ASP A 120 8.88 6.42 10.18
N LEU A 121 8.77 5.34 10.95
CA LEU A 121 7.96 5.36 12.16
C LEU A 121 8.61 6.20 13.26
N SER A 122 9.87 6.59 13.04
CA SER A 122 10.60 7.39 14.01
C SER A 122 9.93 8.75 14.21
N SER A 123 9.13 9.17 13.23
CA SER A 123 8.45 10.46 13.31
C SER A 123 7.04 10.38 12.73
N THR A 124 6.54 9.17 12.53
CA THR A 124 5.20 8.96 11.97
C THR A 124 4.16 9.81 12.71
N SER A 125 3.91 11.01 12.20
CA SER A 125 2.94 11.92 12.80
C SER A 125 1.51 11.48 12.51
N HIS A 126 1.35 10.59 11.53
CA HIS A 126 0.03 10.10 11.15
C HIS A 126 -0.44 8.99 12.10
N LEU A 127 0.31 8.76 13.17
CA LEU A 127 -0.02 7.72 14.14
C LEU A 127 -1.43 7.91 14.70
N ASP A 128 -1.79 9.16 14.95
CA ASP A 128 -3.11 9.47 15.50
C ASP A 128 -4.23 9.19 14.49
N ASN A 129 -4.19 8.01 13.86
CA ASN A 129 -5.21 7.62 12.89
C ASN A 129 -5.62 8.78 11.99
N THR A 130 -4.76 9.12 11.03
CA THR A 130 -5.04 10.21 10.11
C THR A 130 -4.85 9.78 8.66
N PRO A 131 -5.95 9.58 7.93
CA PRO A 131 -5.90 9.16 6.52
C PRO A 131 -5.19 10.19 5.64
N ARG A 132 -3.92 9.93 5.35
CA ARG A 132 -3.13 10.83 4.53
C ARG A 132 -2.62 10.13 3.27
N TRP A 133 -2.30 10.91 2.25
CA TRP A 133 -1.79 10.37 1.00
C TRP A 133 -0.27 10.42 0.96
N TYR A 134 0.34 9.28 0.63
CA TYR A 134 1.79 9.19 0.56
C TYR A 134 2.25 9.02 -0.88
N PRO A 135 3.28 9.77 -1.32
CA PRO A 135 3.80 9.69 -2.68
C PRO A 135 4.60 8.43 -2.92
N LEU A 136 4.21 7.66 -3.94
CA LEU A 136 4.89 6.43 -4.28
C LEU A 136 6.08 6.69 -5.19
N LYS A 137 7.08 5.81 -5.14
CA LYS A 137 8.27 5.96 -5.97
C LYS A 137 8.50 4.71 -6.81
N GLU A 138 9.57 4.72 -7.60
CA GLU A 138 9.90 3.59 -8.47
C GLU A 138 10.94 2.69 -7.81
N GLN A 139 11.01 1.44 -8.27
CA GLN A 139 11.96 0.49 -7.73
C GLN A 139 13.30 0.59 -8.47
N THR A 140 14.37 0.81 -7.70
CA THR A 140 15.70 0.92 -8.28
C THR A 140 16.37 -0.45 -8.40
N GLU A 141 16.58 -0.88 -9.65
CA GLU A 141 17.21 -2.17 -9.90
C GLU A 141 18.60 -1.99 -10.49
N SER A 142 19.57 -2.71 -9.93
CA SER A 142 20.95 -2.63 -10.40
C SER A 142 21.48 -1.20 -10.29
N ALA A 1 2.66 -0.47 -24.24
CA ALA A 1 2.34 0.92 -23.82
C ALA A 1 1.06 0.96 -22.98
N SER A 2 1.14 1.60 -21.82
CA SER A 2 0.00 1.70 -20.92
C SER A 2 0.08 2.98 -20.08
N HIS A 3 -0.80 3.09 -19.09
CA HIS A 3 -0.82 4.25 -18.22
C HIS A 3 0.42 4.30 -17.33
N PRO A 4 0.90 5.51 -17.01
CA PRO A 4 2.09 5.68 -16.16
C PRO A 4 1.78 5.53 -14.68
N ILE A 5 2.80 5.19 -13.91
CA ILE A 5 2.65 5.01 -12.47
C ILE A 5 2.95 6.30 -11.72
N THR A 6 1.96 6.78 -10.97
CA THR A 6 2.12 8.02 -10.21
C THR A 6 1.32 7.98 -8.92
N GLY A 7 1.37 9.07 -8.17
CA GLY A 7 0.63 9.15 -6.92
C GLY A 7 1.45 8.71 -5.71
N GLU A 8 0.89 8.93 -4.52
CA GLU A 8 1.57 8.55 -3.29
C GLU A 8 0.62 7.77 -2.38
N ILE A 9 1.19 7.02 -1.44
CA ILE A 9 0.39 6.23 -0.51
C ILE A 9 0.58 6.71 0.93
N GLN A 10 -0.49 6.63 1.71
CA GLN A 10 -0.44 7.05 3.11
C GLN A 10 -0.70 5.87 4.04
N LEU A 11 0.19 5.68 5.01
CA LEU A 11 0.04 4.58 5.96
C LEU A 11 0.54 4.97 7.34
N GLN A 12 0.25 4.12 8.31
CA GLN A 12 0.66 4.34 9.70
C GLN A 12 1.45 3.14 10.22
N ILE A 13 2.75 3.32 10.38
CA ILE A 13 3.61 2.24 10.87
C ILE A 13 3.69 2.22 12.39
N ASN A 14 3.72 1.02 12.96
CA ASN A 14 3.80 0.85 14.41
C ASN A 14 4.22 -0.57 14.76
N TYR A 15 5.31 -0.70 15.51
CA TYR A 15 5.81 -2.01 15.92
C TYR A 15 5.66 -2.18 17.43
N ASP A 16 5.09 -3.31 17.84
CA ASP A 16 4.90 -3.58 19.26
C ASP A 16 4.91 -5.07 19.55
N LEU A 17 5.32 -5.43 20.77
CA LEU A 17 5.37 -6.83 21.21
C LEU A 17 6.14 -7.68 20.21
N GLY A 18 7.20 -7.12 19.65
CA GLY A 18 7.99 -7.85 18.68
C GLY A 18 7.23 -8.11 17.40
N ASN A 19 6.13 -7.39 17.21
CA ASN A 19 5.30 -7.56 16.03
C ASN A 19 5.20 -6.23 15.27
N LEU A 20 5.45 -6.28 13.97
CA LEU A 20 5.38 -5.08 13.15
C LEU A 20 3.97 -4.84 12.64
N ILE A 21 3.41 -3.68 12.96
CA ILE A 21 2.05 -3.34 12.54
C ILE A 21 2.05 -2.19 11.52
N ILE A 22 1.37 -2.40 10.42
CA ILE A 22 1.27 -1.40 9.36
C ILE A 22 -0.19 -1.10 9.03
N HIS A 23 -0.52 0.17 8.89
CA HIS A 23 -1.89 0.57 8.58
C HIS A 23 -1.98 1.27 7.23
N ILE A 24 -2.58 0.60 6.26
CA ILE A 24 -2.74 1.17 4.93
C ILE A 24 -3.96 2.09 4.89
N LEU A 25 -3.71 3.39 4.82
CA LEU A 25 -4.78 4.38 4.81
C LEU A 25 -5.32 4.64 3.41
N GLN A 26 -4.68 5.54 2.66
CA GLN A 26 -5.13 5.86 1.32
C GLN A 26 -4.00 6.38 0.45
N ALA A 27 -4.29 6.49 -0.84
CA ALA A 27 -3.31 7.00 -1.81
C ALA A 27 -3.84 8.23 -2.52
N ARG A 28 -2.95 8.97 -3.17
CA ARG A 28 -3.33 10.19 -3.88
C ARG A 28 -2.49 10.41 -5.12
N ASN A 29 -2.96 11.25 -6.02
CA ASN A 29 -2.25 11.56 -7.26
C ASN A 29 -1.92 10.28 -8.04
N LEU A 30 -2.70 9.23 -7.81
CA LEU A 30 -2.49 7.96 -8.50
C LEU A 30 -2.69 8.12 -10.00
N VAL A 31 -2.56 7.01 -10.74
CA VAL A 31 -2.74 7.03 -12.18
C VAL A 31 -4.22 6.94 -12.55
N PRO A 32 -4.72 7.90 -13.36
CA PRO A 32 -6.12 7.91 -13.78
C PRO A 32 -6.43 6.84 -14.82
N ARG A 33 -7.71 6.61 -15.08
CA ARG A 33 -8.13 5.61 -16.06
C ARG A 33 -9.10 6.22 -17.07
N ASP A 34 -8.88 5.93 -18.35
CA ASP A 34 -9.73 6.45 -19.41
C ASP A 34 -11.16 5.95 -19.25
N ASN A 35 -12.12 6.80 -19.61
CA ASN A 35 -13.53 6.44 -19.52
C ASN A 35 -13.91 6.11 -18.07
N ASN A 36 -13.36 6.88 -17.14
CA ASN A 36 -13.64 6.68 -15.72
C ASN A 36 -13.23 5.27 -15.28
N GLY A 37 -13.45 4.98 -13.99
CA GLY A 37 -13.09 3.67 -13.47
C GLY A 37 -14.26 2.99 -12.78
N TYR A 38 -13.99 1.85 -12.16
CA TYR A 38 -15.03 1.10 -11.46
C TYR A 38 -14.41 0.15 -10.44
N SER A 39 -13.37 -0.57 -10.84
CA SER A 39 -12.71 -1.51 -9.96
C SER A 39 -11.97 -0.77 -8.84
N ASP A 40 -11.93 -1.38 -7.65
CA ASP A 40 -11.27 -0.78 -6.50
C ASP A 40 -9.84 -1.34 -6.35
N PRO A 41 -8.84 -0.45 -6.20
CA PRO A 41 -7.45 -0.86 -6.04
C PRO A 41 -7.14 -1.38 -4.64
N PHE A 42 -6.12 -2.22 -4.54
CA PHE A 42 -5.71 -2.79 -3.26
C PHE A 42 -4.21 -2.62 -3.06
N VAL A 43 -3.73 -2.88 -1.85
CA VAL A 43 -2.31 -2.75 -1.54
C VAL A 43 -1.69 -4.10 -1.17
N LYS A 44 -0.40 -4.22 -1.44
CA LYS A 44 0.36 -5.43 -1.13
C LYS A 44 1.64 -5.05 -0.40
N VAL A 45 1.71 -5.37 0.89
CA VAL A 45 2.88 -5.02 1.68
C VAL A 45 3.59 -6.24 2.26
N TYR A 46 4.87 -6.35 1.97
CA TYR A 46 5.70 -7.44 2.47
C TYR A 46 7.12 -6.96 2.77
N LEU A 47 7.79 -7.64 3.69
CA LEU A 47 9.15 -7.26 4.05
C LEU A 47 10.14 -7.79 3.01
N LEU A 48 11.21 -7.02 2.76
CA LEU A 48 12.21 -7.41 1.77
C LEU A 48 12.76 -8.81 2.07
N PRO A 49 13.27 -9.04 3.31
CA PRO A 49 13.82 -10.33 3.71
C PRO A 49 12.74 -11.32 4.15
N GLY A 50 13.13 -12.32 4.92
CA GLY A 50 12.19 -13.31 5.39
C GLY A 50 11.71 -14.25 4.31
N ARG A 51 10.59 -14.93 4.56
CA ARG A 51 10.03 -15.86 3.59
C ARG A 51 9.68 -15.15 2.28
N GLY A 52 9.05 -13.98 2.39
CA GLY A 52 8.68 -13.22 1.21
C GLY A 52 7.20 -13.32 0.90
N GLN A 53 6.38 -13.28 1.94
CA GLN A 53 4.93 -13.38 1.77
C GLN A 53 4.33 -11.97 1.57
N VAL A 54 3.40 -11.87 0.62
CA VAL A 54 2.77 -10.59 0.33
C VAL A 54 1.45 -10.44 1.08
N MET A 55 1.33 -9.36 1.85
CA MET A 55 0.12 -9.09 2.62
C MET A 55 -0.78 -8.11 1.87
N VAL A 56 -1.98 -8.57 1.53
CA VAL A 56 -2.93 -7.73 0.80
C VAL A 56 -3.86 -7.00 1.76
N VAL A 57 -4.45 -5.91 1.27
CA VAL A 57 -5.37 -5.11 2.09
C VAL A 57 -6.80 -5.25 1.59
N GLN A 58 -7.74 -5.35 2.53
CA GLN A 58 -9.16 -5.48 2.20
C GLN A 58 -9.78 -4.10 2.00
N ASN A 59 -11.02 -4.08 1.52
CA ASN A 59 -11.72 -2.82 1.28
C ASN A 59 -12.50 -2.38 2.53
N ALA A 60 -12.87 -1.10 2.54
CA ALA A 60 -13.60 -0.52 3.67
C ALA A 60 -15.05 -0.20 3.27
N SER A 61 -15.79 0.40 4.20
CA SER A 61 -17.19 0.76 3.95
C SER A 61 -17.36 1.39 2.57
N ALA A 62 -17.91 0.61 1.64
CA ALA A 62 -18.14 1.09 0.28
C ALA A 62 -19.16 2.22 0.24
N GLU A 63 -19.98 2.32 1.29
CA GLU A 63 -21.00 3.35 1.37
C GLU A 63 -20.37 4.74 1.31
N TYR A 64 -19.17 4.88 1.86
CA TYR A 64 -18.48 6.16 1.86
C TYR A 64 -17.58 6.31 0.64
N LYS A 65 -17.10 5.18 0.12
CA LYS A 65 -16.26 5.18 -1.07
C LYS A 65 -17.11 5.41 -2.31
N ARG A 66 -18.18 4.64 -2.39
CA ARG A 66 -19.12 4.74 -3.51
C ARG A 66 -19.47 6.19 -3.80
N ARG A 67 -19.52 7.00 -2.75
CA ARG A 67 -19.83 8.42 -2.87
C ARG A 67 -18.61 9.19 -3.36
N THR A 68 -17.43 8.74 -2.91
CA THR A 68 -16.18 9.39 -3.30
C THR A 68 -15.53 8.63 -4.47
N LYS A 69 -16.34 7.83 -5.17
CA LYS A 69 -15.86 7.06 -6.31
C LYS A 69 -15.94 7.86 -7.60
N TYR A 70 -16.21 9.16 -7.48
CA TYR A 70 -16.31 10.03 -8.64
C TYR A 70 -14.92 10.42 -9.14
N VAL A 71 -14.25 11.27 -8.38
CA VAL A 71 -12.91 11.74 -8.75
C VAL A 71 -11.82 10.95 -8.03
N GLN A 72 -12.12 10.50 -6.81
CA GLN A 72 -11.14 9.76 -6.01
C GLN A 72 -11.09 8.28 -6.40
N LYS A 73 -11.94 7.86 -7.34
CA LYS A 73 -11.97 6.46 -7.76
C LYS A 73 -10.57 5.96 -8.12
N SER A 74 -10.03 6.45 -9.23
CA SER A 74 -8.71 6.05 -9.69
C SER A 74 -7.67 7.11 -9.36
N LEU A 75 -8.04 8.10 -8.56
CA LEU A 75 -7.13 9.18 -8.19
C LEU A 75 -6.64 9.03 -6.75
N ASN A 76 -7.57 8.74 -5.84
CA ASN A 76 -7.21 8.60 -4.44
C ASN A 76 -8.01 7.47 -3.77
N PRO A 77 -7.44 6.26 -3.69
CA PRO A 77 -8.10 5.10 -3.08
C PRO A 77 -7.84 5.04 -1.58
N GLU A 78 -8.86 4.65 -0.82
CA GLU A 78 -8.72 4.56 0.63
C GLU A 78 -8.79 3.11 1.11
N TRP A 79 -8.36 2.89 2.35
CA TRP A 79 -8.37 1.56 2.94
C TRP A 79 -8.52 1.65 4.45
N ASN A 80 -7.77 2.56 5.07
CA ASN A 80 -7.81 2.76 6.52
C ASN A 80 -7.83 1.43 7.27
N GLN A 81 -6.94 0.52 6.87
CA GLN A 81 -6.86 -0.79 7.49
C GLN A 81 -5.55 -0.96 8.24
N THR A 82 -5.41 -2.09 8.93
CA THR A 82 -4.21 -2.37 9.70
C THR A 82 -3.83 -3.85 9.66
N VAL A 83 -2.54 -4.12 9.60
CA VAL A 83 -2.03 -5.49 9.55
C VAL A 83 -0.79 -5.61 10.43
N ILE A 84 -0.48 -6.84 10.87
CA ILE A 84 0.69 -7.06 11.72
C ILE A 84 1.53 -8.23 11.24
N TYR A 85 2.79 -8.19 11.62
CA TYR A 85 3.74 -9.24 11.28
C TYR A 85 4.48 -9.68 12.54
N LYS A 86 3.84 -10.52 13.33
CA LYS A 86 4.42 -11.00 14.58
C LYS A 86 5.64 -11.88 14.32
N SER A 87 6.53 -11.93 15.31
CA SER A 87 7.76 -12.72 15.23
C SER A 87 8.86 -11.95 14.53
N ILE A 88 8.90 -10.64 14.78
CA ILE A 88 9.91 -9.78 14.17
C ILE A 88 10.48 -8.81 15.21
N SER A 89 11.77 -8.92 15.47
CA SER A 89 12.43 -8.05 16.44
C SER A 89 13.13 -6.90 15.74
N MET A 90 13.41 -5.83 16.49
CA MET A 90 14.09 -4.67 15.93
C MET A 90 15.42 -5.04 15.27
N GLU A 91 16.06 -6.09 15.81
CA GLU A 91 17.33 -6.55 15.27
C GLU A 91 17.20 -6.93 13.80
N GLN A 92 16.22 -7.78 13.50
CA GLN A 92 15.97 -8.21 12.13
C GLN A 92 15.13 -7.18 11.39
N LEU A 93 14.17 -6.61 12.11
CA LEU A 93 13.28 -5.60 11.54
C LEU A 93 14.09 -4.48 10.89
N MET A 94 15.12 -4.01 11.60
CA MET A 94 15.97 -2.95 11.08
C MET A 94 16.59 -3.35 9.76
N LYS A 95 16.68 -4.66 9.52
CA LYS A 95 17.26 -5.18 8.29
C LYS A 95 16.19 -5.40 7.23
N LYS A 96 14.93 -5.46 7.66
CA LYS A 96 13.82 -5.68 6.74
C LYS A 96 13.22 -4.34 6.30
N THR A 97 12.82 -4.26 5.04
CA THR A 97 12.23 -3.04 4.49
C THR A 97 10.77 -3.25 4.11
N LEU A 98 9.91 -2.35 4.56
CA LEU A 98 8.48 -2.43 4.25
C LEU A 98 8.21 -1.90 2.85
N GLU A 99 7.86 -2.82 1.95
CA GLU A 99 7.58 -2.45 0.56
C GLU A 99 6.09 -2.40 0.29
N VAL A 100 5.55 -1.19 0.15
CA VAL A 100 4.13 -1.00 -0.14
C VAL A 100 3.90 -0.98 -1.64
N THR A 101 2.93 -1.77 -2.10
CA THR A 101 2.64 -1.83 -3.54
C THR A 101 1.14 -1.77 -3.80
N VAL A 102 0.73 -0.82 -4.63
CA VAL A 102 -0.67 -0.66 -4.98
C VAL A 102 -1.00 -1.42 -6.26
N TRP A 103 -2.15 -2.09 -6.27
CA TRP A 103 -2.56 -2.86 -7.45
C TRP A 103 -4.05 -2.68 -7.72
N ASP A 104 -4.43 -2.83 -8.99
CA ASP A 104 -5.82 -2.70 -9.41
C ASP A 104 -6.27 -3.91 -10.21
N TYR A 105 -7.47 -4.39 -9.93
CA TYR A 105 -8.01 -5.56 -10.64
C TYR A 105 -8.36 -5.20 -12.08
N ASP A 106 -7.84 -5.99 -13.01
CA ASP A 106 -8.09 -5.75 -14.43
C ASP A 106 -9.21 -6.66 -14.94
N ARG A 107 -9.49 -6.55 -16.23
CA ARG A 107 -10.55 -7.35 -16.86
C ARG A 107 -10.17 -8.83 -16.88
N PHE A 108 -8.88 -9.12 -16.75
CA PHE A 108 -8.40 -10.49 -16.76
C PHE A 108 -8.43 -11.10 -15.36
N SER A 109 -9.07 -10.42 -14.42
CA SER A 109 -9.16 -10.90 -13.05
C SER A 109 -7.77 -11.01 -12.41
N SER A 110 -6.86 -10.16 -12.86
CA SER A 110 -5.50 -10.15 -12.35
C SER A 110 -5.25 -8.94 -11.46
N ASN A 111 -3.99 -8.67 -11.16
CA ASN A 111 -3.63 -7.53 -10.32
C ASN A 111 -2.67 -6.60 -11.04
N ASP A 112 -3.22 -5.53 -11.62
CA ASP A 112 -2.41 -4.55 -12.35
C ASP A 112 -1.69 -3.63 -11.37
N PHE A 113 -0.40 -3.43 -11.60
CA PHE A 113 0.40 -2.57 -10.73
C PHE A 113 -0.10 -1.13 -10.78
N LEU A 114 0.17 -0.38 -9.70
CA LEU A 114 -0.27 1.00 -9.62
C LEU A 114 0.79 1.89 -8.94
N GLY A 115 1.57 1.31 -8.03
CA GLY A 115 2.59 2.07 -7.34
C GLY A 115 3.36 1.22 -6.35
N GLU A 116 4.64 1.54 -6.16
CA GLU A 116 5.48 0.79 -5.24
C GLU A 116 6.33 1.74 -4.39
N VAL A 117 6.29 1.55 -3.08
CA VAL A 117 7.05 2.38 -2.16
C VAL A 117 7.86 1.51 -1.19
N LEU A 118 9.09 1.94 -0.91
CA LEU A 118 9.96 1.20 -0.01
C LEU A 118 10.25 2.00 1.26
N ILE A 119 9.98 1.40 2.41
CA ILE A 119 10.21 2.05 3.69
C ILE A 119 11.14 1.23 4.57
N ASP A 120 12.41 1.64 4.62
CA ASP A 120 13.39 0.94 5.43
C ASP A 120 13.03 1.01 6.92
N LEU A 121 12.82 -0.15 7.53
CA LEU A 121 12.46 -0.21 8.94
C LEU A 121 13.67 0.08 9.83
N SER A 122 14.84 0.21 9.22
CA SER A 122 16.07 0.48 9.97
C SER A 122 16.03 1.87 10.60
N SER A 123 15.19 2.76 10.06
CA SER A 123 15.07 4.11 10.58
C SER A 123 13.63 4.62 10.50
N THR A 124 12.69 3.70 10.31
CA THR A 124 11.27 4.06 10.21
C THR A 124 10.85 4.97 11.36
N SER A 125 10.93 6.28 11.12
CA SER A 125 10.56 7.27 12.14
C SER A 125 9.04 7.34 12.33
N HIS A 126 8.30 6.68 11.45
CA HIS A 126 6.84 6.68 11.53
C HIS A 126 6.34 5.51 12.40
N LEU A 127 7.25 4.91 13.16
CA LEU A 127 6.89 3.79 14.04
C LEU A 127 5.86 4.21 15.06
N ASP A 128 6.01 5.40 15.61
CA ASP A 128 5.09 5.90 16.62
C ASP A 128 3.72 6.24 16.01
N ASN A 129 3.16 5.29 15.25
CA ASN A 129 1.85 5.48 14.62
C ASN A 129 1.71 6.89 14.04
N THR A 130 2.56 7.22 13.10
CA THR A 130 2.52 8.53 12.45
C THR A 130 2.15 8.41 10.97
N PRO A 131 0.89 8.77 10.62
CA PRO A 131 0.42 8.69 9.24
C PRO A 131 1.16 9.65 8.32
N ARG A 132 1.93 9.11 7.39
CA ARG A 132 2.70 9.93 6.46
C ARG A 132 2.54 9.45 5.03
N TRP A 133 2.71 10.36 4.08
CA TRP A 133 2.57 10.04 2.66
C TRP A 133 3.90 9.52 2.11
N TYR A 134 3.83 8.51 1.26
CA TYR A 134 5.02 7.93 0.65
C TYR A 134 4.89 7.93 -0.87
N PRO A 135 5.90 8.48 -1.58
CA PRO A 135 5.88 8.54 -3.04
C PRO A 135 6.06 7.17 -3.69
N LEU A 136 5.08 6.79 -4.52
CA LEU A 136 5.12 5.51 -5.22
C LEU A 136 5.98 5.60 -6.47
N LYS A 137 6.58 4.48 -6.86
CA LYS A 137 7.42 4.44 -8.05
C LYS A 137 6.95 3.36 -9.02
N GLU A 138 7.68 3.20 -10.12
CA GLU A 138 7.33 2.21 -11.13
C GLU A 138 8.18 0.96 -10.96
N GLN A 139 7.54 -0.21 -11.13
CA GLN A 139 8.24 -1.47 -11.00
C GLN A 139 9.16 -1.72 -12.19
N THR A 140 10.34 -2.26 -11.93
CA THR A 140 11.31 -2.55 -12.99
C THR A 140 11.53 -4.05 -13.13
N GLU A 141 10.81 -4.66 -14.07
CA GLU A 141 10.93 -6.10 -14.31
C GLU A 141 12.10 -6.39 -15.24
N SER A 142 13.23 -6.77 -14.66
CA SER A 142 14.43 -7.10 -15.42
C SER A 142 14.65 -8.60 -15.48
N ALA A 1 -4.16 -13.49 -20.34
CA ALA A 1 -3.06 -14.49 -20.22
C ALA A 1 -1.99 -14.02 -19.25
N SER A 2 -2.12 -14.45 -17.99
CA SER A 2 -1.16 -14.08 -16.95
C SER A 2 -1.18 -12.57 -16.72
N HIS A 3 -0.97 -12.17 -15.47
CA HIS A 3 -0.96 -10.75 -15.11
C HIS A 3 0.30 -10.40 -14.34
N PRO A 4 1.26 -9.71 -14.98
CA PRO A 4 2.51 -9.30 -14.33
C PRO A 4 2.30 -8.24 -13.26
N ILE A 5 3.22 -8.15 -12.32
CA ILE A 5 3.13 -7.17 -11.23
C ILE A 5 3.76 -5.84 -11.65
N THR A 6 2.92 -4.81 -11.75
CA THR A 6 3.38 -3.49 -12.14
C THR A 6 2.58 -2.41 -11.44
N GLY A 7 2.94 -1.15 -11.69
CA GLY A 7 2.23 -0.04 -11.08
C GLY A 7 2.98 0.56 -9.92
N GLU A 8 2.52 1.73 -9.46
CA GLU A 8 3.15 2.43 -8.34
C GLU A 8 2.12 2.82 -7.30
N ILE A 9 2.57 3.06 -6.07
CA ILE A 9 1.68 3.45 -5.00
C ILE A 9 2.05 4.81 -4.41
N GLN A 10 1.03 5.57 -4.02
CA GLN A 10 1.25 6.90 -3.44
C GLN A 10 0.86 6.90 -1.96
N LEU A 11 1.78 7.31 -1.10
CA LEU A 11 1.52 7.36 0.32
C LEU A 11 2.32 8.47 0.99
N GLN A 12 1.87 8.88 2.17
CA GLN A 12 2.53 9.93 2.93
C GLN A 12 2.96 9.39 4.29
N ILE A 13 4.27 9.42 4.56
CA ILE A 13 4.80 8.93 5.83
C ILE A 13 5.03 10.05 6.83
N ASN A 14 4.69 9.79 8.09
CA ASN A 14 4.86 10.76 9.16
C ASN A 14 4.94 10.05 10.50
N TYR A 15 6.00 10.36 11.27
CA TYR A 15 6.19 9.75 12.57
C TYR A 15 6.09 10.81 13.68
N ASP A 16 5.34 10.49 14.72
CA ASP A 16 5.17 11.42 15.84
C ASP A 16 4.89 10.68 17.15
N LEU A 17 5.24 11.31 18.27
CA LEU A 17 5.04 10.73 19.58
C LEU A 17 5.59 9.32 19.66
N GLY A 18 6.73 9.11 19.01
CA GLY A 18 7.35 7.80 19.00
C GLY A 18 6.52 6.77 18.26
N ASN A 19 5.54 7.25 17.50
CA ASN A 19 4.66 6.38 16.74
C ASN A 19 4.78 6.68 15.26
N LEU A 20 4.95 5.63 14.46
CA LEU A 20 5.08 5.80 13.02
C LEU A 20 3.71 5.80 12.34
N ILE A 21 3.42 6.87 11.60
CA ILE A 21 2.14 6.99 10.91
C ILE A 21 2.31 6.97 9.40
N ILE A 22 1.59 6.07 8.74
CA ILE A 22 1.65 5.94 7.29
C ILE A 22 0.26 6.10 6.68
N HIS A 23 0.18 6.87 5.59
CA HIS A 23 -1.11 7.09 4.92
C HIS A 23 -1.08 6.59 3.48
N ILE A 24 -1.81 5.52 3.22
CA ILE A 24 -1.89 4.96 1.87
C ILE A 24 -2.94 5.70 1.06
N LEU A 25 -2.50 6.36 -0.01
CA LEU A 25 -3.40 7.13 -0.86
C LEU A 25 -3.95 6.30 -2.01
N GLN A 26 -3.20 6.21 -3.11
CA GLN A 26 -3.66 5.46 -4.27
C GLN A 26 -2.51 4.91 -5.09
N ALA A 27 -2.84 4.01 -6.01
CA ALA A 27 -1.84 3.40 -6.88
C ALA A 27 -2.17 3.67 -8.34
N ARG A 28 -1.18 3.53 -9.23
CA ARG A 28 -1.39 3.77 -10.64
C ARG A 28 -0.51 2.87 -11.50
N ASN A 29 -0.81 2.80 -12.79
CA ASN A 29 -0.05 1.99 -13.73
C ASN A 29 -0.02 0.53 -13.29
N LEU A 30 -1.08 0.08 -12.62
CA LEU A 30 -1.16 -1.29 -12.14
C LEU A 30 -1.27 -2.26 -13.32
N VAL A 31 -1.42 -3.55 -13.01
CA VAL A 31 -1.53 -4.57 -14.03
C VAL A 31 -2.99 -4.75 -14.48
N PRO A 32 -3.29 -4.47 -15.75
CA PRO A 32 -4.64 -4.60 -16.29
C PRO A 32 -5.01 -6.05 -16.61
N ARG A 33 -6.30 -6.34 -16.61
CA ARG A 33 -6.77 -7.69 -16.91
C ARG A 33 -8.08 -7.65 -17.69
N ASP A 34 -8.64 -8.81 -17.98
CA ASP A 34 -9.89 -8.91 -18.72
C ASP A 34 -11.06 -9.14 -17.77
N ASN A 35 -12.20 -8.53 -18.07
CA ASN A 35 -13.39 -8.67 -17.26
C ASN A 35 -13.14 -8.17 -15.83
N ASN A 36 -12.66 -6.94 -15.71
CA ASN A 36 -12.37 -6.35 -14.41
C ASN A 36 -13.35 -5.23 -14.09
N GLY A 37 -13.51 -4.94 -12.80
CA GLY A 37 -14.42 -3.88 -12.39
C GLY A 37 -15.48 -4.38 -11.43
N TYR A 38 -15.05 -4.76 -10.23
CA TYR A 38 -15.97 -5.26 -9.21
C TYR A 38 -15.27 -5.41 -7.87
N SER A 39 -14.05 -5.93 -7.90
CA SER A 39 -13.28 -6.12 -6.68
C SER A 39 -12.39 -4.91 -6.40
N ASP A 40 -12.43 -4.45 -5.15
CA ASP A 40 -11.62 -3.30 -4.74
C ASP A 40 -10.29 -3.75 -4.14
N PRO A 41 -9.16 -3.35 -4.76
CA PRO A 41 -7.82 -3.72 -4.28
C PRO A 41 -7.50 -3.09 -2.93
N PHE A 42 -6.72 -3.80 -2.12
CA PHE A 42 -6.32 -3.31 -0.82
C PHE A 42 -4.80 -3.40 -0.65
N VAL A 43 -4.28 -2.79 0.41
CA VAL A 43 -2.85 -2.81 0.67
C VAL A 43 -2.54 -3.42 2.02
N LYS A 44 -1.31 -3.93 2.14
CA LYS A 44 -0.84 -4.55 3.39
C LYS A 44 0.54 -4.01 3.73
N VAL A 45 0.65 -3.29 4.84
CA VAL A 45 1.92 -2.70 5.25
C VAL A 45 2.37 -3.17 6.63
N TYR A 46 3.56 -3.76 6.68
CA TYR A 46 4.14 -4.24 7.93
C TYR A 46 5.66 -4.04 7.92
N LEU A 47 6.25 -3.95 9.12
CA LEU A 47 7.70 -3.78 9.23
C LEU A 47 8.40 -5.13 9.09
N LEU A 48 9.51 -5.16 8.35
CA LEU A 48 10.24 -6.40 8.14
C LEU A 48 10.66 -7.05 9.45
N PRO A 49 11.31 -6.30 10.36
CA PRO A 49 11.76 -6.81 11.65
C PRO A 49 10.76 -6.54 12.77
N GLY A 50 9.47 -6.57 12.42
CA GLY A 50 8.44 -6.33 13.41
C GLY A 50 7.94 -7.61 14.05
N ARG A 51 6.96 -7.48 14.94
CA ARG A 51 6.38 -8.64 15.62
C ARG A 51 5.92 -9.69 14.61
N GLY A 52 5.60 -9.24 13.40
CA GLY A 52 5.14 -10.16 12.38
C GLY A 52 3.66 -10.02 12.09
N GLN A 53 3.18 -8.78 12.08
CA GLN A 53 1.76 -8.52 11.82
C GLN A 53 1.59 -7.69 10.55
N VAL A 54 0.51 -7.94 9.82
CA VAL A 54 0.22 -7.23 8.58
C VAL A 54 -0.86 -6.18 8.79
N MET A 55 -0.56 -4.94 8.40
CA MET A 55 -1.51 -3.85 8.54
C MET A 55 -2.22 -3.58 7.22
N VAL A 56 -3.50 -3.94 7.15
CA VAL A 56 -4.28 -3.74 5.94
C VAL A 56 -4.85 -2.32 5.87
N VAL A 57 -5.20 -1.89 4.67
CA VAL A 57 -5.73 -0.55 4.46
C VAL A 57 -7.23 -0.58 4.17
N GLN A 58 -7.95 0.40 4.73
CA GLN A 58 -9.39 0.50 4.53
C GLN A 58 -9.70 1.32 3.28
N ASN A 59 -10.99 1.33 2.89
CA ASN A 59 -11.41 2.07 1.72
C ASN A 59 -11.94 3.45 2.09
N ALA A 60 -11.91 4.37 1.13
CA ALA A 60 -12.39 5.74 1.36
C ALA A 60 -13.83 5.89 0.91
N SER A 61 -14.35 7.12 1.01
CA SER A 61 -15.73 7.41 0.61
C SER A 61 -16.06 6.76 -0.73
N ALA A 62 -16.67 5.58 -0.67
CA ALA A 62 -17.05 4.85 -1.88
C ALA A 62 -17.92 5.69 -2.80
N GLU A 63 -18.62 6.67 -2.23
CA GLU A 63 -19.49 7.55 -3.02
C GLU A 63 -18.71 8.23 -4.13
N TYR A 64 -17.46 8.61 -3.84
CA TYR A 64 -16.63 9.27 -4.84
C TYR A 64 -15.79 8.26 -5.62
N LYS A 65 -15.51 7.11 -5.01
CA LYS A 65 -14.73 6.06 -5.65
C LYS A 65 -15.59 5.33 -6.67
N ARG A 66 -16.83 5.05 -6.27
CA ARG A 66 -17.78 4.35 -7.13
C ARG A 66 -17.89 5.03 -8.49
N ARG A 67 -17.58 6.33 -8.53
CA ARG A 67 -17.64 7.09 -9.77
C ARG A 67 -16.31 7.02 -10.51
N THR A 68 -15.22 6.88 -9.76
CA THR A 68 -13.89 6.80 -10.34
C THR A 68 -13.46 5.34 -10.55
N LYS A 69 -14.40 4.42 -10.36
CA LYS A 69 -14.10 2.99 -10.54
C LYS A 69 -14.28 2.56 -11.99
N TYR A 70 -14.44 3.53 -12.88
CA TYR A 70 -14.61 3.24 -14.30
C TYR A 70 -13.30 2.77 -14.92
N VAL A 71 -12.36 3.71 -15.10
CA VAL A 71 -11.07 3.38 -15.68
C VAL A 71 -9.99 3.18 -14.60
N GLN A 72 -10.28 3.62 -13.38
CA GLN A 72 -9.32 3.50 -12.29
C GLN A 72 -9.60 2.27 -11.42
N LYS A 73 -10.65 1.53 -11.72
CA LYS A 73 -11.02 0.34 -10.94
C LYS A 73 -9.78 -0.49 -10.57
N SER A 74 -9.16 -1.11 -11.55
CA SER A 74 -7.98 -1.94 -11.33
C SER A 74 -6.71 -1.19 -11.73
N LEU A 75 -6.87 -0.23 -12.65
CA LEU A 75 -5.73 0.54 -13.14
C LEU A 75 -5.16 1.42 -12.03
N ASN A 76 -6.03 2.21 -11.39
CA ASN A 76 -5.59 3.10 -10.31
C ASN A 76 -6.53 3.04 -9.12
N PRO A 77 -6.20 2.21 -8.10
CA PRO A 77 -7.01 2.08 -6.90
C PRO A 77 -6.68 3.15 -5.87
N GLU A 78 -7.71 3.61 -5.15
CA GLU A 78 -7.52 4.64 -4.13
C GLU A 78 -7.76 4.08 -2.73
N TRP A 79 -7.27 4.79 -1.72
CA TRP A 79 -7.44 4.37 -0.33
C TRP A 79 -7.56 5.57 0.60
N ASN A 80 -6.61 6.49 0.50
CA ASN A 80 -6.61 7.68 1.33
C ASN A 80 -6.83 7.33 2.80
N GLN A 81 -6.09 6.34 3.28
CA GLN A 81 -6.20 5.90 4.67
C GLN A 81 -4.97 6.29 5.47
N THR A 82 -5.04 6.11 6.79
CA THR A 82 -3.94 6.45 7.67
C THR A 82 -3.82 5.45 8.82
N VAL A 83 -2.63 4.91 9.02
CA VAL A 83 -2.38 3.95 10.09
C VAL A 83 -1.16 4.36 10.92
N ILE A 84 -1.07 3.86 12.14
CA ILE A 84 0.05 4.18 13.00
C ILE A 84 0.65 2.96 13.69
N TYR A 85 1.93 3.04 13.99
CA TYR A 85 2.65 1.97 14.67
C TYR A 85 3.33 2.51 15.92
N LYS A 86 2.56 2.68 16.98
CA LYS A 86 3.08 3.21 18.23
C LYS A 86 4.07 2.25 18.88
N SER A 87 4.99 2.81 19.67
CA SER A 87 6.01 2.03 20.37
C SER A 87 7.22 1.77 19.48
N ILE A 88 7.50 2.70 18.58
CA ILE A 88 8.64 2.59 17.68
C ILE A 88 9.43 3.89 17.64
N SER A 89 10.70 3.82 18.01
CA SER A 89 11.57 4.99 18.00
C SER A 89 12.57 4.91 16.86
N MET A 90 13.00 6.08 16.37
CA MET A 90 13.95 6.14 15.27
C MET A 90 15.15 5.20 15.50
N GLU A 91 15.43 4.89 16.75
CA GLU A 91 16.54 3.99 17.08
C GLU A 91 16.33 2.64 16.40
N GLN A 92 15.16 2.05 16.62
CA GLN A 92 14.84 0.75 16.02
C GLN A 92 14.11 0.96 14.70
N LEU A 93 13.36 2.04 14.61
CA LEU A 93 12.60 2.37 13.40
C LEU A 93 13.50 2.29 12.17
N MET A 94 14.71 2.82 12.29
CA MET A 94 15.66 2.82 11.19
C MET A 94 15.97 1.39 10.76
N LYS A 95 16.06 0.49 11.74
CA LYS A 95 16.36 -0.91 11.47
C LYS A 95 15.17 -1.61 10.78
N LYS A 96 13.99 -0.98 10.85
CA LYS A 96 12.80 -1.55 10.23
C LYS A 96 12.49 -0.87 8.91
N THR A 97 11.85 -1.61 8.01
CA THR A 97 11.50 -1.09 6.69
C THR A 97 10.02 -1.26 6.41
N LEU A 98 9.37 -0.20 5.93
CA LEU A 98 7.96 -0.24 5.61
C LEU A 98 7.74 -0.91 4.25
N GLU A 99 6.97 -1.99 4.25
CA GLU A 99 6.70 -2.73 3.02
C GLU A 99 5.25 -2.59 2.58
N VAL A 100 5.02 -1.72 1.61
CA VAL A 100 3.67 -1.51 1.07
C VAL A 100 3.36 -2.55 0.00
N THR A 101 2.38 -3.40 0.27
CA THR A 101 2.00 -4.44 -0.67
C THR A 101 0.54 -4.34 -1.07
N VAL A 102 0.29 -4.33 -2.38
CA VAL A 102 -1.07 -4.25 -2.90
C VAL A 102 -1.62 -5.64 -3.19
N TRP A 103 -2.88 -5.86 -2.84
CA TRP A 103 -3.52 -7.16 -3.05
C TRP A 103 -4.96 -6.98 -3.52
N ASP A 104 -5.38 -7.82 -4.47
CA ASP A 104 -6.73 -7.76 -5.00
C ASP A 104 -7.47 -9.08 -4.76
N TYR A 105 -8.79 -9.00 -4.67
CA TYR A 105 -9.61 -10.19 -4.44
C TYR A 105 -9.77 -11.00 -5.72
N ASP A 106 -9.80 -12.32 -5.58
CA ASP A 106 -9.96 -13.21 -6.73
C ASP A 106 -11.43 -13.50 -6.99
N ARG A 107 -11.69 -14.50 -7.84
CA ARG A 107 -13.05 -14.88 -8.17
C ARG A 107 -13.62 -15.84 -7.13
N PHE A 108 -12.81 -16.82 -6.73
CA PHE A 108 -13.23 -17.81 -5.73
C PHE A 108 -13.43 -17.15 -4.38
N SER A 109 -12.38 -16.51 -3.87
CA SER A 109 -12.43 -15.84 -2.57
C SER A 109 -11.04 -15.41 -2.13
N SER A 110 -10.03 -16.21 -2.45
CA SER A 110 -8.65 -15.92 -2.08
C SER A 110 -8.22 -14.57 -2.65
N ASN A 111 -7.13 -14.04 -2.12
CA ASN A 111 -6.60 -12.75 -2.57
C ASN A 111 -5.35 -12.94 -3.43
N ASP A 112 -5.26 -12.18 -4.50
CA ASP A 112 -4.11 -12.26 -5.41
C ASP A 112 -3.20 -11.05 -5.24
N PHE A 113 -1.90 -11.29 -5.25
CA PHE A 113 -0.91 -10.22 -5.10
C PHE A 113 -1.03 -9.23 -6.25
N LEU A 114 -0.54 -8.00 -6.03
CA LEU A 114 -0.61 -6.96 -7.06
C LEU A 114 0.68 -6.13 -7.11
N GLY A 115 1.28 -5.87 -5.95
CA GLY A 115 2.50 -5.08 -5.92
C GLY A 115 3.10 -5.01 -4.52
N GLU A 116 4.40 -4.72 -4.46
CA GLU A 116 5.09 -4.63 -3.18
C GLU A 116 6.24 -3.61 -3.26
N VAL A 117 6.25 -2.67 -2.31
CA VAL A 117 7.28 -1.64 -2.26
C VAL A 117 8.00 -1.66 -0.92
N LEU A 118 9.30 -1.36 -0.95
CA LEU A 118 10.10 -1.34 0.27
C LEU A 118 10.61 0.07 0.56
N ILE A 119 10.27 0.59 1.74
CA ILE A 119 10.69 1.93 2.14
C ILE A 119 11.52 1.88 3.42
N ASP A 120 12.84 1.97 3.27
CA ASP A 120 13.73 1.95 4.41
C ASP A 120 13.45 3.13 5.35
N LEU A 121 13.03 2.82 6.57
CA LEU A 121 12.73 3.86 7.55
C LEU A 121 13.99 4.45 8.15
N SER A 122 15.15 3.93 7.77
CA SER A 122 16.43 4.43 8.28
C SER A 122 16.76 5.77 7.64
N SER A 123 16.13 6.08 6.52
CA SER A 123 16.37 7.34 5.83
C SER A 123 15.07 7.91 5.25
N THR A 124 13.94 7.39 5.71
CA THR A 124 12.64 7.86 5.24
C THR A 124 12.51 9.37 5.34
N SER A 125 12.85 10.06 4.26
CA SER A 125 12.78 11.52 4.23
C SER A 125 11.33 12.00 4.06
N HIS A 126 10.46 11.10 3.63
CA HIS A 126 9.05 11.43 3.44
C HIS A 126 8.33 11.60 4.78
N LEU A 127 9.02 11.28 5.87
CA LEU A 127 8.46 11.39 7.21
C LEU A 127 7.77 12.73 7.41
N ASP A 128 8.37 13.77 6.87
CA ASP A 128 7.83 15.13 7.00
C ASP A 128 6.51 15.29 6.24
N ASN A 129 5.60 14.32 6.37
CA ASN A 129 4.30 14.37 5.70
C ASN A 129 4.44 14.83 4.25
N THR A 130 4.85 13.91 3.37
CA THR A 130 5.00 14.23 1.95
C THR A 130 4.47 13.09 1.08
N PRO A 131 3.29 13.27 0.47
CA PRO A 131 2.69 12.25 -0.39
C PRO A 131 3.46 12.04 -1.69
N ARG A 132 4.22 10.95 -1.75
CA ARG A 132 5.00 10.63 -2.93
C ARG A 132 4.65 9.25 -3.46
N TRP A 133 5.18 8.90 -4.63
CA TRP A 133 4.92 7.60 -5.24
C TRP A 133 6.05 6.62 -4.94
N TYR A 134 5.73 5.33 -4.96
CA TYR A 134 6.71 4.29 -4.71
C TYR A 134 6.52 3.11 -5.66
N PRO A 135 7.50 2.84 -6.54
CA PRO A 135 7.43 1.73 -7.50
C PRO A 135 7.23 0.38 -6.82
N LEU A 136 6.20 -0.34 -7.25
CA LEU A 136 5.90 -1.66 -6.69
C LEU A 136 6.68 -2.75 -7.42
N LYS A 137 6.96 -3.84 -6.72
CA LYS A 137 7.70 -4.95 -7.31
C LYS A 137 6.97 -6.28 -7.05
N GLU A 138 7.59 -7.37 -7.45
CA GLU A 138 7.00 -8.70 -7.26
C GLU A 138 7.33 -9.24 -5.88
N GLN A 139 6.37 -9.96 -5.29
CA GLN A 139 6.57 -10.54 -3.96
C GLN A 139 7.66 -11.61 -4.00
N THR A 140 8.08 -12.04 -2.81
CA THR A 140 9.13 -13.05 -2.70
C THR A 140 8.58 -14.33 -2.08
N GLU A 141 9.14 -15.47 -2.48
CA GLU A 141 8.70 -16.76 -1.97
C GLU A 141 9.63 -17.26 -0.86
N SER A 142 9.38 -16.81 0.37
CA SER A 142 10.19 -17.20 1.51
C SER A 142 11.66 -16.84 1.28
N ALA A 1 8.62 -0.15 -23.59
CA ALA A 1 8.57 0.31 -22.18
C ALA A 1 7.82 1.63 -22.06
N SER A 2 6.68 1.60 -21.37
CA SER A 2 5.88 2.81 -21.19
C SER A 2 5.05 2.72 -19.92
N HIS A 3 5.55 1.96 -18.97
CA HIS A 3 4.89 1.76 -17.69
C HIS A 3 5.61 2.51 -16.57
N PRO A 4 5.46 3.84 -16.51
CA PRO A 4 6.09 4.65 -15.46
C PRO A 4 5.39 4.51 -14.12
N ILE A 5 6.14 4.70 -13.05
CA ILE A 5 5.59 4.58 -11.70
C ILE A 5 5.17 5.95 -11.17
N THR A 6 3.87 6.14 -10.97
CA THR A 6 3.35 7.41 -10.47
C THR A 6 2.21 7.18 -9.48
N GLY A 7 1.66 8.29 -8.99
CA GLY A 7 0.55 8.21 -8.05
C GLY A 7 1.01 8.17 -6.60
N GLU A 8 0.05 8.34 -5.69
CA GLU A 8 0.35 8.31 -4.26
C GLU A 8 -0.60 7.37 -3.53
N ILE A 9 -0.11 6.72 -2.48
CA ILE A 9 -0.92 5.79 -1.72
C ILE A 9 -1.42 6.41 -0.41
N GLN A 10 -2.72 6.35 -0.19
CA GLN A 10 -3.32 6.91 1.03
C GLN A 10 -3.45 5.83 2.10
N LEU A 11 -2.96 6.14 3.31
CA LEU A 11 -3.04 5.19 4.41
C LEU A 11 -3.24 5.91 5.75
N GLN A 12 -3.68 5.14 6.73
CA GLN A 12 -3.91 5.66 8.07
C GLN A 12 -3.15 4.83 9.10
N ILE A 13 -2.16 5.44 9.74
CA ILE A 13 -1.34 4.73 10.73
C ILE A 13 -1.86 4.96 12.15
N ASN A 14 -1.68 3.95 12.99
CA ASN A 14 -2.11 4.01 14.38
C ASN A 14 -1.50 2.87 15.19
N TYR A 15 -0.76 3.20 16.24
CA TYR A 15 -0.13 2.20 17.07
C TYR A 15 -0.75 2.19 18.46
N ASP A 16 -1.14 1.00 18.93
CA ASP A 16 -1.77 0.87 20.23
C ASP A 16 -1.50 -0.50 20.86
N LEU A 17 -1.45 -0.53 22.18
CA LEU A 17 -1.22 -1.77 22.93
C LEU A 17 0.07 -2.44 22.47
N GLY A 18 1.08 -1.63 22.15
CA GLY A 18 2.34 -2.17 21.71
C GLY A 18 2.25 -2.82 20.33
N ASN A 19 1.13 -2.58 19.66
CA ASN A 19 0.90 -3.13 18.33
C ASN A 19 0.74 -2.01 17.31
N LEU A 20 1.47 -2.10 16.22
CA LEU A 20 1.41 -1.09 15.17
C LEU A 20 0.31 -1.43 14.17
N ILE A 21 -0.65 -0.50 14.01
CA ILE A 21 -1.76 -0.71 13.09
C ILE A 21 -1.68 0.22 11.88
N ILE A 22 -1.79 -0.37 10.68
CA ILE A 22 -1.75 0.41 9.45
C ILE A 22 -2.94 0.04 8.56
N HIS A 23 -3.65 1.06 8.09
CA HIS A 23 -4.81 0.82 7.24
C HIS A 23 -4.53 1.20 5.79
N ILE A 24 -4.97 0.35 4.87
CA ILE A 24 -4.78 0.59 3.44
C ILE A 24 -6.05 1.19 2.86
N LEU A 25 -5.96 2.44 2.39
CA LEU A 25 -7.11 3.12 1.84
C LEU A 25 -7.16 3.05 0.33
N GLN A 26 -6.46 3.95 -0.35
CA GLN A 26 -6.47 3.96 -1.82
C GLN A 26 -5.31 4.77 -2.39
N ALA A 27 -5.12 4.64 -3.69
CA ALA A 27 -4.06 5.37 -4.39
C ALA A 27 -4.65 6.23 -5.50
N ARG A 28 -3.96 7.30 -5.86
CA ARG A 28 -4.44 8.20 -6.91
C ARG A 28 -3.31 8.61 -7.84
N ASN A 29 -3.68 9.05 -9.04
CA ASN A 29 -2.69 9.48 -10.04
C ASN A 29 -1.71 8.36 -10.36
N LEU A 30 -2.22 7.14 -10.44
CA LEU A 30 -1.38 5.98 -10.74
C LEU A 30 -1.07 5.92 -12.24
N VAL A 31 -0.35 4.87 -12.66
CA VAL A 31 0.00 4.71 -14.05
C VAL A 31 -1.06 3.89 -14.80
N PRO A 32 -1.80 4.53 -15.72
CA PRO A 32 -2.85 3.85 -16.49
C PRO A 32 -2.27 2.96 -17.58
N ARG A 33 -2.88 1.79 -17.77
CA ARG A 33 -2.43 0.84 -18.79
C ARG A 33 -3.61 0.21 -19.51
N ASP A 34 -3.83 0.65 -20.74
CA ASP A 34 -4.94 0.13 -21.55
C ASP A 34 -4.69 -1.33 -21.92
N ASN A 35 -5.70 -2.16 -21.71
CA ASN A 35 -5.60 -3.58 -22.03
C ASN A 35 -6.92 -4.30 -21.76
N ASN A 36 -7.29 -4.38 -20.48
CA ASN A 36 -8.53 -5.04 -20.09
C ASN A 36 -8.82 -4.80 -18.60
N GLY A 37 -10.10 -4.62 -18.28
CA GLY A 37 -10.49 -4.38 -16.90
C GLY A 37 -11.04 -5.63 -16.24
N TYR A 38 -10.44 -6.01 -15.11
CA TYR A 38 -10.88 -7.20 -14.38
C TYR A 38 -10.05 -7.39 -13.11
N SER A 39 -8.73 -7.27 -13.24
CA SER A 39 -7.83 -7.42 -12.11
C SER A 39 -7.78 -6.15 -11.27
N ASP A 40 -7.43 -6.31 -10.00
CA ASP A 40 -7.35 -5.17 -9.09
C ASP A 40 -5.96 -5.08 -8.44
N PRO A 41 -5.39 -3.87 -8.36
CA PRO A 41 -4.05 -3.68 -7.77
C PRO A 41 -4.04 -3.95 -6.26
N PHE A 42 -2.97 -4.55 -5.78
CA PHE A 42 -2.83 -4.85 -4.36
C PHE A 42 -1.60 -4.15 -3.78
N VAL A 43 -1.50 -4.16 -2.45
CA VAL A 43 -0.38 -3.52 -1.78
C VAL A 43 0.36 -4.49 -0.85
N LYS A 44 1.64 -4.20 -0.64
CA LYS A 44 2.48 -5.01 0.23
C LYS A 44 3.19 -4.11 1.23
N VAL A 45 2.94 -4.33 2.52
CA VAL A 45 3.55 -3.50 3.57
C VAL A 45 4.28 -4.34 4.61
N TYR A 46 5.57 -4.05 4.79
CA TYR A 46 6.39 -4.75 5.75
C TYR A 46 7.41 -3.82 6.39
N LEU A 47 7.85 -4.15 7.60
CA LEU A 47 8.85 -3.33 8.31
C LEU A 47 10.25 -3.73 7.84
N LEU A 48 11.10 -2.73 7.60
CA LEU A 48 12.46 -3.00 7.15
C LEU A 48 13.19 -3.98 8.08
N PRO A 49 13.16 -3.73 9.40
CA PRO A 49 13.82 -4.58 10.38
C PRO A 49 12.96 -5.76 10.79
N GLY A 50 13.27 -6.34 11.95
CA GLY A 50 12.51 -7.49 12.44
C GLY A 50 12.58 -8.67 11.50
N ARG A 51 11.53 -9.49 11.52
CA ARG A 51 11.46 -10.67 10.66
C ARG A 51 11.60 -10.29 9.18
N GLY A 52 10.83 -9.29 8.77
CA GLY A 52 10.89 -8.84 7.39
C GLY A 52 9.86 -9.53 6.52
N GLN A 53 8.71 -9.87 7.11
CA GLN A 53 7.65 -10.54 6.37
C GLN A 53 6.81 -9.52 5.60
N VAL A 54 6.37 -9.91 4.41
CA VAL A 54 5.56 -9.03 3.58
C VAL A 54 4.06 -9.28 3.78
N MET A 55 3.35 -8.27 4.27
CA MET A 55 1.92 -8.39 4.50
C MET A 55 1.15 -7.77 3.35
N VAL A 56 0.46 -8.61 2.58
CA VAL A 56 -0.33 -8.14 1.45
C VAL A 56 -1.70 -7.63 1.90
N VAL A 57 -2.29 -6.76 1.09
CA VAL A 57 -3.59 -6.19 1.40
C VAL A 57 -4.71 -6.95 0.68
N GLN A 58 -5.81 -7.16 1.39
CA GLN A 58 -6.95 -7.87 0.84
C GLN A 58 -7.86 -6.92 0.08
N ASN A 59 -8.85 -7.48 -0.62
CA ASN A 59 -9.79 -6.67 -1.40
C ASN A 59 -11.10 -6.48 -0.64
N ALA A 60 -11.70 -5.30 -0.80
CA ALA A 60 -12.96 -4.99 -0.14
C ALA A 60 -14.14 -5.54 -0.93
N SER A 61 -15.35 -5.23 -0.45
CA SER A 61 -16.58 -5.69 -1.10
C SER A 61 -16.46 -5.64 -2.62
N ALA A 62 -16.12 -6.78 -3.23
CA ALA A 62 -15.97 -6.88 -4.67
C ALA A 62 -17.16 -6.27 -5.41
N GLU A 63 -18.32 -6.27 -4.77
CA GLU A 63 -19.53 -5.72 -5.38
C GLU A 63 -19.31 -4.28 -5.81
N TYR A 64 -18.53 -3.53 -5.05
CA TYR A 64 -18.24 -2.14 -5.38
C TYR A 64 -16.95 -2.03 -6.20
N LYS A 65 -16.08 -3.02 -6.05
CA LYS A 65 -14.81 -3.03 -6.79
C LYS A 65 -15.08 -3.34 -8.25
N ARG A 66 -15.96 -4.31 -8.49
CA ARG A 66 -16.33 -4.70 -9.84
C ARG A 66 -16.69 -3.49 -10.68
N ARG A 67 -17.15 -2.43 -10.02
CA ARG A 67 -17.52 -1.19 -10.69
C ARG A 67 -16.32 -0.26 -10.79
N THR A 68 -15.38 -0.40 -9.85
CA THR A 68 -14.19 0.43 -9.82
C THR A 68 -13.14 -0.07 -10.83
N LYS A 69 -13.41 -1.23 -11.45
CA LYS A 69 -12.48 -1.80 -12.42
C LYS A 69 -12.47 -1.02 -13.73
N TYR A 70 -13.34 0.00 -13.83
CA TYR A 70 -13.41 0.80 -15.04
C TYR A 70 -12.41 1.95 -14.98
N VAL A 71 -12.70 2.94 -14.15
CA VAL A 71 -11.82 4.10 -14.01
C VAL A 71 -10.90 3.98 -12.80
N GLN A 72 -11.45 3.50 -11.69
CA GLN A 72 -10.68 3.33 -10.45
C GLN A 72 -9.73 2.13 -10.52
N LYS A 73 -9.76 1.39 -11.62
CA LYS A 73 -8.91 0.22 -11.78
C LYS A 73 -7.43 0.59 -11.69
N SER A 74 -6.93 1.29 -12.72
CA SER A 74 -5.53 1.68 -12.76
C SER A 74 -5.33 3.14 -12.38
N LEU A 75 -6.41 3.93 -12.40
CA LEU A 75 -6.32 5.34 -12.08
C LEU A 75 -6.35 5.57 -10.57
N ASN A 76 -7.29 4.94 -9.88
CA ASN A 76 -7.38 5.10 -8.42
C ASN A 76 -7.95 3.85 -7.76
N PRO A 77 -7.07 2.95 -7.26
CA PRO A 77 -7.48 1.73 -6.59
C PRO A 77 -7.63 1.91 -5.09
N GLU A 78 -8.74 1.40 -4.54
CA GLU A 78 -8.99 1.52 -3.10
C GLU A 78 -9.04 0.15 -2.44
N TRP A 79 -8.91 0.13 -1.12
CA TRP A 79 -8.93 -1.11 -0.36
C TRP A 79 -9.65 -0.93 0.98
N ASN A 80 -9.37 0.17 1.68
CA ASN A 80 -9.99 0.42 2.97
C ASN A 80 -9.81 -0.77 3.91
N GLN A 81 -8.57 -1.23 4.03
CA GLN A 81 -8.26 -2.37 4.88
C GLN A 81 -7.49 -1.94 6.13
N THR A 82 -7.20 -2.90 6.99
CA THR A 82 -6.47 -2.63 8.22
C THR A 82 -5.54 -3.79 8.57
N VAL A 83 -4.34 -3.46 9.03
CA VAL A 83 -3.36 -4.46 9.41
C VAL A 83 -2.62 -4.05 10.69
N ILE A 84 -2.15 -5.02 11.45
CA ILE A 84 -1.44 -4.72 12.69
C ILE A 84 -0.19 -5.58 12.86
N TYR A 85 0.80 -5.01 13.54
CA TYR A 85 2.05 -5.70 13.82
C TYR A 85 2.30 -5.74 15.32
N LYS A 86 1.63 -6.66 16.00
CA LYS A 86 1.76 -6.79 17.44
C LYS A 86 3.17 -7.23 17.85
N SER A 87 3.55 -6.87 19.07
CA SER A 87 4.87 -7.22 19.61
C SER A 87 5.93 -6.20 19.18
N ILE A 88 5.49 -4.96 18.97
CA ILE A 88 6.39 -3.90 18.57
C ILE A 88 6.18 -2.66 19.45
N SER A 89 7.21 -2.30 20.21
CA SER A 89 7.14 -1.14 21.09
C SER A 89 7.66 0.11 20.39
N MET A 90 7.23 1.27 20.85
CA MET A 90 7.68 2.53 20.26
C MET A 90 9.20 2.64 20.26
N GLU A 91 9.84 1.92 21.18
CA GLU A 91 11.30 1.93 21.26
C GLU A 91 11.92 1.37 19.99
N GLN A 92 11.51 0.16 19.63
CA GLN A 92 12.03 -0.49 18.42
C GLN A 92 11.26 -0.01 17.19
N LEU A 93 10.00 0.36 17.40
CA LEU A 93 9.15 0.84 16.33
C LEU A 93 9.81 2.00 15.59
N MET A 94 10.31 2.97 16.36
CA MET A 94 10.97 4.13 15.78
C MET A 94 12.14 3.71 14.90
N LYS A 95 12.72 2.54 15.21
CA LYS A 95 13.85 2.03 14.44
C LYS A 95 13.38 1.34 13.16
N LYS A 96 12.10 0.98 13.11
CA LYS A 96 11.55 0.32 11.94
C LYS A 96 10.87 1.32 11.01
N THR A 97 10.81 0.98 9.72
CA THR A 97 10.20 1.86 8.73
C THR A 97 9.12 1.12 7.94
N LEU A 98 7.93 1.69 7.90
CA LEU A 98 6.82 1.09 7.17
C LEU A 98 6.95 1.38 5.68
N GLU A 99 7.15 0.33 4.89
CA GLU A 99 7.30 0.48 3.45
C GLU A 99 6.07 -0.04 2.71
N VAL A 100 5.31 0.89 2.14
CA VAL A 100 4.10 0.53 1.39
C VAL A 100 4.44 0.37 -0.09
N THR A 101 4.10 -0.78 -0.66
CA THR A 101 4.38 -1.04 -2.06
C THR A 101 3.14 -1.52 -2.80
N VAL A 102 2.83 -0.85 -3.90
CA VAL A 102 1.66 -1.19 -4.71
C VAL A 102 2.06 -2.09 -5.88
N TRP A 103 1.23 -3.09 -6.17
CA TRP A 103 1.51 -4.01 -7.26
C TRP A 103 0.24 -4.35 -8.03
N ASP A 104 0.40 -4.72 -9.29
CA ASP A 104 -0.73 -5.07 -10.14
C ASP A 104 -0.45 -6.38 -10.88
N TYR A 105 -1.45 -7.26 -10.93
CA TYR A 105 -1.32 -8.54 -11.61
C TYR A 105 -1.25 -8.36 -13.12
N ASP A 106 -0.20 -8.89 -13.73
CA ASP A 106 -0.03 -8.79 -15.18
C ASP A 106 -0.93 -9.77 -15.92
N ARG A 107 -0.81 -9.81 -17.23
CA ARG A 107 -1.62 -10.71 -18.06
C ARG A 107 -1.05 -12.12 -18.06
N PHE A 108 0.26 -12.24 -17.84
CA PHE A 108 0.93 -13.52 -17.81
C PHE A 108 0.50 -14.33 -16.58
N SER A 109 0.80 -13.81 -15.41
CA SER A 109 0.45 -14.47 -14.15
C SER A 109 1.05 -13.74 -12.96
N SER A 110 2.36 -13.50 -13.03
CA SER A 110 3.06 -12.80 -11.95
C SER A 110 2.45 -11.43 -11.71
N ASN A 111 3.17 -10.59 -10.96
CA ASN A 111 2.70 -9.24 -10.66
C ASN A 111 3.72 -8.19 -11.10
N ASP A 112 3.24 -6.97 -11.29
CA ASP A 112 4.11 -5.88 -11.71
C ASP A 112 4.07 -4.73 -10.70
N PHE A 113 5.23 -4.15 -10.41
CA PHE A 113 5.32 -3.05 -9.47
C PHE A 113 4.45 -1.87 -9.90
N LEU A 114 4.07 -1.03 -8.95
CA LEU A 114 3.22 0.12 -9.25
C LEU A 114 3.63 1.35 -8.42
N GLY A 115 4.11 1.13 -7.20
CA GLY A 115 4.51 2.23 -6.35
C GLY A 115 5.13 1.78 -5.05
N GLU A 116 6.04 2.59 -4.52
CA GLU A 116 6.72 2.26 -3.27
C GLU A 116 6.87 3.51 -2.39
N VAL A 117 6.42 3.41 -1.14
CA VAL A 117 6.50 4.52 -0.22
C VAL A 117 7.29 4.15 1.03
N LEU A 118 8.02 5.12 1.57
CA LEU A 118 8.81 4.90 2.78
C LEU A 118 8.30 5.76 3.92
N ILE A 119 7.74 5.11 4.94
CA ILE A 119 7.21 5.83 6.10
C ILE A 119 7.98 5.47 7.37
N ASP A 120 8.88 6.36 7.78
CA ASP A 120 9.68 6.16 8.98
C ASP A 120 8.83 6.34 10.22
N LEU A 121 8.78 5.30 11.07
CA LEU A 121 8.00 5.35 12.29
C LEU A 121 8.65 6.24 13.34
N SER A 122 9.94 6.52 13.16
CA SER A 122 10.68 7.36 14.10
C SER A 122 10.00 8.72 14.27
N SER A 123 9.21 9.12 13.27
CA SER A 123 8.53 10.41 13.31
C SER A 123 7.13 10.32 12.73
N THR A 124 6.61 9.10 12.57
CA THR A 124 5.28 8.90 12.01
C THR A 124 4.23 9.73 12.76
N SER A 125 4.00 10.94 12.27
CA SER A 125 3.02 11.84 12.89
C SER A 125 1.59 11.41 12.56
N HIS A 126 1.45 10.45 11.64
CA HIS A 126 0.14 9.96 11.25
C HIS A 126 -0.36 8.86 12.20
N LEU A 127 0.37 8.66 13.31
CA LEU A 127 0.01 7.65 14.29
C LEU A 127 -1.39 7.89 14.83
N ASP A 128 -1.72 9.15 15.05
CA ASP A 128 -3.03 9.52 15.59
C ASP A 128 -4.14 9.25 14.57
N ASN A 129 -4.16 8.06 13.97
CA ASN A 129 -5.18 7.70 13.00
C ASN A 129 -5.42 8.83 11.99
N THR A 130 -4.36 9.26 11.33
CA THR A 130 -4.45 10.33 10.35
C THR A 130 -4.27 9.77 8.93
N PRO A 131 -5.38 9.64 8.17
CA PRO A 131 -5.33 9.13 6.80
C PRO A 131 -4.88 10.19 5.80
N ARG A 132 -3.64 10.05 5.33
CA ARG A 132 -3.08 11.00 4.37
C ARG A 132 -2.54 10.29 3.13
N TRP A 133 -2.26 11.05 2.10
CA TRP A 133 -1.73 10.50 0.86
C TRP A 133 -0.20 10.47 0.86
N TYR A 134 0.36 9.28 0.69
CA TYR A 134 1.81 9.11 0.69
C TYR A 134 2.32 8.99 -0.74
N PRO A 135 3.38 9.74 -1.09
CA PRO A 135 3.95 9.71 -2.44
C PRO A 135 4.68 8.40 -2.74
N LEU A 136 4.43 7.85 -3.92
CA LEU A 136 5.04 6.60 -4.33
C LEU A 136 6.27 6.86 -5.21
N LYS A 137 7.24 5.94 -5.16
CA LYS A 137 8.45 6.07 -5.95
C LYS A 137 8.67 4.82 -6.79
N GLU A 138 9.75 4.81 -7.56
CA GLU A 138 10.07 3.67 -8.42
C GLU A 138 10.93 2.65 -7.67
N GLN A 139 10.67 1.37 -7.93
CA GLN A 139 11.41 0.30 -7.27
C GLN A 139 12.91 0.43 -7.55
N THR A 140 13.69 0.59 -6.48
CA THR A 140 15.13 0.73 -6.60
C THR A 140 15.75 -0.54 -7.17
N GLU A 141 16.39 -0.42 -8.33
CA GLU A 141 17.03 -1.56 -8.97
C GLU A 141 18.53 -1.29 -9.20
N SER A 142 19.35 -1.85 -8.32
CA SER A 142 20.80 -1.67 -8.43
C SER A 142 21.42 -2.75 -9.31
N ALA A 1 -1.20 0.67 -25.24
CA ALA A 1 -1.04 1.95 -24.50
C ALA A 1 -0.99 1.72 -22.99
N SER A 2 0.14 2.06 -22.38
CA SER A 2 0.32 1.88 -20.95
C SER A 2 0.22 3.21 -20.22
N HIS A 3 -0.12 3.16 -18.93
CA HIS A 3 -0.25 4.37 -18.12
C HIS A 3 0.96 4.54 -17.21
N PRO A 4 1.34 5.79 -16.92
CA PRO A 4 2.49 6.09 -16.05
C PRO A 4 2.17 5.91 -14.57
N ILE A 5 3.21 5.68 -13.77
CA ILE A 5 3.04 5.49 -12.34
C ILE A 5 3.35 6.77 -11.59
N THR A 6 2.34 7.35 -10.96
CA THR A 6 2.50 8.60 -10.21
C THR A 6 1.74 8.55 -8.89
N GLY A 7 1.83 9.64 -8.13
CA GLY A 7 1.13 9.72 -6.86
C GLY A 7 1.93 9.13 -5.71
N GLU A 8 1.42 9.29 -4.50
CA GLU A 8 2.08 8.79 -3.30
C GLU A 8 1.12 7.94 -2.47
N ILE A 9 1.68 7.12 -1.59
CA ILE A 9 0.87 6.26 -0.73
C ILE A 9 0.96 6.70 0.73
N GLN A 10 -0.18 6.81 1.39
CA GLN A 10 -0.22 7.23 2.79
C GLN A 10 -0.51 6.04 3.71
N LEU A 11 0.38 5.82 4.67
CA LEU A 11 0.22 4.72 5.61
C LEU A 11 0.77 5.08 6.98
N GLN A 12 0.31 4.38 8.01
CA GLN A 12 0.75 4.60 9.37
C GLN A 12 1.50 3.37 9.89
N ILE A 13 2.79 3.54 10.16
CA ILE A 13 3.61 2.43 10.66
C ILE A 13 3.72 2.45 12.18
N ASN A 14 3.67 1.27 12.79
CA ASN A 14 3.77 1.15 14.24
C ASN A 14 4.11 -0.28 14.63
N TYR A 15 5.17 -0.44 15.42
CA TYR A 15 5.61 -1.75 15.87
C TYR A 15 5.45 -1.88 17.38
N ASP A 16 4.84 -2.97 17.83
CA ASP A 16 4.63 -3.19 19.25
C ASP A 16 4.57 -4.67 19.60
N LEU A 17 4.97 -5.00 20.83
CA LEU A 17 4.97 -6.38 21.31
C LEU A 17 5.73 -7.29 20.36
N GLY A 18 6.81 -6.78 19.79
CA GLY A 18 7.60 -7.56 18.86
C GLY A 18 6.84 -7.86 17.57
N ASN A 19 5.76 -7.12 17.36
CA ASN A 19 4.94 -7.28 16.17
C ASN A 19 4.90 -5.98 15.38
N LEU A 20 5.16 -6.08 14.08
CA LEU A 20 5.17 -4.91 13.21
C LEU A 20 3.76 -4.64 12.67
N ILE A 21 3.24 -3.45 12.96
CA ILE A 21 1.91 -3.06 12.50
C ILE A 21 1.97 -1.95 11.46
N ILE A 22 1.27 -2.14 10.35
CA ILE A 22 1.24 -1.14 9.29
C ILE A 22 -0.20 -0.84 8.88
N HIS A 23 -0.52 0.45 8.76
CA HIS A 23 -1.87 0.86 8.38
C HIS A 23 -1.86 1.58 7.03
N ILE A 24 -2.47 0.96 6.02
CA ILE A 24 -2.54 1.54 4.70
C ILE A 24 -3.74 2.49 4.61
N LEU A 25 -3.47 3.78 4.52
CA LEU A 25 -4.53 4.78 4.46
C LEU A 25 -5.02 5.03 3.04
N GLN A 26 -4.34 5.91 2.31
CA GLN A 26 -4.74 6.22 0.94
C GLN A 26 -3.60 6.83 0.14
N ALA A 27 -3.79 6.87 -1.18
CA ALA A 27 -2.79 7.44 -2.07
C ALA A 27 -3.39 8.58 -2.88
N ARG A 28 -2.55 9.54 -3.27
CA ARG A 28 -3.00 10.68 -4.05
C ARG A 28 -2.09 10.94 -5.24
N ASN A 29 -2.58 11.72 -6.20
CA ASN A 29 -1.81 12.06 -7.39
C ASN A 29 -1.49 10.80 -8.20
N LEU A 30 -2.39 9.82 -8.14
CA LEU A 30 -2.21 8.57 -8.87
C LEU A 30 -2.39 8.79 -10.37
N VAL A 31 -2.31 7.70 -11.14
CA VAL A 31 -2.49 7.78 -12.58
C VAL A 31 -3.97 7.71 -12.97
N PRO A 32 -4.55 8.82 -13.44
CA PRO A 32 -5.96 8.87 -13.83
C PRO A 32 -6.22 8.15 -15.14
N ARG A 33 -7.50 7.97 -15.47
CA ARG A 33 -7.89 7.30 -16.71
C ARG A 33 -9.21 7.86 -17.23
N ASP A 34 -9.38 7.82 -18.56
CA ASP A 34 -10.60 8.33 -19.18
C ASP A 34 -11.47 7.18 -19.68
N ASN A 35 -12.77 7.29 -19.44
CA ASN A 35 -13.71 6.26 -19.87
C ASN A 35 -13.36 4.90 -19.24
N ASN A 36 -13.18 4.90 -17.92
CA ASN A 36 -12.85 3.68 -17.20
C ASN A 36 -13.14 3.82 -15.71
N GLY A 37 -13.90 2.89 -15.17
CA GLY A 37 -14.23 2.92 -13.76
C GLY A 37 -15.21 1.84 -13.36
N TYR A 38 -14.77 0.95 -12.47
CA TYR A 38 -15.62 -0.15 -12.01
C TYR A 38 -14.99 -0.85 -10.81
N SER A 39 -13.69 -1.08 -10.87
CA SER A 39 -12.97 -1.75 -9.80
C SER A 39 -12.12 -0.76 -9.01
N ASP A 40 -11.84 -1.09 -7.76
CA ASP A 40 -11.03 -0.23 -6.90
C ASP A 40 -9.63 -0.82 -6.71
N PRO A 41 -8.62 0.05 -6.54
CA PRO A 41 -7.23 -0.39 -6.36
C PRO A 41 -6.96 -0.89 -4.94
N PHE A 42 -6.02 -1.82 -4.81
CA PHE A 42 -5.66 -2.38 -3.52
C PHE A 42 -4.15 -2.27 -3.29
N VAL A 43 -3.72 -2.54 -2.06
CA VAL A 43 -2.30 -2.46 -1.72
C VAL A 43 -1.74 -3.83 -1.33
N LYS A 44 -0.44 -3.97 -1.47
CA LYS A 44 0.26 -5.21 -1.12
C LYS A 44 1.54 -4.89 -0.36
N VAL A 45 1.57 -5.22 0.92
CA VAL A 45 2.73 -4.94 1.75
C VAL A 45 3.37 -6.21 2.29
N TYR A 46 4.67 -6.37 2.00
CA TYR A 46 5.42 -7.52 2.45
C TYR A 46 6.85 -7.12 2.79
N LEU A 47 7.51 -7.90 3.64
CA LEU A 47 8.90 -7.62 4.02
C LEU A 47 9.86 -8.21 2.99
N LEU A 48 11.03 -7.60 2.84
CA LEU A 48 12.02 -8.08 1.88
C LEU A 48 12.59 -9.44 2.30
N PRO A 49 13.25 -9.52 3.47
CA PRO A 49 13.84 -10.77 3.95
C PRO A 49 12.89 -11.56 4.86
N GLY A 50 12.69 -12.84 4.52
CA GLY A 50 11.83 -13.68 5.32
C GLY A 50 10.40 -13.76 4.79
N ARG A 51 9.44 -13.53 5.69
CA ARG A 51 8.00 -13.57 5.37
C ARG A 51 7.67 -14.60 4.28
N GLY A 52 7.82 -14.22 3.02
CA GLY A 52 7.52 -15.12 1.92
C GLY A 52 6.07 -15.01 1.46
N GLN A 53 5.36 -14.00 1.96
CA GLN A 53 3.96 -13.82 1.58
C GLN A 53 3.61 -12.34 1.44
N VAL A 54 2.72 -12.04 0.49
CA VAL A 54 2.29 -10.66 0.25
C VAL A 54 1.02 -10.36 1.03
N MET A 55 1.08 -9.33 1.88
CA MET A 55 -0.07 -8.94 2.68
C MET A 55 -0.90 -7.88 1.96
N VAL A 56 -2.04 -8.31 1.44
CA VAL A 56 -2.93 -7.40 0.73
C VAL A 56 -3.85 -6.68 1.70
N VAL A 57 -4.36 -5.52 1.29
CA VAL A 57 -5.24 -4.73 2.12
C VAL A 57 -6.71 -5.08 1.86
N GLN A 58 -7.49 -5.17 2.94
CA GLN A 58 -8.90 -5.50 2.84
C GLN A 58 -9.73 -4.25 2.58
N ASN A 59 -11.02 -4.42 2.30
CA ASN A 59 -11.91 -3.30 2.04
C ASN A 59 -12.45 -2.71 3.33
N ALA A 60 -12.97 -1.50 3.24
CA ALA A 60 -13.53 -0.80 4.40
C ALA A 60 -15.02 -0.54 4.20
N SER A 61 -15.63 0.15 5.16
CA SER A 61 -17.05 0.48 5.10
C SER A 61 -17.47 0.90 3.71
N ALA A 62 -18.01 -0.04 2.95
CA ALA A 62 -18.46 0.22 1.58
C ALA A 62 -19.30 1.49 1.49
N GLU A 63 -19.99 1.80 2.58
CA GLU A 63 -20.84 2.99 2.62
C GLU A 63 -20.06 4.23 2.20
N TYR A 64 -18.82 4.33 2.64
CA TYR A 64 -17.97 5.47 2.30
C TYR A 64 -17.15 5.21 1.03
N LYS A 65 -16.92 3.94 0.72
CA LYS A 65 -16.16 3.56 -0.46
C LYS A 65 -17.02 3.71 -1.71
N ARG A 66 -18.27 3.30 -1.58
CA ARG A 66 -19.22 3.38 -2.69
C ARG A 66 -19.20 4.77 -3.32
N ARG A 67 -18.85 5.78 -2.51
CA ARG A 67 -18.78 7.15 -2.98
C ARG A 67 -17.41 7.46 -3.57
N THR A 68 -16.41 6.68 -3.18
CA THR A 68 -15.04 6.87 -3.68
C THR A 68 -14.82 6.09 -4.98
N LYS A 69 -15.91 5.60 -5.58
CA LYS A 69 -15.81 4.85 -6.82
C LYS A 69 -15.86 5.75 -8.06
N TYR A 70 -16.10 7.04 -7.85
CA TYR A 70 -16.17 7.98 -8.96
C TYR A 70 -14.83 8.69 -9.20
N VAL A 71 -14.47 9.60 -8.30
CA VAL A 71 -13.23 10.35 -8.44
C VAL A 71 -12.11 9.75 -7.58
N GLN A 72 -12.43 9.45 -6.33
CA GLN A 72 -11.46 8.88 -5.40
C GLN A 72 -11.02 7.48 -5.79
N LYS A 73 -11.64 6.91 -6.83
CA LYS A 73 -11.31 5.57 -7.27
C LYS A 73 -9.91 5.52 -7.89
N SER A 74 -9.66 6.38 -8.89
CA SER A 74 -8.37 6.42 -9.56
C SER A 74 -7.52 7.59 -9.07
N LEU A 75 -8.13 8.76 -8.99
CA LEU A 75 -7.42 9.96 -8.55
C LEU A 75 -6.81 9.77 -7.16
N ASN A 76 -7.61 9.33 -6.20
CA ASN A 76 -7.11 9.14 -4.84
C ASN A 76 -7.88 8.03 -4.13
N PRO A 77 -7.35 6.79 -4.14
CA PRO A 77 -7.99 5.66 -3.49
C PRO A 77 -7.53 5.51 -2.04
N GLU A 78 -8.47 5.14 -1.17
CA GLU A 78 -8.15 4.96 0.25
C GLU A 78 -8.54 3.58 0.74
N TRP A 79 -8.11 3.25 1.96
CA TRP A 79 -8.39 1.94 2.54
C TRP A 79 -8.55 2.05 4.06
N ASN A 80 -7.67 2.82 4.70
CA ASN A 80 -7.73 2.98 6.15
C ASN A 80 -7.74 1.63 6.85
N GLN A 81 -6.81 0.75 6.47
CA GLN A 81 -6.73 -0.58 7.05
C GLN A 81 -5.50 -0.70 7.95
N THR A 82 -5.41 -1.82 8.66
CA THR A 82 -4.29 -2.08 9.55
C THR A 82 -3.92 -3.55 9.57
N VAL A 83 -2.63 -3.83 9.44
CA VAL A 83 -2.14 -5.20 9.45
C VAL A 83 -0.92 -5.33 10.38
N ILE A 84 -0.66 -6.55 10.84
CA ILE A 84 0.47 -6.77 11.74
C ILE A 84 1.30 -7.98 11.33
N TYR A 85 2.55 -7.95 11.72
CA TYR A 85 3.50 -9.03 11.44
C TYR A 85 4.18 -9.47 12.73
N LYS A 86 3.47 -10.28 13.51
CA LYS A 86 3.99 -10.76 14.78
C LYS A 86 5.18 -11.68 14.58
N SER A 87 6.06 -11.73 15.58
CA SER A 87 7.25 -12.58 15.55
C SER A 87 8.42 -11.86 14.88
N ILE A 88 8.47 -10.54 15.05
CA ILE A 88 9.54 -9.74 14.46
C ILE A 88 10.09 -8.76 15.49
N SER A 89 11.35 -8.92 15.86
CA SER A 89 11.99 -8.04 16.83
C SER A 89 12.73 -6.91 16.14
N MET A 90 12.98 -5.83 16.89
CA MET A 90 13.67 -4.67 16.33
C MET A 90 15.01 -5.09 15.72
N GLU A 91 15.56 -6.21 16.19
CA GLU A 91 16.84 -6.71 15.69
C GLU A 91 16.72 -7.09 14.22
N GLN A 92 15.82 -8.04 13.94
CA GLN A 92 15.59 -8.50 12.58
C GLN A 92 14.74 -7.51 11.81
N LEU A 93 13.90 -6.77 12.54
CA LEU A 93 13.03 -5.78 11.95
C LEU A 93 13.83 -4.76 11.15
N MET A 94 14.86 -4.20 11.78
CA MET A 94 15.71 -3.21 11.13
C MET A 94 16.36 -3.78 9.88
N LYS A 95 16.44 -5.11 9.82
CA LYS A 95 17.05 -5.78 8.67
C LYS A 95 16.03 -6.00 7.55
N LYS A 96 14.74 -5.92 7.88
CA LYS A 96 13.68 -6.10 6.90
C LYS A 96 13.18 -4.75 6.39
N THR A 97 12.79 -4.72 5.12
CA THR A 97 12.31 -3.48 4.51
C THR A 97 10.83 -3.61 4.13
N LEU A 98 10.03 -2.67 4.60
CA LEU A 98 8.59 -2.67 4.30
C LEU A 98 8.33 -2.10 2.91
N GLU A 99 7.91 -2.96 2.00
CA GLU A 99 7.63 -2.54 0.63
C GLU A 99 6.13 -2.46 0.36
N VAL A 100 5.64 -1.24 0.18
CA VAL A 100 4.22 -1.02 -0.09
C VAL A 100 3.99 -0.91 -1.59
N THR A 101 3.06 -1.71 -2.12
CA THR A 101 2.78 -1.69 -3.54
C THR A 101 1.28 -1.57 -3.80
N VAL A 102 0.92 -0.60 -4.65
CA VAL A 102 -0.48 -0.37 -5.00
C VAL A 102 -0.84 -1.14 -6.27
N TRP A 103 -1.72 -2.13 -6.13
CA TRP A 103 -2.15 -2.94 -7.26
C TRP A 103 -3.64 -2.76 -7.54
N ASP A 104 -3.98 -2.54 -8.81
CA ASP A 104 -5.36 -2.36 -9.22
C ASP A 104 -5.88 -3.60 -9.94
N TYR A 105 -7.18 -3.86 -9.81
CA TYR A 105 -7.78 -5.02 -10.45
C TYR A 105 -8.11 -4.73 -11.91
N ASP A 106 -7.95 -5.74 -12.76
CA ASP A 106 -8.22 -5.59 -14.18
C ASP A 106 -9.50 -6.35 -14.57
N ARG A 107 -9.72 -6.49 -15.87
CA ARG A 107 -10.90 -7.18 -16.38
C ARG A 107 -10.75 -8.69 -16.22
N PHE A 108 -9.51 -9.17 -16.34
CA PHE A 108 -9.23 -10.59 -16.21
C PHE A 108 -8.92 -10.98 -14.77
N SER A 109 -9.22 -10.08 -13.83
CA SER A 109 -8.97 -10.33 -12.42
C SER A 109 -7.47 -10.38 -12.13
N SER A 110 -6.69 -9.70 -12.97
CA SER A 110 -5.24 -9.66 -12.80
C SER A 110 -4.81 -8.42 -12.05
N ASN A 111 -4.00 -8.62 -11.01
CA ASN A 111 -3.53 -7.51 -10.20
C ASN A 111 -2.51 -6.65 -10.96
N ASP A 112 -2.97 -5.50 -11.45
CA ASP A 112 -2.10 -4.60 -12.18
C ASP A 112 -1.37 -3.66 -11.24
N PHE A 113 -0.09 -3.41 -11.52
CA PHE A 113 0.71 -2.53 -10.68
C PHE A 113 0.27 -1.07 -10.81
N LEU A 114 0.47 -0.30 -9.74
CA LEU A 114 0.09 1.11 -9.73
C LEU A 114 1.14 1.99 -9.05
N GLY A 115 1.87 1.41 -8.10
CA GLY A 115 2.90 2.17 -7.39
C GLY A 115 3.61 1.33 -6.36
N GLU A 116 4.90 1.59 -6.17
CA GLU A 116 5.70 0.83 -5.20
C GLU A 116 6.52 1.76 -4.32
N VAL A 117 6.52 1.48 -3.02
CA VAL A 117 7.28 2.28 -2.07
C VAL A 117 8.07 1.38 -1.12
N LEU A 118 9.35 1.71 -0.94
CA LEU A 118 10.22 0.93 -0.06
C LEU A 118 10.53 1.71 1.22
N ILE A 119 10.12 1.15 2.36
CA ILE A 119 10.36 1.79 3.65
C ILE A 119 11.26 0.93 4.52
N ASP A 120 12.54 1.29 4.59
CA ASP A 120 13.51 0.56 5.40
C ASP A 120 13.15 0.65 6.88
N LEU A 121 12.89 -0.50 7.50
CA LEU A 121 12.54 -0.54 8.91
C LEU A 121 13.75 -0.25 9.80
N SER A 122 14.94 -0.21 9.20
CA SER A 122 16.16 0.07 9.95
C SER A 122 16.16 1.47 10.52
N SER A 123 15.33 2.34 9.95
CA SER A 123 15.25 3.73 10.42
C SER A 123 13.81 4.25 10.38
N THR A 124 12.85 3.33 10.26
CA THR A 124 11.44 3.71 10.21
C THR A 124 11.06 4.56 11.42
N SER A 125 11.19 5.87 11.28
CA SER A 125 10.85 6.81 12.34
C SER A 125 9.34 6.96 12.50
N HIS A 126 8.61 6.58 11.45
CA HIS A 126 7.16 6.68 11.46
C HIS A 126 6.52 5.64 12.40
N LEU A 127 7.36 4.75 12.94
CA LEU A 127 6.90 3.72 13.86
C LEU A 127 5.94 4.28 14.91
N ASP A 128 6.24 5.48 15.38
CA ASP A 128 5.41 6.12 16.39
C ASP A 128 4.04 6.52 15.84
N ASN A 129 3.39 5.61 15.11
CA ASN A 129 2.07 5.87 14.54
C ASN A 129 1.97 7.28 13.96
N THR A 130 2.50 7.45 12.75
CA THR A 130 2.46 8.75 12.09
C THR A 130 2.14 8.60 10.61
N PRO A 131 0.95 9.05 10.18
CA PRO A 131 0.53 8.96 8.77
C PRO A 131 1.36 9.86 7.86
N ARG A 132 2.17 9.24 7.01
CA ARG A 132 3.01 9.99 6.08
C ARG A 132 2.84 9.48 4.66
N TRP A 133 2.95 10.40 3.69
CA TRP A 133 2.81 10.05 2.28
C TRP A 133 4.16 9.63 1.70
N TYR A 134 4.25 8.38 1.27
CA TYR A 134 5.48 7.86 0.68
C TYR A 134 5.40 7.86 -0.85
N PRO A 135 6.35 8.51 -1.53
CA PRO A 135 6.37 8.58 -2.99
C PRO A 135 6.45 7.21 -3.64
N LEU A 136 5.51 6.95 -4.56
CA LEU A 136 5.46 5.66 -5.26
C LEU A 136 6.46 5.65 -6.42
N LYS A 137 6.95 4.46 -6.75
CA LYS A 137 7.90 4.30 -7.84
C LYS A 137 7.35 3.37 -8.91
N GLU A 138 8.06 3.24 -10.03
CA GLU A 138 7.63 2.38 -11.11
C GLU A 138 8.26 0.99 -10.98
N GLN A 139 7.54 -0.02 -11.47
CA GLN A 139 8.04 -1.40 -11.41
C GLN A 139 9.30 -1.56 -12.26
N THR A 140 10.20 -2.42 -11.79
CA THR A 140 11.45 -2.67 -12.50
C THR A 140 11.24 -3.68 -13.63
N GLU A 141 11.22 -3.19 -14.86
CA GLU A 141 11.02 -4.06 -16.02
C GLU A 141 12.35 -4.66 -16.47
N SER A 142 12.43 -5.98 -16.42
CA SER A 142 13.65 -6.69 -16.82
C SER A 142 13.31 -7.84 -17.78
N ALA A 1 -2.18 1.51 -24.86
CA ALA A 1 -0.94 2.26 -24.52
C ALA A 1 -0.54 2.03 -23.07
N SER A 2 0.73 2.26 -22.77
CA SER A 2 1.24 2.09 -21.41
C SER A 2 1.01 3.33 -20.57
N HIS A 3 0.79 3.14 -19.28
CA HIS A 3 0.55 4.25 -18.36
C HIS A 3 1.68 4.38 -17.35
N PRO A 4 2.11 5.62 -17.04
CA PRO A 4 3.19 5.86 -16.08
C PRO A 4 2.72 5.74 -14.62
N ILE A 5 3.63 5.32 -13.76
CA ILE A 5 3.32 5.17 -12.34
C ILE A 5 3.52 6.49 -11.59
N THR A 6 2.47 6.97 -10.95
CA THR A 6 2.53 8.22 -10.20
C THR A 6 1.67 8.16 -8.94
N GLY A 7 1.74 9.21 -8.14
CA GLY A 7 0.95 9.26 -6.92
C GLY A 7 1.73 8.83 -5.69
N GLU A 8 1.20 9.17 -4.52
CA GLU A 8 1.85 8.83 -3.26
C GLU A 8 0.90 8.04 -2.36
N ILE A 9 1.45 7.10 -1.61
CA ILE A 9 0.66 6.26 -0.72
C ILE A 9 0.80 6.72 0.73
N GLN A 10 -0.33 6.72 1.46
CA GLN A 10 -0.32 7.14 2.85
C GLN A 10 -0.54 5.94 3.77
N LEU A 11 0.33 5.81 4.77
CA LEU A 11 0.23 4.70 5.72
C LEU A 11 0.71 5.12 7.10
N GLN A 12 0.31 4.35 8.11
CA GLN A 12 0.71 4.62 9.49
C GLN A 12 1.47 3.43 10.05
N ILE A 13 2.79 3.58 10.18
CA ILE A 13 3.63 2.51 10.69
C ILE A 13 3.78 2.58 12.20
N ASN A 14 3.84 1.41 12.83
CA ASN A 14 3.98 1.29 14.27
C ASN A 14 4.35 -0.13 14.66
N TYR A 15 5.50 -0.28 15.32
CA TYR A 15 5.97 -1.59 15.74
C TYR A 15 5.89 -1.72 17.27
N ASP A 16 5.31 -2.82 17.73
CA ASP A 16 5.17 -3.05 19.16
C ASP A 16 5.13 -4.54 19.49
N LEU A 17 5.57 -4.88 20.70
CA LEU A 17 5.58 -6.27 21.17
C LEU A 17 6.26 -7.18 20.16
N GLY A 18 7.32 -6.68 19.54
CA GLY A 18 8.04 -7.47 18.55
C GLY A 18 7.22 -7.74 17.32
N ASN A 19 6.17 -6.94 17.12
CA ASN A 19 5.29 -7.07 15.97
C ASN A 19 5.22 -5.77 15.20
N LEU A 20 5.42 -5.84 13.89
CA LEU A 20 5.38 -4.66 13.06
C LEU A 20 3.97 -4.41 12.53
N ILE A 21 3.40 -3.26 12.90
CA ILE A 21 2.04 -2.91 12.47
C ILE A 21 2.07 -1.79 11.43
N ILE A 22 1.39 -2.03 10.31
CA ILE A 22 1.32 -1.05 9.23
C ILE A 22 -0.13 -0.82 8.82
N HIS A 23 -0.57 0.44 8.88
CA HIS A 23 -1.95 0.77 8.51
C HIS A 23 -2.02 1.32 7.09
N ILE A 24 -2.92 0.76 6.29
CA ILE A 24 -3.11 1.20 4.92
C ILE A 24 -4.20 2.25 4.85
N LEU A 25 -3.81 3.50 4.64
CA LEU A 25 -4.77 4.59 4.58
C LEU A 25 -5.27 4.84 3.16
N GLN A 26 -4.54 5.64 2.39
CA GLN A 26 -4.96 5.93 1.02
C GLN A 26 -3.81 6.50 0.19
N ALA A 27 -4.05 6.58 -1.12
CA ALA A 27 -3.05 7.11 -2.05
C ALA A 27 -3.65 8.26 -2.86
N ARG A 28 -2.78 9.08 -3.44
CA ARG A 28 -3.24 10.22 -4.23
C ARG A 28 -2.29 10.50 -5.40
N ASN A 29 -2.81 11.19 -6.40
CA ASN A 29 -2.02 11.54 -7.59
C ASN A 29 -1.64 10.29 -8.37
N LEU A 30 -2.48 9.26 -8.31
CA LEU A 30 -2.23 8.01 -9.02
C LEU A 30 -2.29 8.23 -10.53
N VAL A 31 -2.11 7.15 -11.28
CA VAL A 31 -2.15 7.23 -12.74
C VAL A 31 -3.56 6.96 -13.26
N PRO A 32 -4.19 7.97 -13.90
CA PRO A 32 -5.55 7.83 -14.44
C PRO A 32 -5.57 7.01 -15.72
N ARG A 33 -6.75 6.57 -16.12
CA ARG A 33 -6.91 5.76 -17.33
C ARG A 33 -8.28 6.00 -17.96
N ASP A 34 -8.50 5.39 -19.13
CA ASP A 34 -9.76 5.53 -19.85
C ASP A 34 -10.81 4.55 -19.30
N ASN A 35 -12.07 4.97 -19.31
CA ASN A 35 -13.15 4.13 -18.83
C ASN A 35 -12.94 3.76 -17.36
N ASN A 36 -13.21 4.73 -16.48
CA ASN A 36 -13.04 4.51 -15.04
C ASN A 36 -14.34 4.01 -14.42
N GLY A 37 -14.24 3.49 -13.20
CA GLY A 37 -15.42 2.98 -12.51
C GLY A 37 -15.74 1.55 -12.89
N TYR A 38 -14.99 0.61 -12.32
CA TYR A 38 -15.21 -0.80 -12.61
C TYR A 38 -14.71 -1.67 -11.46
N SER A 39 -13.50 -1.37 -10.97
CA SER A 39 -12.91 -2.12 -9.86
C SER A 39 -12.16 -1.20 -8.91
N ASP A 40 -12.05 -1.61 -7.66
CA ASP A 40 -11.34 -0.82 -6.65
C ASP A 40 -9.91 -1.31 -6.50
N PRO A 41 -8.93 -0.39 -6.48
CA PRO A 41 -7.51 -0.76 -6.32
C PRO A 41 -7.20 -1.32 -4.94
N PHE A 42 -6.21 -2.20 -4.89
CA PHE A 42 -5.80 -2.81 -3.63
C PHE A 42 -4.30 -2.64 -3.43
N VAL A 43 -3.83 -2.94 -2.21
CA VAL A 43 -2.41 -2.81 -1.89
C VAL A 43 -1.84 -4.13 -1.39
N LYS A 44 -0.54 -4.31 -1.61
CA LYS A 44 0.18 -5.50 -1.17
C LYS A 44 1.45 -5.09 -0.45
N VAL A 45 1.61 -5.52 0.80
CA VAL A 45 2.79 -5.15 1.58
C VAL A 45 3.47 -6.37 2.20
N TYR A 46 4.74 -6.55 1.87
CA TYR A 46 5.54 -7.64 2.40
C TYR A 46 6.99 -7.19 2.61
N LEU A 47 7.69 -7.87 3.52
CA LEU A 47 9.09 -7.52 3.79
C LEU A 47 9.99 -8.10 2.69
N LEU A 48 11.09 -7.42 2.42
CA LEU A 48 12.01 -7.88 1.37
C LEU A 48 12.77 -9.14 1.77
N PRO A 49 13.45 -9.14 2.94
CA PRO A 49 14.21 -10.29 3.41
C PRO A 49 13.39 -11.18 4.34
N GLY A 50 12.25 -11.66 3.86
CA GLY A 50 11.40 -12.52 4.67
C GLY A 50 11.04 -13.80 3.95
N ARG A 51 10.10 -14.55 4.53
CA ARG A 51 9.66 -15.81 3.94
C ARG A 51 9.16 -15.59 2.51
N GLY A 52 8.67 -14.38 2.23
CA GLY A 52 8.18 -14.07 0.90
C GLY A 52 6.66 -14.11 0.83
N GLN A 53 6.00 -13.68 1.90
CA GLN A 53 4.54 -13.67 1.94
C GLN A 53 4.01 -12.27 1.63
N VAL A 54 3.01 -12.21 0.77
CA VAL A 54 2.42 -10.93 0.38
C VAL A 54 1.14 -10.65 1.18
N MET A 55 1.13 -9.54 1.90
CA MET A 55 -0.02 -9.17 2.70
C MET A 55 -0.90 -8.16 1.97
N VAL A 56 -2.06 -8.61 1.51
CA VAL A 56 -2.99 -7.74 0.79
C VAL A 56 -3.83 -6.93 1.76
N VAL A 57 -4.38 -5.82 1.26
CA VAL A 57 -5.20 -4.94 2.09
C VAL A 57 -6.69 -5.17 1.85
N GLN A 58 -7.49 -4.83 2.85
CA GLN A 58 -8.95 -5.00 2.77
C GLN A 58 -9.62 -3.66 2.48
N ASN A 59 -10.93 -3.72 2.21
CA ASN A 59 -11.70 -2.52 1.91
C ASN A 59 -12.29 -1.91 3.18
N ALA A 60 -12.55 -0.61 3.13
CA ALA A 60 -13.12 0.11 4.27
C ALA A 60 -14.62 0.22 4.15
N SER A 61 -15.24 0.92 5.11
CA SER A 61 -16.69 1.10 5.11
C SER A 61 -17.19 1.53 3.73
N ALA A 62 -17.66 0.55 2.96
CA ALA A 62 -18.18 0.81 1.62
C ALA A 62 -19.18 1.96 1.62
N GLU A 63 -19.88 2.12 2.73
CA GLU A 63 -20.89 3.17 2.87
C GLU A 63 -20.29 4.53 2.54
N TYR A 64 -19.03 4.74 2.94
CA TYR A 64 -18.35 6.00 2.69
C TYR A 64 -17.57 5.95 1.37
N LYS A 65 -17.15 4.74 0.99
CA LYS A 65 -16.40 4.54 -0.24
C LYS A 65 -17.30 4.74 -1.44
N ARG A 66 -18.44 4.06 -1.43
CA ARG A 66 -19.42 4.15 -2.51
C ARG A 66 -19.67 5.60 -2.90
N ARG A 67 -19.54 6.50 -1.93
CA ARG A 67 -19.75 7.92 -2.16
C ARG A 67 -18.45 8.60 -2.59
N THR A 68 -17.34 8.10 -2.08
CA THR A 68 -16.03 8.65 -2.42
C THR A 68 -15.42 7.94 -3.61
N LYS A 69 -16.21 7.10 -4.28
CA LYS A 69 -15.74 6.36 -5.45
C LYS A 69 -15.97 7.14 -6.74
N TYR A 70 -16.34 8.42 -6.61
CA TYR A 70 -16.59 9.26 -7.77
C TYR A 70 -15.29 9.66 -8.46
N VAL A 71 -14.53 10.55 -7.82
CA VAL A 71 -13.27 11.02 -8.37
C VAL A 71 -12.07 10.28 -7.78
N GLN A 72 -12.21 9.82 -6.54
CA GLN A 72 -11.13 9.11 -5.86
C GLN A 72 -11.06 7.63 -6.27
N LYS A 73 -11.98 7.19 -7.12
CA LYS A 73 -12.00 5.80 -7.54
C LYS A 73 -10.64 5.36 -8.10
N SER A 74 -10.27 5.89 -9.26
CA SER A 74 -9.00 5.55 -9.89
C SER A 74 -7.95 6.63 -9.68
N LEU A 75 -8.26 7.60 -8.82
CA LEU A 75 -7.33 8.69 -8.54
C LEU A 75 -6.73 8.57 -7.16
N ASN A 76 -7.58 8.44 -6.14
CA ASN A 76 -7.13 8.30 -4.77
C ASN A 76 -7.83 7.15 -4.07
N PRO A 77 -7.21 5.96 -4.04
CA PRO A 77 -7.79 4.78 -3.39
C PRO A 77 -7.51 4.74 -1.90
N GLU A 78 -8.57 4.70 -1.10
CA GLU A 78 -8.44 4.67 0.35
C GLU A 78 -8.78 3.28 0.88
N TRP A 79 -8.27 2.97 2.07
CA TRP A 79 -8.52 1.67 2.69
C TRP A 79 -8.66 1.78 4.20
N ASN A 80 -7.84 2.63 4.83
CA ASN A 80 -7.89 2.82 6.27
C ASN A 80 -7.88 1.47 6.99
N GLN A 81 -6.95 0.61 6.62
CA GLN A 81 -6.84 -0.71 7.22
C GLN A 81 -5.61 -0.82 8.11
N THR A 82 -5.47 -1.96 8.77
CA THR A 82 -4.35 -2.20 9.66
C THR A 82 -3.89 -3.66 9.60
N VAL A 83 -2.58 -3.86 9.57
CA VAL A 83 -2.01 -5.20 9.52
C VAL A 83 -0.77 -5.29 10.40
N ILE A 84 -0.44 -6.51 10.84
CA ILE A 84 0.73 -6.70 11.69
C ILE A 84 1.52 -7.93 11.29
N TYR A 85 2.80 -7.91 11.64
CA TYR A 85 3.71 -9.00 11.37
C TYR A 85 4.35 -9.47 12.66
N LYS A 86 3.61 -10.23 13.46
CA LYS A 86 4.11 -10.72 14.73
C LYS A 86 5.25 -11.71 14.54
N SER A 87 6.23 -11.64 15.44
CA SER A 87 7.40 -12.52 15.41
C SER A 87 8.57 -11.86 14.69
N ILE A 88 8.59 -10.53 14.71
CA ILE A 88 9.66 -9.77 14.08
C ILE A 88 10.16 -8.67 15.03
N SER A 89 11.40 -8.82 15.49
CA SER A 89 12.00 -7.85 16.40
C SER A 89 12.84 -6.83 15.65
N MET A 90 13.18 -5.73 16.33
CA MET A 90 13.98 -4.67 15.72
C MET A 90 15.29 -5.22 15.18
N GLU A 91 15.72 -6.36 15.71
CA GLU A 91 16.96 -6.98 15.26
C GLU A 91 16.90 -7.31 13.78
N GLN A 92 15.86 -8.06 13.39
CA GLN A 92 15.67 -8.44 12.00
C GLN A 92 14.75 -7.45 11.29
N LEU A 93 13.90 -6.78 12.07
CA LEU A 93 12.96 -5.80 11.55
C LEU A 93 13.72 -4.67 10.85
N MET A 94 14.62 -4.04 11.59
CA MET A 94 15.42 -2.94 11.05
C MET A 94 16.22 -3.39 9.84
N LYS A 95 16.47 -4.69 9.74
CA LYS A 95 17.22 -5.26 8.64
C LYS A 95 16.32 -5.49 7.42
N LYS A 96 15.00 -5.49 7.64
CA LYS A 96 14.05 -5.70 6.55
C LYS A 96 13.55 -4.37 6.01
N THR A 97 12.79 -4.43 4.93
CA THR A 97 12.23 -3.23 4.31
C THR A 97 10.78 -3.46 3.89
N LEU A 98 9.89 -2.58 4.34
CA LEU A 98 8.48 -2.69 4.01
C LEU A 98 8.22 -2.15 2.60
N GLU A 99 7.70 -3.02 1.74
CA GLU A 99 7.42 -2.64 0.36
C GLU A 99 5.92 -2.54 0.10
N VAL A 100 5.42 -1.32 -0.05
CA VAL A 100 4.01 -1.09 -0.32
C VAL A 100 3.76 -1.05 -1.82
N THR A 101 2.87 -1.91 -2.29
CA THR A 101 2.56 -1.97 -3.71
C THR A 101 1.06 -1.83 -3.96
N VAL A 102 0.71 -0.93 -4.87
CA VAL A 102 -0.68 -0.69 -5.21
C VAL A 102 -1.04 -1.36 -6.53
N TRP A 103 -2.21 -2.01 -6.56
CA TRP A 103 -2.66 -2.69 -7.77
C TRP A 103 -4.14 -2.42 -8.03
N ASP A 104 -4.56 -2.55 -9.28
CA ASP A 104 -5.94 -2.31 -9.66
C ASP A 104 -6.44 -3.39 -10.62
N TYR A 105 -7.59 -3.97 -10.30
CA TYR A 105 -8.18 -5.01 -11.13
C TYR A 105 -8.75 -4.43 -12.41
N ASP A 106 -8.56 -5.13 -13.52
CA ASP A 106 -9.06 -4.68 -14.82
C ASP A 106 -10.35 -5.40 -15.19
N ARG A 107 -10.88 -5.08 -16.35
CA ARG A 107 -12.12 -5.70 -16.82
C ARG A 107 -11.95 -7.21 -16.96
N PHE A 108 -10.72 -7.64 -17.23
CA PHE A 108 -10.43 -9.06 -17.40
C PHE A 108 -10.02 -9.70 -16.06
N SER A 109 -10.21 -8.96 -14.97
CA SER A 109 -9.86 -9.46 -13.64
C SER A 109 -8.35 -9.68 -13.53
N SER A 110 -7.58 -8.76 -14.11
CA SER A 110 -6.13 -8.86 -14.08
C SER A 110 -5.55 -7.88 -13.06
N ASN A 111 -4.66 -8.38 -12.21
CA ASN A 111 -4.03 -7.55 -11.19
C ASN A 111 -3.00 -6.61 -11.81
N ASP A 112 -3.45 -5.41 -12.17
CA ASP A 112 -2.58 -4.42 -12.78
C ASP A 112 -1.83 -3.61 -11.71
N PHE A 113 -0.57 -3.31 -11.98
CA PHE A 113 0.25 -2.54 -11.05
C PHE A 113 -0.12 -1.06 -11.09
N LEU A 114 0.18 -0.34 -10.00
CA LEU A 114 -0.13 1.07 -9.92
C LEU A 114 0.96 1.88 -9.20
N GLY A 115 1.63 1.25 -8.23
CA GLY A 115 2.67 1.95 -7.50
C GLY A 115 3.39 1.05 -6.53
N GLU A 116 4.67 1.35 -6.29
CA GLU A 116 5.49 0.55 -5.38
C GLU A 116 6.39 1.45 -4.54
N VAL A 117 6.27 1.33 -3.23
CA VAL A 117 7.08 2.13 -2.31
C VAL A 117 7.96 1.23 -1.43
N LEU A 118 9.06 1.78 -0.95
CA LEU A 118 9.99 1.02 -0.11
C LEU A 118 10.32 1.80 1.17
N ILE A 119 9.83 1.30 2.30
CA ILE A 119 10.09 1.95 3.59
C ILE A 119 11.13 1.16 4.38
N ASP A 120 12.36 1.63 4.36
CA ASP A 120 13.45 0.97 5.08
C ASP A 120 13.12 0.87 6.56
N LEU A 121 12.90 -0.35 7.04
CA LEU A 121 12.58 -0.56 8.44
C LEU A 121 13.77 -0.28 9.36
N SER A 122 14.95 -0.09 8.76
CA SER A 122 16.17 0.17 9.51
C SER A 122 16.03 1.40 10.40
N SER A 123 15.11 2.30 10.06
CA SER A 123 14.90 3.51 10.83
C SER A 123 13.46 3.61 11.32
N THR A 124 12.51 3.48 10.40
CA THR A 124 11.09 3.56 10.73
C THR A 124 10.81 4.78 11.60
N SER A 125 10.94 5.97 11.00
CA SER A 125 10.68 7.21 11.73
C SER A 125 9.18 7.42 11.90
N HIS A 126 8.38 6.53 11.31
CA HIS A 126 6.93 6.62 11.39
C HIS A 126 6.37 5.68 12.46
N LEU A 127 7.22 4.83 13.02
CA LEU A 127 6.81 3.87 14.06
C LEU A 127 5.83 4.48 15.04
N ASP A 128 6.09 5.70 15.45
CA ASP A 128 5.24 6.40 16.40
C ASP A 128 3.85 6.69 15.81
N ASN A 129 3.31 5.76 15.03
CA ASN A 129 1.99 5.93 14.42
C ASN A 129 1.84 7.33 13.83
N THR A 130 2.39 7.53 12.63
CA THR A 130 2.31 8.82 11.96
C THR A 130 1.96 8.65 10.49
N PRO A 131 0.77 9.13 10.07
CA PRO A 131 0.34 9.02 8.67
C PRO A 131 1.20 9.86 7.73
N ARG A 132 2.10 9.19 7.02
CA ARG A 132 2.99 9.88 6.09
C ARG A 132 2.74 9.44 4.66
N TRP A 133 3.12 10.28 3.71
CA TRP A 133 2.95 9.98 2.29
C TRP A 133 4.23 9.43 1.69
N TYR A 134 4.21 8.16 1.32
CA TYR A 134 5.37 7.51 0.73
C TYR A 134 5.29 7.53 -0.79
N PRO A 135 6.23 8.23 -1.46
CA PRO A 135 6.24 8.32 -2.93
C PRO A 135 6.18 6.94 -3.60
N LEU A 136 5.24 6.77 -4.52
CA LEU A 136 5.09 5.51 -5.23
C LEU A 136 6.05 5.44 -6.42
N LYS A 137 6.75 4.31 -6.52
CA LYS A 137 7.70 4.11 -7.61
C LYS A 137 7.18 3.07 -8.60
N GLU A 138 8.01 2.72 -9.57
CA GLU A 138 7.64 1.73 -10.58
C GLU A 138 8.35 0.40 -10.33
N GLN A 139 7.64 -0.70 -10.54
CA GLN A 139 8.20 -2.03 -10.35
C GLN A 139 9.44 -2.23 -11.20
N THR A 140 10.60 -1.87 -10.66
CA THR A 140 11.86 -2.01 -11.37
C THR A 140 12.67 -3.19 -10.83
N GLU A 141 12.82 -4.22 -11.65
CA GLU A 141 13.57 -5.40 -11.25
C GLU A 141 15.01 -5.34 -11.75
N SER A 142 15.95 -5.53 -10.84
CA SER A 142 17.37 -5.49 -11.18
C SER A 142 17.87 -6.86 -11.60
N ALA A 1 -2.99 1.75 -25.44
CA ALA A 1 -3.27 2.36 -24.12
C ALA A 1 -2.07 2.20 -23.18
N SER A 2 -1.82 3.22 -22.37
CA SER A 2 -0.72 3.21 -21.43
C SER A 2 -1.02 4.06 -20.21
N HIS A 3 -0.66 3.56 -19.03
CA HIS A 3 -0.88 4.28 -17.78
C HIS A 3 0.41 4.41 -16.98
N PRO A 4 0.91 5.65 -16.80
CA PRO A 4 2.15 5.89 -16.05
C PRO A 4 1.94 5.79 -14.54
N ILE A 5 2.97 5.36 -13.84
CA ILE A 5 2.91 5.23 -12.38
C ILE A 5 3.16 6.56 -11.70
N THR A 6 2.20 7.00 -10.89
CA THR A 6 2.31 8.27 -10.18
C THR A 6 1.53 8.23 -8.87
N GLY A 7 1.58 9.33 -8.13
CA GLY A 7 0.88 9.42 -6.87
C GLY A 7 1.68 8.87 -5.71
N GLU A 8 1.22 9.14 -4.49
CA GLU A 8 1.89 8.66 -3.29
C GLU A 8 0.93 7.89 -2.39
N ILE A 9 1.47 7.09 -1.49
CA ILE A 9 0.65 6.30 -0.59
C ILE A 9 0.79 6.78 0.85
N GLN A 10 -0.32 6.74 1.59
CA GLN A 10 -0.33 7.18 2.99
C GLN A 10 -0.53 5.99 3.92
N LEU A 11 0.36 5.84 4.89
CA LEU A 11 0.26 4.73 5.85
C LEU A 11 0.75 5.16 7.23
N GLN A 12 0.36 4.39 8.24
CA GLN A 12 0.77 4.64 9.62
C GLN A 12 1.44 3.40 10.21
N ILE A 13 2.75 3.48 10.39
CA ILE A 13 3.51 2.35 10.94
C ILE A 13 3.49 2.33 12.46
N ASN A 14 3.55 1.14 13.03
CA ASN A 14 3.56 0.96 14.47
C ASN A 14 3.95 -0.46 14.84
N TYR A 15 4.99 -0.59 15.65
CA TYR A 15 5.46 -1.91 16.07
C TYR A 15 5.24 -2.09 17.57
N ASP A 16 4.66 -3.22 17.94
CA ASP A 16 4.39 -3.51 19.34
C ASP A 16 4.39 -5.01 19.63
N LEU A 17 4.72 -5.37 20.87
CA LEU A 17 4.74 -6.76 21.30
C LEU A 17 5.58 -7.61 20.34
N GLY A 18 6.66 -7.03 19.86
CA GLY A 18 7.53 -7.74 18.93
C GLY A 18 6.85 -8.00 17.60
N ASN A 19 5.74 -7.31 17.36
CA ASN A 19 4.99 -7.46 16.13
C ASN A 19 4.95 -6.14 15.38
N LEU A 20 5.31 -6.17 14.10
CA LEU A 20 5.30 -4.97 13.28
C LEU A 20 3.93 -4.73 12.65
N ILE A 21 3.32 -3.60 12.98
CA ILE A 21 2.00 -3.26 12.45
C ILE A 21 2.08 -2.15 11.42
N ILE A 22 1.37 -2.33 10.31
CA ILE A 22 1.34 -1.34 9.23
C ILE A 22 -0.09 -1.11 8.78
N HIS A 23 -0.51 0.15 8.72
CA HIS A 23 -1.86 0.48 8.29
C HIS A 23 -1.85 1.24 6.97
N ILE A 24 -2.50 0.65 5.96
CA ILE A 24 -2.59 1.28 4.65
C ILE A 24 -3.82 2.18 4.58
N LEU A 25 -3.60 3.48 4.49
CA LEU A 25 -4.69 4.43 4.44
C LEU A 25 -5.18 4.68 3.01
N GLN A 26 -4.53 5.59 2.30
CA GLN A 26 -4.93 5.89 0.93
C GLN A 26 -3.79 6.45 0.10
N ALA A 27 -4.04 6.58 -1.19
CA ALA A 27 -3.06 7.11 -2.12
C ALA A 27 -3.67 8.24 -2.96
N ARG A 28 -2.86 9.22 -3.31
CA ARG A 28 -3.34 10.35 -4.10
C ARG A 28 -2.46 10.59 -5.33
N ASN A 29 -2.99 11.39 -6.26
CA ASN A 29 -2.26 11.71 -7.49
C ASN A 29 -1.89 10.45 -8.25
N LEU A 30 -2.69 9.40 -8.08
CA LEU A 30 -2.46 8.13 -8.75
C LEU A 30 -2.63 8.27 -10.26
N VAL A 31 -2.49 7.17 -10.98
CA VAL A 31 -2.63 7.18 -12.43
C VAL A 31 -4.11 7.18 -12.83
N PRO A 32 -4.56 8.20 -13.57
CA PRO A 32 -5.96 8.30 -14.02
C PRO A 32 -6.32 7.24 -15.05
N ARG A 33 -7.54 6.73 -14.97
CA ARG A 33 -8.01 5.70 -15.89
C ARG A 33 -9.39 6.06 -16.44
N ASP A 34 -9.44 6.38 -17.74
CA ASP A 34 -10.70 6.73 -18.39
C ASP A 34 -11.41 5.49 -18.90
N ASN A 35 -12.73 5.60 -19.07
CA ASN A 35 -13.54 4.48 -19.56
C ASN A 35 -13.44 3.28 -18.61
N ASN A 36 -13.25 3.57 -17.32
CA ASN A 36 -13.14 2.52 -16.32
C ASN A 36 -13.86 2.92 -15.03
N GLY A 37 -13.90 2.01 -14.07
CA GLY A 37 -14.55 2.29 -12.80
C GLY A 37 -14.99 1.03 -12.08
N TYR A 38 -15.63 1.20 -10.92
CA TYR A 38 -16.11 0.08 -10.12
C TYR A 38 -14.94 -0.72 -9.55
N SER A 39 -13.79 -0.57 -10.20
CA SER A 39 -12.58 -1.27 -9.77
C SER A 39 -12.00 -0.63 -8.52
N ASP A 40 -11.61 -1.47 -7.56
CA ASP A 40 -11.02 -0.99 -6.31
C ASP A 40 -9.56 -1.43 -6.19
N PRO A 41 -8.61 -0.48 -6.26
CA PRO A 41 -7.18 -0.78 -6.16
C PRO A 41 -6.80 -1.28 -4.76
N PHE A 42 -5.89 -2.26 -4.72
CA PHE A 42 -5.43 -2.81 -3.46
C PHE A 42 -3.91 -2.67 -3.34
N VAL A 43 -3.39 -2.95 -2.14
CA VAL A 43 -1.96 -2.85 -1.90
C VAL A 43 -1.37 -4.17 -1.42
N LYS A 44 -0.12 -4.40 -1.79
CA LYS A 44 0.60 -5.60 -1.39
C LYS A 44 1.84 -5.21 -0.59
N VAL A 45 1.85 -5.56 0.69
CA VAL A 45 2.97 -5.20 1.56
C VAL A 45 3.65 -6.43 2.17
N TYR A 46 4.96 -6.54 1.94
CA TYR A 46 5.75 -7.64 2.48
C TYR A 46 7.15 -7.16 2.83
N LEU A 47 7.78 -7.83 3.78
CA LEU A 47 9.14 -7.47 4.20
C LEU A 47 10.16 -8.02 3.19
N LEU A 48 11.23 -7.27 2.96
CA LEU A 48 12.26 -7.69 2.01
C LEU A 48 12.80 -9.09 2.35
N PRO A 49 13.32 -9.29 3.58
CA PRO A 49 13.85 -10.57 4.00
C PRO A 49 12.79 -11.48 4.61
N GLY A 50 13.23 -12.50 5.34
CA GLY A 50 12.29 -13.42 5.96
C GLY A 50 11.67 -14.38 4.97
N ARG A 51 10.47 -14.86 5.27
CA ARG A 51 9.77 -15.79 4.41
C ARG A 51 9.56 -15.18 3.02
N GLY A 52 9.05 -13.96 2.99
CA GLY A 52 8.81 -13.30 1.72
C GLY A 52 7.38 -13.41 1.26
N GLN A 53 6.45 -13.47 2.20
CA GLN A 53 5.03 -13.58 1.89
C GLN A 53 4.43 -12.21 1.61
N VAL A 54 3.51 -12.16 0.66
CA VAL A 54 2.86 -10.90 0.30
C VAL A 54 1.49 -10.77 0.94
N MET A 55 1.31 -9.72 1.74
CA MET A 55 0.03 -9.48 2.41
C MET A 55 -0.75 -8.37 1.70
N VAL A 56 -1.90 -8.72 1.15
CA VAL A 56 -2.72 -7.76 0.44
C VAL A 56 -3.59 -6.96 1.41
N VAL A 57 -4.06 -5.80 0.96
CA VAL A 57 -4.89 -4.93 1.78
C VAL A 57 -6.36 -5.01 1.36
N GLN A 58 -7.24 -5.04 2.35
CA GLN A 58 -8.67 -5.11 2.10
C GLN A 58 -9.25 -3.72 1.86
N ASN A 59 -10.51 -3.66 1.45
CA ASN A 59 -11.18 -2.39 1.19
C ASN A 59 -11.97 -1.93 2.41
N ALA A 60 -12.20 -0.62 2.49
CA ALA A 60 -12.95 -0.05 3.60
C ALA A 60 -14.42 0.13 3.24
N SER A 61 -15.18 0.71 4.16
CA SER A 61 -16.61 0.94 3.94
C SER A 61 -16.87 1.59 2.59
N ALA A 62 -17.47 0.84 1.68
CA ALA A 62 -17.77 1.34 0.35
C ALA A 62 -18.85 2.42 0.38
N GLU A 63 -19.63 2.43 1.46
CA GLU A 63 -20.71 3.42 1.62
C GLU A 63 -20.14 4.84 1.56
N TYR A 64 -18.92 5.01 2.06
CA TYR A 64 -18.28 6.33 2.07
C TYR A 64 -17.46 6.53 0.79
N LYS A 65 -16.93 5.43 0.26
CA LYS A 65 -16.13 5.49 -0.96
C LYS A 65 -17.04 5.77 -2.16
N ARG A 66 -18.10 4.98 -2.25
CA ARG A 66 -19.07 5.12 -3.35
C ARG A 66 -19.43 6.59 -3.55
N ARG A 67 -19.41 7.36 -2.47
CA ARG A 67 -19.73 8.78 -2.53
C ARG A 67 -18.53 9.57 -3.02
N THR A 68 -17.34 9.18 -2.57
CA THR A 68 -16.11 9.85 -2.98
C THR A 68 -15.50 9.17 -4.21
N LYS A 69 -16.29 8.32 -4.86
CA LYS A 69 -15.83 7.61 -6.06
C LYS A 69 -16.09 8.43 -7.32
N TYR A 70 -16.47 9.70 -7.14
CA TYR A 70 -16.73 10.56 -8.27
C TYR A 70 -15.42 10.98 -8.94
N VAL A 71 -14.65 11.82 -8.27
CA VAL A 71 -13.38 12.30 -8.81
C VAL A 71 -12.20 11.50 -8.23
N GLN A 72 -12.39 10.92 -7.05
CA GLN A 72 -11.33 10.16 -6.39
C GLN A 72 -11.35 8.68 -6.78
N LYS A 73 -12.32 8.28 -7.59
CA LYS A 73 -12.44 6.87 -8.01
C LYS A 73 -11.08 6.31 -8.43
N SER A 74 -10.58 6.78 -9.56
CA SER A 74 -9.29 6.31 -10.08
C SER A 74 -8.18 7.33 -9.81
N LEU A 75 -8.48 8.35 -9.01
CA LEU A 75 -7.50 9.37 -8.69
C LEU A 75 -6.90 9.18 -7.30
N ASN A 76 -7.75 8.90 -6.32
CA ASN A 76 -7.29 8.70 -4.95
C ASN A 76 -8.11 7.62 -4.22
N PRO A 77 -7.62 6.37 -4.21
CA PRO A 77 -8.29 5.26 -3.55
C PRO A 77 -7.88 5.13 -2.08
N GLU A 78 -8.81 4.70 -1.23
CA GLU A 78 -8.53 4.53 0.19
C GLU A 78 -8.55 3.05 0.60
N TRP A 79 -8.13 2.79 1.83
CA TRP A 79 -8.10 1.44 2.34
C TRP A 79 -8.38 1.40 3.84
N ASN A 80 -7.76 2.33 4.58
CA ASN A 80 -7.95 2.41 6.03
C ASN A 80 -7.88 1.03 6.67
N GLN A 81 -6.88 0.25 6.27
CA GLN A 81 -6.71 -1.10 6.80
C GLN A 81 -5.49 -1.18 7.71
N THR A 82 -5.32 -2.34 8.35
CA THR A 82 -4.20 -2.56 9.25
C THR A 82 -3.66 -3.98 9.13
N VAL A 83 -2.34 -4.11 9.17
CA VAL A 83 -1.68 -5.40 9.07
C VAL A 83 -0.57 -5.52 10.11
N ILE A 84 -0.23 -6.76 10.48
CA ILE A 84 0.82 -6.99 11.47
C ILE A 84 1.72 -8.14 11.09
N TYR A 85 2.95 -8.08 11.56
CA TYR A 85 3.94 -9.12 11.30
C TYR A 85 4.57 -9.57 12.61
N LYS A 86 3.85 -10.41 13.34
CA LYS A 86 4.32 -10.91 14.63
C LYS A 86 5.54 -11.80 14.47
N SER A 87 6.36 -11.85 15.52
CA SER A 87 7.57 -12.65 15.53
C SER A 87 8.72 -11.91 14.86
N ILE A 88 8.68 -10.58 14.92
CA ILE A 88 9.72 -9.76 14.32
C ILE A 88 10.17 -8.68 15.30
N SER A 89 11.44 -8.74 15.70
CA SER A 89 11.99 -7.76 16.63
C SER A 89 12.94 -6.80 15.91
N MET A 90 13.15 -5.63 16.49
CA MET A 90 14.02 -4.63 15.88
C MET A 90 15.36 -5.23 15.47
N GLU A 91 15.75 -6.33 16.10
CA GLU A 91 17.02 -7.00 15.77
C GLU A 91 17.04 -7.36 14.29
N GLN A 92 16.00 -8.07 13.86
CA GLN A 92 15.89 -8.48 12.46
C GLN A 92 15.03 -7.49 11.68
N LEU A 93 14.09 -6.86 12.39
CA LEU A 93 13.20 -5.88 11.79
C LEU A 93 13.99 -4.78 11.09
N MET A 94 14.95 -4.21 11.80
CA MET A 94 15.78 -3.15 11.25
C MET A 94 16.45 -3.59 9.95
N LYS A 95 16.63 -4.90 9.80
CA LYS A 95 17.24 -5.45 8.60
C LYS A 95 16.19 -5.67 7.51
N LYS A 96 14.92 -5.70 7.90
CA LYS A 96 13.84 -5.90 6.95
C LYS A 96 13.29 -4.57 6.47
N THR A 97 12.88 -4.52 5.20
CA THR A 97 12.33 -3.29 4.63
C THR A 97 10.88 -3.49 4.21
N LEU A 98 10.01 -2.62 4.70
CA LEU A 98 8.59 -2.69 4.37
C LEU A 98 8.33 -2.08 3.00
N GLU A 99 7.95 -2.91 2.03
CA GLU A 99 7.69 -2.45 0.68
C GLU A 99 6.19 -2.40 0.39
N VAL A 100 5.68 -1.19 0.14
CA VAL A 100 4.27 -1.00 -0.17
C VAL A 100 4.07 -0.94 -1.68
N THR A 101 3.21 -1.81 -2.20
CA THR A 101 2.95 -1.85 -3.63
C THR A 101 1.45 -1.77 -3.93
N VAL A 102 1.07 -0.80 -4.73
CA VAL A 102 -0.33 -0.61 -5.10
C VAL A 102 -0.64 -1.35 -6.40
N TRP A 103 -1.69 -2.15 -6.38
CA TRP A 103 -2.09 -2.92 -7.56
C TRP A 103 -3.57 -2.72 -7.87
N ASP A 104 -3.92 -2.79 -9.15
CA ASP A 104 -5.29 -2.63 -9.59
C ASP A 104 -5.79 -3.87 -10.32
N TYR A 105 -7.00 -4.31 -10.00
CA TYR A 105 -7.57 -5.49 -10.63
C TYR A 105 -7.93 -5.23 -12.09
N ASP A 106 -7.36 -6.01 -12.99
CA ASP A 106 -7.62 -5.86 -14.41
C ASP A 106 -9.02 -6.34 -14.77
N ARG A 107 -9.28 -6.51 -16.06
CA ARG A 107 -10.58 -6.96 -16.53
C ARG A 107 -10.57 -8.47 -16.80
N PHE A 108 -9.40 -8.99 -17.15
CA PHE A 108 -9.27 -10.42 -17.44
C PHE A 108 -9.43 -11.24 -16.17
N SER A 109 -8.54 -11.01 -15.20
CA SER A 109 -8.58 -11.73 -13.94
C SER A 109 -7.42 -11.30 -13.04
N SER A 110 -6.22 -11.31 -13.60
CA SER A 110 -5.03 -10.91 -12.85
C SER A 110 -5.12 -9.46 -12.40
N ASN A 111 -4.00 -8.91 -11.94
CA ASN A 111 -3.96 -7.54 -11.47
C ASN A 111 -2.85 -6.75 -12.19
N ASP A 112 -2.86 -5.44 -12.01
CA ASP A 112 -1.87 -4.57 -12.62
C ASP A 112 -1.16 -3.72 -11.57
N PHE A 113 0.04 -3.26 -11.89
CA PHE A 113 0.82 -2.44 -10.97
C PHE A 113 0.33 -0.99 -10.97
N LEU A 114 0.55 -0.29 -9.86
CA LEU A 114 0.13 1.10 -9.74
C LEU A 114 1.17 1.95 -9.03
N GLY A 115 1.93 1.34 -8.12
CA GLY A 115 2.96 2.08 -7.38
C GLY A 115 3.69 1.20 -6.39
N GLU A 116 4.96 1.52 -6.15
CA GLU A 116 5.77 0.75 -5.20
C GLU A 116 6.65 1.67 -4.36
N VAL A 117 6.60 1.45 -3.05
CA VAL A 117 7.40 2.27 -2.12
C VAL A 117 8.26 1.40 -1.22
N LEU A 118 9.42 1.92 -0.82
CA LEU A 118 10.33 1.17 0.04
C LEU A 118 10.53 1.89 1.37
N ILE A 119 10.10 1.25 2.46
CA ILE A 119 10.22 1.83 3.78
C ILE A 119 11.13 0.99 4.67
N ASP A 120 12.38 1.44 4.82
CA ASP A 120 13.36 0.73 5.63
C ASP A 120 12.98 0.78 7.10
N LEU A 121 12.78 -0.38 7.71
CA LEU A 121 12.41 -0.47 9.12
C LEU A 121 13.61 -0.18 10.03
N SER A 122 14.80 -0.13 9.44
CA SER A 122 16.02 0.14 10.21
C SER A 122 16.01 1.56 10.77
N SER A 123 15.18 2.43 10.18
CA SER A 123 15.09 3.81 10.63
C SER A 123 13.66 4.34 10.54
N THR A 124 12.70 3.42 10.43
CA THR A 124 11.29 3.79 10.33
C THR A 124 10.88 4.74 11.46
N SER A 125 11.05 6.03 11.21
CA SER A 125 10.70 7.05 12.20
C SER A 125 9.19 7.18 12.34
N HIS A 126 8.44 6.54 11.45
CA HIS A 126 6.98 6.59 11.48
C HIS A 126 6.40 5.47 12.34
N LEU A 127 7.25 4.89 13.20
CA LEU A 127 6.82 3.80 14.07
C LEU A 127 5.80 4.29 15.08
N ASP A 128 5.99 5.49 15.60
CA ASP A 128 5.09 6.07 16.59
C ASP A 128 3.72 6.40 16.00
N ASN A 129 3.13 5.45 15.28
CA ASN A 129 1.80 5.64 14.68
C ASN A 129 1.67 7.02 14.05
N THR A 130 2.62 7.38 13.19
CA THR A 130 2.60 8.68 12.52
C THR A 130 2.28 8.51 11.04
N PRO A 131 1.04 8.86 10.61
CA PRO A 131 0.64 8.75 9.21
C PRO A 131 1.38 9.72 8.31
N ARG A 132 2.17 9.18 7.38
CA ARG A 132 2.93 10.01 6.46
C ARG A 132 2.76 9.52 5.02
N TRP A 133 3.08 10.39 4.07
CA TRP A 133 2.96 10.05 2.65
C TRP A 133 4.26 9.48 2.12
N TYR A 134 4.17 8.38 1.38
CA TYR A 134 5.34 7.72 0.80
C TYR A 134 5.25 7.72 -0.73
N PRO A 135 6.13 8.50 -1.40
CA PRO A 135 6.14 8.58 -2.87
C PRO A 135 6.26 7.22 -3.53
N LEU A 136 5.29 6.88 -4.38
CA LEU A 136 5.28 5.61 -5.08
C LEU A 136 6.27 5.63 -6.24
N LYS A 137 6.86 4.47 -6.53
CA LYS A 137 7.82 4.35 -7.61
C LYS A 137 7.31 3.42 -8.70
N GLU A 138 8.04 3.34 -9.81
CA GLU A 138 7.65 2.48 -10.92
C GLU A 138 8.09 1.05 -10.69
N GLN A 139 7.38 0.10 -11.29
CA GLN A 139 7.69 -1.31 -11.14
C GLN A 139 9.11 -1.60 -11.64
N THR A 140 9.76 -2.57 -11.00
CA THR A 140 11.13 -2.94 -11.37
C THR A 140 11.11 -3.96 -12.51
N GLU A 141 11.41 -3.49 -13.72
CA GLU A 141 11.44 -4.36 -14.89
C GLU A 141 12.44 -5.49 -14.71
N SER A 142 11.93 -6.71 -14.53
CA SER A 142 12.78 -7.88 -14.35
C SER A 142 13.66 -7.72 -13.12
N ALA A 1 5.61 -18.69 -13.41
CA ALA A 1 4.56 -17.80 -13.96
C ALA A 1 5.17 -16.65 -14.75
N SER A 2 4.32 -15.73 -15.19
CA SER A 2 4.77 -14.58 -15.96
C SER A 2 4.25 -13.29 -15.36
N HIS A 3 4.05 -13.31 -14.06
CA HIS A 3 3.54 -12.17 -13.32
C HIS A 3 4.65 -11.48 -12.53
N PRO A 4 5.41 -10.57 -13.17
CA PRO A 4 6.49 -9.84 -12.50
C PRO A 4 5.95 -8.73 -11.61
N ILE A 5 6.71 -8.38 -10.57
CA ILE A 5 6.32 -7.33 -9.65
C ILE A 5 6.97 -6.00 -10.03
N THR A 6 6.15 -5.04 -10.44
CA THR A 6 6.65 -3.74 -10.84
C THR A 6 5.73 -2.62 -10.36
N GLY A 7 6.08 -1.38 -10.71
CA GLY A 7 5.27 -0.24 -10.31
C GLY A 7 5.62 0.27 -8.92
N GLU A 8 5.11 1.45 -8.59
CA GLU A 8 5.36 2.06 -7.28
C GLU A 8 4.05 2.39 -6.58
N ILE A 9 4.10 2.48 -5.25
CA ILE A 9 2.91 2.78 -4.47
C ILE A 9 3.05 4.15 -3.78
N GLN A 10 2.05 5.01 -3.99
CA GLN A 10 2.06 6.35 -3.40
C GLN A 10 1.22 6.41 -2.13
N LEU A 11 1.76 7.04 -1.10
CA LEU A 11 1.07 7.19 0.17
C LEU A 11 1.46 8.49 0.86
N GLN A 12 0.69 8.85 1.88
CA GLN A 12 0.95 10.06 2.65
C GLN A 12 1.14 9.73 4.12
N ILE A 13 2.34 9.95 4.64
CA ILE A 13 2.64 9.66 6.03
C ILE A 13 2.52 10.90 6.91
N ASN A 14 2.09 10.68 8.15
CA ASN A 14 1.93 11.77 9.12
C ASN A 14 1.76 11.21 10.52
N TYR A 15 2.67 11.58 11.42
CA TYR A 15 2.62 11.11 12.80
C TYR A 15 2.24 12.26 13.73
N ASP A 16 1.25 12.02 14.59
CA ASP A 16 0.82 13.05 15.52
C ASP A 16 0.23 12.45 16.80
N LEU A 17 0.33 13.22 17.89
CA LEU A 17 -0.19 12.78 19.18
C LEU A 17 0.29 11.37 19.53
N GLY A 18 1.54 11.09 19.19
CA GLY A 18 2.09 9.78 19.46
C GLY A 18 1.40 8.69 18.66
N ASN A 19 0.71 9.10 17.60
CA ASN A 19 0.00 8.17 16.74
C ASN A 19 0.51 8.29 15.30
N LEU A 20 0.83 7.15 14.72
CA LEU A 20 1.35 7.13 13.35
C LEU A 20 0.22 7.01 12.34
N ILE A 21 0.07 8.04 11.51
CA ILE A 21 -0.98 8.05 10.49
C ILE A 21 -0.41 7.86 9.10
N ILE A 22 -1.00 6.94 8.34
CA ILE A 22 -0.56 6.66 6.98
C ILE A 22 -1.75 6.63 6.02
N HIS A 23 -1.67 7.43 4.97
CA HIS A 23 -2.76 7.48 3.99
C HIS A 23 -2.38 6.74 2.70
N ILE A 24 -3.25 5.85 2.26
CA ILE A 24 -3.03 5.08 1.05
C ILE A 24 -3.61 5.83 -0.15
N LEU A 25 -2.79 6.06 -1.17
CA LEU A 25 -3.24 6.79 -2.35
C LEU A 25 -3.43 5.88 -3.55
N GLN A 26 -2.36 5.58 -4.27
CA GLN A 26 -2.46 4.73 -5.44
C GLN A 26 -1.09 4.22 -5.89
N ALA A 27 -1.11 3.28 -6.83
CA ALA A 27 0.11 2.71 -7.37
C ALA A 27 0.16 2.88 -8.88
N ARG A 28 1.37 3.04 -9.43
CA ARG A 28 1.53 3.21 -10.87
C ARG A 28 2.58 2.24 -11.41
N ASN A 29 2.52 2.01 -12.72
CA ASN A 29 3.47 1.10 -13.38
C ASN A 29 3.35 -0.31 -12.82
N LEU A 30 2.17 -0.65 -12.32
CA LEU A 30 1.93 -1.99 -11.77
C LEU A 30 1.96 -3.03 -12.89
N VAL A 31 2.09 -4.29 -12.50
CA VAL A 31 2.14 -5.38 -13.47
C VAL A 31 0.80 -5.52 -14.19
N PRO A 32 0.75 -5.20 -15.50
CA PRO A 32 -0.47 -5.29 -16.29
C PRO A 32 -0.99 -6.73 -16.40
N ARG A 33 -2.30 -6.87 -16.49
CA ARG A 33 -2.91 -8.19 -16.61
C ARG A 33 -4.09 -8.16 -17.57
N ASP A 34 -4.23 -9.21 -18.38
CA ASP A 34 -5.32 -9.30 -19.34
C ASP A 34 -6.23 -10.48 -19.02
N ASN A 35 -7.54 -10.23 -19.07
CA ASN A 35 -8.52 -11.27 -18.78
C ASN A 35 -9.94 -10.75 -18.99
N ASN A 36 -10.29 -9.68 -18.27
CA ASN A 36 -11.62 -9.09 -18.38
C ASN A 36 -11.74 -7.88 -17.47
N GLY A 37 -11.32 -8.05 -16.22
CA GLY A 37 -11.39 -6.96 -15.25
C GLY A 37 -12.44 -7.20 -14.19
N TYR A 38 -12.00 -7.37 -12.95
CA TYR A 38 -12.91 -7.61 -11.84
C TYR A 38 -12.16 -7.56 -10.51
N SER A 39 -10.97 -8.16 -10.47
CA SER A 39 -10.17 -8.18 -9.26
C SER A 39 -9.64 -6.79 -8.92
N ASP A 40 -9.96 -6.32 -7.72
CA ASP A 40 -9.53 -5.01 -7.27
C ASP A 40 -8.30 -5.14 -6.36
N PRO A 41 -7.18 -4.48 -6.71
CA PRO A 41 -5.96 -4.54 -5.92
C PRO A 41 -6.10 -3.83 -4.57
N PHE A 42 -5.71 -4.51 -3.50
CA PHE A 42 -5.78 -3.95 -2.16
C PHE A 42 -4.39 -3.82 -1.57
N VAL A 43 -4.29 -3.11 -0.45
CA VAL A 43 -2.99 -2.90 0.19
C VAL A 43 -3.01 -3.35 1.65
N LYS A 44 -1.84 -3.70 2.15
CA LYS A 44 -1.66 -4.13 3.53
C LYS A 44 -0.45 -3.43 4.15
N VAL A 45 -0.67 -2.68 5.22
CA VAL A 45 0.41 -1.94 5.86
C VAL A 45 0.52 -2.26 7.36
N TYR A 46 1.70 -2.70 7.76
CA TYR A 46 1.97 -3.02 9.16
C TYR A 46 3.41 -2.68 9.53
N LEU A 47 3.64 -2.45 10.82
CA LEU A 47 4.98 -2.12 11.29
C LEU A 47 5.81 -3.39 11.48
N LEU A 48 7.10 -3.31 11.23
CA LEU A 48 7.99 -4.47 11.35
C LEU A 48 7.95 -5.04 12.77
N PRO A 49 8.24 -4.21 13.80
CA PRO A 49 8.23 -4.64 15.19
C PRO A 49 6.83 -4.64 15.80
N GLY A 50 6.77 -4.62 17.13
CA GLY A 50 5.48 -4.61 17.80
C GLY A 50 4.75 -5.92 17.66
N ARG A 51 3.42 -5.87 17.80
CA ARG A 51 2.59 -7.07 17.68
C ARG A 51 2.79 -7.74 16.33
N GLY A 52 2.60 -6.98 15.27
CA GLY A 52 2.76 -7.51 13.93
C GLY A 52 1.44 -7.72 13.22
N GLN A 53 0.47 -6.86 13.49
CA GLN A 53 -0.84 -6.96 12.85
C GLN A 53 -0.83 -6.30 11.47
N VAL A 54 -1.61 -6.87 10.55
CA VAL A 54 -1.68 -6.34 9.20
C VAL A 54 -2.87 -5.40 9.03
N MET A 55 -2.60 -4.15 8.67
CA MET A 55 -3.65 -3.17 8.48
C MET A 55 -4.01 -3.07 6.99
N VAL A 56 -5.18 -3.58 6.64
CA VAL A 56 -5.65 -3.55 5.25
C VAL A 56 -6.28 -2.21 4.91
N VAL A 57 -6.31 -1.90 3.62
CA VAL A 57 -6.87 -0.64 3.15
C VAL A 57 -8.32 -0.80 2.69
N GLN A 58 -9.14 0.20 2.95
CA GLN A 58 -10.54 0.18 2.56
C GLN A 58 -10.73 0.77 1.17
N ASN A 59 -11.94 0.65 0.64
CA ASN A 59 -12.26 1.17 -0.68
C ASN A 59 -12.92 2.54 -0.59
N ALA A 60 -12.71 3.36 -1.60
CA ALA A 60 -13.29 4.70 -1.63
C ALA A 60 -14.62 4.71 -2.40
N SER A 61 -15.21 5.89 -2.54
CA SER A 61 -16.48 6.04 -3.25
C SER A 61 -16.48 5.24 -4.55
N ALA A 62 -17.13 4.08 -4.52
CA ALA A 62 -17.21 3.21 -5.70
C ALA A 62 -17.78 3.96 -6.90
N GLU A 63 -18.57 4.99 -6.63
CA GLU A 63 -19.18 5.79 -7.70
C GLU A 63 -18.11 6.33 -8.66
N TYR A 64 -16.96 6.70 -8.10
CA TYR A 64 -15.87 7.23 -8.91
C TYR A 64 -14.92 6.12 -9.35
N LYS A 65 -14.84 5.06 -8.54
CA LYS A 65 -13.99 3.93 -8.85
C LYS A 65 -14.57 3.13 -10.00
N ARG A 66 -15.86 2.80 -9.88
CA ARG A 66 -16.56 2.04 -10.89
C ARG A 66 -16.31 2.62 -12.28
N ARG A 67 -16.06 3.92 -12.33
CA ARG A 67 -15.79 4.61 -13.60
C ARG A 67 -14.29 4.54 -13.93
N THR A 68 -13.47 4.59 -12.90
CA THR A 68 -12.02 4.54 -13.08
C THR A 68 -11.50 3.10 -12.93
N LYS A 69 -12.41 2.14 -13.02
CA LYS A 69 -12.06 0.73 -12.89
C LYS A 69 -11.71 0.12 -14.25
N TYR A 70 -11.58 0.97 -15.26
CA TYR A 70 -11.26 0.50 -16.60
C TYR A 70 -9.76 0.25 -16.76
N VAL A 71 -8.98 1.31 -16.81
CA VAL A 71 -7.54 1.21 -16.98
C VAL A 71 -6.80 1.31 -15.64
N GLN A 72 -7.32 2.14 -14.74
CA GLN A 72 -6.70 2.33 -13.43
C GLN A 72 -6.92 1.14 -12.50
N LYS A 73 -7.64 0.13 -12.97
CA LYS A 73 -7.92 -1.05 -12.15
C LYS A 73 -6.74 -2.01 -12.15
N SER A 74 -6.19 -2.29 -13.33
CA SER A 74 -5.07 -3.22 -13.44
C SER A 74 -3.73 -2.51 -13.63
N LEU A 75 -3.77 -1.30 -14.20
CA LEU A 75 -2.55 -0.54 -14.44
C LEU A 75 -2.15 0.30 -13.24
N ASN A 76 -3.07 1.14 -12.76
CA ASN A 76 -2.79 2.00 -11.61
C ASN A 76 -4.00 2.11 -10.69
N PRO A 77 -4.06 1.28 -9.64
CA PRO A 77 -5.16 1.30 -8.68
C PRO A 77 -4.98 2.36 -7.60
N GLU A 78 -6.09 2.96 -7.18
CA GLU A 78 -6.06 3.99 -6.14
C GLU A 78 -6.83 3.55 -4.90
N TRP A 79 -6.69 4.31 -3.82
CA TRP A 79 -7.37 3.99 -2.57
C TRP A 79 -7.75 5.25 -1.82
N ASN A 80 -6.81 6.20 -1.72
CA ASN A 80 -7.05 7.46 -1.01
C ASN A 80 -7.65 7.21 0.36
N GLN A 81 -7.03 6.31 1.12
CA GLN A 81 -7.49 5.97 2.47
C GLN A 81 -6.55 6.52 3.52
N THR A 82 -6.95 6.40 4.78
CA THR A 82 -6.15 6.89 5.89
C THR A 82 -6.29 5.97 7.11
N VAL A 83 -5.15 5.65 7.73
CA VAL A 83 -5.14 4.79 8.91
C VAL A 83 -4.16 5.33 9.93
N ILE A 84 -4.34 4.95 11.20
CA ILE A 84 -3.46 5.41 12.26
C ILE A 84 -3.07 4.30 13.21
N TYR A 85 -1.92 4.48 13.84
CA TYR A 85 -1.40 3.52 14.80
C TYR A 85 -1.10 4.23 16.12
N LYS A 86 -2.15 4.47 16.90
CA LYS A 86 -2.01 5.18 18.17
C LYS A 86 -1.23 4.34 19.17
N SER A 87 -0.55 5.04 20.09
CA SER A 87 0.25 4.40 21.12
C SER A 87 1.65 4.07 20.59
N ILE A 88 2.12 4.89 19.67
CA ILE A 88 3.44 4.71 19.08
C ILE A 88 4.18 6.03 19.01
N SER A 89 5.27 6.14 19.77
CA SER A 89 6.06 7.37 19.80
C SER A 89 7.39 7.17 19.08
N MET A 90 8.00 8.28 18.63
CA MET A 90 9.26 8.24 17.92
C MET A 90 10.27 7.29 18.58
N GLU A 91 10.12 7.08 19.88
CA GLU A 91 11.02 6.19 20.62
C GLU A 91 11.01 4.80 19.99
N GLN A 92 9.81 4.25 19.84
CA GLN A 92 9.64 2.93 19.25
C GLN A 92 9.30 3.06 17.76
N LEU A 93 8.63 4.15 17.41
CA LEU A 93 8.23 4.42 16.04
C LEU A 93 9.44 4.40 15.11
N MET A 94 10.48 5.12 15.49
CA MET A 94 11.70 5.21 14.70
C MET A 94 12.26 3.82 14.40
N LYS A 95 12.18 2.92 15.38
CA LYS A 95 12.70 1.57 15.20
C LYS A 95 11.75 0.71 14.36
N LYS A 96 10.50 1.16 14.23
CA LYS A 96 9.52 0.42 13.44
C LYS A 96 9.52 0.89 12.00
N THR A 97 9.37 -0.05 11.07
CA THR A 97 9.38 0.28 9.65
C THR A 97 8.00 0.03 9.03
N LEU A 98 7.48 1.02 8.32
CA LEU A 98 6.19 0.91 7.67
C LEU A 98 6.32 0.11 6.37
N GLU A 99 5.77 -1.09 6.35
CA GLU A 99 5.85 -1.95 5.18
C GLU A 99 4.52 -1.97 4.42
N VAL A 100 4.51 -1.32 3.25
CA VAL A 100 3.33 -1.28 2.42
C VAL A 100 3.37 -2.40 1.39
N THR A 101 2.33 -3.23 1.36
CA THR A 101 2.29 -4.36 0.43
C THR A 101 0.99 -4.37 -0.36
N VAL A 102 1.12 -4.42 -1.68
CA VAL A 102 -0.03 -4.46 -2.57
C VAL A 102 -0.35 -5.90 -2.95
N TRP A 103 -1.64 -6.23 -3.02
CA TRP A 103 -2.06 -7.58 -3.37
C TRP A 103 -3.28 -7.55 -4.29
N ASP A 104 -3.32 -8.49 -5.24
CA ASP A 104 -4.43 -8.60 -6.17
C ASP A 104 -5.06 -9.99 -6.09
N TYR A 105 -6.39 -10.03 -6.12
CA TYR A 105 -7.11 -11.29 -6.05
C TYR A 105 -6.94 -12.09 -7.35
N ASP A 106 -6.36 -13.28 -7.23
CA ASP A 106 -6.13 -14.14 -8.38
C ASP A 106 -7.45 -14.65 -8.94
N ARG A 107 -7.36 -15.52 -9.95
CA ARG A 107 -8.56 -16.08 -10.58
C ARG A 107 -9.07 -17.30 -9.80
N PHE A 108 -8.18 -17.91 -9.02
CA PHE A 108 -8.54 -19.08 -8.24
C PHE A 108 -9.47 -18.71 -7.09
N SER A 109 -8.97 -17.88 -6.18
CA SER A 109 -9.76 -17.43 -5.04
C SER A 109 -8.89 -16.66 -4.05
N SER A 110 -7.75 -17.24 -3.69
CA SER A 110 -6.82 -16.61 -2.76
C SER A 110 -6.34 -15.27 -3.29
N ASN A 111 -5.41 -14.65 -2.57
CA ASN A 111 -4.86 -13.36 -2.97
C ASN A 111 -3.46 -13.51 -3.55
N ASP A 112 -3.09 -12.61 -4.45
CA ASP A 112 -1.78 -12.64 -5.07
C ASP A 112 -0.99 -11.37 -4.76
N PHE A 113 0.33 -11.48 -4.70
CA PHE A 113 1.19 -10.35 -4.41
C PHE A 113 1.27 -9.40 -5.61
N LEU A 114 1.63 -8.15 -5.35
CA LEU A 114 1.74 -7.15 -6.42
C LEU A 114 2.90 -6.18 -6.17
N GLY A 115 3.16 -5.85 -4.91
CA GLY A 115 4.24 -4.93 -4.59
C GLY A 115 4.48 -4.80 -3.10
N GLU A 116 5.72 -4.51 -2.73
CA GLU A 116 6.08 -4.36 -1.32
C GLU A 116 7.08 -3.24 -1.13
N VAL A 117 6.78 -2.33 -0.21
CA VAL A 117 7.66 -1.19 0.06
C VAL A 117 7.91 -1.06 1.55
N LEU A 118 9.18 -0.80 1.91
CA LEU A 118 9.56 -0.64 3.31
C LEU A 118 10.01 0.79 3.59
N ILE A 119 9.24 1.50 4.42
CA ILE A 119 9.57 2.88 4.77
C ILE A 119 10.02 2.99 6.21
N ASP A 120 11.34 3.13 6.41
CA ASP A 120 11.89 3.25 7.74
C ASP A 120 11.39 4.52 8.42
N LEU A 121 10.68 4.36 9.54
CA LEU A 121 10.15 5.50 10.27
C LEU A 121 11.24 6.26 11.01
N SER A 122 12.40 5.63 11.15
CA SER A 122 13.53 6.26 11.84
C SER A 122 13.93 7.56 11.17
N SER A 123 13.59 7.72 9.89
CA SER A 123 13.93 8.92 9.14
C SER A 123 12.80 9.34 8.21
N THR A 124 11.61 8.79 8.41
CA THR A 124 10.46 9.12 7.58
C THR A 124 10.27 10.63 7.47
N SER A 125 10.84 11.21 6.42
CA SER A 125 10.73 12.65 6.20
C SER A 125 9.36 13.04 5.66
N HIS A 126 8.63 12.05 5.14
CA HIS A 126 7.29 12.29 4.61
C HIS A 126 6.27 12.55 5.72
N LEU A 127 6.72 12.43 6.97
CA LEU A 127 5.85 12.65 8.13
C LEU A 127 5.02 13.91 7.98
N ASP A 128 5.64 14.96 7.45
CA ASP A 128 4.96 16.23 7.25
C ASP A 128 3.87 16.15 6.18
N ASN A 129 3.06 15.09 6.23
CA ASN A 129 1.97 14.90 5.26
C ASN A 129 2.42 15.26 3.84
N THR A 130 3.12 14.34 3.19
CA THR A 130 3.60 14.57 1.83
C THR A 130 3.41 13.31 0.98
N PRO A 131 2.46 13.33 0.04
CA PRO A 131 2.20 12.18 -0.84
C PRO A 131 3.33 11.95 -1.84
N ARG A 132 4.08 10.87 -1.64
CA ARG A 132 5.20 10.54 -2.52
C ARG A 132 5.08 9.11 -3.04
N TRP A 133 5.74 8.85 -4.16
CA TRP A 133 5.72 7.52 -4.75
C TRP A 133 6.77 6.62 -4.14
N TYR A 134 6.33 5.49 -3.60
CA TYR A 134 7.24 4.54 -2.97
C TYR A 134 7.45 3.31 -3.85
N PRO A 135 8.67 3.13 -4.41
CA PRO A 135 8.97 1.98 -5.27
C PRO A 135 8.60 0.65 -4.63
N LEU A 136 7.98 -0.22 -5.43
CA LEU A 136 7.57 -1.53 -4.94
C LEU A 136 8.65 -2.57 -5.21
N LYS A 137 8.77 -3.54 -4.30
CA LYS A 137 9.76 -4.59 -4.44
C LYS A 137 9.10 -5.96 -4.31
N GLU A 138 9.80 -7.00 -4.75
CA GLU A 138 9.29 -8.36 -4.67
C GLU A 138 9.39 -8.92 -3.26
N GLN A 139 8.40 -9.71 -2.86
CA GLN A 139 8.38 -10.31 -1.53
C GLN A 139 9.60 -11.21 -1.32
N THR A 140 10.42 -10.86 -0.34
CA THR A 140 11.62 -11.63 -0.03
C THR A 140 11.26 -13.02 0.48
N GLU A 141 11.43 -14.02 -0.36
CA GLU A 141 11.13 -15.40 0.01
C GLU A 141 12.36 -16.11 0.56
N SER A 142 12.36 -16.35 1.87
CA SER A 142 13.48 -17.01 2.54
C SER A 142 13.31 -18.52 2.51
#